data_2EWO
#
_entry.id   2EWO
#
_cell.length_a   92.524
_cell.length_b   203.685
_cell.length_c   139.543
_cell.angle_alpha   90.00
_cell.angle_beta   104.72
_cell.angle_gamma   90.00
#
_symmetry.space_group_name_H-M   'P 1 21 1'
#
loop_
_entity.id
_entity.type
_entity.pdbx_description
1 polymer 'Putative agmatine deiminase'
2 water water
#
_entity_poly.entity_id   1
_entity_poly.type   'polypeptide(L)'
_entity_poly.pdbx_seq_one_letter_code
;(MSE)AKRIKNTTPKQDGFR(MSE)PGEFEKQKQIW(MSE)LWPWRNDNWRLGAKPAQKAFLEVAEAISEFEPVSLCVPP
LQYENALARVSELGSHNIRIIE(MSE)TNDDAWIRDCGPTFLVNDKGDLRAVDWEFNAWGGLVDGLYFPWDQDALVARKV
CEIEGVDSYKTKDFVLEGGSIHVDGEGTVLVTE(MSE)CLLHPSRNPHLTKEDIEDKLKDYLNCVKVLWVKDGIDPYETN
GHIDDVACFIRPGEVACIYTDDKEHPFYQEAKAAYDFLSQQTDAKGRPLKVHK(MSE)CVTKEPCYLQEAATIDYVEGSI
PREEGE(MSE)AIASYLNFLIVNGGIILPQYGDENDQLAKQQVQE(MSE)FPDRKVVGVRTEEIAYGGGNIHCITQQQPA
TLEHHHHHH
;
_entity_poly.pdbx_strand_id   A,B,C,D,E,F,G,H,I,J,K,L
#
# COMPACT_ATOMS: atom_id res chain seq x y z
N ALA A 2 -19.43 15.48 -10.53
CA ALA A 2 -19.98 16.72 -11.14
C ALA A 2 -19.32 17.94 -10.49
N LYS A 3 -18.01 18.04 -10.63
CA LYS A 3 -17.25 19.15 -10.05
C LYS A 3 -16.98 20.29 -11.03
N ARG A 4 -16.13 21.23 -10.63
CA ARG A 4 -15.80 22.39 -11.44
C ARG A 4 -14.29 22.62 -11.57
N ILE A 5 -13.76 22.40 -12.75
CA ILE A 5 -12.34 22.65 -12.98
C ILE A 5 -12.20 24.16 -12.96
N LYS A 6 -11.20 24.66 -12.25
CA LYS A 6 -11.05 26.10 -12.17
C LYS A 6 -9.69 26.73 -12.39
N ASN A 7 -8.64 25.93 -12.48
CA ASN A 7 -7.32 26.54 -12.68
C ASN A 7 -6.73 26.43 -14.07
N THR A 8 -7.49 25.86 -14.99
CA THR A 8 -7.02 25.70 -16.35
C THR A 8 -8.16 25.88 -17.32
N THR A 9 -7.83 26.04 -18.60
CA THR A 9 -8.85 26.24 -19.62
C THR A 9 -8.92 25.05 -20.58
N PRO A 10 -10.10 24.83 -21.18
CA PRO A 10 -10.31 23.72 -22.12
C PRO A 10 -9.18 23.55 -23.14
N LYS A 11 -8.59 24.66 -23.59
CA LYS A 11 -7.50 24.61 -24.57
C LYS A 11 -6.33 23.82 -23.99
N GLN A 12 -5.98 24.13 -22.75
CA GLN A 12 -4.87 23.46 -22.08
C GLN A 12 -5.26 22.04 -21.71
N ASP A 13 -6.50 21.90 -21.23
CA ASP A 13 -7.02 20.60 -20.80
C ASP A 13 -7.28 19.63 -21.96
N GLY A 14 -7.18 20.13 -23.18
CA GLY A 14 -7.40 19.29 -24.34
C GLY A 14 -8.86 18.97 -24.62
N PHE A 15 -9.71 20.00 -24.62
CA PHE A 15 -11.13 19.81 -24.92
C PHE A 15 -11.52 20.81 -25.99
N ARG A 16 -12.62 20.55 -26.69
CA ARG A 16 -13.09 21.41 -27.76
C ARG A 16 -14.56 21.21 -28.09
N MSE A 17 -15.29 22.30 -28.23
CA MSE A 17 -16.70 22.21 -28.58
C MSE A 17 -16.72 21.58 -29.97
O MSE A 17 -16.28 22.19 -30.95
CB MSE A 17 -17.34 23.60 -28.61
CG MSE A 17 -18.76 23.59 -29.17
SE MSE A 17 -19.62 25.35 -29.27
CE MSE A 17 -21.50 24.81 -29.20
N PRO A 18 -17.27 20.35 -30.07
CA PRO A 18 -17.38 19.60 -31.32
C PRO A 18 -18.49 20.18 -32.16
N GLY A 19 -18.41 20.01 -33.46
CA GLY A 19 -19.43 20.53 -34.35
C GLY A 19 -20.83 20.04 -34.06
N GLU A 20 -21.78 20.95 -34.15
CA GLU A 20 -23.18 20.63 -33.88
C GLU A 20 -23.63 19.37 -34.60
N PHE A 21 -23.09 19.16 -35.80
CA PHE A 21 -23.41 18.02 -36.63
C PHE A 21 -22.83 16.69 -36.15
N GLU A 22 -21.70 16.74 -35.44
CA GLU A 22 -21.09 15.52 -34.93
C GLU A 22 -22.09 14.66 -34.16
N LYS A 23 -21.70 13.42 -33.89
CA LYS A 23 -22.56 12.48 -33.18
C LYS A 23 -22.89 12.99 -31.78
N GLN A 24 -24.15 12.82 -31.40
CA GLN A 24 -24.62 13.28 -30.12
C GLN A 24 -25.54 12.32 -29.40
N LYS A 25 -25.41 12.26 -28.08
CA LYS A 25 -26.21 11.38 -27.24
C LYS A 25 -27.68 11.76 -27.10
N GLN A 26 -27.99 13.05 -26.98
CA GLN A 26 -29.38 13.49 -26.83
C GLN A 26 -29.51 14.99 -26.96
N ILE A 27 -30.72 15.47 -26.70
CA ILE A 27 -30.96 16.90 -26.76
C ILE A 27 -31.71 17.40 -25.54
N TRP A 28 -31.28 18.55 -25.05
CA TRP A 28 -31.89 19.20 -23.90
C TRP A 28 -32.76 20.37 -24.33
N MSE A 29 -33.91 20.51 -23.69
CA MSE A 29 -34.82 21.63 -23.94
C MSE A 29 -35.73 21.92 -22.74
O MSE A 29 -36.20 21.01 -22.04
CB MSE A 29 -35.63 21.40 -25.22
CG MSE A 29 -36.45 20.11 -25.33
SE MSE A 29 -37.45 19.95 -27.06
CE MSE A 29 -38.95 21.15 -26.66
N LEU A 30 -35.95 23.21 -22.48
CA LEU A 30 -36.77 23.67 -21.37
C LEU A 30 -38.29 23.65 -21.63
N TRP A 31 -39.05 24.45 -20.88
CA TRP A 31 -40.49 24.46 -21.04
C TRP A 31 -41.07 25.85 -20.80
N PRO A 32 -41.70 26.44 -21.81
CA PRO A 32 -42.31 27.77 -21.72
C PRO A 32 -43.45 27.84 -20.74
N TRP A 33 -43.51 28.91 -19.96
CA TRP A 33 -44.58 29.08 -18.98
C TRP A 33 -45.02 30.51 -18.70
N ARG A 34 -44.09 31.46 -18.60
CA ARG A 34 -44.48 32.82 -18.26
C ARG A 34 -45.39 33.59 -19.23
N ASN A 35 -46.44 34.17 -18.67
CA ASN A 35 -47.42 34.94 -19.46
C ASN A 35 -46.87 36.30 -19.90
N ASP A 36 -45.72 36.68 -19.36
CA ASP A 36 -45.08 37.94 -19.68
C ASP A 36 -44.61 37.89 -21.12
N ASN A 37 -44.31 36.68 -21.61
CA ASN A 37 -43.82 36.53 -22.97
C ASN A 37 -44.67 35.66 -23.90
N TRP A 38 -45.25 34.58 -23.38
CA TRP A 38 -46.04 33.70 -24.21
C TRP A 38 -47.55 33.93 -24.07
N ARG A 39 -48.21 34.08 -25.20
CA ARG A 39 -49.65 34.34 -25.20
C ARG A 39 -50.46 33.14 -24.78
N LEU A 40 -51.69 33.42 -24.37
CA LEU A 40 -52.61 32.38 -23.93
C LEU A 40 -52.00 31.42 -22.91
N GLY A 41 -51.53 31.96 -21.79
CA GLY A 41 -50.95 31.12 -20.76
C GLY A 41 -49.81 30.23 -21.21
N ALA A 42 -49.34 30.45 -22.44
CA ALA A 42 -48.23 29.69 -23.01
C ALA A 42 -48.67 28.29 -23.50
N LYS A 43 -49.95 28.01 -23.37
CA LYS A 43 -50.48 26.72 -23.81
C LYS A 43 -50.09 26.40 -25.25
N PRO A 44 -50.25 27.38 -26.17
CA PRO A 44 -49.90 27.15 -27.57
C PRO A 44 -48.42 26.84 -27.70
N ALA A 45 -47.59 27.71 -27.16
CA ALA A 45 -46.15 27.53 -27.25
C ALA A 45 -45.76 26.17 -26.70
N GLN A 46 -46.45 25.74 -25.65
CA GLN A 46 -46.15 24.44 -25.05
C GLN A 46 -46.34 23.32 -26.07
N LYS A 47 -47.49 23.34 -26.72
CA LYS A 47 -47.80 22.34 -27.74
C LYS A 47 -46.75 22.41 -28.84
N ALA A 48 -46.32 23.63 -29.14
CA ALA A 48 -45.31 23.85 -30.16
C ALA A 48 -44.00 23.22 -29.69
N PHE A 49 -43.77 23.27 -28.38
CA PHE A 49 -42.55 22.68 -27.83
C PHE A 49 -42.68 21.15 -27.81
N LEU A 50 -43.89 20.69 -27.49
CA LEU A 50 -44.20 19.27 -27.43
C LEU A 50 -43.82 18.60 -28.77
N GLU A 51 -44.27 19.22 -29.86
CA GLU A 51 -43.98 18.70 -31.20
C GLU A 51 -42.49 18.70 -31.46
N VAL A 52 -41.88 19.89 -31.45
CA VAL A 52 -40.44 20.00 -31.71
C VAL A 52 -39.67 18.97 -30.89
N ALA A 53 -40.28 18.52 -29.79
CA ALA A 53 -39.66 17.53 -28.93
C ALA A 53 -39.92 16.17 -29.55
N GLU A 54 -41.19 15.87 -29.76
CA GLU A 54 -41.56 14.60 -30.37
C GLU A 54 -40.79 14.36 -31.66
N ALA A 55 -40.38 15.44 -32.32
CA ALA A 55 -39.63 15.34 -33.57
C ALA A 55 -38.25 14.75 -33.37
N ILE A 56 -37.53 15.23 -32.36
CA ILE A 56 -36.18 14.74 -32.09
C ILE A 56 -36.26 13.25 -31.75
N SER A 57 -37.41 12.86 -31.19
CA SER A 57 -37.69 11.48 -30.77
C SER A 57 -37.17 10.39 -31.69
N GLU A 58 -37.51 10.50 -32.97
CA GLU A 58 -37.07 9.50 -33.92
C GLU A 58 -35.58 9.51 -34.28
N PHE A 59 -34.82 10.43 -33.70
CA PHE A 59 -33.40 10.47 -34.03
C PHE A 59 -32.49 10.17 -32.84
N GLU A 60 -32.93 10.60 -31.67
CA GLU A 60 -32.20 10.42 -30.42
C GLU A 60 -33.11 10.78 -29.26
N PRO A 61 -32.68 10.53 -28.03
CA PRO A 61 -33.49 10.86 -26.86
C PRO A 61 -33.52 12.35 -26.53
N VAL A 62 -34.62 12.75 -25.90
CA VAL A 62 -34.83 14.13 -25.50
C VAL A 62 -34.95 14.23 -23.99
N SER A 63 -34.32 15.28 -23.45
CA SER A 63 -34.32 15.58 -22.00
C SER A 63 -35.10 16.88 -21.82
N LEU A 64 -36.39 16.72 -21.61
CA LEU A 64 -37.31 17.83 -21.43
C LEU A 64 -37.34 18.28 -19.96
N CYS A 65 -36.79 19.46 -19.66
CA CYS A 65 -36.76 19.95 -18.27
C CYS A 65 -37.85 20.95 -17.96
N VAL A 66 -38.84 20.58 -17.16
CA VAL A 66 -39.88 21.54 -16.88
C VAL A 66 -40.02 21.97 -15.42
N PRO A 67 -40.38 23.24 -15.20
CA PRO A 67 -40.55 23.75 -13.85
C PRO A 67 -41.52 22.85 -13.15
N PRO A 68 -41.39 22.71 -11.82
CA PRO A 68 -42.21 21.89 -10.91
C PRO A 68 -43.71 22.11 -11.03
N LEU A 69 -44.11 23.31 -11.44
CA LEU A 69 -45.53 23.65 -11.57
C LEU A 69 -46.24 23.11 -12.81
N GLN A 70 -45.47 22.86 -13.86
CA GLN A 70 -46.02 22.33 -15.10
C GLN A 70 -45.37 20.98 -15.38
N TYR A 71 -45.04 20.23 -14.33
CA TYR A 71 -44.41 18.93 -14.51
C TYR A 71 -45.43 17.86 -14.83
N GLU A 72 -46.34 17.60 -13.90
CA GLU A 72 -47.38 16.62 -14.11
C GLU A 72 -47.97 16.75 -15.49
N ASN A 73 -48.17 18.00 -15.92
CA ASN A 73 -48.74 18.28 -17.23
C ASN A 73 -47.86 17.75 -18.37
N ALA A 74 -46.61 18.21 -18.42
CA ALA A 74 -45.70 17.79 -19.49
C ALA A 74 -45.54 16.28 -19.60
N LEU A 75 -45.60 15.60 -18.46
CA LEU A 75 -45.46 14.15 -18.43
C LEU A 75 -46.72 13.46 -18.94
N ALA A 76 -47.87 14.09 -18.71
CA ALA A 76 -49.13 13.52 -19.16
C ALA A 76 -49.26 13.71 -20.67
N ARG A 77 -48.58 14.72 -21.21
CA ARG A 77 -48.64 14.97 -22.64
C ARG A 77 -47.58 14.17 -23.40
N VAL A 78 -46.45 13.88 -22.77
CA VAL A 78 -45.38 13.14 -23.44
C VAL A 78 -45.68 11.64 -23.44
N SER A 79 -46.53 11.20 -22.51
CA SER A 79 -46.90 9.79 -22.45
C SER A 79 -48.07 9.63 -23.40
N GLU A 80 -48.78 10.73 -23.59
CA GLU A 80 -49.94 10.79 -24.48
C GLU A 80 -49.47 10.66 -25.94
N LEU A 81 -48.17 10.83 -26.16
CA LEU A 81 -47.61 10.73 -27.50
C LEU A 81 -46.83 9.42 -27.65
N GLY A 82 -47.28 8.39 -26.94
CA GLY A 82 -46.62 7.10 -26.99
C GLY A 82 -45.55 6.98 -25.92
N SER A 83 -44.82 8.07 -25.70
CA SER A 83 -43.73 8.13 -24.72
C SER A 83 -42.65 7.15 -25.14
N HIS A 84 -41.70 7.60 -25.94
CA HIS A 84 -40.64 6.72 -26.40
C HIS A 84 -39.33 6.93 -25.63
N ASN A 85 -38.48 7.82 -26.12
CA ASN A 85 -37.20 8.08 -25.48
C ASN A 85 -37.07 9.52 -24.96
N ILE A 86 -38.21 10.06 -24.52
CA ILE A 86 -38.28 11.40 -23.98
C ILE A 86 -38.46 11.33 -22.45
N ARG A 87 -37.53 11.92 -21.70
CA ARG A 87 -37.61 11.92 -20.24
C ARG A 87 -37.88 13.34 -19.72
N ILE A 88 -38.79 13.43 -18.77
CA ILE A 88 -39.13 14.72 -18.18
C ILE A 88 -38.42 14.88 -16.84
N ILE A 89 -37.42 15.76 -16.78
CA ILE A 89 -36.71 16.00 -15.51
C ILE A 89 -37.18 17.34 -14.95
N GLU A 90 -37.34 17.41 -13.63
CA GLU A 90 -37.77 18.64 -13.01
C GLU A 90 -36.68 19.70 -12.99
N MSE A 91 -36.98 20.88 -13.54
CA MSE A 91 -36.00 21.97 -13.54
C MSE A 91 -36.67 23.33 -13.67
O MSE A 91 -37.48 23.53 -14.57
CB MSE A 91 -35.01 21.77 -14.67
CG MSE A 91 -33.81 22.66 -14.55
SE MSE A 91 -32.40 22.25 -15.82
CE MSE A 91 -32.25 20.34 -15.56
N THR A 92 -36.33 24.27 -12.78
CA THR A 92 -36.89 25.63 -12.81
C THR A 92 -36.15 26.52 -13.79
N ASN A 93 -36.85 27.49 -14.38
CA ASN A 93 -36.25 28.42 -15.33
C ASN A 93 -37.16 29.63 -15.46
N ASP A 94 -36.57 30.78 -15.73
CA ASP A 94 -37.36 31.99 -15.89
C ASP A 94 -37.99 32.05 -17.27
N ASP A 95 -37.35 31.36 -18.21
CA ASP A 95 -37.82 31.26 -19.59
C ASP A 95 -37.12 30.11 -20.28
N ALA A 96 -37.81 29.51 -21.25
CA ALA A 96 -37.29 28.35 -21.98
C ALA A 96 -36.33 28.67 -23.13
N TRP A 97 -35.04 28.78 -22.84
CA TRP A 97 -34.04 29.07 -23.88
C TRP A 97 -32.72 28.33 -23.60
N ILE A 98 -32.85 27.03 -23.34
CA ILE A 98 -31.71 26.17 -23.04
C ILE A 98 -30.51 26.43 -23.95
N ARG A 99 -30.76 26.98 -25.14
CA ARG A 99 -29.68 27.25 -26.08
C ARG A 99 -28.71 28.28 -25.53
N ASP A 100 -29.24 29.26 -24.82
CA ASP A 100 -28.38 30.30 -24.28
C ASP A 100 -27.88 30.05 -22.88
N CYS A 101 -28.79 30.00 -21.92
CA CYS A 101 -28.40 29.76 -20.55
C CYS A 101 -27.76 28.39 -20.37
N GLY A 102 -28.22 27.40 -21.13
CA GLY A 102 -27.69 26.04 -21.03
C GLY A 102 -26.17 25.85 -21.09
N PRO A 103 -25.67 24.63 -20.85
CA PRO A 103 -24.23 24.34 -20.88
C PRO A 103 -23.76 24.11 -22.30
N THR A 104 -22.52 24.51 -22.57
CA THR A 104 -21.91 24.34 -23.88
C THR A 104 -20.87 23.26 -23.68
N PHE A 105 -21.28 22.01 -23.90
CA PHE A 105 -20.39 20.87 -23.70
C PHE A 105 -19.05 20.88 -24.45
N LEU A 106 -18.14 20.00 -24.02
CA LEU A 106 -16.84 19.91 -24.61
C LEU A 106 -16.47 18.44 -24.70
N VAL A 107 -15.34 18.14 -25.32
CA VAL A 107 -14.90 16.77 -25.44
C VAL A 107 -13.40 16.75 -25.68
N ASN A 108 -12.73 15.71 -25.17
CA ASN A 108 -11.30 15.58 -25.30
C ASN A 108 -10.94 14.53 -26.36
N ASP A 109 -11.98 14.02 -27.02
CA ASP A 109 -11.83 13.03 -28.07
C ASP A 109 -11.21 11.75 -27.55
N LYS A 110 -11.43 11.49 -26.26
CA LYS A 110 -10.88 10.32 -25.60
C LYS A 110 -11.94 9.67 -24.72
N GLY A 111 -13.17 10.16 -24.87
CA GLY A 111 -14.28 9.65 -24.09
C GLY A 111 -14.85 10.61 -23.06
N ASP A 112 -13.97 11.36 -22.38
CA ASP A 112 -14.38 12.31 -21.35
C ASP A 112 -15.29 13.42 -21.90
N LEU A 113 -16.25 13.84 -21.09
CA LEU A 113 -17.19 14.91 -21.48
C LEU A 113 -17.14 16.02 -20.44
N ARG A 114 -16.70 17.20 -20.86
CA ARG A 114 -16.60 18.36 -19.99
C ARG A 114 -17.65 19.38 -20.42
N ALA A 115 -17.48 20.65 -20.05
CA ALA A 115 -18.42 21.71 -20.43
C ALA A 115 -17.96 23.10 -20.01
N VAL A 116 -18.51 24.13 -20.63
CA VAL A 116 -18.14 25.49 -20.28
C VAL A 116 -19.42 26.24 -19.95
N ASP A 117 -19.53 26.66 -18.69
CA ASP A 117 -20.71 27.40 -18.24
C ASP A 117 -20.40 28.89 -18.29
N TRP A 118 -21.13 29.61 -19.14
CA TRP A 118 -20.95 31.05 -19.29
C TRP A 118 -21.84 31.79 -18.31
N GLU A 119 -21.70 33.10 -18.27
CA GLU A 119 -22.52 33.92 -17.39
C GLU A 119 -23.72 34.35 -18.22
N PHE A 120 -24.90 34.27 -17.65
CA PHE A 120 -26.12 34.63 -18.36
C PHE A 120 -26.79 35.84 -17.70
N ASN A 121 -27.12 36.87 -18.47
CA ASN A 121 -27.75 38.03 -17.87
C ASN A 121 -29.02 38.44 -18.61
N ALA A 122 -29.67 37.45 -19.23
CA ALA A 122 -30.91 37.67 -19.97
C ALA A 122 -30.72 38.54 -21.22
N TRP A 123 -29.62 38.30 -21.93
CA TRP A 123 -29.32 39.05 -23.14
C TRP A 123 -29.20 40.55 -22.86
N GLY A 124 -28.19 40.94 -22.08
CA GLY A 124 -28.03 42.35 -21.77
C GLY A 124 -27.92 42.64 -20.29
N GLY A 125 -28.90 42.17 -19.53
CA GLY A 125 -28.88 42.38 -18.10
C GLY A 125 -29.76 43.52 -17.65
N LEU A 126 -29.28 44.28 -16.68
CA LEU A 126 -30.02 45.42 -16.16
C LEU A 126 -29.89 46.56 -17.16
N VAL A 127 -29.05 46.36 -18.15
CA VAL A 127 -28.83 47.38 -19.16
C VAL A 127 -29.77 47.19 -20.35
N ASP A 128 -29.91 45.96 -20.80
CA ASP A 128 -30.79 45.73 -21.94
C ASP A 128 -31.42 44.35 -21.96
N GLY A 129 -31.44 43.69 -20.81
CA GLY A 129 -32.02 42.38 -20.73
C GLY A 129 -33.50 42.37 -21.08
N LEU A 130 -33.97 41.21 -21.53
CA LEU A 130 -35.37 41.02 -21.90
C LEU A 130 -36.29 41.03 -20.68
N TYR A 131 -35.90 40.32 -19.62
CA TYR A 131 -36.67 40.29 -18.38
C TYR A 131 -35.70 40.47 -17.21
N PHE A 132 -36.21 40.68 -16.00
CA PHE A 132 -35.30 40.91 -14.87
C PHE A 132 -34.78 39.73 -14.08
N PRO A 133 -35.64 39.07 -13.30
CA PRO A 133 -35.10 37.92 -12.54
C PRO A 133 -34.61 36.82 -13.50
N TRP A 134 -33.28 36.69 -13.63
CA TRP A 134 -32.66 35.69 -14.52
C TRP A 134 -31.73 34.75 -13.76
N ASP A 135 -31.92 34.72 -12.45
CA ASP A 135 -31.10 33.93 -11.56
C ASP A 135 -31.39 32.44 -11.67
N GLN A 136 -32.64 32.06 -11.94
CA GLN A 136 -32.97 30.64 -12.06
C GLN A 136 -32.40 30.07 -13.37
N ASP A 137 -32.30 30.91 -14.40
CA ASP A 137 -31.76 30.47 -15.69
C ASP A 137 -30.25 30.31 -15.53
N ALA A 138 -29.61 31.20 -14.78
CA ALA A 138 -28.17 31.07 -14.58
C ALA A 138 -27.87 29.78 -13.79
N LEU A 139 -28.92 29.09 -13.36
CA LEU A 139 -28.70 27.85 -12.63
C LEU A 139 -28.81 26.66 -13.55
N VAL A 140 -29.68 26.78 -14.55
CA VAL A 140 -29.91 25.73 -15.52
C VAL A 140 -28.64 25.04 -16.02
N ALA A 141 -27.63 25.82 -16.43
CA ALA A 141 -26.38 25.20 -16.94
C ALA A 141 -25.69 24.31 -15.90
N ARG A 142 -25.53 24.82 -14.69
CA ARG A 142 -24.89 24.06 -13.62
C ARG A 142 -25.74 22.83 -13.27
N LYS A 143 -27.04 23.03 -13.13
CA LYS A 143 -27.97 21.95 -12.79
C LYS A 143 -27.93 20.79 -13.78
N VAL A 144 -27.94 21.10 -15.07
CA VAL A 144 -27.91 20.07 -16.08
C VAL A 144 -26.56 19.33 -16.12
N CYS A 145 -25.47 20.00 -15.75
CA CYS A 145 -24.19 19.31 -15.74
C CYS A 145 -24.16 18.40 -14.53
N GLU A 146 -25.02 18.63 -13.55
CA GLU A 146 -25.00 17.81 -12.34
C GLU A 146 -25.62 16.45 -12.53
N ILE A 147 -26.77 16.43 -13.19
CA ILE A 147 -27.49 15.19 -13.41
C ILE A 147 -26.93 14.43 -14.59
N GLU A 148 -25.77 14.85 -15.07
CA GLU A 148 -25.16 14.18 -16.21
C GLU A 148 -23.76 13.69 -15.87
N GLY A 149 -23.26 14.10 -14.71
CA GLY A 149 -21.94 13.69 -14.29
C GLY A 149 -20.85 14.23 -15.20
N VAL A 150 -20.84 15.54 -15.37
CA VAL A 150 -19.87 16.20 -16.23
C VAL A 150 -19.37 17.49 -15.60
N ASP A 151 -18.06 17.56 -15.41
CA ASP A 151 -17.42 18.75 -14.82
C ASP A 151 -17.65 19.97 -15.70
N SER A 152 -17.30 21.15 -15.24
CA SER A 152 -17.51 22.34 -16.04
C SER A 152 -16.53 23.43 -15.72
N TYR A 153 -16.38 24.34 -16.69
CA TYR A 153 -15.50 25.48 -16.57
C TYR A 153 -16.40 26.69 -16.42
N LYS A 154 -16.09 27.58 -15.48
CA LYS A 154 -16.89 28.80 -15.27
C LYS A 154 -16.17 30.06 -15.71
N THR A 155 -16.71 30.69 -16.76
CA THR A 155 -16.14 31.92 -17.29
C THR A 155 -16.63 33.08 -16.43
N LYS A 156 -15.94 33.33 -15.32
CA LYS A 156 -16.35 34.40 -14.42
C LYS A 156 -16.28 35.78 -15.07
N ASP A 157 -17.37 36.51 -14.91
CA ASP A 157 -17.54 37.87 -15.43
C ASP A 157 -17.64 37.96 -16.95
N PHE A 158 -17.68 36.80 -17.61
CA PHE A 158 -17.79 36.75 -19.06
C PHE A 158 -19.20 36.25 -19.43
N VAL A 159 -20.07 37.18 -19.81
CA VAL A 159 -21.44 36.82 -20.17
C VAL A 159 -21.64 36.51 -21.66
N LEU A 160 -21.85 35.23 -21.97
CA LEU A 160 -22.06 34.79 -23.34
C LEU A 160 -23.21 33.80 -23.38
N GLU A 161 -23.99 33.81 -24.47
CA GLU A 161 -25.10 32.88 -24.59
C GLU A 161 -24.83 31.90 -25.71
N GLY A 162 -25.20 30.64 -25.50
CA GLY A 162 -24.98 29.61 -26.51
C GLY A 162 -25.28 29.98 -27.95
N GLY A 163 -26.52 30.37 -28.24
CA GLY A 163 -26.88 30.72 -29.60
C GLY A 163 -26.32 32.01 -30.15
N SER A 164 -25.09 32.36 -29.79
CA SER A 164 -24.47 33.59 -30.30
C SER A 164 -23.13 33.19 -30.92
N ILE A 165 -22.91 31.89 -30.98
CA ILE A 165 -21.68 31.38 -31.54
C ILE A 165 -21.88 30.02 -32.19
N HIS A 166 -21.30 29.87 -33.38
CA HIS A 166 -21.38 28.63 -34.14
C HIS A 166 -19.96 28.15 -34.41
N VAL A 167 -19.75 26.86 -34.20
CA VAL A 167 -18.42 26.28 -34.36
C VAL A 167 -18.33 25.09 -35.32
N ASP A 168 -17.14 24.91 -35.88
CA ASP A 168 -16.86 23.80 -36.77
C ASP A 168 -15.77 22.99 -36.08
N GLY A 169 -15.81 21.68 -36.25
CA GLY A 169 -14.82 20.82 -35.62
C GLY A 169 -13.49 21.46 -35.26
N GLU A 170 -12.82 22.07 -36.24
CA GLU A 170 -11.51 22.68 -35.99
C GLU A 170 -11.46 24.18 -35.69
N GLY A 171 -10.49 24.54 -34.86
CA GLY A 171 -10.26 25.91 -34.41
C GLY A 171 -10.92 27.12 -35.08
N THR A 172 -12.23 27.12 -35.21
CA THR A 172 -12.90 28.25 -35.82
C THR A 172 -14.31 28.39 -35.30
N VAL A 173 -14.72 29.64 -35.05
CA VAL A 173 -16.05 29.88 -34.55
C VAL A 173 -16.66 31.07 -35.29
N LEU A 174 -17.98 31.11 -35.33
CA LEU A 174 -18.69 32.21 -36.00
C LEU A 174 -19.45 33.10 -35.02
N VAL A 175 -18.88 34.23 -34.63
CA VAL A 175 -19.54 35.16 -33.71
C VAL A 175 -20.06 36.39 -34.48
N THR A 176 -20.95 37.14 -33.85
CA THR A 176 -21.56 38.32 -34.45
C THR A 176 -21.22 39.57 -33.61
N GLU A 177 -20.21 40.35 -34.03
CA GLU A 177 -19.79 41.53 -33.25
C GLU A 177 -20.88 42.49 -32.80
N MSE A 178 -21.97 42.58 -33.54
CA MSE A 178 -23.05 43.47 -33.16
C MSE A 178 -23.69 43.03 -31.83
O MSE A 178 -24.51 43.74 -31.25
CB MSE A 178 -24.12 43.52 -34.27
CG MSE A 178 -25.25 44.52 -34.00
SE MSE A 178 -27.01 43.71 -33.90
CE MSE A 178 -27.85 44.62 -35.40
N CYS A 179 -23.30 41.85 -31.36
CA CYS A 179 -23.81 41.28 -30.12
C CYS A 179 -22.71 41.11 -29.08
N LEU A 180 -21.69 40.31 -29.38
CA LEU A 180 -20.62 40.08 -28.44
C LEU A 180 -19.92 41.36 -27.98
N LEU A 181 -20.04 42.43 -28.76
CA LEU A 181 -19.42 43.71 -28.44
C LEU A 181 -20.41 44.70 -27.84
N HIS A 182 -21.69 44.37 -27.94
CA HIS A 182 -22.76 45.21 -27.41
C HIS A 182 -22.33 45.68 -26.01
N PRO A 183 -22.65 46.93 -25.65
CA PRO A 183 -22.26 47.41 -24.33
C PRO A 183 -22.88 46.62 -23.16
N SER A 184 -24.02 45.95 -23.40
CA SER A 184 -24.68 45.18 -22.35
C SER A 184 -24.15 43.75 -22.32
N ARG A 185 -22.89 43.58 -22.66
CA ARG A 185 -22.30 42.25 -22.72
C ARG A 185 -20.77 42.39 -22.76
N ASN A 186 -20.13 42.43 -21.59
CA ASN A 186 -18.68 42.53 -21.52
C ASN A 186 -18.06 43.85 -21.99
N PRO A 187 -18.55 44.98 -21.46
CA PRO A 187 -18.02 46.28 -21.85
C PRO A 187 -16.72 46.61 -21.10
N HIS A 188 -16.08 45.59 -20.54
CA HIS A 188 -14.84 45.79 -19.80
C HIS A 188 -13.78 44.98 -20.51
N LEU A 189 -14.24 44.26 -21.51
CA LEU A 189 -13.38 43.41 -22.32
C LEU A 189 -13.28 43.99 -23.73
N THR A 190 -12.07 43.96 -24.29
CA THR A 190 -11.83 44.48 -25.65
C THR A 190 -12.13 43.37 -26.65
N LYS A 191 -12.28 43.75 -27.92
CA LYS A 191 -12.55 42.76 -28.97
C LYS A 191 -11.39 41.76 -29.01
N GLU A 192 -10.26 42.17 -28.46
CA GLU A 192 -9.06 41.33 -28.42
C GLU A 192 -9.23 40.29 -27.32
N ASP A 193 -9.58 40.79 -26.13
CA ASP A 193 -9.80 39.97 -24.94
C ASP A 193 -10.85 38.89 -25.23
N ILE A 194 -12.00 39.32 -25.75
CA ILE A 194 -13.11 38.44 -26.09
C ILE A 194 -12.71 37.31 -27.02
N GLU A 195 -11.89 37.60 -28.01
CA GLU A 195 -11.45 36.57 -28.93
C GLU A 195 -10.65 35.54 -28.15
N ASP A 196 -9.76 36.01 -27.29
CA ASP A 196 -8.93 35.10 -26.50
C ASP A 196 -9.78 34.12 -25.70
N LYS A 197 -10.82 34.63 -25.05
CA LYS A 197 -11.69 33.78 -24.26
C LYS A 197 -12.28 32.70 -25.18
N LEU A 198 -12.94 33.13 -26.27
CA LEU A 198 -13.54 32.23 -27.24
C LEU A 198 -12.53 31.21 -27.74
N LYS A 199 -11.27 31.58 -27.71
CA LYS A 199 -10.24 30.67 -28.15
C LYS A 199 -9.85 29.70 -27.04
N ASP A 200 -10.01 30.10 -25.79
CA ASP A 200 -9.64 29.23 -24.69
C ASP A 200 -10.70 28.26 -24.24
N TYR A 201 -11.97 28.65 -24.38
CA TYR A 201 -13.06 27.79 -23.95
C TYR A 201 -13.75 27.02 -25.08
N LEU A 202 -13.34 27.31 -26.31
CA LEU A 202 -13.89 26.62 -27.48
C LEU A 202 -12.77 25.90 -28.24
N ASN A 203 -11.56 26.40 -28.06
CA ASN A 203 -10.38 25.84 -28.71
C ASN A 203 -10.39 26.21 -30.19
N CYS A 204 -10.78 27.45 -30.47
CA CYS A 204 -10.86 27.96 -31.83
C CYS A 204 -9.69 28.91 -32.08
N VAL A 205 -8.74 28.48 -32.91
CA VAL A 205 -7.58 29.30 -33.22
C VAL A 205 -7.93 30.51 -34.11
N LYS A 206 -9.19 30.60 -34.55
CA LYS A 206 -9.62 31.74 -35.37
C LYS A 206 -11.09 32.09 -35.19
N VAL A 207 -11.37 33.44 -35.15
CA VAL A 207 -12.76 33.87 -34.92
C VAL A 207 -13.21 34.78 -36.08
N LEU A 208 -14.24 34.31 -36.78
CA LEU A 208 -14.84 35.03 -37.92
C LEU A 208 -15.92 35.99 -37.40
N TRP A 209 -15.74 37.27 -37.71
CA TRP A 209 -16.64 38.30 -37.19
C TRP A 209 -17.62 38.85 -38.23
N VAL A 210 -18.78 38.19 -38.28
CA VAL A 210 -19.89 38.67 -39.11
C VAL A 210 -20.27 39.95 -38.51
N LYS A 211 -20.93 40.76 -39.23
CA LYS A 211 -21.00 42.05 -38.68
C LYS A 211 -22.31 42.78 -38.49
N ASP A 212 -23.42 42.20 -38.50
CA ASP A 212 -24.70 42.89 -38.16
C ASP A 212 -25.60 41.72 -38.07
N GLY A 213 -26.69 41.84 -37.39
CA GLY A 213 -27.58 40.70 -37.25
C GLY A 213 -29.00 41.12 -37.54
N ILE A 214 -29.87 40.13 -37.64
CA ILE A 214 -31.28 40.40 -37.89
C ILE A 214 -32.06 40.42 -36.58
N ASP A 215 -31.34 40.64 -35.50
CA ASP A 215 -31.95 40.73 -34.15
C ASP A 215 -31.57 42.06 -33.49
N PRO A 216 -31.88 43.20 -34.17
CA PRO A 216 -31.56 44.58 -33.76
C PRO A 216 -31.53 44.89 -32.25
N TYR A 217 -32.66 44.67 -31.58
CA TYR A 217 -32.74 44.99 -30.15
C TYR A 217 -33.22 43.92 -29.17
N GLU A 218 -33.33 42.67 -29.60
CA GLU A 218 -33.75 41.61 -28.69
C GLU A 218 -32.52 40.81 -28.22
N THR A 219 -32.14 39.83 -29.02
CA THR A 219 -30.98 39.00 -28.69
C THR A 219 -29.72 39.81 -28.98
N ASN A 220 -29.92 40.97 -29.61
CA ASN A 220 -28.83 41.88 -29.97
C ASN A 220 -28.00 41.34 -31.10
N GLY A 221 -28.69 40.73 -32.07
CA GLY A 221 -28.02 40.19 -33.23
C GLY A 221 -27.22 38.91 -33.08
N HIS A 222 -27.87 37.84 -32.63
CA HIS A 222 -27.19 36.57 -32.48
C HIS A 222 -26.87 36.04 -33.88
N ILE A 223 -25.85 35.19 -33.98
CA ILE A 223 -25.46 34.63 -35.27
C ILE A 223 -26.25 33.38 -35.65
N ASP A 224 -26.87 32.75 -34.66
CA ASP A 224 -27.65 31.53 -34.90
C ASP A 224 -28.98 31.85 -35.58
N ASP A 225 -29.01 32.99 -36.25
CA ASP A 225 -30.21 33.42 -36.96
C ASP A 225 -29.84 33.71 -38.42
N VAL A 226 -28.59 34.08 -38.65
CA VAL A 226 -28.14 34.42 -39.99
C VAL A 226 -27.35 33.33 -40.69
N ALA A 227 -26.51 32.60 -39.96
CA ALA A 227 -25.69 31.56 -40.57
C ALA A 227 -25.19 30.52 -39.57
N CYS A 228 -24.43 29.54 -40.06
CA CYS A 228 -23.86 28.48 -39.23
C CYS A 228 -22.99 27.55 -40.07
N PHE A 229 -22.38 26.58 -39.40
CA PHE A 229 -21.52 25.60 -40.06
C PHE A 229 -22.27 24.30 -40.36
N ILE A 230 -22.47 24.01 -41.64
CA ILE A 230 -23.18 22.79 -42.02
C ILE A 230 -22.21 21.62 -42.15
N ARG A 231 -20.92 21.93 -42.15
CA ARG A 231 -19.87 20.93 -42.27
C ARG A 231 -18.57 21.72 -42.14
N PRO A 232 -17.52 21.10 -41.60
CA PRO A 232 -16.25 21.82 -41.45
C PRO A 232 -15.75 22.39 -42.77
N GLY A 233 -16.03 23.67 -42.99
CA GLY A 233 -15.63 24.30 -44.24
C GLY A 233 -16.85 24.88 -44.94
N GLU A 234 -17.91 24.08 -45.03
CA GLU A 234 -19.15 24.54 -45.68
C GLU A 234 -20.07 25.14 -44.62
N VAL A 235 -20.77 26.21 -44.98
CA VAL A 235 -21.65 26.89 -44.04
C VAL A 235 -23.01 27.20 -44.63
N ALA A 236 -23.91 27.73 -43.82
CA ALA A 236 -25.22 28.09 -44.31
C ALA A 236 -25.32 29.59 -44.19
N CYS A 237 -26.37 30.16 -44.78
CA CYS A 237 -26.55 31.60 -44.71
C CYS A 237 -27.81 32.03 -45.41
N ILE A 238 -28.59 32.89 -44.76
CA ILE A 238 -29.82 33.38 -45.37
C ILE A 238 -29.46 34.29 -46.53
N TYR A 239 -30.27 34.28 -47.58
CA TYR A 239 -30.02 35.15 -48.74
C TYR A 239 -31.28 35.39 -49.58
N THR A 240 -31.62 36.66 -49.75
CA THR A 240 -32.78 37.07 -50.55
C THR A 240 -32.33 38.19 -51.46
N ASP A 241 -33.05 38.38 -52.57
CA ASP A 241 -32.71 39.43 -53.51
C ASP A 241 -33.67 40.60 -53.39
N ASP A 242 -34.76 40.37 -52.68
CA ASP A 242 -35.77 41.41 -52.46
C ASP A 242 -35.15 42.58 -51.74
N LYS A 243 -34.87 43.64 -52.47
CA LYS A 243 -34.24 44.82 -51.90
C LYS A 243 -35.16 45.61 -50.97
N GLU A 244 -36.35 45.08 -50.71
CA GLU A 244 -37.32 45.71 -49.83
C GLU A 244 -37.68 44.79 -48.65
N HIS A 245 -36.90 43.71 -48.51
CA HIS A 245 -37.10 42.75 -47.43
C HIS A 245 -36.28 43.22 -46.23
N PRO A 246 -36.90 43.26 -45.04
CA PRO A 246 -36.24 43.70 -43.80
C PRO A 246 -34.87 43.08 -43.47
N PHE A 247 -34.58 41.87 -43.98
CA PHE A 247 -33.30 41.20 -43.72
C PHE A 247 -32.35 41.29 -44.91
N TYR A 248 -32.80 41.91 -46.01
CA TYR A 248 -31.99 42.04 -47.21
C TYR A 248 -30.51 42.36 -46.99
N GLN A 249 -30.22 43.63 -46.68
CA GLN A 249 -28.83 44.07 -46.49
C GLN A 249 -28.00 43.30 -45.47
N GLU A 250 -28.57 43.02 -44.30
CA GLU A 250 -27.80 42.29 -43.30
C GLU A 250 -27.42 40.94 -43.84
N ALA A 251 -28.37 40.29 -44.52
CA ALA A 251 -28.15 38.97 -45.10
C ALA A 251 -27.08 39.00 -46.19
N LYS A 252 -27.21 39.94 -47.11
CA LYS A 252 -26.24 40.06 -48.18
C LYS A 252 -24.88 40.44 -47.61
N ALA A 253 -24.88 41.41 -46.70
CA ALA A 253 -23.66 41.90 -46.05
C ALA A 253 -22.93 40.72 -45.41
N ALA A 254 -23.72 39.76 -44.94
CA ALA A 254 -23.19 38.57 -44.29
C ALA A 254 -22.64 37.62 -45.33
N TYR A 255 -23.41 37.43 -46.40
CA TYR A 255 -23.03 36.53 -47.49
C TYR A 255 -21.71 36.96 -48.11
N ASP A 256 -21.55 38.26 -48.33
CA ASP A 256 -20.33 38.78 -48.90
C ASP A 256 -19.15 38.53 -47.97
N PHE A 257 -19.40 38.70 -46.67
CA PHE A 257 -18.37 38.47 -45.67
C PHE A 257 -17.97 37.01 -45.60
N LEU A 258 -18.97 36.14 -45.56
CA LEU A 258 -18.78 34.70 -45.48
C LEU A 258 -17.97 34.16 -46.64
N SER A 259 -18.51 34.37 -47.83
CA SER A 259 -17.89 33.92 -49.08
C SER A 259 -16.43 34.38 -49.26
N GLN A 260 -16.11 35.55 -48.70
CA GLN A 260 -14.75 36.10 -48.78
C GLN A 260 -13.91 35.65 -47.59
N GLN A 261 -14.46 34.76 -46.77
CA GLN A 261 -13.75 34.31 -45.58
C GLN A 261 -13.33 32.85 -45.56
N THR A 262 -12.12 32.62 -45.03
CA THR A 262 -11.55 31.28 -44.90
C THR A 262 -11.46 30.89 -43.41
N ASP A 263 -11.38 29.59 -43.15
CA ASP A 263 -11.30 29.13 -41.77
C ASP A 263 -9.86 28.94 -41.26
N ALA A 264 -9.74 28.15 -40.19
CA ALA A 264 -8.44 27.90 -39.58
C ALA A 264 -7.57 27.02 -40.46
N LYS A 265 -8.05 25.80 -40.75
CA LYS A 265 -7.27 24.88 -41.56
C LYS A 265 -6.92 25.42 -42.94
N GLY A 266 -7.58 26.49 -43.36
CA GLY A 266 -7.27 27.10 -44.64
C GLY A 266 -8.30 27.03 -45.76
N ARG A 267 -9.10 25.96 -45.81
CA ARG A 267 -10.10 25.83 -46.86
C ARG A 267 -11.05 27.01 -46.94
N PRO A 268 -11.52 27.33 -48.15
CA PRO A 268 -12.46 28.45 -48.33
C PRO A 268 -13.82 28.01 -47.84
N LEU A 269 -14.69 28.95 -47.52
CA LEU A 269 -16.01 28.59 -47.03
C LEU A 269 -17.05 28.46 -48.12
N LYS A 270 -17.39 27.21 -48.43
CA LYS A 270 -18.39 26.93 -49.45
C LYS A 270 -19.75 27.39 -48.94
N VAL A 271 -20.00 28.69 -49.03
CA VAL A 271 -21.26 29.28 -48.56
C VAL A 271 -22.52 28.73 -49.24
N HIS A 272 -23.56 28.43 -48.47
CA HIS A 272 -24.80 27.94 -49.07
C HIS A 272 -25.86 29.02 -49.02
N LYS A 273 -27.07 28.67 -49.45
CA LYS A 273 -28.13 29.64 -49.46
C LYS A 273 -29.44 29.14 -48.88
N MSE A 274 -29.90 29.82 -47.83
CA MSE A 274 -31.16 29.50 -47.18
C MSE A 274 -32.10 30.61 -47.62
O MSE A 274 -31.65 31.67 -48.06
CB MSE A 274 -30.98 29.52 -45.65
CG MSE A 274 -32.20 29.07 -44.85
SE MSE A 274 -32.65 27.16 -45.05
CE MSE A 274 -31.04 26.42 -44.21
N CYS A 275 -33.41 30.39 -47.54
CA CYS A 275 -34.36 31.43 -47.93
C CYS A 275 -34.96 32.06 -46.69
N VAL A 276 -35.62 33.20 -46.90
CA VAL A 276 -36.28 33.93 -45.84
C VAL A 276 -37.77 33.98 -46.15
N THR A 277 -38.60 34.10 -45.12
CA THR A 277 -40.04 34.17 -45.34
C THR A 277 -40.36 35.33 -46.28
N LYS A 278 -41.54 35.28 -46.92
CA LYS A 278 -41.96 36.34 -47.83
C LYS A 278 -43.04 37.14 -47.09
N GLU A 279 -43.46 36.60 -45.94
CA GLU A 279 -44.47 37.22 -45.08
C GLU A 279 -44.10 37.02 -43.62
N PRO A 280 -43.81 38.12 -42.92
CA PRO A 280 -43.43 38.06 -41.49
C PRO A 280 -44.58 37.56 -40.60
N CYS A 281 -44.26 36.84 -39.54
CA CYS A 281 -45.28 36.33 -38.64
C CYS A 281 -46.04 37.46 -37.95
N TYR A 282 -47.34 37.57 -38.20
CA TYR A 282 -48.14 38.61 -37.55
C TYR A 282 -48.70 38.14 -36.22
N LEU A 283 -48.12 38.68 -35.15
CA LEU A 283 -48.53 38.34 -33.79
C LEU A 283 -50.01 38.59 -33.59
N GLN A 284 -50.72 37.58 -33.11
CA GLN A 284 -52.14 37.71 -32.86
C GLN A 284 -52.46 37.47 -31.40
N GLU A 285 -53.65 37.89 -30.97
CA GLU A 285 -54.09 37.72 -29.60
C GLU A 285 -53.05 38.24 -28.59
N ALA A 286 -52.41 39.37 -28.92
CA ALA A 286 -51.39 39.98 -28.06
C ALA A 286 -51.89 40.44 -26.69
N ALA A 287 -53.21 40.55 -26.53
CA ALA A 287 -53.83 40.98 -25.29
C ALA A 287 -53.62 40.01 -24.13
N THR A 288 -53.56 38.72 -24.42
CA THR A 288 -53.37 37.72 -23.39
C THR A 288 -51.92 37.69 -22.90
N ILE A 289 -51.13 38.68 -23.31
CA ILE A 289 -49.72 38.75 -22.88
C ILE A 289 -49.53 39.84 -21.82
N ASP A 290 -49.66 39.46 -20.55
CA ASP A 290 -49.52 40.40 -19.44
C ASP A 290 -48.34 41.35 -19.62
N TYR A 291 -48.49 42.56 -19.11
CA TYR A 291 -47.44 43.57 -19.18
C TYR A 291 -47.04 44.03 -17.77
N VAL A 292 -45.73 44.16 -17.57
CA VAL A 292 -45.17 44.58 -16.29
C VAL A 292 -45.60 46.01 -15.98
N GLU A 300 -50.57 44.79 -30.96
CA GLU A 300 -50.88 43.52 -31.61
C GLU A 300 -50.66 43.61 -33.13
N GLY A 301 -50.40 42.46 -33.75
CA GLY A 301 -50.17 42.43 -35.18
C GLY A 301 -48.76 42.84 -35.53
N GLU A 302 -47.94 43.09 -34.52
CA GLU A 302 -46.55 43.47 -34.73
C GLU A 302 -45.74 42.29 -35.27
N MSE A 303 -44.80 42.58 -36.15
CA MSE A 303 -43.98 41.55 -36.76
C MSE A 303 -43.01 40.91 -35.79
O MSE A 303 -42.52 41.56 -34.86
CB MSE A 303 -43.20 42.11 -37.94
CG MSE A 303 -44.08 42.79 -39.00
SE MSE A 303 -43.42 44.60 -39.50
CE MSE A 303 -44.44 45.71 -38.21
N ALA A 304 -42.74 39.63 -36.01
CA ALA A 304 -41.83 38.84 -35.19
C ALA A 304 -40.91 38.05 -36.11
N ILE A 305 -39.62 37.99 -35.75
CA ILE A 305 -38.63 37.26 -36.54
C ILE A 305 -39.09 35.83 -36.86
N ALA A 306 -38.73 35.34 -38.04
CA ALA A 306 -39.06 33.99 -38.49
C ALA A 306 -37.98 33.57 -39.50
N SER A 307 -36.87 33.02 -38.98
CA SER A 307 -35.74 32.60 -39.81
C SER A 307 -35.65 31.07 -39.94
N TYR A 308 -35.38 30.59 -41.15
CA TYR A 308 -35.26 29.15 -41.40
C TYR A 308 -33.88 28.64 -40.99
N LEU A 309 -32.97 29.57 -40.70
CA LEU A 309 -31.63 29.22 -40.31
C LEU A 309 -31.65 28.67 -38.87
N ASN A 310 -32.79 28.84 -38.22
CA ASN A 310 -32.99 28.36 -36.85
C ASN A 310 -33.38 26.89 -36.85
N PHE A 311 -32.45 26.04 -37.30
CA PHE A 311 -32.71 24.61 -37.34
C PHE A 311 -31.71 23.86 -36.45
N LEU A 312 -32.13 22.72 -35.92
CA LEU A 312 -31.25 21.93 -35.08
C LEU A 312 -30.67 20.79 -35.89
N ILE A 313 -29.38 20.53 -35.69
CA ILE A 313 -28.66 19.47 -36.40
C ILE A 313 -28.42 18.24 -35.52
N VAL A 314 -29.39 17.34 -35.44
CA VAL A 314 -29.21 16.13 -34.65
C VAL A 314 -28.42 15.18 -35.56
N ASN A 315 -28.12 13.98 -35.08
CA ASN A 315 -27.42 13.02 -35.91
C ASN A 315 -28.46 12.22 -36.71
N GLY A 316 -28.26 12.20 -38.02
CA GLY A 316 -29.18 11.51 -38.92
C GLY A 316 -30.55 12.16 -39.05
N GLY A 317 -30.62 13.49 -38.84
CA GLY A 317 -31.88 14.18 -38.95
C GLY A 317 -31.78 15.69 -38.78
N ILE A 318 -32.79 16.40 -39.27
CA ILE A 318 -32.84 17.85 -39.16
C ILE A 318 -34.23 18.26 -38.74
N ILE A 319 -34.28 19.20 -37.79
CA ILE A 319 -35.55 19.70 -37.31
C ILE A 319 -35.60 21.15 -37.80
N LEU A 320 -36.46 21.39 -38.79
CA LEU A 320 -36.58 22.72 -39.38
C LEU A 320 -37.93 23.38 -39.12
N PRO A 321 -37.92 24.71 -38.94
CA PRO A 321 -39.14 25.48 -38.68
C PRO A 321 -40.02 25.66 -39.92
N GLN A 322 -41.33 25.58 -39.73
CA GLN A 322 -42.30 25.73 -40.81
C GLN A 322 -43.38 26.71 -40.35
N TYR A 323 -43.16 28.00 -40.62
CA TYR A 323 -44.10 29.05 -40.24
C TYR A 323 -45.39 29.10 -41.06
N GLY A 324 -45.39 28.45 -42.22
CA GLY A 324 -46.57 28.49 -43.05
C GLY A 324 -46.43 29.68 -43.99
N ASP A 325 -45.19 29.87 -44.45
CA ASP A 325 -44.82 30.95 -45.34
C ASP A 325 -44.83 30.45 -46.79
N GLU A 326 -44.68 31.37 -47.72
CA GLU A 326 -44.65 31.08 -49.15
C GLU A 326 -43.37 30.33 -49.49
N ASN A 327 -42.23 30.85 -49.04
CA ASN A 327 -40.94 30.23 -49.28
C ASN A 327 -40.65 29.17 -48.21
N ASP A 328 -41.70 28.47 -47.79
CA ASP A 328 -41.59 27.44 -46.76
C ASP A 328 -41.07 26.11 -47.33
N GLN A 329 -41.81 25.52 -48.26
CA GLN A 329 -41.43 24.25 -48.85
C GLN A 329 -40.05 24.35 -49.49
N LEU A 330 -39.67 25.56 -49.88
CA LEU A 330 -38.35 25.80 -50.48
C LEU A 330 -37.26 25.60 -49.45
N ALA A 331 -37.54 26.02 -48.22
CA ALA A 331 -36.60 25.89 -47.11
C ALA A 331 -36.26 24.43 -46.87
N LYS A 332 -37.30 23.59 -46.84
CA LYS A 332 -37.13 22.16 -46.62
C LYS A 332 -36.31 21.54 -47.75
N GLN A 333 -36.45 22.10 -48.96
CA GLN A 333 -35.72 21.62 -50.13
C GLN A 333 -34.27 22.04 -50.01
N GLN A 334 -34.05 23.31 -49.70
CA GLN A 334 -32.69 23.83 -49.57
C GLN A 334 -31.88 23.06 -48.53
N VAL A 335 -32.45 22.92 -47.33
CA VAL A 335 -31.78 22.21 -46.22
C VAL A 335 -31.48 20.76 -46.60
N GLN A 336 -32.36 20.21 -47.44
CA GLN A 336 -32.24 18.85 -47.94
C GLN A 336 -30.94 18.70 -48.74
N GLU A 337 -30.66 19.71 -49.57
CA GLU A 337 -29.45 19.73 -50.40
C GLU A 337 -28.22 19.64 -49.50
N MSE A 338 -28.14 20.55 -48.54
CA MSE A 338 -27.04 20.63 -47.60
C MSE A 338 -26.78 19.28 -46.91
O MSE A 338 -25.66 18.76 -46.92
CB MSE A 338 -27.33 21.68 -46.55
CG MSE A 338 -27.80 23.00 -47.14
SE MSE A 338 -28.60 24.18 -45.81
CE MSE A 338 -27.89 25.91 -46.41
N PHE A 339 -27.81 18.74 -46.29
CA PHE A 339 -27.66 17.47 -45.60
C PHE A 339 -28.48 16.39 -46.33
N PRO A 340 -27.91 15.87 -47.42
CA PRO A 340 -28.57 14.83 -48.21
C PRO A 340 -28.80 13.54 -47.42
N ASP A 341 -27.75 13.09 -46.74
CA ASP A 341 -27.82 11.88 -45.94
C ASP A 341 -28.37 12.17 -44.55
N ARG A 342 -29.47 12.93 -44.48
CA ARG A 342 -30.09 13.28 -43.21
C ARG A 342 -31.57 13.53 -43.42
N LYS A 343 -32.42 12.75 -42.75
CA LYS A 343 -33.86 12.96 -42.91
C LYS A 343 -34.25 14.31 -42.33
N VAL A 344 -34.94 15.12 -43.12
CA VAL A 344 -35.35 16.42 -42.66
C VAL A 344 -36.81 16.40 -42.24
N VAL A 345 -37.10 16.92 -41.04
CA VAL A 345 -38.47 17.00 -40.51
C VAL A 345 -38.77 18.46 -40.22
N GLY A 346 -40.03 18.86 -40.42
CA GLY A 346 -40.39 20.24 -40.16
C GLY A 346 -41.59 20.35 -39.25
N VAL A 347 -41.57 21.32 -38.33
CA VAL A 347 -42.68 21.53 -37.40
C VAL A 347 -43.15 23.00 -37.32
N ARG A 348 -44.43 23.19 -37.04
CA ARG A 348 -45.00 24.53 -36.94
C ARG A 348 -44.47 25.26 -35.69
N THR A 349 -43.19 25.62 -35.72
CA THR A 349 -42.56 26.31 -34.59
C THR A 349 -42.74 27.83 -34.73
N GLU A 350 -43.82 28.19 -35.39
CA GLU A 350 -44.17 29.58 -35.61
C GLU A 350 -44.69 30.18 -34.30
N GLU A 351 -45.39 29.35 -33.53
CA GLU A 351 -45.97 29.78 -32.25
C GLU A 351 -44.91 30.19 -31.22
N ILE A 352 -43.69 29.67 -31.39
CA ILE A 352 -42.61 30.01 -30.47
C ILE A 352 -41.81 31.17 -31.06
N ALA A 353 -42.00 31.42 -32.35
CA ALA A 353 -41.31 32.51 -33.01
C ALA A 353 -41.93 33.82 -32.52
N TYR A 354 -43.08 33.70 -31.88
CA TYR A 354 -43.76 34.87 -31.33
C TYR A 354 -43.11 35.25 -30.00
N GLY A 355 -42.18 34.40 -29.55
CA GLY A 355 -41.49 34.64 -28.30
C GLY A 355 -40.09 35.17 -28.51
N GLY A 356 -39.68 35.26 -29.77
CA GLY A 356 -38.36 35.76 -30.08
C GLY A 356 -37.31 34.67 -30.04
N GLY A 357 -37.31 33.82 -31.07
CA GLY A 357 -36.35 32.73 -31.15
C GLY A 357 -37.03 31.48 -31.64
N ASN A 358 -36.28 30.58 -32.30
CA ASN A 358 -36.87 29.34 -32.81
C ASN A 358 -36.17 28.06 -32.37
N ILE A 359 -36.62 26.95 -32.97
CA ILE A 359 -36.12 25.61 -32.69
C ILE A 359 -34.71 25.51 -32.14
N HIS A 360 -33.84 26.28 -32.73
CA HIS A 360 -32.43 26.24 -32.28
C HIS A 360 -32.30 26.92 -30.91
N CYS A 361 -32.94 28.07 -30.80
CA CYS A 361 -32.90 28.88 -29.58
C CYS A 361 -33.52 28.15 -28.38
N ILE A 362 -34.20 27.03 -28.62
CA ILE A 362 -34.88 26.31 -27.51
C ILE A 362 -34.34 24.88 -27.29
N THR A 363 -33.24 24.55 -27.92
CA THR A 363 -32.61 23.22 -27.73
C THR A 363 -31.13 23.38 -27.41
N GLN A 364 -30.57 22.26 -27.05
CA GLN A 364 -29.15 22.15 -26.69
C GLN A 364 -28.78 20.67 -26.69
N GLN A 365 -27.94 20.31 -27.62
CA GLN A 365 -27.54 18.92 -27.79
C GLN A 365 -26.23 18.62 -27.03
N GLN A 366 -26.19 17.39 -26.58
CA GLN A 366 -25.06 16.82 -25.82
C GLN A 366 -24.33 15.81 -26.70
N PRO A 367 -23.05 16.04 -27.05
CA PRO A 367 -22.28 15.12 -27.89
C PRO A 367 -22.05 13.79 -27.20
N ALA A 368 -22.34 12.70 -27.90
CA ALA A 368 -22.15 11.32 -27.36
C ALA A 368 -20.67 11.09 -27.05
N THR A 369 -20.35 9.96 -26.41
CA THR A 369 -18.96 9.70 -26.01
C THR A 369 -18.44 8.26 -26.20
N LEU A 370 -18.80 7.41 -25.28
CA LEU A 370 -18.19 6.06 -25.16
C LEU A 370 -17.09 6.23 -24.13
N ALA B 2 -55.79 53.25 -5.23
CA ALA B 2 -54.34 52.94 -5.08
C ALA B 2 -53.63 53.12 -6.42
N LYS B 3 -53.67 54.35 -6.94
CA LYS B 3 -53.04 54.66 -8.22
C LYS B 3 -51.65 55.25 -8.10
N ARG B 4 -51.12 55.74 -9.21
CA ARG B 4 -49.77 56.32 -9.26
C ARG B 4 -49.72 57.69 -9.92
N ILE B 5 -49.47 58.72 -9.13
CA ILE B 5 -49.36 60.05 -9.69
C ILE B 5 -48.05 60.05 -10.46
N LYS B 6 -48.06 60.57 -11.68
CA LYS B 6 -46.84 60.55 -12.46
C LYS B 6 -46.37 61.80 -13.17
N ASN B 7 -47.19 62.85 -13.20
CA ASN B 7 -46.75 64.05 -13.90
C ASN B 7 -46.32 65.22 -13.03
N THR B 8 -46.32 65.00 -11.72
CA THR B 8 -45.93 66.06 -10.80
C THR B 8 -45.19 65.47 -9.63
N THR B 9 -44.53 66.33 -8.85
CA THR B 9 -43.75 65.88 -7.70
C THR B 9 -44.38 66.34 -6.40
N PRO B 10 -44.15 65.59 -5.31
CA PRO B 10 -44.69 65.94 -4.00
C PRO B 10 -44.56 67.41 -3.62
N LYS B 11 -43.46 68.04 -4.03
CA LYS B 11 -43.23 69.45 -3.72
C LYS B 11 -44.35 70.29 -4.34
N GLN B 12 -44.67 70.03 -5.59
CA GLN B 12 -45.71 70.75 -6.28
C GLN B 12 -47.07 70.35 -5.77
N ASP B 13 -47.24 69.05 -5.53
CA ASP B 13 -48.51 68.50 -5.03
C ASP B 13 -48.82 68.87 -3.59
N GLY B 14 -47.85 69.47 -2.91
CA GLY B 14 -48.06 69.88 -1.53
C GLY B 14 -48.01 68.74 -0.53
N PHE B 15 -46.98 67.90 -0.62
CA PHE B 15 -46.82 66.80 0.32
C PHE B 15 -45.41 66.85 0.86
N ARG B 16 -45.19 66.21 2.00
CA ARG B 16 -43.87 66.22 2.66
C ARG B 16 -43.70 65.07 3.64
N MSE B 17 -42.56 64.41 3.57
CA MSE B 17 -42.29 63.32 4.51
C MSE B 17 -42.24 63.97 5.88
O MSE B 17 -41.33 64.77 6.17
CB MSE B 17 -40.95 62.66 4.19
CG MSE B 17 -40.52 61.64 5.25
SE MSE B 17 -38.79 60.78 4.91
CE MSE B 17 -39.03 59.13 5.93
N PRO B 18 -43.20 63.65 6.76
CA PRO B 18 -43.31 64.18 8.12
C PRO B 18 -42.27 63.52 9.00
N GLY B 19 -41.86 64.21 10.04
CA GLY B 19 -40.87 63.67 10.95
C GLY B 19 -41.24 62.33 11.55
N GLU B 20 -40.25 61.45 11.63
CA GLU B 20 -40.45 60.12 12.18
C GLU B 20 -41.19 60.14 13.52
N PHE B 21 -40.92 61.19 14.30
CA PHE B 21 -41.53 61.37 15.60
C PHE B 21 -43.00 61.78 15.58
N GLU B 22 -43.43 62.45 14.51
CA GLU B 22 -44.82 62.87 14.39
C GLU B 22 -45.78 61.71 14.62
N LYS B 23 -47.06 62.03 14.82
CA LYS B 23 -48.08 61.01 15.07
C LYS B 23 -48.20 60.05 13.90
N GLN B 24 -48.33 58.77 14.24
CA GLN B 24 -48.42 57.73 13.23
C GLN B 24 -49.45 56.66 13.52
N LYS B 25 -50.11 56.20 12.46
CA LYS B 25 -51.14 55.17 12.56
C LYS B 25 -50.66 53.77 12.93
N GLN B 26 -49.52 53.34 12.39
CA GLN B 26 -49.01 52.00 12.68
C GLN B 26 -47.60 51.82 12.16
N ILE B 27 -47.11 50.60 12.27
CA ILE B 27 -45.78 50.28 11.78
C ILE B 27 -45.76 49.02 10.95
N TRP B 28 -45.01 49.09 9.85
CA TRP B 28 -44.86 47.97 8.94
C TRP B 28 -43.51 47.31 9.12
N MSE B 29 -43.50 45.97 9.06
CA MSE B 29 -42.27 45.19 9.15
C MSE B 29 -42.41 43.81 8.49
O MSE B 29 -43.45 43.16 8.56
CB MSE B 29 -41.79 45.07 10.61
CG MSE B 29 -42.79 44.50 11.63
SE MSE B 29 -42.02 44.41 13.48
CE MSE B 29 -40.91 42.81 13.29
N LEU B 30 -41.34 43.39 7.80
CA LEU B 30 -41.31 42.12 7.09
C LEU B 30 -41.00 40.90 7.96
N TRP B 31 -40.51 39.82 7.35
CA TRP B 31 -40.22 38.61 8.11
C TRP B 31 -39.01 37.86 7.55
N PRO B 32 -37.96 37.72 8.35
CA PRO B 32 -36.74 37.03 7.93
C PRO B 32 -36.94 35.56 7.65
N TRP B 33 -36.30 35.08 6.58
CA TRP B 33 -36.44 33.66 6.22
C TRP B 33 -35.23 33.02 5.54
N ARG B 34 -34.57 33.74 4.64
CA ARG B 34 -33.45 33.12 3.92
C ARG B 34 -32.22 32.69 4.72
N ASN B 35 -31.79 31.45 4.50
CA ASN B 35 -30.63 30.88 5.19
C ASN B 35 -29.30 31.46 4.67
N ASP B 36 -29.37 32.20 3.57
CA ASP B 36 -28.20 32.81 2.96
C ASP B 36 -27.69 33.88 3.90
N ASN B 37 -28.58 34.46 4.70
CA ASN B 37 -28.19 35.53 5.60
C ASN B 37 -28.43 35.29 7.09
N TRP B 38 -29.53 34.62 7.43
CA TRP B 38 -29.84 34.36 8.83
C TRP B 38 -29.48 32.95 9.27
N ARG B 39 -28.76 32.86 10.38
CA ARG B 39 -28.33 31.56 10.88
C ARG B 39 -29.46 30.75 11.46
N LEU B 40 -29.22 29.45 11.56
CA LEU B 40 -30.20 28.52 12.10
C LEU B 40 -31.59 28.67 11.47
N GLY B 41 -31.66 28.54 10.15
CA GLY B 41 -32.95 28.66 9.47
C GLY B 41 -33.71 29.94 9.73
N ALA B 42 -33.03 30.90 10.37
CA ALA B 42 -33.62 32.21 10.67
C ALA B 42 -34.58 32.17 11.87
N LYS B 43 -34.70 30.98 12.47
CA LYS B 43 -35.58 30.81 13.62
C LYS B 43 -35.29 31.84 14.71
N PRO B 44 -34.00 32.05 15.07
CA PRO B 44 -33.63 33.01 16.10
C PRO B 44 -34.05 34.41 15.69
N ALA B 45 -33.64 34.82 14.50
CA ALA B 45 -33.97 36.16 14.03
C ALA B 45 -35.47 36.37 14.04
N GLN B 46 -36.22 35.31 13.72
CA GLN B 46 -37.67 35.42 13.71
C GLN B 46 -38.20 35.80 15.10
N LYS B 47 -37.73 35.08 16.11
CA LYS B 47 -38.14 35.34 17.48
C LYS B 47 -37.73 36.78 17.84
N ALA B 48 -36.58 37.20 17.33
CA ALA B 48 -36.09 38.53 17.59
C ALA B 48 -37.03 39.53 16.93
N PHE B 49 -37.61 39.14 15.79
CA PHE B 49 -38.53 40.02 15.10
C PHE B 49 -39.88 40.02 15.82
N LEU B 50 -40.26 38.83 16.31
CA LEU B 50 -41.50 38.66 17.06
C LEU B 50 -41.56 39.65 18.22
N GLU B 51 -40.47 39.71 18.99
CA GLU B 51 -40.39 40.61 20.14
C GLU B 51 -40.48 42.04 19.67
N VAL B 52 -39.52 42.48 18.87
CA VAL B 52 -39.52 43.86 18.38
C VAL B 52 -40.89 44.27 17.87
N ALA B 53 -41.68 43.27 17.50
CA ALA B 53 -43.03 43.50 17.01
C ALA B 53 -43.95 43.67 18.21
N GLU B 54 -43.92 42.67 19.07
CA GLU B 54 -44.73 42.71 20.29
C GLU B 54 -44.49 44.00 21.06
N ALA B 55 -43.31 44.58 20.90
CA ALA B 55 -42.95 45.82 21.58
C ALA B 55 -43.76 47.01 21.09
N ILE B 56 -43.87 47.14 19.77
CA ILE B 56 -44.62 48.26 19.19
C ILE B 56 -46.08 48.14 19.63
N SER B 57 -46.51 46.91 19.89
CA SER B 57 -47.88 46.58 20.31
C SER B 57 -48.50 47.56 21.28
N GLU B 58 -47.81 47.83 22.37
CA GLU B 58 -48.34 48.74 23.38
C GLU B 58 -48.39 50.22 22.99
N PHE B 59 -47.94 50.56 21.80
CA PHE B 59 -47.96 51.96 21.41
C PHE B 59 -48.88 52.25 20.22
N GLU B 60 -48.94 51.28 19.31
CA GLU B 60 -49.76 51.38 18.10
C GLU B 60 -49.81 50.02 17.45
N PRO B 61 -50.64 49.87 16.40
CA PRO B 61 -50.74 48.59 15.71
C PRO B 61 -49.55 48.29 14.80
N VAL B 62 -49.31 46.99 14.60
CA VAL B 62 -48.24 46.51 13.76
C VAL B 62 -48.79 45.70 12.60
N SER B 63 -48.20 45.93 11.43
CA SER B 63 -48.56 45.25 10.18
C SER B 63 -47.39 44.37 9.78
N LEU B 64 -47.42 43.14 10.25
CA LEU B 64 -46.39 42.15 10.01
C LEU B 64 -46.63 41.42 8.68
N CYS B 65 -45.79 41.67 7.67
CA CYS B 65 -45.97 41.03 6.37
C CYS B 65 -45.06 39.84 6.15
N VAL B 66 -45.60 38.63 6.12
CA VAL B 66 -44.71 37.50 5.94
C VAL B 66 -44.97 36.67 4.68
N PRO B 67 -43.88 36.15 4.09
CA PRO B 67 -43.98 35.35 2.88
C PRO B 67 -44.96 34.24 3.18
N PRO B 68 -45.68 33.76 2.16
CA PRO B 68 -46.69 32.69 2.18
C PRO B 68 -46.24 31.40 2.83
N LEU B 69 -44.94 31.13 2.78
CA LEU B 69 -44.38 29.90 3.35
C LEU B 69 -44.21 29.88 4.86
N GLN B 70 -44.08 31.05 5.46
CA GLN B 70 -43.93 31.18 6.91
C GLN B 70 -45.09 31.99 7.44
N TYR B 71 -46.26 31.87 6.83
CA TYR B 71 -47.43 32.63 7.27
C TYR B 71 -48.10 31.96 8.46
N GLU B 72 -48.61 30.74 8.26
CA GLU B 72 -49.25 29.99 9.31
C GLU B 72 -48.43 30.09 10.59
N ASN B 73 -47.11 30.00 10.44
CA ASN B 73 -46.21 30.08 11.58
C ASN B 73 -46.29 31.41 12.32
N ALA B 74 -46.04 32.51 11.61
CA ALA B 74 -46.07 33.84 12.22
C ALA B 74 -47.39 34.14 12.92
N LEU B 75 -48.49 33.64 12.37
CA LEU B 75 -49.81 33.86 12.93
C LEU B 75 -50.02 33.04 14.20
N ALA B 76 -49.40 31.86 14.25
CA ALA B 76 -49.52 30.99 15.41
C ALA B 76 -48.69 31.55 16.55
N ARG B 77 -47.64 32.31 16.21
CA ARG B 77 -46.79 32.90 17.24
C ARG B 77 -47.31 34.25 17.72
N VAL B 78 -48.00 34.99 16.86
CA VAL B 78 -48.52 36.29 17.26
C VAL B 78 -49.81 36.15 18.06
N SER B 79 -50.48 35.02 17.91
CA SER B 79 -51.71 34.77 18.66
C SER B 79 -51.28 34.19 20.00
N GLU B 80 -50.11 33.55 19.95
CA GLU B 80 -49.51 32.93 21.12
C GLU B 80 -49.05 34.01 22.10
N LEU B 81 -48.99 35.25 21.64
CA LEU B 81 -48.57 36.36 22.47
C LEU B 81 -49.79 37.23 22.84
N GLY B 82 -50.94 36.59 22.96
CA GLY B 82 -52.16 37.31 23.28
C GLY B 82 -52.88 37.78 22.05
N SER B 83 -52.10 38.25 21.06
CA SER B 83 -52.64 38.75 19.80
C SER B 83 -53.49 39.99 20.08
N HIS B 84 -52.86 41.16 20.08
CA HIS B 84 -53.60 42.38 20.36
C HIS B 84 -53.94 43.17 19.10
N ASN B 85 -53.06 44.08 18.71
CA ASN B 85 -53.28 44.91 17.53
C ASN B 85 -52.26 44.65 16.41
N ILE B 86 -51.80 43.40 16.33
CA ILE B 86 -50.84 42.99 15.33
C ILE B 86 -51.55 42.14 14.26
N ARG B 87 -51.48 42.58 13.00
CA ARG B 87 -52.11 41.83 11.91
C ARG B 87 -51.05 41.24 10.98
N ILE B 88 -51.25 40.00 10.60
CA ILE B 88 -50.32 39.33 9.71
C ILE B 88 -50.86 39.32 8.29
N ILE B 89 -50.25 40.11 7.39
CA ILE B 89 -50.68 40.14 6.00
C ILE B 89 -49.68 39.38 5.16
N GLU B 90 -50.17 38.62 4.17
CA GLU B 90 -49.29 37.85 3.32
C GLU B 90 -48.51 38.71 2.35
N MSE B 91 -47.18 38.60 2.36
CA MSE B 91 -46.36 39.38 1.45
C MSE B 91 -44.99 38.75 1.23
O MSE B 91 -44.31 38.42 2.19
CB MSE B 91 -46.17 40.79 1.98
CG MSE B 91 -45.60 41.73 0.96
SE MSE B 91 -45.62 43.59 1.50
CE MSE B 91 -47.45 43.77 2.11
N THR B 92 -44.60 38.56 -0.04
CA THR B 92 -43.30 37.96 -0.38
C THR B 92 -42.18 39.00 -0.36
N ASN B 93 -40.97 38.56 -0.03
CA ASN B 93 -39.82 39.45 0.01
C ASN B 93 -38.56 38.60 -0.02
N ASP B 94 -37.49 39.15 -0.58
CA ASP B 94 -36.24 38.42 -0.67
C ASP B 94 -35.49 38.48 0.65
N ASP B 95 -35.79 39.53 1.41
CA ASP B 95 -35.20 39.75 2.73
C ASP B 95 -36.02 40.79 3.48
N ALA B 96 -36.03 40.66 4.81
CA ALA B 96 -36.81 41.56 5.68
C ALA B 96 -36.16 42.90 5.99
N TRP B 97 -36.37 43.91 5.14
CA TRP B 97 -35.81 45.23 5.39
C TRP B 97 -36.77 46.35 4.94
N ILE B 98 -38.02 46.22 5.37
CA ILE B 98 -39.07 47.16 5.03
C ILE B 98 -38.61 48.62 5.09
N ARG B 99 -37.58 48.90 5.87
CA ARG B 99 -37.07 50.26 6.00
C ARG B 99 -36.54 50.78 4.69
N ASP B 100 -35.91 49.91 3.92
CA ASP B 100 -35.33 50.34 2.65
C ASP B 100 -36.25 50.17 1.46
N CYS B 101 -36.59 48.93 1.13
CA CYS B 101 -37.44 48.67 0.01
C CYS B 101 -38.83 49.27 0.21
N GLY B 102 -39.32 49.29 1.45
CA GLY B 102 -40.64 49.83 1.76
C GLY B 102 -41.00 51.22 1.23
N PRO B 103 -42.26 51.65 1.37
CA PRO B 103 -42.70 52.96 0.89
C PRO B 103 -42.35 54.04 1.89
N THR B 104 -42.07 55.24 1.37
CA THR B 104 -41.72 56.38 2.20
C THR B 104 -42.92 57.30 2.08
N PHE B 105 -43.87 57.15 2.99
CA PHE B 105 -45.10 57.95 2.96
C PHE B 105 -44.95 59.47 2.95
N LEU B 106 -46.05 60.14 2.61
CA LEU B 106 -46.05 61.59 2.54
C LEU B 106 -47.38 62.07 3.12
N VAL B 107 -47.53 63.38 3.23
CA VAL B 107 -48.75 63.94 3.76
C VAL B 107 -48.89 65.38 3.29
N ASN B 108 -50.12 65.82 3.08
CA ASN B 108 -50.39 67.17 2.60
C ASN B 108 -50.90 68.05 3.75
N ASP B 109 -50.92 67.47 4.94
CA ASP B 109 -51.36 68.16 6.15
C ASP B 109 -52.81 68.58 6.05
N LYS B 110 -53.57 67.83 5.26
CA LYS B 110 -54.99 68.11 5.03
C LYS B 110 -55.78 66.83 5.11
N GLY B 111 -55.11 65.76 5.54
CA GLY B 111 -55.75 64.46 5.66
C GLY B 111 -55.28 63.40 4.68
N ASP B 112 -55.02 63.82 3.43
CA ASP B 112 -54.58 62.92 2.38
C ASP B 112 -53.23 62.26 2.71
N LEU B 113 -53.06 61.00 2.30
CA LEU B 113 -51.81 60.26 2.53
C LEU B 113 -51.29 59.73 1.20
N ARG B 114 -50.13 60.23 0.80
CA ARG B 114 -49.48 59.82 -0.45
C ARG B 114 -48.24 59.01 -0.11
N ALA B 115 -47.31 58.88 -1.05
CA ALA B 115 -46.06 58.14 -0.82
C ALA B 115 -45.09 58.23 -1.99
N VAL B 116 -43.81 57.95 -1.72
CA VAL B 116 -42.81 57.99 -2.77
C VAL B 116 -42.11 56.66 -2.81
N ASP B 117 -42.27 55.94 -3.93
CA ASP B 117 -41.65 54.64 -4.09
C ASP B 117 -40.35 54.80 -4.86
N TRP B 118 -39.23 54.49 -4.21
CA TRP B 118 -37.92 54.60 -4.83
C TRP B 118 -37.56 53.30 -5.53
N GLU B 119 -36.43 53.30 -6.22
CA GLU B 119 -35.97 52.10 -6.91
C GLU B 119 -35.06 51.38 -5.93
N PHE B 120 -35.21 50.08 -5.82
CA PHE B 120 -34.41 49.29 -4.89
C PHE B 120 -33.53 48.30 -5.66
N ASN B 121 -32.23 48.27 -5.39
CA ASN B 121 -31.37 47.34 -6.10
C ASN B 121 -30.51 46.52 -5.15
N ALA B 122 -31.02 46.30 -3.94
CA ALA B 122 -30.32 45.52 -2.91
C ALA B 122 -29.04 46.20 -2.43
N TRP B 123 -29.10 47.52 -2.25
CA TRP B 123 -27.93 48.27 -1.78
C TRP B 123 -26.75 48.12 -2.74
N GLY B 124 -26.88 48.63 -3.95
CA GLY B 124 -25.79 48.52 -4.90
C GLY B 124 -26.20 47.91 -6.23
N GLY B 125 -26.81 46.74 -6.19
CA GLY B 125 -27.25 46.09 -7.40
C GLY B 125 -26.31 45.01 -7.86
N LEU B 126 -26.13 44.93 -9.18
CA LEU B 126 -25.24 43.95 -9.77
C LEU B 126 -23.81 44.42 -9.57
N VAL B 127 -23.67 45.63 -9.09
CA VAL B 127 -22.36 46.20 -8.86
C VAL B 127 -21.87 45.94 -7.44
N ASP B 128 -22.75 46.10 -6.46
CA ASP B 128 -22.32 45.88 -5.09
C ASP B 128 -23.44 45.43 -4.18
N GLY B 129 -24.53 44.95 -4.77
CA GLY B 129 -25.66 44.50 -3.96
C GLY B 129 -25.31 43.34 -3.04
N LEU B 130 -26.07 43.23 -1.97
CA LEU B 130 -25.87 42.17 -0.98
C LEU B 130 -26.27 40.80 -1.53
N TYR B 131 -27.42 40.73 -2.20
CA TYR B 131 -27.88 39.48 -2.80
C TYR B 131 -28.37 39.80 -4.22
N PHE B 132 -28.64 38.77 -5.04
CA PHE B 132 -29.06 39.05 -6.41
C PHE B 132 -30.53 39.25 -6.72
N PRO B 133 -31.34 38.19 -6.65
CA PRO B 133 -32.76 38.42 -6.94
C PRO B 133 -33.39 39.38 -5.93
N TRP B 134 -33.63 40.63 -6.35
CA TRP B 134 -34.22 41.67 -5.47
C TRP B 134 -35.51 42.22 -6.05
N ASP B 135 -36.09 41.46 -6.97
CA ASP B 135 -37.31 41.85 -7.66
C ASP B 135 -38.54 41.77 -6.77
N GLN B 136 -38.58 40.81 -5.84
CA GLN B 136 -39.72 40.69 -4.96
C GLN B 136 -39.75 41.83 -3.94
N ASP B 137 -38.57 42.32 -3.56
CA ASP B 137 -38.47 43.42 -2.61
C ASP B 137 -38.90 44.70 -3.32
N ALA B 138 -38.52 44.86 -4.58
CA ALA B 138 -38.94 46.05 -5.31
C ALA B 138 -40.46 46.07 -5.48
N LEU B 139 -41.12 45.00 -5.04
CA LEU B 139 -42.57 44.96 -5.14
C LEU B 139 -43.21 45.38 -3.83
N VAL B 140 -42.53 45.06 -2.73
CA VAL B 140 -43.02 45.38 -1.40
C VAL B 140 -43.59 46.78 -1.26
N ALA B 141 -42.87 47.81 -1.73
CA ALA B 141 -43.37 49.19 -1.61
C ALA B 141 -44.70 49.41 -2.31
N ARG B 142 -44.81 48.95 -3.55
CA ARG B 142 -46.05 49.10 -4.32
C ARG B 142 -47.16 48.30 -3.67
N LYS B 143 -46.86 47.06 -3.29
CA LYS B 143 -47.84 46.18 -2.65
C LYS B 143 -48.45 46.75 -1.37
N VAL B 144 -47.61 47.31 -0.52
CA VAL B 144 -48.08 47.87 0.73
C VAL B 144 -48.91 49.15 0.49
N CYS B 145 -48.62 49.89 -0.57
CA CYS B 145 -49.43 51.07 -0.83
C CYS B 145 -50.78 50.63 -1.38
N GLU B 146 -50.88 49.40 -1.85
CA GLU B 146 -52.14 48.94 -2.42
C GLU B 146 -53.18 48.59 -1.40
N ILE B 147 -52.74 47.88 -0.38
CA ILE B 147 -53.64 47.43 0.68
C ILE B 147 -53.87 48.53 1.68
N GLU B 148 -53.46 49.75 1.35
CA GLU B 148 -53.64 50.85 2.28
C GLU B 148 -54.42 51.98 1.63
N GLY B 149 -54.64 51.87 0.32
CA GLY B 149 -55.37 52.88 -0.41
C GLY B 149 -54.64 54.21 -0.43
N VAL B 150 -53.41 54.19 -0.90
CA VAL B 150 -52.60 55.39 -0.95
C VAL B 150 -51.79 55.44 -2.24
N ASP B 151 -52.00 56.52 -3.00
CA ASP B 151 -51.30 56.71 -4.27
C ASP B 151 -49.79 56.80 -4.03
N SER B 152 -49.00 56.82 -5.09
CA SER B 152 -47.56 56.88 -4.91
C SER B 152 -46.86 57.53 -6.08
N TYR B 153 -45.66 58.02 -5.81
CA TYR B 153 -44.82 58.66 -6.81
C TYR B 153 -43.69 57.69 -7.07
N LYS B 154 -43.35 57.46 -8.34
CA LYS B 154 -42.25 56.55 -8.70
C LYS B 154 -41.04 57.29 -9.26
N THR B 155 -39.94 57.24 -8.50
CA THR B 155 -38.70 57.88 -8.88
C THR B 155 -37.97 56.96 -9.86
N LYS B 156 -38.34 57.04 -11.14
CA LYS B 156 -37.73 56.19 -12.14
C LYS B 156 -36.24 56.43 -12.29
N ASP B 157 -35.49 55.33 -12.26
CA ASP B 157 -34.04 55.30 -12.41
C ASP B 157 -33.28 55.90 -11.21
N PHE B 158 -34.01 56.26 -10.16
CA PHE B 158 -33.41 56.83 -8.97
C PHE B 158 -33.48 55.78 -7.85
N VAL B 159 -32.38 55.10 -7.58
CA VAL B 159 -32.33 54.08 -6.54
C VAL B 159 -31.92 54.61 -5.16
N LEU B 160 -32.90 54.67 -4.25
CA LEU B 160 -32.65 55.15 -2.90
C LEU B 160 -33.36 54.22 -1.90
N GLU B 161 -32.77 54.03 -0.73
CA GLU B 161 -33.38 53.18 0.27
C GLU B 161 -33.79 54.02 1.48
N GLY B 162 -34.95 53.69 2.06
CA GLY B 162 -35.46 54.43 3.20
C GLY B 162 -34.46 54.78 4.28
N GLY B 163 -33.81 53.79 4.88
CA GLY B 163 -32.85 54.05 5.94
C GLY B 163 -31.54 54.70 5.52
N SER B 164 -31.56 55.60 4.54
CA SER B 164 -30.34 56.27 4.10
C SER B 164 -30.61 57.77 4.18
N ILE B 165 -31.76 58.11 4.72
CA ILE B 165 -32.15 59.49 4.84
C ILE B 165 -33.04 59.72 6.06
N HIS B 166 -32.75 60.79 6.80
CA HIS B 166 -33.50 61.17 7.98
C HIS B 166 -34.00 62.58 7.78
N VAL B 167 -35.28 62.79 8.11
CA VAL B 167 -35.90 64.09 7.91
C VAL B 167 -36.56 64.70 9.15
N ASP B 168 -36.63 66.02 9.15
CA ASP B 168 -37.26 66.76 10.22
C ASP B 168 -38.45 67.50 9.57
N GLY B 169 -39.54 67.64 10.31
CA GLY B 169 -40.72 68.30 9.78
C GLY B 169 -40.49 69.27 8.62
N GLU B 170 -39.62 70.25 8.80
CA GLU B 170 -39.36 71.26 7.76
C GLU B 170 -38.17 71.03 6.83
N GLY B 171 -38.35 71.49 5.59
CA GLY B 171 -37.36 71.37 4.54
C GLY B 171 -35.91 71.00 4.79
N THR B 172 -35.67 69.89 5.47
CA THR B 172 -34.30 69.49 5.73
C THR B 172 -34.20 67.99 5.87
N VAL B 173 -33.15 67.41 5.31
CA VAL B 173 -32.96 65.97 5.39
C VAL B 173 -31.50 65.67 5.68
N LEU B 174 -31.25 64.52 6.28
CA LEU B 174 -29.88 64.10 6.61
C LEU B 174 -29.42 62.90 5.78
N VAL B 175 -28.67 63.16 4.72
CA VAL B 175 -28.14 62.07 3.88
C VAL B 175 -26.66 61.85 4.14
N THR B 176 -26.13 60.71 3.71
CA THR B 176 -24.73 60.35 3.91
C THR B 176 -24.04 60.17 2.55
N GLU B 177 -23.30 61.18 2.07
CA GLU B 177 -22.66 61.12 0.75
C GLU B 177 -21.84 59.87 0.43
N MSE B 178 -21.29 59.23 1.46
CA MSE B 178 -20.51 58.01 1.23
C MSE B 178 -21.40 56.89 0.67
O MSE B 178 -20.90 55.83 0.26
CB MSE B 178 -19.83 57.56 2.53
CG MSE B 178 -18.90 56.36 2.36
SE MSE B 178 -19.43 54.81 3.44
CE MSE B 178 -17.83 54.69 4.56
N CYS B 179 -22.71 57.11 0.69
CA CYS B 179 -23.68 56.14 0.19
C CYS B 179 -24.44 56.66 -1.02
N LEU B 180 -25.16 57.76 -0.86
CA LEU B 180 -25.94 58.31 -1.97
C LEU B 180 -25.11 58.61 -3.21
N LEU B 181 -23.80 58.77 -3.03
CA LEU B 181 -22.89 59.07 -4.14
C LEU B 181 -22.13 57.84 -4.63
N HIS B 182 -22.20 56.78 -3.83
CA HIS B 182 -21.52 55.53 -4.15
C HIS B 182 -21.79 55.23 -5.63
N PRO B 183 -20.79 54.68 -6.34
CA PRO B 183 -21.00 54.37 -7.76
C PRO B 183 -22.13 53.36 -8.03
N SER B 184 -22.45 52.52 -7.05
CA SER B 184 -23.51 51.52 -7.21
C SER B 184 -24.86 52.09 -6.82
N ARG B 185 -25.04 53.38 -7.04
CA ARG B 185 -26.27 54.04 -6.65
C ARG B 185 -26.35 55.39 -7.35
N ASN B 186 -26.92 55.43 -8.56
CA ASN B 186 -27.07 56.68 -9.30
C ASN B 186 -25.79 57.33 -9.81
N PRO B 187 -24.95 56.56 -10.51
CA PRO B 187 -23.69 57.11 -11.04
C PRO B 187 -23.92 57.89 -12.33
N HIS B 188 -25.16 58.28 -12.59
CA HIS B 188 -25.47 59.03 -13.79
C HIS B 188 -26.03 60.36 -13.35
N LEU B 189 -26.17 60.48 -12.04
CA LEU B 189 -26.70 61.66 -11.40
C LEU B 189 -25.57 62.35 -10.62
N THR B 190 -25.53 63.69 -10.70
CA THR B 190 -24.51 64.46 -9.98
C THR B 190 -25.01 64.75 -8.58
N LYS B 191 -24.10 65.16 -7.70
CA LYS B 191 -24.47 65.48 -6.33
C LYS B 191 -25.50 66.61 -6.35
N GLU B 192 -25.54 67.33 -7.45
CA GLU B 192 -26.48 68.44 -7.63
C GLU B 192 -27.86 67.87 -7.94
N ASP B 193 -27.89 66.99 -8.93
CA ASP B 193 -29.11 66.32 -9.38
C ASP B 193 -29.79 65.62 -8.20
N ILE B 194 -29.01 64.79 -7.50
CA ILE B 194 -29.49 64.03 -6.35
C ILE B 194 -30.14 64.90 -5.28
N GLU B 195 -29.56 66.05 -5.02
CA GLU B 195 -30.14 66.95 -4.03
C GLU B 195 -31.51 67.39 -4.52
N ASP B 196 -31.60 67.75 -5.79
CA ASP B 196 -32.87 68.20 -6.35
C ASP B 196 -33.97 67.16 -6.16
N LYS B 197 -33.66 65.91 -6.44
CA LYS B 197 -34.63 64.85 -6.28
C LYS B 197 -35.10 64.83 -4.80
N LEU B 198 -34.15 64.71 -3.88
CA LEU B 198 -34.44 64.69 -2.44
C LEU B 198 -35.27 65.90 -2.05
N LYS B 199 -35.12 66.97 -2.80
CA LYS B 199 -35.89 68.16 -2.49
C LYS B 199 -37.29 68.07 -3.08
N ASP B 200 -37.45 67.33 -4.17
CA ASP B 200 -38.77 67.23 -4.79
C ASP B 200 -39.68 66.16 -4.22
N TYR B 201 -39.09 65.08 -3.74
CA TYR B 201 -39.88 63.98 -3.20
C TYR B 201 -39.98 63.95 -1.68
N LEU B 202 -39.24 64.85 -1.03
CA LEU B 202 -39.26 64.96 0.43
C LEU B 202 -39.73 66.34 0.85
N ASN B 203 -39.54 67.30 -0.05
CA ASN B 203 -39.90 68.69 0.19
C ASN B 203 -38.93 69.31 1.18
N CYS B 204 -37.65 68.99 1.00
CA CYS B 204 -36.59 69.50 1.86
C CYS B 204 -35.81 70.57 1.11
N VAL B 205 -35.96 71.83 1.53
CA VAL B 205 -35.26 72.93 0.88
C VAL B 205 -33.75 72.93 1.18
N LYS B 206 -33.30 72.01 2.03
CA LYS B 206 -31.88 71.90 2.36
C LYS B 206 -31.43 70.49 2.69
N VAL B 207 -30.21 70.10 2.17
CA VAL B 207 -29.73 68.74 2.42
C VAL B 207 -28.35 68.79 3.10
N LEU B 208 -28.31 68.23 4.31
CA LEU B 208 -27.08 68.16 5.13
C LEU B 208 -26.31 66.89 4.76
N TRP B 209 -25.06 67.08 4.35
CA TRP B 209 -24.24 65.96 3.87
C TRP B 209 -23.17 65.52 4.87
N VAL B 210 -23.56 64.56 5.72
CA VAL B 210 -22.62 63.93 6.63
C VAL B 210 -21.69 63.20 5.76
N LYS B 211 -20.56 62.89 6.23
CA LYS B 211 -19.64 62.47 5.24
C LYS B 211 -18.90 61.15 5.34
N ASP B 212 -19.25 60.22 6.10
CA ASP B 212 -18.60 58.88 6.10
C ASP B 212 -19.55 58.12 6.94
N GLY B 213 -19.58 56.85 6.85
CA GLY B 213 -20.54 56.08 7.65
C GLY B 213 -19.84 54.92 8.31
N ILE B 214 -20.55 54.28 9.20
CA ILE B 214 -20.00 53.13 9.91
C ILE B 214 -20.43 51.83 9.23
N ASP B 215 -20.82 51.95 7.96
CA ASP B 215 -21.24 50.80 7.15
C ASP B 215 -20.41 50.73 5.87
N PRO B 216 -19.06 50.67 6.01
CA PRO B 216 -18.06 50.66 4.93
C PRO B 216 -18.45 49.96 3.61
N TYR B 217 -18.78 48.67 3.68
CA TYR B 217 -19.10 47.93 2.47
C TYR B 217 -20.42 47.15 2.39
N GLU B 218 -21.33 47.35 3.35
CA GLU B 218 -22.61 46.65 3.31
C GLU B 218 -23.69 47.58 2.77
N THR B 219 -24.27 48.38 3.66
CA THR B 219 -25.31 49.32 3.28
C THR B 219 -24.65 50.49 2.57
N ASN B 220 -23.31 50.51 2.63
CA ASN B 220 -22.50 51.56 2.01
C ASN B 220 -22.61 52.87 2.78
N GLY B 221 -22.63 52.75 4.10
CA GLY B 221 -22.69 53.91 4.96
C GLY B 221 -24.01 54.65 5.05
N HIS B 222 -25.05 53.97 5.48
CA HIS B 222 -26.35 54.61 5.65
C HIS B 222 -26.25 55.57 6.83
N ILE B 223 -27.11 56.59 6.85
CA ILE B 223 -27.09 57.57 7.94
C ILE B 223 -27.93 57.14 9.14
N ASP B 224 -28.84 56.19 8.94
CA ASP B 224 -29.70 55.71 10.00
C ASP B 224 -28.92 54.82 10.97
N ASP B 225 -27.61 55.00 10.98
CA ASP B 225 -26.74 54.23 11.87
C ASP B 225 -25.92 55.19 12.72
N VAL B 226 -25.65 56.37 12.17
CA VAL B 226 -24.83 57.36 12.86
C VAL B 226 -25.61 58.47 13.55
N ALA B 227 -26.69 58.93 12.95
CA ALA B 227 -27.47 60.03 13.53
C ALA B 227 -28.90 60.10 13.00
N CYS B 228 -29.66 61.08 13.50
CA CYS B 228 -31.05 61.30 13.09
C CYS B 228 -31.64 62.53 13.78
N PHE B 229 -32.87 62.84 13.43
CA PHE B 229 -33.57 63.99 13.99
C PHE B 229 -34.49 63.57 15.15
N ILE B 230 -34.15 63.99 16.36
CA ILE B 230 -34.97 63.64 17.52
C ILE B 230 -36.09 64.65 17.72
N ARG B 231 -35.99 65.77 17.02
CA ARG B 231 -36.97 66.84 17.12
C ARG B 231 -36.52 67.86 16.09
N PRO B 232 -37.46 68.60 15.48
CA PRO B 232 -37.07 69.60 14.47
C PRO B 232 -36.05 70.60 15.03
N GLY B 233 -34.78 70.35 14.73
CA GLY B 233 -33.73 71.22 15.23
C GLY B 233 -32.74 70.41 16.07
N GLU B 234 -33.25 69.57 16.96
CA GLU B 234 -32.39 68.74 17.80
C GLU B 234 -32.19 67.38 17.11
N VAL B 235 -30.98 66.85 17.20
CA VAL B 235 -30.67 65.58 16.56
C VAL B 235 -29.94 64.62 17.48
N ALA B 236 -29.69 63.41 17.00
CA ALA B 236 -28.97 62.43 17.80
C ALA B 236 -27.67 62.16 17.07
N CYS B 237 -26.76 61.45 17.72
CA CYS B 237 -25.50 61.15 17.09
C CYS B 237 -24.62 60.31 18.01
N ILE B 238 -24.04 59.25 17.45
CA ILE B 238 -23.17 58.40 18.24
C ILE B 238 -21.89 59.17 18.57
N TYR B 239 -21.32 58.92 19.75
CA TYR B 239 -20.09 59.61 20.14
C TYR B 239 -19.32 58.85 21.24
N THR B 240 -18.07 58.53 20.95
CA THR B 240 -17.20 57.83 21.88
C THR B 240 -15.86 58.54 21.90
N ASP B 241 -15.11 58.39 22.99
CA ASP B 241 -13.80 59.04 23.08
C ASP B 241 -12.68 58.04 22.89
N ASP B 242 -13.05 56.76 22.90
CA ASP B 242 -12.09 55.69 22.73
C ASP B 242 -11.45 55.81 21.35
N LYS B 243 -10.22 56.30 21.33
CA LYS B 243 -9.52 56.50 20.07
C LYS B 243 -9.09 55.20 19.39
N GLU B 244 -9.52 54.08 19.96
CA GLU B 244 -9.20 52.75 19.42
C GLU B 244 -10.48 51.98 19.08
N HIS B 245 -11.60 52.69 19.11
CA HIS B 245 -12.91 52.10 18.80
C HIS B 245 -13.13 52.25 17.29
N PRO B 246 -13.53 51.15 16.62
CA PRO B 246 -13.78 51.14 15.17
C PRO B 246 -14.66 52.26 14.60
N PHE B 247 -15.55 52.84 15.41
CA PHE B 247 -16.44 53.92 14.95
C PHE B 247 -15.97 55.30 15.42
N TYR B 248 -14.88 55.34 16.18
CA TYR B 248 -14.36 56.60 16.70
C TYR B 248 -14.37 57.78 15.72
N GLN B 249 -13.43 57.80 14.80
CA GLN B 249 -13.32 58.90 13.83
C GLN B 249 -14.56 59.23 13.02
N GLU B 250 -15.24 58.22 12.49
CA GLU B 250 -16.44 58.51 11.70
C GLU B 250 -17.46 59.21 12.58
N ALA B 251 -17.60 58.73 13.82
CA ALA B 251 -18.56 59.30 14.77
C ALA B 251 -18.21 60.74 15.13
N LYS B 252 -16.94 60.96 15.47
CA LYS B 252 -16.51 62.30 15.83
C LYS B 252 -16.61 63.22 14.61
N ALA B 253 -16.15 62.72 13.46
CA ALA B 253 -16.18 63.47 12.20
C ALA B 253 -17.60 63.92 11.91
N ALA B 254 -18.55 63.09 12.33
CA ALA B 254 -19.97 63.35 12.14
C ALA B 254 -20.43 64.40 13.14
N TYR B 255 -20.02 64.22 14.39
CA TYR B 255 -20.40 65.12 15.47
C TYR B 255 -19.93 66.55 15.18
N ASP B 256 -18.71 66.68 14.70
CA ASP B 256 -18.16 67.98 14.36
C ASP B 256 -18.97 68.60 13.24
N PHE B 257 -19.35 67.78 12.27
CA PHE B 257 -20.14 68.26 11.14
C PHE B 257 -21.53 68.72 11.57
N LEU B 258 -22.17 67.87 12.37
CA LEU B 258 -23.52 68.13 12.87
C LEU B 258 -23.59 69.42 13.66
N SER B 259 -22.82 69.47 14.74
CA SER B 259 -22.75 70.63 15.63
C SER B 259 -22.47 71.96 14.91
N GLN B 260 -21.73 71.90 13.81
CA GLN B 260 -21.39 73.09 13.03
C GLN B 260 -22.43 73.33 11.94
N GLN B 261 -23.50 72.54 11.95
CA GLN B 261 -24.53 72.67 10.92
C GLN B 261 -25.90 73.15 11.38
N THR B 262 -26.49 73.99 10.55
CA THR B 262 -27.82 74.56 10.80
C THR B 262 -28.83 73.99 9.79
N ASP B 263 -30.11 74.05 10.13
CA ASP B 263 -31.14 73.53 9.23
C ASP B 263 -31.74 74.59 8.30
N ALA B 264 -32.91 74.29 7.76
CA ALA B 264 -33.60 75.18 6.85
C ALA B 264 -34.12 76.42 7.53
N LYS B 265 -35.00 76.23 8.52
CA LYS B 265 -35.58 77.37 9.22
C LYS B 265 -34.54 78.27 9.90
N GLY B 266 -33.31 77.76 10.02
CA GLY B 266 -32.26 78.58 10.61
C GLY B 266 -31.67 78.19 11.96
N ARG B 267 -32.50 77.59 12.83
CA ARG B 267 -32.01 77.19 14.15
C ARG B 267 -30.80 76.29 14.08
N PRO B 268 -29.91 76.39 15.10
CA PRO B 268 -28.71 75.56 15.14
C PRO B 268 -29.12 74.15 15.56
N LEU B 269 -28.30 73.16 15.26
CA LEU B 269 -28.65 71.80 15.62
C LEU B 269 -28.14 71.38 16.99
N LYS B 270 -29.06 71.32 17.95
CA LYS B 270 -28.72 70.93 19.31
C LYS B 270 -28.35 69.45 19.29
N VAL B 271 -27.11 69.16 18.89
CA VAL B 271 -26.62 67.78 18.81
C VAL B 271 -26.63 67.01 20.14
N HIS B 272 -27.09 65.77 20.13
CA HIS B 272 -27.08 64.99 21.36
C HIS B 272 -26.00 63.93 21.31
N LYS B 273 -25.95 63.08 22.33
CA LYS B 273 -24.93 62.07 22.36
C LYS B 273 -25.44 60.68 22.72
N MSE B 274 -25.23 59.74 21.80
CA MSE B 274 -25.62 58.35 22.00
C MSE B 274 -24.30 57.63 22.25
O MSE B 274 -23.24 58.14 21.91
CB MSE B 274 -26.29 57.82 20.73
CG MSE B 274 -26.88 56.40 20.84
SE MSE B 274 -28.42 56.26 22.06
CE MSE B 274 -29.67 57.36 21.04
N CYS B 275 -24.36 56.44 22.86
CA CYS B 275 -23.14 55.71 23.10
C CYS B 275 -23.02 54.55 22.12
N VAL B 276 -21.83 53.98 22.06
CA VAL B 276 -21.55 52.83 21.20
C VAL B 276 -21.15 51.64 22.07
N THR B 277 -21.39 50.43 21.59
CA THR B 277 -21.02 49.25 22.36
C THR B 277 -19.53 49.30 22.70
N LYS B 278 -19.13 48.55 23.73
CA LYS B 278 -17.74 48.50 24.15
C LYS B 278 -17.20 47.15 23.68
N GLU B 279 -18.11 46.30 23.23
CA GLU B 279 -17.79 44.96 22.72
C GLU B 279 -18.66 44.64 21.52
N PRO B 280 -18.04 44.49 20.35
CA PRO B 280 -18.77 44.18 19.11
C PRO B 280 -19.44 42.79 19.15
N CYS B 281 -20.59 42.67 18.50
CA CYS B 281 -21.30 41.38 18.49
C CYS B 281 -20.48 40.30 17.76
N TYR B 282 -20.10 39.25 18.48
CA TYR B 282 -19.34 38.17 17.87
C TYR B 282 -20.27 37.10 17.29
N LEU B 283 -20.34 37.08 15.96
CA LEU B 283 -21.17 36.13 15.24
C LEU B 283 -20.83 34.70 15.62
N GLN B 284 -21.84 33.94 16.02
CA GLN B 284 -21.63 32.55 16.40
C GLN B 284 -22.44 31.63 15.51
N GLU B 285 -22.08 30.35 15.52
CA GLU B 285 -22.77 29.35 14.72
C GLU B 285 -22.89 29.77 13.25
N ALA B 286 -21.84 30.38 12.71
CA ALA B 286 -21.82 30.85 11.32
C ALA B 286 -21.94 29.74 10.27
N ALA B 287 -21.72 28.50 10.68
CA ALA B 287 -21.79 27.34 9.79
C ALA B 287 -23.20 27.08 9.23
N THR B 288 -24.23 27.38 10.03
CA THR B 288 -25.59 27.16 9.59
C THR B 288 -26.05 28.22 8.59
N ILE B 289 -25.11 29.03 8.11
CA ILE B 289 -25.42 30.08 7.13
C ILE B 289 -24.94 29.67 5.72
N ASP B 290 -25.82 29.02 4.97
CA ASP B 290 -25.49 28.56 3.62
C ASP B 290 -24.74 29.61 2.80
N TYR B 291 -23.86 29.14 1.93
CA TYR B 291 -23.09 30.02 1.06
C TYR B 291 -23.35 29.70 -0.41
N VAL B 292 -23.51 30.76 -1.20
CA VAL B 292 -23.77 30.64 -2.63
C VAL B 292 -22.59 30.00 -3.33
N GLU B 300 -16.40 32.51 11.02
CA GLU B 300 -17.19 32.63 12.24
C GLU B 300 -16.49 33.50 13.27
N GLY B 301 -17.27 34.10 14.17
CA GLY B 301 -16.70 34.97 15.19
C GLY B 301 -16.39 36.36 14.66
N GLU B 302 -16.73 36.59 13.39
CA GLU B 302 -16.49 37.89 12.77
C GLU B 302 -17.41 38.95 13.37
N MSE B 303 -16.90 40.17 13.51
CA MSE B 303 -17.68 41.25 14.09
C MSE B 303 -18.80 41.72 13.20
O MSE B 303 -18.71 41.69 11.97
CB MSE B 303 -16.76 42.44 14.42
CG MSE B 303 -15.57 42.08 15.30
SE MSE B 303 -13.84 42.74 14.59
CE MSE B 303 -13.28 41.16 13.54
N ALA B 304 -19.88 42.16 13.84
CA ALA B 304 -21.07 42.67 13.16
C ALA B 304 -21.50 43.98 13.82
N ILE B 305 -21.89 44.94 13.01
CA ILE B 305 -22.33 46.25 13.52
C ILE B 305 -23.39 46.10 14.62
N ALA B 306 -23.37 47.00 15.59
CA ALA B 306 -24.33 47.02 16.70
C ALA B 306 -24.42 48.48 17.19
N SER B 307 -25.28 49.27 16.56
CA SER B 307 -25.45 50.69 16.89
C SER B 307 -26.77 50.96 17.64
N TYR B 308 -26.70 51.79 18.69
CA TYR B 308 -27.88 52.11 19.48
C TYR B 308 -28.72 53.20 18.78
N LEU B 309 -28.14 53.80 17.74
CA LEU B 309 -28.82 54.84 16.99
C LEU B 309 -29.91 54.21 16.15
N ASN B 310 -29.91 52.88 16.07
CA ASN B 310 -30.89 52.13 15.31
C ASN B 310 -32.15 51.91 16.15
N PHE B 311 -32.84 52.99 16.47
CA PHE B 311 -34.05 52.90 17.26
C PHE B 311 -35.25 53.46 16.47
N LEU B 312 -36.44 52.94 16.77
CA LEU B 312 -37.64 53.39 16.08
C LEU B 312 -38.37 54.37 16.97
N ILE B 313 -38.87 55.45 16.37
CA ILE B 313 -39.60 56.49 17.08
C ILE B 313 -41.11 56.42 16.85
N VAL B 314 -41.80 55.59 17.62
CA VAL B 314 -43.25 55.50 17.47
C VAL B 314 -43.81 56.68 18.28
N ASN B 315 -45.13 56.83 18.31
CA ASN B 315 -45.71 57.90 19.08
C ASN B 315 -45.92 57.41 20.51
N GLY B 316 -45.39 58.19 21.46
CA GLY B 316 -45.50 57.83 22.87
C GLY B 316 -44.65 56.63 23.28
N GLY B 317 -43.57 56.37 22.54
CA GLY B 317 -42.72 55.23 22.86
C GLY B 317 -41.47 55.11 22.02
N ILE B 318 -40.49 54.38 22.52
CA ILE B 318 -39.24 54.17 21.79
C ILE B 318 -38.86 52.73 21.88
N ILE B 319 -38.43 52.16 20.76
CA ILE B 319 -38.01 50.78 20.71
C ILE B 319 -36.52 50.84 20.46
N LEU B 320 -35.74 50.51 21.49
CA LEU B 320 -34.28 50.56 21.40
C LEU B 320 -33.61 49.19 21.49
N PRO B 321 -32.51 49.01 20.74
CA PRO B 321 -31.78 47.74 20.73
C PRO B 321 -30.95 47.52 21.99
N GLN B 322 -30.92 46.27 22.46
CA GLN B 322 -30.18 45.89 23.65
C GLN B 322 -29.35 44.64 23.34
N TYR B 323 -28.13 44.85 22.87
CA TYR B 323 -27.23 43.76 22.50
C TYR B 323 -26.64 42.99 23.68
N GLY B 324 -26.71 43.56 24.88
CA GLY B 324 -26.13 42.90 26.03
C GLY B 324 -24.68 43.35 26.15
N ASP B 325 -24.49 44.64 25.88
CA ASP B 325 -23.20 45.29 25.92
C ASP B 325 -23.01 45.97 27.28
N GLU B 326 -21.80 46.46 27.51
CA GLU B 326 -21.45 47.15 28.74
C GLU B 326 -22.15 48.51 28.78
N ASN B 327 -22.03 49.26 27.69
CA ASN B 327 -22.66 50.57 27.59
C ASN B 327 -24.11 50.44 27.13
N ASP B 328 -24.77 49.37 27.57
CA ASP B 328 -26.15 49.08 27.19
C ASP B 328 -27.16 49.91 28.00
N GLN B 329 -27.17 49.72 29.32
CA GLN B 329 -28.09 50.44 30.19
C GLN B 329 -27.92 51.94 30.02
N LEU B 330 -26.73 52.36 29.62
CA LEU B 330 -26.44 53.78 29.40
C LEU B 330 -27.23 54.30 28.20
N ALA B 331 -27.35 53.45 27.18
CA ALA B 331 -28.08 53.80 25.97
C ALA B 331 -29.53 54.10 26.29
N LYS B 332 -30.14 53.23 27.10
CA LYS B 332 -31.53 53.40 27.51
C LYS B 332 -31.70 54.70 28.30
N GLN B 333 -30.66 55.08 29.05
CA GLN B 333 -30.67 56.30 29.86
C GLN B 333 -30.57 57.49 28.93
N GLN B 334 -29.60 57.45 28.03
CA GLN B 334 -29.40 58.55 27.09
C GLN B 334 -30.64 58.85 26.27
N VAL B 335 -31.22 57.82 25.66
CA VAL B 335 -32.42 57.97 24.83
C VAL B 335 -33.58 58.53 25.64
N GLN B 336 -33.58 58.17 26.93
CA GLN B 336 -34.59 58.62 27.89
C GLN B 336 -34.56 60.14 28.01
N GLU B 337 -33.34 60.69 28.07
CA GLU B 337 -33.12 62.13 28.16
C GLU B 337 -33.78 62.83 26.98
N MSE B 338 -33.39 62.39 25.78
CA MSE B 338 -33.90 62.93 24.53
C MSE B 338 -35.43 62.95 24.49
O MSE B 338 -36.04 64.00 24.24
CB MSE B 338 -33.38 62.09 23.36
CG MSE B 338 -31.89 61.86 23.42
SE MSE B 338 -31.31 60.45 22.21
CE MSE B 338 -29.61 61.20 21.58
N PHE B 339 -36.04 61.80 24.71
CA PHE B 339 -37.49 61.73 24.69
C PHE B 339 -38.01 61.43 26.09
N PRO B 340 -38.08 62.46 26.93
CA PRO B 340 -38.56 62.33 28.31
C PRO B 340 -40.01 61.87 28.37
N ASP B 341 -40.86 62.53 27.59
CA ASP B 341 -42.28 62.20 27.55
C ASP B 341 -42.55 61.06 26.59
N ARG B 342 -41.75 60.00 26.67
CA ARG B 342 -41.91 58.83 25.80
C ARG B 342 -41.39 57.59 26.50
N LYS B 343 -42.25 56.60 26.71
CA LYS B 343 -41.80 55.38 27.37
C LYS B 343 -40.79 54.66 26.48
N VAL B 344 -39.63 54.35 27.03
CA VAL B 344 -38.61 53.65 26.25
C VAL B 344 -38.62 52.18 26.58
N VAL B 345 -38.63 51.34 25.55
CA VAL B 345 -38.60 49.87 25.70
C VAL B 345 -37.39 49.34 24.94
N GLY B 346 -36.77 48.29 25.47
CA GLY B 346 -35.60 47.73 24.81
C GLY B 346 -35.74 46.25 24.58
N VAL B 347 -35.27 45.77 23.42
CA VAL B 347 -35.35 44.34 23.09
C VAL B 347 -34.00 43.78 22.57
N ARG B 348 -33.78 42.50 22.82
CA ARG B 348 -32.55 41.84 22.38
C ARG B 348 -32.52 41.67 20.86
N THR B 349 -32.38 42.79 20.15
CA THR B 349 -32.34 42.78 18.69
C THR B 349 -30.92 42.56 18.19
N GLU B 350 -30.14 41.88 19.01
CA GLU B 350 -28.76 41.55 18.70
C GLU B 350 -28.75 40.44 17.65
N GLU B 351 -29.71 39.53 17.74
CA GLU B 351 -29.81 38.41 16.81
C GLU B 351 -30.04 38.86 15.36
N ILE B 352 -30.61 40.04 15.18
CA ILE B 352 -30.87 40.56 13.85
C ILE B 352 -29.69 41.44 13.42
N ALA B 353 -28.88 41.84 14.39
CA ALA B 353 -27.72 42.66 14.10
C ALA B 353 -26.68 41.78 13.41
N TYR B 354 -26.90 40.48 13.47
CA TYR B 354 -26.01 39.52 12.82
C TYR B 354 -26.35 39.47 11.33
N GLY B 355 -27.42 40.16 10.94
CA GLY B 355 -27.86 40.18 9.56
C GLY B 355 -27.50 41.48 8.87
N GLY B 356 -26.92 42.40 9.63
CA GLY B 356 -26.53 43.68 9.07
C GLY B 356 -27.67 44.68 9.06
N GLY B 357 -27.97 45.22 10.25
CA GLY B 357 -29.04 46.20 10.38
C GLY B 357 -29.83 45.91 11.63
N ASN B 358 -30.45 46.95 12.22
CA ASN B 358 -31.24 46.77 13.44
C ASN B 358 -32.67 47.29 13.37
N ILE B 359 -33.33 47.27 14.53
CA ILE B 359 -34.72 47.68 14.70
C ILE B 359 -35.24 48.69 13.71
N HIS B 360 -34.43 49.67 13.43
CA HIS B 360 -34.86 50.71 12.48
C HIS B 360 -34.88 50.15 11.06
N CYS B 361 -33.82 49.45 10.73
CA CYS B 361 -33.64 48.87 9.39
C CYS B 361 -34.73 47.82 9.06
N ILE B 362 -35.51 47.42 10.05
CA ILE B 362 -36.54 46.37 9.82
C ILE B 362 -37.99 46.86 10.05
N THR B 363 -38.16 48.16 10.22
CA THR B 363 -39.51 48.74 10.40
C THR B 363 -39.72 49.89 9.43
N GLN B 364 -40.96 50.32 9.40
CA GLN B 364 -41.41 51.42 8.56
C GLN B 364 -42.77 51.87 9.06
N GLN B 365 -42.80 53.08 9.58
CA GLN B 365 -44.03 53.62 10.16
C GLN B 365 -44.80 54.45 9.13
N GLN B 366 -46.11 54.39 9.32
CA GLN B 366 -47.10 55.09 8.49
C GLN B 366 -47.72 56.23 9.32
N PRO B 367 -47.54 57.50 8.92
CA PRO B 367 -48.10 58.65 9.64
C PRO B 367 -49.62 58.64 9.62
N ALA B 368 -50.23 58.79 10.79
CA ALA B 368 -51.72 58.83 10.90
C ALA B 368 -52.27 60.02 10.10
N THR B 369 -53.60 60.11 10.00
CA THR B 369 -54.20 61.18 9.19
C THR B 369 -55.47 61.85 9.76
N LEU B 370 -56.59 61.18 9.59
CA LEU B 370 -57.92 61.77 9.84
C LEU B 370 -58.37 62.27 8.47
N ALA C 2 51.18 25.78 -29.85
CA ALA C 2 49.78 26.22 -30.16
C ALA C 2 49.55 27.62 -29.62
N LYS C 3 50.32 28.59 -30.12
CA LYS C 3 50.22 29.96 -29.68
C LYS C 3 49.34 30.83 -30.59
N ARG C 4 49.37 32.14 -30.36
CA ARG C 4 48.57 33.09 -31.13
C ARG C 4 49.37 34.26 -31.67
N ILE C 5 49.55 34.30 -32.98
CA ILE C 5 50.28 35.42 -33.58
C ILE C 5 49.33 36.60 -33.47
N LYS C 6 49.85 37.74 -33.04
CA LYS C 6 48.97 38.89 -32.87
C LYS C 6 49.38 40.24 -33.42
N ASN C 7 50.61 40.37 -33.88
CA ASN C 7 51.01 41.68 -34.40
C ASN C 7 51.10 41.81 -35.91
N THR C 8 50.73 40.75 -36.62
CA THR C 8 50.81 40.77 -38.06
C THR C 8 49.65 39.97 -38.64
N THR C 9 49.41 40.14 -39.93
CA THR C 9 48.32 39.45 -40.60
C THR C 9 48.83 38.42 -41.60
N PRO C 10 48.04 37.36 -41.84
CA PRO C 10 48.41 36.30 -42.78
C PRO C 10 49.01 36.81 -44.10
N LYS C 11 48.51 37.93 -44.59
CA LYS C 11 49.00 38.50 -45.84
C LYS C 11 50.49 38.83 -45.71
N GLN C 12 50.84 39.47 -44.60
CA GLN C 12 52.23 39.83 -44.36
C GLN C 12 53.05 38.61 -44.01
N ASP C 13 52.46 37.73 -43.21
CA ASP C 13 53.13 36.50 -42.77
C ASP C 13 53.31 35.47 -43.88
N GLY C 14 52.69 35.72 -45.04
CA GLY C 14 52.81 34.81 -46.15
C GLY C 14 51.99 33.55 -46.03
N PHE C 15 50.71 33.69 -45.68
CA PHE C 15 49.82 32.54 -45.58
C PHE C 15 48.57 32.84 -46.38
N ARG C 16 47.83 31.80 -46.75
CA ARG C 16 46.62 31.96 -47.55
C ARG C 16 45.70 30.76 -47.45
N MSE C 17 44.41 31.02 -47.28
CA MSE C 17 43.44 29.94 -47.22
C MSE C 17 43.48 29.27 -48.58
O MSE C 17 43.09 29.87 -49.58
CB MSE C 17 42.04 30.49 -46.93
CG MSE C 17 40.94 29.42 -47.04
SE MSE C 17 39.13 30.08 -46.72
CE MSE C 17 38.26 28.41 -46.17
N PRO C 18 43.94 28.01 -48.64
CA PRO C 18 44.05 27.21 -49.86
C PRO C 18 42.68 26.75 -50.28
N GLY C 19 42.49 26.51 -51.57
CA GLY C 19 41.22 26.05 -52.07
C GLY C 19 40.70 24.78 -51.42
N GLU C 20 39.41 24.77 -51.14
CA GLU C 20 38.77 23.62 -50.51
C GLU C 20 39.14 22.31 -51.19
N PHE C 21 39.33 22.37 -52.51
CA PHE C 21 39.67 21.21 -53.31
C PHE C 21 41.11 20.73 -53.14
N GLU C 22 42.02 21.63 -52.79
CA GLU C 22 43.42 21.25 -52.60
C GLU C 22 43.57 20.07 -51.65
N LYS C 23 44.75 19.47 -51.63
CA LYS C 23 45.02 18.31 -50.78
C LYS C 23 44.84 18.64 -49.31
N GLN C 24 44.21 17.72 -48.60
CA GLN C 24 43.92 17.91 -47.20
C GLN C 24 44.16 16.68 -46.33
N LYS C 25 44.66 16.92 -45.11
CA LYS C 25 44.96 15.86 -44.16
C LYS C 25 43.76 15.14 -43.56
N GLN C 26 42.68 15.88 -43.25
CA GLN C 26 41.50 15.25 -42.66
C GLN C 26 40.34 16.22 -42.60
N ILE C 27 39.26 15.78 -41.97
CA ILE C 27 38.09 16.62 -41.81
C ILE C 27 37.56 16.63 -40.39
N TRP C 28 37.19 17.83 -39.95
CA TRP C 28 36.65 18.03 -38.62
C TRP C 28 35.14 18.21 -38.66
N MSE C 29 34.45 17.61 -37.70
CA MSE C 29 33.00 17.76 -37.57
C MSE C 29 32.51 17.51 -36.13
O MSE C 29 33.02 16.64 -35.42
CB MSE C 29 32.26 16.85 -38.58
CG MSE C 29 32.59 15.35 -38.55
SE MSE C 29 31.56 14.32 -39.93
CE MSE C 29 29.83 14.20 -39.01
N LEU C 30 31.54 18.32 -35.71
CA LEU C 30 30.98 18.23 -34.36
C LEU C 30 29.91 17.14 -34.17
N TRP C 31 29.05 17.30 -33.16
CA TRP C 31 28.03 16.30 -32.89
C TRP C 31 26.76 16.92 -32.37
N PRO C 32 25.64 16.77 -33.10
CA PRO C 32 24.35 17.33 -32.70
C PRO C 32 23.80 16.72 -31.43
N TRP C 33 23.22 17.57 -30.58
CA TRP C 33 22.66 17.09 -29.32
C TRP C 33 21.44 17.86 -28.79
N ARG C 34 21.44 19.18 -28.89
CA ARG C 34 20.33 19.94 -28.32
C ARG C 34 18.94 19.73 -28.90
N ASN C 35 17.97 19.50 -28.02
CA ASN C 35 16.58 19.27 -28.42
C ASN C 35 15.88 20.55 -28.87
N ASP C 36 16.53 21.69 -28.65
CA ASP C 36 16.00 22.99 -29.03
C ASP C 36 15.96 23.07 -30.54
N ASN C 37 16.85 22.34 -31.20
CA ASN C 37 16.91 22.38 -32.65
C ASN C 37 16.71 21.05 -33.37
N TRP C 38 17.21 19.96 -32.81
CA TRP C 38 17.06 18.65 -33.45
C TRP C 38 15.94 17.82 -32.86
N ARG C 39 15.08 17.31 -33.73
CA ARG C 39 13.94 16.51 -33.28
C ARG C 39 14.35 15.15 -32.76
N LEU C 40 13.44 14.56 -31.97
CA LEU C 40 13.67 13.25 -31.39
C LEU C 40 15.02 13.12 -30.69
N GLY C 41 15.26 13.99 -29.71
CA GLY C 41 16.51 13.94 -28.97
C GLY C 41 17.76 14.02 -29.82
N ALA C 42 17.60 14.33 -31.10
CA ALA C 42 18.71 14.45 -32.04
C ALA C 42 19.25 13.10 -32.51
N LYS C 43 18.62 12.02 -32.03
CA LYS C 43 19.04 10.69 -32.41
C LYS C 43 19.13 10.52 -33.93
N PRO C 44 18.11 10.98 -34.68
CA PRO C 44 18.11 10.87 -36.14
C PRO C 44 19.27 11.63 -36.72
N ALA C 45 19.38 12.91 -36.36
CA ALA C 45 20.44 13.74 -36.88
C ALA C 45 21.79 13.12 -36.60
N GLN C 46 21.92 12.49 -35.44
CA GLN C 46 23.18 11.85 -35.07
C GLN C 46 23.56 10.78 -36.08
N LYS C 47 22.60 9.90 -36.37
CA LYS C 47 22.81 8.84 -37.34
C LYS C 47 23.16 9.45 -38.69
N ALA C 48 22.52 10.58 -39.00
CA ALA C 48 22.77 11.27 -40.23
C ALA C 48 24.21 11.79 -40.22
N PHE C 49 24.69 12.17 -39.05
CA PHE C 49 26.05 12.66 -38.93
C PHE C 49 27.02 11.49 -39.01
N LEU C 50 26.64 10.38 -38.39
CA LEU C 50 27.43 9.16 -38.39
C LEU C 50 27.77 8.75 -39.82
N GLU C 51 26.76 8.73 -40.69
CA GLU C 51 26.94 8.36 -42.08
C GLU C 51 27.86 9.36 -42.76
N VAL C 52 27.45 10.62 -42.83
CA VAL C 52 28.27 11.64 -43.47
C VAL C 52 29.72 11.56 -43.02
N ALA C 53 29.91 10.98 -41.84
CA ALA C 53 31.25 10.80 -41.29
C ALA C 53 31.86 9.57 -41.93
N GLU C 54 31.16 8.46 -41.80
CA GLU C 54 31.62 7.21 -42.38
C GLU C 54 31.95 7.38 -43.86
N ALA C 55 31.31 8.35 -44.50
CA ALA C 55 31.53 8.60 -45.91
C ALA C 55 32.93 9.16 -46.19
N ILE C 56 33.34 10.14 -45.39
CA ILE C 56 34.66 10.75 -45.57
C ILE C 56 35.72 9.68 -45.35
N SER C 57 35.38 8.69 -44.53
CA SER C 57 36.26 7.57 -44.18
C SER C 57 37.11 7.03 -45.31
N GLU C 58 36.47 6.70 -46.42
CA GLU C 58 37.19 6.14 -47.55
C GLU C 58 38.09 7.12 -48.30
N PHE C 59 38.13 8.38 -47.90
CA PHE C 59 38.95 9.33 -48.62
C PHE C 59 40.09 9.90 -47.78
N GLU C 60 39.81 10.07 -46.50
CA GLU C 60 40.76 10.63 -45.53
C GLU C 60 40.22 10.41 -44.14
N PRO C 61 41.01 10.72 -43.11
CA PRO C 61 40.56 10.56 -41.73
C PRO C 61 39.60 11.65 -41.27
N VAL C 62 38.75 11.27 -40.32
CA VAL C 62 37.77 12.17 -39.74
C VAL C 62 38.02 12.37 -38.26
N SER C 63 37.87 13.62 -37.83
CA SER C 63 38.05 14.04 -36.43
C SER C 63 36.68 14.46 -35.91
N LEU C 64 35.99 13.50 -35.35
CA LEU C 64 34.65 13.69 -34.80
C LEU C 64 34.72 14.20 -33.35
N CYS C 65 34.35 15.46 -33.12
CA CYS C 65 34.41 16.02 -31.76
C CYS C 65 33.05 16.03 -31.05
N VAL C 66 32.88 15.21 -30.04
CA VAL C 66 31.59 15.22 -29.38
C VAL C 66 31.60 15.63 -27.91
N PRO C 67 30.54 16.32 -27.47
CA PRO C 67 30.43 16.76 -26.09
C PRO C 67 30.60 15.54 -25.24
N PRO C 68 31.14 15.72 -24.02
CA PRO C 68 31.41 14.71 -23.00
C PRO C 68 30.23 13.82 -22.64
N LEU C 69 29.02 14.34 -22.81
CA LEU C 69 27.79 13.60 -22.48
C LEU C 69 27.37 12.56 -23.51
N GLN C 70 27.77 12.75 -24.75
CA GLN C 70 27.44 11.82 -25.83
C GLN C 70 28.72 11.26 -26.40
N TYR C 71 29.75 11.10 -25.58
CA TYR C 71 31.03 10.59 -26.05
C TYR C 71 31.00 9.07 -26.16
N GLU C 72 30.82 8.39 -25.03
CA GLU C 72 30.75 6.94 -25.00
C GLU C 72 29.89 6.44 -26.16
N ASN C 73 28.78 7.13 -26.38
CA ASN C 73 27.85 6.77 -27.44
C ASN C 73 28.49 6.84 -28.82
N ALA C 74 28.98 8.01 -29.20
CA ALA C 74 29.59 8.19 -30.52
C ALA C 74 30.73 7.20 -30.80
N LEU C 75 31.46 6.82 -29.77
CA LEU C 75 32.57 5.90 -29.91
C LEU C 75 32.07 4.47 -30.10
N ALA C 76 30.93 4.16 -29.49
CA ALA C 76 30.35 2.83 -29.60
C ALA C 76 29.73 2.67 -30.98
N ARG C 77 29.34 3.77 -31.60
CA ARG C 77 28.74 3.70 -32.93
C ARG C 77 29.79 3.76 -34.03
N VAL C 78 30.91 4.42 -33.78
CA VAL C 78 31.96 4.52 -34.80
C VAL C 78 32.80 3.24 -34.85
N SER C 79 32.80 2.49 -33.76
CA SER C 79 33.54 1.23 -33.72
C SER C 79 32.62 0.17 -34.31
N GLU C 80 31.32 0.45 -34.18
CA GLU C 80 30.27 -0.42 -34.68
C GLU C 80 30.28 -0.41 -36.21
N LEU C 81 30.97 0.57 -36.79
CA LEU C 81 31.05 0.70 -38.24
C LEU C 81 32.44 0.28 -38.73
N GLY C 82 33.04 -0.68 -38.02
CA GLY C 82 34.37 -1.14 -38.38
C GLY C 82 35.45 -0.35 -37.68
N SER C 83 35.24 0.97 -37.59
CA SER C 83 36.19 1.89 -36.96
C SER C 83 37.49 1.87 -37.76
N HIS C 84 37.58 2.73 -38.77
CA HIS C 84 38.78 2.77 -39.58
C HIS C 84 39.72 3.92 -39.21
N ASN C 85 39.53 5.07 -39.85
CA ASN C 85 40.38 6.23 -39.60
C ASN C 85 39.61 7.41 -39.00
N ILE C 86 38.59 7.08 -38.21
CA ILE C 86 37.76 8.07 -37.54
C ILE C 86 38.12 8.11 -36.05
N ARG C 87 38.53 9.27 -35.55
CA ARG C 87 38.87 9.42 -34.13
C ARG C 87 37.85 10.32 -33.43
N ILE C 88 37.43 9.90 -32.25
CA ILE C 88 36.47 10.67 -31.47
C ILE C 88 37.19 11.46 -30.38
N ILE C 89 37.27 12.79 -30.53
CA ILE C 89 37.92 13.62 -29.52
C ILE C 89 36.84 14.33 -28.72
N GLU C 90 37.03 14.46 -27.41
CA GLU C 90 36.05 15.13 -26.57
C GLU C 90 36.05 16.64 -26.78
N MSE C 91 34.90 17.20 -27.10
CA MSE C 91 34.80 18.65 -27.29
C MSE C 91 33.37 19.15 -27.10
O MSE C 91 32.45 18.61 -27.70
CB MSE C 91 35.28 19.03 -28.67
CG MSE C 91 35.50 20.51 -28.83
SE MSE C 91 36.39 21.00 -30.49
CE MSE C 91 37.89 19.77 -30.46
N THR C 92 33.20 20.17 -26.26
CA THR C 92 31.86 20.75 -25.99
C THR C 92 31.47 21.77 -27.07
N ASN C 93 30.17 21.89 -27.33
CA ASN C 93 29.67 22.85 -28.32
C ASN C 93 28.20 23.06 -28.08
N ASP C 94 27.71 24.24 -28.40
CA ASP C 94 26.30 24.56 -28.22
C ASP C 94 25.46 23.96 -29.33
N ASP C 95 26.12 23.78 -30.48
CA ASP C 95 25.50 23.20 -31.66
C ASP C 95 26.58 22.76 -32.63
N ALA C 96 26.27 21.71 -33.42
CA ALA C 96 27.22 21.14 -34.38
C ALA C 96 27.33 21.86 -35.71
N TRP C 97 28.19 22.87 -35.80
CA TRP C 97 28.38 23.61 -37.05
C TRP C 97 29.85 24.03 -37.25
N ILE C 98 30.73 23.06 -37.07
CA ILE C 98 32.17 23.25 -37.21
C ILE C 98 32.54 24.14 -38.39
N ARG C 99 31.68 24.19 -39.41
CA ARG C 99 31.95 25.00 -40.59
C ARG C 99 32.04 26.46 -40.26
N ASP C 100 31.20 26.91 -39.34
CA ASP C 100 31.19 28.32 -38.97
C ASP C 100 32.09 28.68 -37.82
N CYS C 101 31.78 28.15 -36.64
CA CYS C 101 32.57 28.44 -35.46
C CYS C 101 33.99 27.92 -35.60
N GLY C 102 34.16 26.79 -36.28
CA GLY C 102 35.50 26.20 -36.46
C GLY C 102 36.62 27.09 -37.00
N PRO C 103 37.87 26.60 -37.01
CA PRO C 103 39.01 27.37 -37.49
C PRO C 103 39.11 27.33 -39.00
N THR C 104 39.59 28.43 -39.58
CA THR C 104 39.75 28.55 -41.02
C THR C 104 41.25 28.51 -41.23
N PHE C 105 41.79 27.30 -41.44
CA PHE C 105 43.23 27.13 -41.62
C PHE C 105 43.91 27.95 -42.72
N LEU C 106 45.23 28.00 -42.65
CA LEU C 106 46.03 28.75 -43.60
C LEU C 106 47.26 27.93 -43.92
N VAL C 107 48.05 28.42 -44.87
CA VAL C 107 49.26 27.72 -45.25
C VAL C 107 50.22 28.70 -45.91
N ASN C 108 51.51 28.48 -45.72
CA ASN C 108 52.53 29.35 -46.28
C ASN C 108 53.21 28.69 -47.48
N ASP C 109 52.69 27.52 -47.85
CA ASP C 109 53.18 26.76 -48.99
C ASP C 109 54.63 26.35 -48.79
N LYS C 110 55.02 26.20 -47.53
CA LYS C 110 56.38 25.83 -47.17
C LYS C 110 56.36 24.77 -46.08
N GLY C 111 55.16 24.26 -45.82
CA GLY C 111 54.98 23.24 -44.80
C GLY C 111 54.21 23.68 -43.56
N ASP C 112 54.46 24.91 -43.11
CA ASP C 112 53.81 25.47 -41.92
C ASP C 112 52.28 25.54 -42.07
N LEU C 113 51.56 25.30 -40.98
CA LEU C 113 50.10 25.38 -40.98
C LEU C 113 49.63 26.35 -39.89
N ARG C 114 49.01 27.43 -40.32
CA ARG C 114 48.50 28.46 -39.42
C ARG C 114 46.98 28.40 -39.43
N ALA C 115 46.31 29.48 -39.01
CA ALA C 115 44.84 29.54 -39.00
C ALA C 115 44.31 30.91 -38.60
N VAL C 116 43.05 31.18 -38.95
CA VAL C 116 42.45 32.45 -38.58
C VAL C 116 41.17 32.16 -37.83
N ASP C 117 41.14 32.56 -36.56
CA ASP C 117 39.98 32.34 -35.72
C ASP C 117 39.12 33.61 -35.71
N TRP C 118 37.91 33.51 -36.25
CA TRP C 118 36.99 34.65 -36.31
C TRP C 118 36.15 34.69 -35.04
N GLU C 119 35.35 35.74 -34.93
CA GLU C 119 34.46 35.89 -33.79
C GLU C 119 33.15 35.26 -34.19
N PHE C 120 32.56 34.47 -33.30
CA PHE C 120 31.30 33.79 -33.59
C PHE C 120 30.20 34.29 -32.65
N ASN C 121 29.06 34.70 -33.20
CA ASN C 121 27.99 35.18 -32.34
C ASN C 121 26.66 34.48 -32.63
N ALA C 122 26.74 33.25 -33.12
CA ALA C 122 25.56 32.46 -33.46
C ALA C 122 24.76 33.03 -34.61
N TRP C 123 25.47 33.52 -35.63
CA TRP C 123 24.82 34.09 -36.81
C TRP C 123 23.93 35.28 -36.43
N GLY C 124 24.55 36.36 -35.95
CA GLY C 124 23.76 37.53 -35.58
C GLY C 124 24.04 38.01 -34.17
N GLY C 125 23.91 37.11 -33.20
CA GLY C 125 24.16 37.48 -31.82
C GLY C 125 22.90 37.75 -31.04
N LEU C 126 22.97 38.76 -30.18
CA LEU C 126 21.83 39.14 -29.37
C LEU C 126 20.85 39.90 -30.25
N VAL C 127 21.27 40.21 -31.46
CA VAL C 127 20.44 40.93 -32.39
C VAL C 127 19.64 40.00 -33.27
N ASP C 128 20.27 38.94 -33.77
CA ASP C 128 19.53 38.04 -34.63
C ASP C 128 20.05 36.61 -34.59
N GLY C 129 20.81 36.29 -33.53
CA GLY C 129 21.35 34.94 -33.42
C GLY C 129 20.28 33.88 -33.32
N LEU C 130 20.65 32.67 -33.72
CA LEU C 130 19.74 31.53 -33.69
C LEU C 130 19.46 31.08 -32.26
N TYR C 131 20.50 30.98 -31.42
CA TYR C 131 20.34 30.60 -30.02
C TYR C 131 21.17 31.57 -29.17
N PHE C 132 21.02 31.55 -27.84
CA PHE C 132 21.76 32.49 -27.02
C PHE C 132 23.16 32.10 -26.53
N PRO C 133 23.26 31.15 -25.59
CA PRO C 133 24.61 30.81 -25.14
C PRO C 133 25.44 30.22 -26.30
N TRP C 134 26.38 31.02 -26.82
CA TRP C 134 27.26 30.61 -27.94
C TRP C 134 28.72 30.69 -27.57
N ASP C 135 28.97 30.72 -26.27
CA ASP C 135 30.31 30.83 -25.74
C ASP C 135 31.13 29.55 -25.89
N GLN C 136 30.47 28.39 -25.82
CA GLN C 136 31.21 27.13 -25.97
C GLN C 136 31.63 26.93 -27.43
N ASP C 137 30.84 27.45 -28.37
CA ASP C 137 31.15 27.34 -29.78
C ASP C 137 32.32 28.27 -30.09
N ALA C 138 32.33 29.45 -29.49
CA ALA C 138 33.43 30.37 -29.73
C ALA C 138 34.74 29.77 -29.18
N LEU C 139 34.64 28.62 -28.53
CA LEU C 139 35.84 27.98 -28.00
C LEU C 139 36.34 26.92 -28.97
N VAL C 140 35.41 26.28 -29.65
CA VAL C 140 35.72 25.23 -30.60
C VAL C 140 36.91 25.53 -31.51
N ALA C 141 36.94 26.73 -32.13
CA ALA C 141 38.06 27.06 -33.03
C ALA C 141 39.41 27.05 -32.33
N ARG C 142 39.50 27.69 -31.16
CA ARG C 142 40.74 27.74 -30.41
C ARG C 142 41.12 26.34 -29.94
N LYS C 143 40.15 25.60 -29.41
CA LYS C 143 40.38 24.25 -28.92
C LYS C 143 40.94 23.29 -29.99
N VAL C 144 40.37 23.34 -31.17
CA VAL C 144 40.83 22.46 -32.24
C VAL C 144 42.22 22.87 -32.75
N CYS C 145 42.58 24.14 -32.65
CA CYS C 145 43.92 24.52 -33.06
C CYS C 145 44.91 24.07 -32.01
N GLU C 146 44.45 23.78 -30.80
CA GLU C 146 45.35 23.37 -29.74
C GLU C 146 45.82 21.95 -29.85
N ILE C 147 44.89 21.06 -30.17
CA ILE C 147 45.22 19.64 -30.27
C ILE C 147 45.79 19.33 -31.63
N GLU C 148 46.15 20.36 -32.38
CA GLU C 148 46.71 20.13 -33.70
C GLU C 148 48.07 20.79 -33.83
N GLY C 149 48.44 21.59 -32.84
CA GLY C 149 49.73 22.26 -32.86
C GLY C 149 49.82 23.26 -33.98
N VAL C 150 48.88 24.18 -34.03
CA VAL C 150 48.84 25.19 -35.08
C VAL C 150 48.44 26.55 -34.51
N ASP C 151 49.32 27.53 -34.70
CA ASP C 151 49.09 28.89 -34.21
C ASP C 151 47.85 29.48 -34.88
N SER C 152 47.39 30.64 -34.43
CA SER C 152 46.20 31.22 -35.02
C SER C 152 46.18 32.73 -34.90
N TYR C 153 45.40 33.34 -35.79
CA TYR C 153 45.23 34.78 -35.82
C TYR C 153 43.83 35.04 -35.31
N LYS C 154 43.67 36.03 -34.42
CA LYS C 154 42.35 36.37 -33.87
C LYS C 154 41.84 37.71 -34.39
N THR C 155 40.76 37.65 -35.17
CA THR C 155 40.14 38.83 -35.73
C THR C 155 39.24 39.47 -34.66
N LYS C 156 39.83 40.26 -33.78
CA LYS C 156 39.06 40.86 -32.70
C LYS C 156 37.98 41.80 -33.22
N ASP C 157 36.78 41.61 -32.68
CA ASP C 157 35.59 42.39 -33.01
C ASP C 157 35.05 42.18 -34.41
N PHE C 158 35.65 41.23 -35.14
CA PHE C 158 35.21 40.91 -36.49
C PHE C 158 34.52 39.54 -36.48
N VAL C 159 33.19 39.55 -36.49
CA VAL C 159 32.41 38.31 -36.48
C VAL C 159 32.10 37.74 -37.86
N LEU C 160 32.77 36.64 -38.22
CA LEU C 160 32.55 35.99 -39.50
C LEU C 160 32.46 34.48 -39.29
N GLU C 161 31.64 33.81 -40.10
CA GLU C 161 31.51 32.36 -39.98
C GLU C 161 32.07 31.69 -41.23
N GLY C 162 32.75 30.57 -41.04
CA GLY C 162 33.34 29.84 -42.15
C GLY C 162 32.50 29.70 -43.40
N GLY C 163 31.32 29.07 -43.28
CA GLY C 163 30.46 28.89 -44.44
C GLY C 163 29.79 30.14 -45.00
N SER C 164 30.47 31.27 -44.99
CA SER C 164 29.90 32.51 -45.54
C SER C 164 30.90 33.05 -46.55
N ILE C 165 31.93 32.26 -46.80
CA ILE C 165 32.95 32.65 -47.73
C ILE C 165 33.58 31.46 -48.43
N HIS C 166 33.76 31.57 -49.74
CA HIS C 166 34.36 30.53 -50.55
C HIS C 166 35.55 31.12 -51.26
N VAL C 167 36.66 30.38 -51.25
CA VAL C 167 37.90 30.85 -51.84
C VAL C 167 38.52 29.92 -52.89
N ASP C 168 39.29 30.53 -53.79
CA ASP C 168 40.00 29.80 -54.82
C ASP C 168 41.48 30.08 -54.55
N GLY C 169 42.33 29.08 -54.82
CA GLY C 169 43.75 29.24 -54.59
C GLY C 169 44.29 30.66 -54.57
N GLU C 170 44.06 31.42 -55.64
CA GLU C 170 44.57 32.78 -55.73
C GLU C 170 43.64 33.93 -55.33
N GLY C 171 44.26 34.97 -54.78
CA GLY C 171 43.59 36.17 -54.30
C GLY C 171 42.14 36.48 -54.63
N THR C 172 41.23 35.57 -54.37
CA THR C 172 39.83 35.83 -54.66
C THR C 172 38.92 35.05 -53.73
N VAL C 173 37.86 35.68 -53.27
CA VAL C 173 36.93 35.01 -52.38
C VAL C 173 35.51 35.35 -52.79
N LEU C 174 34.57 34.47 -52.45
CA LEU C 174 33.16 34.67 -52.78
C LEU C 174 32.30 34.92 -51.53
N VAL C 175 32.01 36.19 -51.23
CA VAL C 175 31.17 36.53 -50.08
C VAL C 175 29.77 36.93 -50.54
N THR C 176 28.82 36.94 -49.61
CA THR C 176 27.43 37.30 -49.90
C THR C 176 27.03 38.54 -49.09
N GLU C 177 27.04 39.73 -49.71
CA GLU C 177 26.72 40.97 -48.98
C GLU C 177 25.45 40.98 -48.14
N MSE C 178 24.45 40.19 -48.53
CA MSE C 178 23.21 40.14 -47.77
C MSE C 178 23.46 39.57 -46.35
O MSE C 178 22.57 39.60 -45.49
CB MSE C 178 22.17 39.28 -48.50
CG MSE C 178 20.80 39.27 -47.82
SE MSE C 178 20.21 37.48 -47.29
CE MSE C 178 18.60 37.36 -48.40
N CYS C 179 24.66 39.05 -46.13
CA CYS C 179 25.05 38.48 -44.85
C CYS C 179 26.19 39.26 -44.20
N LEU C 180 27.34 39.33 -44.85
CA LEU C 180 28.47 40.05 -44.29
C LEU C 180 28.18 41.49 -43.93
N LEU C 181 27.15 42.07 -44.55
CA LEU C 181 26.76 43.46 -44.30
C LEU C 181 25.58 43.57 -43.36
N HIS C 182 24.92 42.45 -43.11
CA HIS C 182 23.77 42.40 -42.21
C HIS C 182 24.11 43.22 -40.96
N PRO C 183 23.13 43.93 -40.41
CA PRO C 183 23.41 44.73 -39.21
C PRO C 183 23.86 43.91 -38.01
N SER C 184 23.50 42.62 -37.96
CA SER C 184 23.89 41.76 -36.84
C SER C 184 25.23 41.10 -37.10
N ARG C 185 26.10 41.80 -37.81
CA ARG C 185 27.40 41.25 -38.15
C ARG C 185 28.31 42.39 -38.62
N ASN C 186 29.02 43.02 -37.69
CA ASN C 186 29.96 44.09 -38.04
C ASN C 186 29.32 45.39 -38.54
N PRO C 187 28.35 45.93 -37.79
CA PRO C 187 27.70 47.19 -38.20
C PRO C 187 28.55 48.41 -37.84
N HIS C 188 29.82 48.19 -37.58
CA HIS C 188 30.71 49.30 -37.22
C HIS C 188 31.80 49.35 -38.28
N LEU C 189 31.72 48.37 -39.17
CA LEU C 189 32.65 48.23 -40.27
C LEU C 189 31.94 48.53 -41.58
N THR C 190 32.61 49.25 -42.47
CA THR C 190 32.05 49.59 -43.78
C THR C 190 32.35 48.46 -44.75
N LYS C 191 31.64 48.44 -45.88
CA LYS C 191 31.86 47.41 -46.90
C LYS C 191 33.31 47.49 -47.36
N GLU C 192 33.94 48.63 -47.13
CA GLU C 192 35.34 48.85 -47.53
C GLU C 192 36.23 48.15 -46.52
N ASP C 193 35.98 48.43 -45.24
CA ASP C 193 36.73 47.86 -44.12
C ASP C 193 36.69 46.33 -44.20
N ILE C 194 35.48 45.79 -44.31
CA ILE C 194 35.26 44.34 -44.38
C ILE C 194 36.06 43.67 -45.49
N GLU C 195 36.13 44.31 -46.65
CA GLU C 195 36.90 43.74 -47.75
C GLU C 195 38.35 43.66 -47.34
N ASP C 196 38.86 44.73 -46.73
CA ASP C 196 40.26 44.76 -46.31
C ASP C 196 40.58 43.58 -45.39
N LYS C 197 39.72 43.34 -44.41
CA LYS C 197 39.93 42.23 -43.50
C LYS C 197 40.04 40.93 -44.30
N LEU C 198 39.01 40.64 -45.10
CA LEU C 198 38.97 39.44 -45.94
C LEU C 198 40.21 39.34 -46.79
N LYS C 199 40.81 40.48 -47.10
CA LYS C 199 42.01 40.47 -47.91
C LYS C 199 43.23 40.19 -47.05
N ASP C 200 43.19 40.55 -45.77
CA ASP C 200 44.34 40.33 -44.91
C ASP C 200 44.42 38.97 -44.27
N TYR C 201 43.28 38.36 -44.00
CA TYR C 201 43.25 37.07 -43.34
C TYR C 201 43.03 35.89 -44.29
N LEU C 202 42.77 36.19 -45.56
CA LEU C 202 42.55 35.17 -46.57
C LEU C 202 43.59 35.31 -47.68
N ASN C 203 44.12 36.53 -47.83
CA ASN C 203 45.11 36.84 -48.84
C ASN C 203 44.43 36.88 -50.21
N CYS C 204 43.25 37.47 -50.25
CA CYS C 204 42.47 37.59 -51.48
C CYS C 204 42.52 39.03 -51.97
N VAL C 205 43.23 39.25 -53.07
CA VAL C 205 43.35 40.60 -53.63
C VAL C 205 42.04 41.10 -54.26
N LYS C 206 41.02 40.24 -54.31
CA LYS C 206 39.73 40.64 -54.86
C LYS C 206 38.54 39.91 -54.23
N VAL C 207 37.44 40.69 -53.98
CA VAL C 207 36.27 40.07 -53.33
C VAL C 207 35.02 40.26 -54.20
N LEU C 208 34.47 39.12 -54.62
CA LEU C 208 33.26 39.06 -55.46
C LEU C 208 32.02 39.08 -54.58
N TRP C 209 31.17 40.07 -54.80
CA TRP C 209 29.99 40.27 -53.95
C TRP C 209 28.67 39.83 -54.60
N VAL C 210 28.34 38.56 -54.37
CA VAL C 210 27.05 38.04 -54.80
C VAL C 210 26.06 38.77 -54.00
N LYS C 211 24.86 38.79 -54.41
CA LYS C 211 24.07 39.75 -53.75
C LYS C 211 22.75 39.41 -53.12
N ASP C 212 22.40 38.22 -52.86
CA ASP C 212 21.16 37.90 -52.10
C ASP C 212 21.39 36.45 -51.85
N GLY C 213 20.77 35.89 -50.89
CA GLY C 213 21.01 34.47 -50.60
C GLY C 213 19.69 33.76 -50.42
N ILE C 214 19.77 32.45 -50.35
CA ILE C 214 18.58 31.64 -50.16
C ILE C 214 18.38 31.30 -48.68
N ASP C 215 19.01 32.11 -47.84
CA ASP C 215 18.90 31.94 -46.37
C ASP C 215 18.41 33.25 -45.73
N PRO C 216 17.23 33.75 -46.18
CA PRO C 216 16.62 35.01 -45.75
C PRO C 216 16.82 35.46 -44.30
N TYR C 217 16.40 34.63 -43.34
CA TYR C 217 16.51 35.01 -41.94
C TYR C 217 17.19 34.06 -40.96
N GLU C 218 17.87 33.02 -41.46
CA GLU C 218 18.58 32.11 -40.56
C GLU C 218 20.07 32.44 -40.54
N THR C 219 20.80 31.89 -41.51
CA THR C 219 22.23 32.13 -41.62
C THR C 219 22.43 33.54 -42.18
N ASN C 220 21.33 34.14 -42.61
CA ASN C 220 21.32 35.48 -43.19
C ASN C 220 21.95 35.50 -44.57
N GLY C 221 21.66 34.47 -45.34
CA GLY C 221 22.16 34.38 -46.69
C GLY C 221 23.61 34.04 -46.89
N HIS C 222 24.04 32.90 -46.37
CA HIS C 222 25.42 32.46 -46.55
C HIS C 222 25.62 32.10 -48.03
N ILE C 223 26.86 32.18 -48.49
CA ILE C 223 27.16 31.87 -49.89
C ILE C 223 27.40 30.37 -50.14
N ASP C 224 27.70 29.64 -49.07
CA ASP C 224 27.95 28.20 -49.18
C ASP C 224 26.66 27.44 -49.41
N ASP C 225 25.65 28.13 -49.93
CA ASP C 225 24.36 27.52 -50.23
C ASP C 225 24.02 27.77 -51.70
N VAL C 226 24.53 28.86 -52.24
CA VAL C 226 24.24 29.22 -53.62
C VAL C 226 25.33 28.89 -54.62
N ALA C 227 26.60 29.04 -54.23
CA ALA C 227 27.70 28.77 -55.15
C ALA C 227 29.03 28.51 -54.44
N CYS C 228 30.08 28.26 -55.22
CA CYS C 228 31.42 28.01 -54.70
C CYS C 228 32.42 27.82 -55.83
N PHE C 229 33.69 27.65 -55.45
CA PHE C 229 34.76 27.45 -56.43
C PHE C 229 35.08 25.95 -56.61
N ILE C 230 34.79 25.43 -57.80
CA ILE C 230 35.07 24.03 -58.07
C ILE C 230 36.49 23.83 -58.58
N ARG C 231 37.13 24.93 -58.93
CA ARG C 231 38.49 24.92 -59.44
C ARG C 231 38.84 26.39 -59.63
N PRO C 232 40.13 26.75 -59.47
CA PRO C 232 40.52 28.15 -59.63
C PRO C 232 40.09 28.72 -60.99
N GLY C 233 38.97 29.41 -61.00
CA GLY C 233 38.45 29.97 -62.24
C GLY C 233 37.05 29.44 -62.51
N GLU C 234 36.87 28.13 -62.35
CA GLU C 234 35.56 27.53 -62.56
C GLU C 234 34.81 27.47 -61.23
N VAL C 235 33.50 27.71 -61.28
CA VAL C 235 32.69 27.72 -60.06
C VAL C 235 31.42 26.93 -60.20
N ALA C 236 30.66 26.81 -59.12
CA ALA C 236 29.41 26.09 -59.17
C ALA C 236 28.33 27.12 -58.89
N CYS C 237 27.08 26.73 -59.08
CA CYS C 237 25.98 27.64 -58.83
C CYS C 237 24.65 26.98 -59.10
N ILE C 238 23.71 27.15 -58.17
CA ILE C 238 22.38 26.58 -58.35
C ILE C 238 21.68 27.31 -59.48
N TYR C 239 20.85 26.60 -60.24
CA TYR C 239 20.11 27.22 -61.33
C TYR C 239 18.87 26.41 -61.75
N THR C 240 17.71 27.07 -61.70
CA THR C 240 16.45 26.46 -62.07
C THR C 240 15.71 27.44 -62.98
N ASP C 241 14.80 26.93 -63.80
CA ASP C 241 14.05 27.79 -64.70
C ASP C 241 12.63 27.97 -64.21
N ASP C 242 12.25 27.17 -63.22
CA ASP C 242 10.92 27.24 -62.64
C ASP C 242 10.72 28.61 -62.02
N LYS C 243 9.97 29.45 -62.70
CA LYS C 243 9.72 30.80 -62.23
C LYS C 243 8.81 30.87 -61.00
N GLU C 244 8.47 29.71 -60.46
CA GLU C 244 7.61 29.61 -59.27
C GLU C 244 8.33 28.88 -58.13
N HIS C 245 9.63 28.66 -58.32
CA HIS C 245 10.46 28.00 -57.34
C HIS C 245 11.02 29.06 -56.38
N PRO C 246 10.90 28.83 -55.06
CA PRO C 246 11.37 29.77 -54.03
C PRO C 246 12.80 30.32 -54.18
N PHE C 247 13.69 29.57 -54.85
CA PHE C 247 15.08 30.01 -55.04
C PHE C 247 15.33 30.56 -56.46
N TYR C 248 14.30 30.55 -57.30
CA TYR C 248 14.43 31.03 -58.68
C TYR C 248 15.25 32.30 -58.86
N GLN C 249 14.65 33.45 -58.54
CA GLN C 249 15.32 34.73 -58.72
C GLN C 249 16.69 34.89 -58.06
N GLU C 250 16.82 34.47 -56.81
CA GLU C 250 18.11 34.63 -56.14
C GLU C 250 19.16 33.83 -56.90
N ALA C 251 18.79 32.63 -57.34
CA ALA C 251 19.70 31.75 -58.07
C ALA C 251 20.09 32.35 -59.40
N LYS C 252 19.10 32.81 -60.16
CA LYS C 252 19.38 33.40 -61.46
C LYS C 252 20.18 34.68 -61.27
N ALA C 253 19.75 35.51 -60.31
CA ALA C 253 20.41 36.79 -60.01
C ALA C 253 21.88 36.53 -59.72
N ALA C 254 22.15 35.37 -59.12
CA ALA C 254 23.50 34.97 -58.78
C ALA C 254 24.25 34.53 -60.02
N TYR C 255 23.58 33.71 -60.83
CA TYR C 255 24.15 33.18 -62.06
C TYR C 255 24.58 34.30 -62.99
N ASP C 256 23.72 35.30 -63.13
CA ASP C 256 24.01 36.43 -63.98
C ASP C 256 25.22 37.20 -63.45
N PHE C 257 25.30 37.33 -62.13
CA PHE C 257 26.41 38.01 -61.50
C PHE C 257 27.72 37.24 -61.69
N LEU C 258 27.66 35.94 -61.43
CA LEU C 258 28.81 35.07 -61.54
C LEU C 258 29.41 35.07 -62.93
N SER C 259 28.59 34.68 -63.90
CA SER C 259 28.97 34.61 -65.31
C SER C 259 29.58 35.91 -65.85
N GLN C 260 29.14 37.05 -65.32
CA GLN C 260 29.63 38.36 -65.74
C GLN C 260 30.83 38.78 -64.90
N GLN C 261 31.30 37.89 -64.03
CA GLN C 261 32.42 38.21 -63.15
C GLN C 261 33.71 37.46 -63.39
N THR C 262 34.81 38.20 -63.25
CA THR C 262 36.16 37.65 -63.42
C THR C 262 36.89 37.64 -62.06
N ASP C 263 37.92 36.81 -61.95
CA ASP C 263 38.67 36.73 -60.70
C ASP C 263 39.90 37.64 -60.66
N ALA C 264 40.81 37.33 -59.75
CA ALA C 264 42.02 38.10 -59.57
C ALA C 264 42.98 37.95 -60.74
N LYS C 265 43.42 36.73 -60.99
CA LYS C 265 44.37 36.48 -62.07
C LYS C 265 43.85 36.91 -63.45
N GLY C 266 42.55 37.16 -63.54
CA GLY C 266 41.99 37.63 -64.80
C GLY C 266 41.05 36.72 -65.57
N ARG C 267 41.24 35.40 -65.49
CA ARG C 267 40.39 34.47 -66.21
C ARG C 267 38.91 34.66 -65.90
N PRO C 268 38.04 34.39 -66.88
CA PRO C 268 36.59 34.53 -66.68
C PRO C 268 36.12 33.34 -65.86
N LEU C 269 34.98 33.47 -65.21
CA LEU C 269 34.47 32.38 -64.40
C LEU C 269 33.58 31.42 -65.14
N LYS C 270 34.13 30.25 -65.46
CA LYS C 270 33.38 29.22 -66.17
C LYS C 270 32.29 28.70 -65.23
N VAL C 271 31.20 29.43 -65.13
CA VAL C 271 30.07 29.06 -64.25
C VAL C 271 29.42 27.70 -64.59
N HIS C 272 29.16 26.88 -63.58
CA HIS C 272 28.50 25.61 -63.83
C HIS C 272 27.06 25.66 -63.39
N LYS C 273 26.38 24.52 -63.47
CA LYS C 273 24.99 24.49 -63.08
C LYS C 273 24.61 23.31 -62.19
N MSE C 274 24.13 23.62 -61.00
CA MSE C 274 23.69 22.62 -60.04
C MSE C 274 22.16 22.72 -60.09
O MSE C 274 21.62 23.72 -60.54
CB MSE C 274 24.20 22.98 -58.64
CG MSE C 274 23.91 21.93 -57.55
SE MSE C 274 24.89 20.23 -57.80
CE MSE C 274 26.70 20.92 -57.53
N CYS C 275 21.47 21.68 -59.64
CA CYS C 275 20.01 21.71 -59.64
C CYS C 275 19.50 21.93 -58.23
N VAL C 276 18.22 22.26 -58.14
CA VAL C 276 17.55 22.48 -56.86
C VAL C 276 16.43 21.44 -56.72
N THR C 277 16.09 21.10 -55.49
CA THR C 277 15.02 20.14 -55.28
C THR C 277 13.74 20.61 -55.97
N LYS C 278 12.82 19.69 -56.23
CA LYS C 278 11.56 20.02 -56.88
C LYS C 278 10.48 19.96 -55.78
N GLU C 279 10.88 19.45 -54.63
CA GLU C 279 10.01 19.33 -53.47
C GLU C 279 10.80 19.64 -52.20
N PRO C 280 10.42 20.72 -51.51
CA PRO C 280 11.10 21.13 -50.26
C PRO C 280 10.91 20.12 -49.13
N CYS C 281 11.92 19.97 -48.28
CA CYS C 281 11.83 19.03 -47.17
C CYS C 281 10.73 19.43 -46.18
N TYR C 282 9.72 18.57 -46.03
CA TYR C 282 8.64 18.86 -45.10
C TYR C 282 8.96 18.33 -43.70
N LEU C 283 9.26 19.25 -42.79
CA LEU C 283 9.59 18.93 -41.41
C LEU C 283 8.47 18.13 -40.77
N GLN C 284 8.84 16.97 -40.20
CA GLN C 284 7.86 16.13 -39.55
C GLN C 284 8.21 15.94 -38.07
N GLU C 285 7.24 15.49 -37.29
CA GLU C 285 7.44 15.26 -35.87
C GLU C 285 8.05 16.49 -35.17
N ALA C 286 7.60 17.68 -35.56
CA ALA C 286 8.10 18.94 -34.98
C ALA C 286 7.81 19.12 -33.49
N ALA C 287 6.90 18.31 -32.95
CA ALA C 287 6.52 18.38 -31.54
C ALA C 287 7.65 17.99 -30.58
N THR C 288 8.51 17.06 -31.00
CA THR C 288 9.61 16.63 -30.16
C THR C 288 10.72 17.66 -30.11
N ILE C 289 10.46 18.86 -30.65
CA ILE C 289 11.46 19.93 -30.65
C ILE C 289 11.12 20.99 -29.59
N ASP C 290 11.65 20.82 -28.38
CA ASP C 290 11.39 21.74 -27.28
C ASP C 290 11.48 23.20 -27.70
N TYR C 291 10.67 24.03 -27.06
CA TYR C 291 10.66 25.46 -27.33
C TYR C 291 10.98 26.26 -26.07
N VAL C 292 11.83 27.27 -26.25
CA VAL C 292 12.25 28.14 -25.15
C VAL C 292 11.06 28.91 -24.60
N GLU C 300 4.52 22.54 -37.54
CA GLU C 300 5.01 21.33 -38.19
C GLU C 300 4.70 21.33 -39.69
N GLY C 301 5.49 20.59 -40.45
CA GLY C 301 5.28 20.52 -41.89
C GLY C 301 5.85 21.74 -42.60
N GLU C 302 6.50 22.62 -41.84
CA GLU C 302 7.10 23.82 -42.41
C GLU C 302 8.31 23.45 -43.28
N MSE C 303 8.49 24.19 -44.37
CA MSE C 303 9.60 23.92 -45.27
C MSE C 303 10.96 24.26 -44.69
O MSE C 303 11.08 25.19 -43.90
CB MSE C 303 9.41 24.70 -46.58
CG MSE C 303 8.06 24.43 -47.26
SE MSE C 303 7.11 26.10 -47.77
CE MSE C 303 6.01 26.38 -46.14
N ALA C 304 11.96 23.50 -45.10
CA ALA C 304 13.34 23.67 -44.66
C ALA C 304 14.25 23.61 -45.88
N ILE C 305 15.25 24.50 -45.91
CA ILE C 305 16.20 24.55 -47.02
C ILE C 305 16.80 23.17 -47.32
N ALA C 306 17.05 22.90 -48.60
CA ALA C 306 17.66 21.64 -49.05
C ALA C 306 18.40 21.95 -50.36
N SER C 307 19.66 22.38 -50.25
CA SER C 307 20.48 22.74 -51.41
C SER C 307 21.56 21.69 -51.69
N TYR C 308 21.75 21.37 -52.97
CA TYR C 308 22.76 20.38 -53.37
C TYR C 308 24.14 21.02 -53.43
N LEU C 309 24.18 22.34 -53.35
CA LEU C 309 25.43 23.07 -53.39
C LEU C 309 26.18 22.86 -52.06
N ASN C 310 25.48 22.28 -51.09
CA ASN C 310 26.05 22.01 -49.78
C ASN C 310 26.81 20.70 -49.80
N PHE C 311 27.89 20.65 -50.57
CA PHE C 311 28.71 19.45 -50.66
C PHE C 311 30.15 19.73 -50.19
N LEU C 312 30.79 18.70 -49.66
CA LEU C 312 32.15 18.84 -49.19
C LEU C 312 33.11 18.31 -50.24
N ILE C 313 34.20 19.04 -50.45
CA ILE C 313 35.22 18.68 -51.43
C ILE C 313 36.48 18.09 -50.78
N VAL C 314 36.47 16.79 -50.49
CA VAL C 314 37.65 16.17 -49.91
C VAL C 314 38.59 15.90 -51.09
N ASN C 315 39.75 15.31 -50.83
CA ASN C 315 40.66 14.99 -51.92
C ASN C 315 40.30 13.60 -52.45
N GLY C 316 40.09 13.53 -53.77
CA GLY C 316 39.71 12.28 -54.41
C GLY C 316 38.31 11.80 -54.07
N GLY C 317 37.41 12.72 -53.74
CA GLY C 317 36.06 12.34 -53.40
C GLY C 317 35.12 13.50 -53.12
N ILE C 318 33.82 13.25 -53.23
CA ILE C 318 32.81 14.27 -52.99
C ILE C 318 31.72 13.68 -52.14
N ILE C 319 31.28 14.44 -51.14
CA ILE C 319 30.22 14.01 -50.26
C ILE C 319 29.06 14.92 -50.59
N LEU C 320 28.05 14.38 -51.25
CA LEU C 320 26.87 15.16 -51.66
C LEU C 320 25.58 14.76 -50.96
N PRO C 321 24.72 15.73 -50.67
CA PRO C 321 23.44 15.49 -50.00
C PRO C 321 22.40 14.84 -50.90
N GLN C 322 21.64 13.91 -50.35
CA GLN C 322 20.59 13.19 -51.08
C GLN C 322 19.31 13.21 -50.24
N TYR C 323 18.49 14.25 -50.44
CA TYR C 323 17.24 14.41 -49.70
C TYR C 323 16.12 13.46 -50.11
N GLY C 324 16.25 12.83 -51.26
CA GLY C 324 15.22 11.93 -51.73
C GLY C 324 14.23 12.75 -52.54
N ASP C 325 14.80 13.67 -53.33
CA ASP C 325 14.06 14.56 -54.18
C ASP C 325 14.00 13.99 -55.59
N GLU C 326 13.22 14.63 -56.44
CA GLU C 326 13.04 14.23 -57.84
C GLU C 326 14.34 14.54 -58.61
N ASN C 327 14.85 15.75 -58.46
CA ASN C 327 16.08 16.15 -59.13
C ASN C 327 17.29 15.74 -58.30
N ASP C 328 17.19 14.59 -57.65
CA ASP C 328 18.26 14.07 -56.80
C ASP C 328 19.38 13.39 -57.61
N GLN C 329 19.03 12.33 -58.34
CA GLN C 329 20.02 11.60 -59.13
C GLN C 329 20.69 12.53 -60.13
N LEU C 330 20.01 13.60 -60.50
CA LEU C 330 20.55 14.58 -61.42
C LEU C 330 21.71 15.34 -60.78
N ALA C 331 21.55 15.62 -59.49
CA ALA C 331 22.57 16.33 -58.73
C ALA C 331 23.87 15.54 -58.73
N LYS C 332 23.76 14.25 -58.47
CA LYS C 332 24.94 13.37 -58.44
C LYS C 332 25.61 13.33 -59.82
N GLN C 333 24.80 13.47 -60.87
CA GLN C 333 25.29 13.46 -62.24
C GLN C 333 26.01 14.76 -62.51
N GLN C 334 25.36 15.87 -62.18
CA GLN C 334 25.94 17.18 -62.39
C GLN C 334 27.30 17.34 -61.71
N VAL C 335 27.35 17.02 -60.41
CA VAL C 335 28.58 17.12 -59.62
C VAL C 335 29.68 16.25 -60.21
N GLN C 336 29.25 15.13 -60.79
CA GLN C 336 30.13 14.16 -61.43
C GLN C 336 30.89 14.83 -62.58
N GLU C 337 30.16 15.63 -63.36
CA GLU C 337 30.72 16.36 -64.50
C GLU C 337 31.86 17.26 -64.02
N MSE C 338 31.53 18.10 -63.04
CA MSE C 338 32.48 19.05 -62.46
C MSE C 338 33.76 18.37 -61.99
O MSE C 338 34.86 18.76 -62.38
CB MSE C 338 31.82 19.74 -61.27
CG MSE C 338 30.45 20.29 -61.57
SE MSE C 338 29.45 20.78 -59.97
CE MSE C 338 28.57 22.41 -60.60
N PHE C 339 33.62 17.35 -61.16
CA PHE C 339 34.78 16.64 -60.67
C PHE C 339 34.79 15.22 -61.22
N PRO C 340 35.24 15.07 -62.47
CA PRO C 340 35.30 13.76 -63.13
C PRO C 340 36.26 12.80 -62.42
N ASP C 341 37.45 13.29 -62.13
CA ASP C 341 38.45 12.49 -61.46
C ASP C 341 38.27 12.52 -59.94
N ARG C 342 37.03 12.32 -59.50
CA ARG C 342 36.72 12.32 -58.07
C ARG C 342 35.50 11.45 -57.81
N LYS C 343 35.65 10.41 -57.00
CA LYS C 343 34.51 9.55 -56.72
C LYS C 343 33.45 10.33 -55.93
N VAL C 344 32.22 10.32 -56.41
CA VAL C 344 31.18 11.05 -55.72
C VAL C 344 30.33 10.07 -54.90
N VAL C 345 30.10 10.43 -53.63
CA VAL C 345 29.28 9.62 -52.71
C VAL C 345 28.14 10.50 -52.21
N GLY C 346 26.98 9.89 -51.99
CA GLY C 346 25.84 10.67 -51.52
C GLY C 346 25.20 10.05 -50.29
N VAL C 347 24.79 10.90 -49.34
CA VAL C 347 24.16 10.41 -48.10
C VAL C 347 22.86 11.15 -47.76
N ARG C 348 21.95 10.45 -47.10
CA ARG C 348 20.67 11.04 -46.71
C ARG C 348 20.85 12.09 -45.62
N THR C 349 21.45 13.22 -45.98
CA THR C 349 21.69 14.30 -45.03
C THR C 349 20.49 15.25 -44.97
N GLU C 350 19.33 14.68 -45.25
CA GLU C 350 18.07 15.39 -45.23
C GLU C 350 17.68 15.64 -43.78
N GLU C 351 17.99 14.69 -42.91
CA GLU C 351 17.64 14.78 -41.49
C GLU C 351 18.35 15.94 -40.78
N ILE C 352 19.48 16.39 -41.34
CA ILE C 352 20.22 17.49 -40.75
C ILE C 352 19.79 18.79 -41.44
N ALA C 353 19.14 18.65 -42.59
CA ALA C 353 18.66 19.82 -43.31
C ALA C 353 17.47 20.39 -42.56
N TYR C 354 16.96 19.61 -41.61
CA TYR C 354 15.85 20.05 -40.79
C TYR C 354 16.38 20.96 -39.67
N GLY C 355 17.71 21.06 -39.60
CA GLY C 355 18.34 21.88 -38.57
C GLY C 355 18.85 23.18 -39.14
N GLY C 356 18.71 23.35 -40.44
CA GLY C 356 19.17 24.56 -41.09
C GLY C 356 20.64 24.51 -41.45
N GLY C 357 20.95 23.77 -42.51
CA GLY C 357 22.33 23.63 -42.97
C GLY C 357 22.60 22.19 -43.36
N ASN C 358 23.54 21.98 -44.28
CA ASN C 358 23.88 20.62 -44.71
C ASN C 358 25.35 20.24 -44.62
N ILE C 359 25.66 19.07 -45.16
CA ILE C 359 27.00 18.48 -45.15
C ILE C 359 28.15 19.45 -45.06
N HIS C 360 28.04 20.52 -45.79
CA HIS C 360 29.13 21.51 -45.78
C HIS C 360 29.13 22.27 -44.45
N CYS C 361 27.94 22.68 -44.06
CA CYS C 361 27.73 23.46 -42.84
C CYS C 361 28.15 22.69 -41.57
N ILE C 362 28.40 21.39 -41.71
CA ILE C 362 28.75 20.55 -40.53
C ILE C 362 30.16 19.94 -40.59
N THR C 363 30.95 20.36 -41.55
CA THR C 363 32.33 19.87 -41.69
C THR C 363 33.30 21.04 -41.79
N GLN C 364 34.56 20.68 -41.72
CA GLN C 364 35.67 21.62 -41.80
C GLN C 364 36.95 20.83 -42.03
N GLN C 365 37.51 21.01 -43.21
CA GLN C 365 38.71 20.26 -43.60
C GLN C 365 39.98 21.05 -43.28
N GLN C 366 40.99 20.26 -42.98
CA GLN C 366 42.33 20.74 -42.64
C GLN C 366 43.30 20.39 -43.80
N PRO C 367 43.88 21.39 -44.47
CA PRO C 367 44.82 21.13 -45.59
C PRO C 367 46.08 20.45 -45.11
N ALA C 368 46.45 19.36 -45.79
CA ALA C 368 47.67 18.58 -45.46
C ALA C 368 48.92 19.48 -45.62
N THR C 369 50.08 18.97 -45.22
CA THR C 369 51.29 19.80 -45.26
C THR C 369 52.59 19.10 -45.72
N LEU C 370 53.20 18.37 -44.81
CA LEU C 370 54.57 17.84 -45.01
C LEU C 370 55.46 18.87 -44.33
N ALA D 2 16.01 21.42 8.40
CA ALA D 2 16.22 20.22 7.53
C ALA D 2 17.45 19.45 7.99
N LYS D 3 17.41 18.97 9.24
CA LYS D 3 18.52 18.23 9.81
C LYS D 3 18.36 16.71 9.71
N ARG D 4 19.24 15.98 10.40
CA ARG D 4 19.24 14.52 10.39
C ARG D 4 19.28 13.90 11.77
N ILE D 5 18.17 13.28 12.18
CA ILE D 5 18.14 12.62 13.47
C ILE D 5 19.01 11.39 13.31
N LYS D 6 19.90 11.15 14.27
CA LYS D 6 20.78 10.01 14.13
C LYS D 6 20.97 9.05 15.28
N ASN D 7 20.45 9.37 16.46
CA ASN D 7 20.64 8.46 17.58
C ASN D 7 19.44 7.63 17.98
N THR D 8 18.36 7.76 17.24
CA THR D 8 17.15 7.03 17.55
C THR D 8 16.44 6.62 16.27
N THR D 9 15.49 5.70 16.39
CA THR D 9 14.76 5.22 15.22
C THR D 9 13.29 5.65 15.27
N PRO D 10 12.66 5.78 14.09
CA PRO D 10 11.26 6.19 14.00
C PRO D 10 10.33 5.49 15.00
N LYS D 11 10.60 4.22 15.26
CA LYS D 11 9.78 3.46 16.20
C LYS D 11 9.81 4.11 17.57
N GLN D 12 11.01 4.47 18.03
CA GLN D 12 11.17 5.09 19.32
C GLN D 12 10.67 6.52 19.28
N ASP D 13 10.97 7.21 18.19
CA ASP D 13 10.58 8.61 18.00
C ASP D 13 9.08 8.80 17.79
N GLY D 14 8.36 7.70 17.61
CA GLY D 14 6.93 7.79 17.43
C GLY D 14 6.50 8.23 16.04
N PHE D 15 7.08 7.63 15.00
CA PHE D 15 6.71 7.96 13.63
C PHE D 15 6.41 6.67 12.89
N ARG D 16 5.68 6.76 11.79
CA ARG D 16 5.29 5.59 11.02
C ARG D 16 4.89 5.93 9.59
N MSE D 17 5.40 5.16 8.64
CA MSE D 17 5.05 5.38 7.25
C MSE D 17 3.55 5.13 7.15
O MSE D 17 3.10 3.99 7.34
CB MSE D 17 5.80 4.41 6.33
CG MSE D 17 5.34 4.47 4.88
SE MSE D 17 6.26 3.22 3.67
CE MSE D 17 5.98 4.15 1.97
N PRO D 18 2.75 6.17 6.87
CA PRO D 18 1.30 6.12 6.75
C PRO D 18 0.93 5.45 5.44
N GLY D 19 -0.24 4.84 5.38
CA GLY D 19 -0.67 4.19 4.17
C GLY D 19 -0.72 5.09 2.96
N GLU D 20 -0.28 4.55 1.84
CA GLU D 20 -0.25 5.29 0.57
C GLU D 20 -1.57 6.00 0.30
N PHE D 21 -2.66 5.37 0.71
CA PHE D 21 -4.00 5.90 0.51
C PHE D 21 -4.36 7.08 1.42
N GLU D 22 -3.74 7.16 2.59
CA GLU D 22 -4.02 8.25 3.51
C GLU D 22 -3.88 9.61 2.83
N LYS D 23 -4.37 10.66 3.49
CA LYS D 23 -4.32 12.01 2.93
C LYS D 23 -2.89 12.46 2.70
N GLN D 24 -2.69 13.12 1.57
CA GLN D 24 -1.37 13.57 1.19
C GLN D 24 -1.33 14.96 0.59
N LYS D 25 -0.27 15.71 0.90
CA LYS D 25 -0.09 17.07 0.43
C LYS D 25 0.22 17.22 -1.06
N GLN D 26 1.05 16.32 -1.61
CA GLN D 26 1.42 16.40 -3.02
C GLN D 26 2.17 15.17 -3.48
N ILE D 27 2.65 15.22 -4.70
CA ILE D 27 3.41 14.11 -5.26
C ILE D 27 4.69 14.57 -5.93
N TRP D 28 5.75 13.81 -5.67
CA TRP D 28 7.06 14.10 -6.24
C TRP D 28 7.37 13.14 -7.38
N MSE D 29 7.97 13.66 -8.44
CA MSE D 29 8.40 12.86 -9.58
C MSE D 29 9.54 13.52 -10.37
O MSE D 29 9.59 14.74 -10.54
CB MSE D 29 7.20 12.53 -10.50
CG MSE D 29 6.37 13.70 -11.04
SE MSE D 29 4.87 13.11 -12.21
CE MSE D 29 5.85 12.74 -13.85
N LEU D 30 10.49 12.68 -10.81
CA LEU D 30 11.66 13.14 -11.56
C LEU D 30 11.42 13.38 -13.05
N TRP D 31 12.48 13.35 -13.84
CA TRP D 31 12.36 13.60 -15.28
C TRP D 31 13.34 12.78 -16.09
N PRO D 32 12.84 11.90 -16.96
CA PRO D 32 13.67 11.04 -17.80
C PRO D 32 14.51 11.82 -18.79
N TRP D 33 15.76 11.39 -18.96
CA TRP D 33 16.65 12.07 -19.92
C TRP D 33 17.70 11.19 -20.60
N ARG D 34 18.32 10.26 -19.87
CA ARG D 34 19.38 9.46 -20.48
C ARG D 34 19.01 8.55 -21.64
N ASN D 35 19.79 8.64 -22.72
CA ASN D 35 19.57 7.84 -23.93
C ASN D 35 19.99 6.37 -23.74
N ASP D 36 20.66 6.10 -22.63
CA ASP D 36 21.13 4.76 -22.30
C ASP D 36 19.91 3.89 -22.03
N ASN D 37 18.83 4.50 -21.56
CA ASN D 37 17.63 3.74 -21.24
C ASN D 37 16.36 4.12 -22.00
N TRP D 38 16.17 5.42 -22.28
CA TRP D 38 14.97 5.86 -22.98
C TRP D 38 15.22 6.12 -24.46
N ARG D 39 14.36 5.53 -25.29
CA ARG D 39 14.50 5.68 -26.73
C ARG D 39 14.16 7.06 -27.22
N LEU D 40 14.65 7.38 -28.42
CA LEU D 40 14.41 8.66 -29.04
C LEU D 40 14.70 9.85 -28.11
N GLY D 41 15.93 9.92 -27.61
CA GLY D 41 16.31 11.02 -26.74
C GLY D 41 15.44 11.20 -25.51
N ALA D 42 14.56 10.23 -25.26
CA ALA D 42 13.66 10.25 -24.12
C ALA D 42 12.46 11.18 -24.31
N LYS D 43 12.39 11.80 -25.49
CA LYS D 43 11.30 12.72 -25.80
C LYS D 43 9.93 12.07 -25.54
N PRO D 44 9.73 10.83 -26.02
CA PRO D 44 8.45 10.14 -25.82
C PRO D 44 8.18 9.96 -24.36
N ALA D 45 9.13 9.36 -23.65
CA ALA D 45 8.96 9.10 -22.23
C ALA D 45 8.63 10.39 -21.49
N GLN D 46 9.25 11.49 -21.93
CA GLN D 46 9.01 12.77 -21.29
C GLN D 46 7.53 13.15 -21.39
N LYS D 47 6.99 13.06 -22.60
CA LYS D 47 5.59 13.37 -22.82
C LYS D 47 4.74 12.44 -21.97
N ALA D 48 5.19 11.20 -21.83
CA ALA D 48 4.47 10.22 -21.04
C ALA D 48 4.52 10.66 -19.59
N PHE D 49 5.61 11.29 -19.19
CA PHE D 49 5.74 11.76 -17.82
C PHE D 49 4.89 13.01 -17.63
N LEU D 50 4.89 13.87 -18.66
CA LEU D 50 4.11 15.09 -18.65
C LEU D 50 2.64 14.80 -18.34
N GLU D 51 2.09 13.81 -19.04
CA GLU D 51 0.70 13.41 -18.84
C GLU D 51 0.50 12.90 -17.43
N VAL D 52 1.19 11.80 -17.08
CA VAL D 52 1.05 11.23 -15.74
C VAL D 52 1.14 12.30 -14.67
N ALA D 53 1.78 13.42 -15.02
CA ALA D 53 1.93 14.54 -14.11
C ALA D 53 0.64 15.35 -14.16
N GLU D 54 0.28 15.77 -15.36
CA GLU D 54 -0.93 16.54 -15.55
C GLU D 54 -2.14 15.82 -14.92
N ALA D 55 -2.05 14.50 -14.83
CA ALA D 55 -3.13 13.71 -14.26
C ALA D 55 -3.30 13.95 -12.75
N ILE D 56 -2.18 13.95 -12.03
CA ILE D 56 -2.24 14.16 -10.58
C ILE D 56 -2.80 15.54 -10.32
N SER D 57 -2.57 16.45 -11.28
CA SER D 57 -3.02 17.85 -11.21
C SER D 57 -4.39 18.07 -10.60
N GLU D 58 -5.39 17.36 -11.12
CA GLU D 58 -6.74 17.52 -10.62
C GLU D 58 -7.01 16.96 -9.22
N PHE D 59 -6.01 16.36 -8.58
CA PHE D 59 -6.26 15.79 -7.27
C PHE D 59 -5.45 16.47 -6.17
N GLU D 60 -4.23 16.89 -6.53
CA GLU D 60 -3.30 17.55 -5.61
C GLU D 60 -2.16 18.12 -6.42
N PRO D 61 -1.28 18.89 -5.77
CA PRO D 61 -0.14 19.48 -6.48
C PRO D 61 0.99 18.48 -6.77
N VAL D 62 1.72 18.78 -7.83
CA VAL D 62 2.84 17.96 -8.27
C VAL D 62 4.13 18.74 -8.20
N SER D 63 5.18 18.06 -7.74
CA SER D 63 6.53 18.61 -7.60
C SER D 63 7.42 17.89 -8.59
N LEU D 64 7.51 18.44 -9.79
CA LEU D 64 8.28 17.89 -10.88
C LEU D 64 9.75 18.34 -10.80
N CYS D 65 10.67 17.44 -10.48
CA CYS D 65 12.08 17.81 -10.36
C CYS D 65 12.90 17.46 -11.59
N VAL D 66 13.34 18.44 -12.35
CA VAL D 66 14.11 18.07 -13.53
C VAL D 66 15.55 18.58 -13.56
N PRO D 67 16.46 17.78 -14.13
CA PRO D 67 17.86 18.16 -14.23
C PRO D 67 17.90 19.52 -14.89
N PRO D 68 18.92 20.32 -14.56
CA PRO D 68 19.19 21.67 -15.06
C PRO D 68 19.21 21.81 -16.58
N LEU D 69 19.55 20.73 -17.26
CA LEU D 69 19.64 20.73 -18.72
C LEU D 69 18.31 20.65 -19.47
N GLN D 70 17.30 20.08 -18.81
CA GLN D 70 15.97 19.94 -19.41
C GLN D 70 14.99 20.70 -18.54
N TYR D 71 15.42 21.80 -17.92
CA TYR D 71 14.54 22.57 -17.06
C TYR D 71 13.64 23.50 -17.87
N GLU D 72 14.26 24.44 -18.58
CA GLU D 72 13.52 25.38 -19.42
C GLU D 72 12.46 24.64 -20.20
N ASN D 73 12.82 23.47 -20.71
CA ASN D 73 11.90 22.65 -21.48
C ASN D 73 10.67 22.22 -20.68
N ALA D 74 10.89 21.52 -19.57
CA ALA D 74 9.78 21.04 -18.75
C ALA D 74 8.85 22.15 -18.30
N LEU D 75 9.38 23.33 -18.06
CA LEU D 75 8.59 24.47 -17.62
C LEU D 75 7.76 25.04 -18.77
N ALA D 76 8.30 24.95 -19.98
CA ALA D 76 7.59 25.46 -21.15
C ALA D 76 6.47 24.51 -21.52
N ARG D 77 6.60 23.24 -21.15
CA ARG D 77 5.57 22.26 -21.45
C ARG D 77 4.49 22.21 -20.36
N VAL D 78 4.86 22.51 -19.12
CA VAL D 78 3.89 22.48 -18.03
C VAL D 78 3.03 23.74 -18.00
N SER D 79 3.55 24.81 -18.61
CA SER D 79 2.79 26.06 -18.67
C SER D 79 1.90 25.95 -19.90
N GLU D 80 2.36 25.14 -20.84
CA GLU D 80 1.66 24.89 -22.09
C GLU D 80 0.40 24.07 -21.81
N LEU D 81 0.32 23.49 -20.61
CA LEU D 81 -0.83 22.69 -20.23
C LEU D 81 -1.70 23.46 -19.23
N GLY D 82 -1.71 24.78 -19.37
CA GLY D 82 -2.48 25.62 -18.46
C GLY D 82 -1.67 26.05 -17.25
N SER D 83 -0.86 25.11 -16.73
CA SER D 83 -0.01 25.33 -15.57
C SER D 83 -0.90 25.64 -14.36
N HIS D 84 -1.29 24.58 -13.65
CA HIS D 84 -2.16 24.78 -12.50
C HIS D 84 -1.40 24.72 -11.16
N ASN D 85 -1.30 23.52 -10.60
CA ASN D 85 -0.61 23.36 -9.32
C ASN D 85 0.64 22.48 -9.43
N ILE D 86 1.30 22.57 -10.57
CA ILE D 86 2.51 21.82 -10.84
C ILE D 86 3.71 22.77 -10.79
N ARG D 87 4.67 22.48 -9.91
CA ARG D 87 5.88 23.31 -9.81
C ARG D 87 7.11 22.54 -10.28
N ILE D 88 7.95 23.22 -11.06
CA ILE D 88 9.15 22.60 -11.57
C ILE D 88 10.35 23.04 -10.74
N ILE D 89 10.92 22.14 -9.94
CA ILE D 89 12.10 22.47 -9.13
C ILE D 89 13.32 21.83 -9.78
N GLU D 90 14.43 22.54 -9.78
CA GLU D 90 15.66 22.01 -10.38
C GLU D 90 16.28 20.92 -9.52
N MSE D 91 16.50 19.76 -10.13
CA MSE D 91 17.12 18.64 -9.41
C MSE D 91 17.79 17.65 -10.34
O MSE D 91 17.16 17.19 -11.29
CB MSE D 91 16.09 17.92 -8.56
CG MSE D 91 16.71 16.98 -7.56
SE MSE D 91 15.44 16.27 -6.27
CE MSE D 91 14.55 17.90 -5.70
N THR D 92 19.06 17.32 -10.10
CA THR D 92 19.81 16.36 -10.92
C THR D 92 19.51 14.92 -10.52
N ASN D 93 19.58 14.00 -11.48
CA ASN D 93 19.34 12.57 -11.20
C ASN D 93 19.91 11.77 -12.35
N ASP D 94 20.34 10.56 -12.06
CA ASP D 94 20.90 9.70 -13.09
C ASP D 94 19.79 9.05 -13.90
N ASP D 95 18.63 8.91 -13.27
CA ASP D 95 17.44 8.34 -13.88
C ASP D 95 16.21 8.70 -13.06
N ALA D 96 15.07 8.81 -13.74
CA ALA D 96 13.82 9.20 -13.09
C ALA D 96 13.07 8.08 -12.39
N TRP D 97 13.37 7.84 -11.12
CA TRP D 97 12.69 6.79 -10.35
C TRP D 97 12.50 7.20 -8.87
N ILE D 98 11.98 8.41 -8.71
CA ILE D 98 11.74 8.98 -7.39
C ILE D 98 11.15 7.98 -6.39
N ARG D 99 10.49 6.94 -6.91
CA ARG D 99 9.88 5.94 -6.04
C ARG D 99 10.92 5.20 -5.23
N ASP D 100 12.06 4.93 -5.85
CA ASP D 100 13.11 4.19 -5.17
C ASP D 100 14.11 5.05 -4.43
N CYS D 101 14.87 5.85 -5.18
CA CYS D 101 15.86 6.70 -4.58
C CYS D 101 15.24 7.73 -3.65
N GLY D 102 14.05 8.21 -3.99
CA GLY D 102 13.36 9.21 -3.18
C GLY D 102 13.20 8.96 -1.68
N PRO D 103 12.71 9.94 -0.92
CA PRO D 103 12.53 9.80 0.52
C PRO D 103 11.24 9.08 0.85
N THR D 104 11.25 8.32 1.93
CA THR D 104 10.08 7.58 2.38
C THR D 104 9.64 8.29 3.63
N PHE D 105 8.74 9.26 3.47
CA PHE D 105 8.25 10.07 4.59
C PHE D 105 7.66 9.31 5.80
N LEU D 106 7.52 10.03 6.90
CA LEU D 106 6.99 9.45 8.12
C LEU D 106 6.08 10.48 8.76
N VAL D 107 5.41 10.09 9.84
CA VAL D 107 4.53 11.01 10.52
C VAL D 107 4.33 10.53 11.96
N ASN D 108 4.17 11.47 12.87
CA ASN D 108 3.99 11.16 14.28
C ASN D 108 2.52 11.31 14.69
N ASP D 109 1.69 11.62 13.71
CA ASP D 109 0.26 11.77 13.91
C ASP D 109 -0.03 12.94 14.85
N LYS D 110 0.87 13.91 14.85
CA LYS D 110 0.75 15.07 15.73
C LYS D 110 1.10 16.33 14.95
N GLY D 111 1.25 16.16 13.64
CA GLY D 111 1.58 17.27 12.77
C GLY D 111 2.98 17.23 12.16
N ASP D 112 3.96 16.78 12.95
CA ASP D 112 5.35 16.70 12.50
C ASP D 112 5.52 15.73 11.30
N LEU D 113 6.43 16.08 10.39
CA LEU D 113 6.71 15.25 9.23
C LEU D 113 8.20 14.93 9.17
N ARG D 114 8.52 13.65 9.31
CA ARG D 114 9.90 13.18 9.28
C ARG D 114 10.12 12.38 8.00
N ALA D 115 11.16 11.55 7.95
CA ALA D 115 11.44 10.72 6.77
C ALA D 115 12.59 9.74 6.99
N VAL D 116 12.65 8.70 6.16
CA VAL D 116 13.72 7.73 6.28
C VAL D 116 14.42 7.63 4.94
N ASP D 117 15.69 8.03 4.91
CA ASP D 117 16.46 7.97 3.68
C ASP D 117 17.28 6.69 3.67
N TRP D 118 16.99 5.82 2.69
CA TRP D 118 17.69 4.54 2.56
C TRP D 118 18.91 4.72 1.66
N GLU D 119 19.69 3.66 1.54
CA GLU D 119 20.87 3.69 0.69
C GLU D 119 20.43 3.19 -0.66
N PHE D 120 20.84 3.87 -1.72
CA PHE D 120 20.46 3.47 -3.07
C PHE D 120 21.68 3.05 -3.87
N ASN D 121 21.64 1.88 -4.50
CA ASN D 121 22.78 1.44 -5.28
C ASN D 121 22.41 1.03 -6.70
N ALA D 122 21.33 1.62 -7.22
CA ALA D 122 20.83 1.34 -8.56
C ALA D 122 20.30 -0.09 -8.71
N TRP D 123 19.59 -0.57 -7.69
CA TRP D 123 19.02 -1.91 -7.71
C TRP D 123 20.11 -2.96 -7.87
N GLY D 124 20.97 -3.10 -6.87
CA GLY D 124 22.04 -4.09 -6.96
C GLY D 124 23.42 -3.51 -6.72
N GLY D 125 23.77 -2.48 -7.47
CA GLY D 125 25.07 -1.87 -7.30
C GLY D 125 26.08 -2.31 -8.33
N LEU D 126 27.31 -2.49 -7.88
CA LEU D 126 28.39 -2.93 -8.76
C LEU D 126 28.23 -4.42 -9.02
N VAL D 127 27.29 -5.02 -8.28
CA VAL D 127 27.06 -6.45 -8.42
C VAL D 127 25.96 -6.72 -9.44
N ASP D 128 24.88 -5.95 -9.40
CA ASP D 128 23.80 -6.20 -10.34
C ASP D 128 23.00 -4.95 -10.68
N GLY D 129 23.58 -3.79 -10.41
CA GLY D 129 22.89 -2.55 -10.70
C GLY D 129 22.59 -2.37 -12.18
N LEU D 130 21.54 -1.59 -12.45
CA LEU D 130 21.12 -1.30 -13.82
C LEU D 130 22.13 -0.41 -14.55
N TYR D 131 22.59 0.65 -13.88
CA TYR D 131 23.59 1.55 -14.46
C TYR D 131 24.66 1.82 -13.40
N PHE D 132 25.79 2.44 -13.78
CA PHE D 132 26.84 2.66 -12.79
C PHE D 132 26.81 3.91 -11.93
N PRO D 133 27.07 5.09 -12.52
CA PRO D 133 27.04 6.29 -11.67
C PRO D 133 25.63 6.51 -11.10
N TRP D 134 25.47 6.22 -9.80
CA TRP D 134 24.16 6.36 -9.11
C TRP D 134 24.27 7.30 -7.92
N ASP D 135 25.33 8.10 -7.91
CA ASP D 135 25.60 9.02 -6.84
C ASP D 135 24.66 10.23 -6.83
N GLN D 136 24.22 10.67 -8.00
CA GLN D 136 23.31 11.81 -8.05
C GLN D 136 21.91 11.41 -7.55
N ASP D 137 21.55 10.15 -7.76
CA ASP D 137 20.24 9.65 -7.32
C ASP D 137 20.29 9.50 -5.81
N ALA D 138 21.41 9.04 -5.26
CA ALA D 138 21.51 8.91 -3.82
C ALA D 138 21.43 10.29 -3.16
N LEU D 139 21.38 11.34 -3.96
CA LEU D 139 21.28 12.68 -3.42
C LEU D 139 19.83 13.14 -3.40
N VAL D 140 19.09 12.71 -4.40
CA VAL D 140 17.68 13.06 -4.53
C VAL D 140 16.90 13.02 -3.23
N ALA D 141 16.99 11.93 -2.47
CA ALA D 141 16.24 11.84 -1.20
C ALA D 141 16.59 12.95 -0.20
N ARG D 142 17.88 13.18 0.01
CA ARG D 142 18.33 14.22 0.93
C ARG D 142 17.92 15.59 0.41
N LYS D 143 18.13 15.83 -0.88
CA LYS D 143 17.78 17.11 -1.51
C LYS D 143 16.30 17.47 -1.38
N VAL D 144 15.43 16.51 -1.62
CA VAL D 144 14.01 16.77 -1.52
C VAL D 144 13.57 16.99 -0.05
N CYS D 145 14.26 16.39 0.90
CA CYS D 145 13.89 16.65 2.29
C CYS D 145 14.36 18.04 2.67
N GLU D 146 15.29 18.60 1.92
CA GLU D 146 15.80 19.92 2.27
C GLU D 146 14.88 21.05 1.93
N ILE D 147 14.31 20.98 0.73
CA ILE D 147 13.42 22.02 0.26
C ILE D 147 12.03 21.83 0.80
N GLU D 148 11.89 20.96 1.78
CA GLU D 148 10.58 20.71 2.34
C GLU D 148 10.58 20.93 3.85
N GLY D 149 11.76 21.12 4.40
CA GLY D 149 11.89 21.37 5.83
C GLY D 149 11.46 20.17 6.65
N VAL D 150 12.07 19.03 6.37
CA VAL D 150 11.74 17.79 7.06
C VAL D 150 13.00 16.99 7.35
N ASP D 151 13.21 16.71 8.64
CA ASP D 151 14.36 15.94 9.10
C ASP D 151 14.33 14.54 8.50
N SER D 152 15.41 13.77 8.67
CA SER D 152 15.42 12.44 8.10
C SER D 152 16.30 11.50 8.88
N TYR D 153 16.03 10.20 8.70
CA TYR D 153 16.79 9.14 9.34
C TYR D 153 17.59 8.49 8.23
N LYS D 154 18.87 8.23 8.49
CA LYS D 154 19.73 7.57 7.49
C LYS D 154 20.09 6.14 7.87
N THR D 155 19.60 5.20 7.09
CA THR D 155 19.86 3.78 7.31
C THR D 155 21.22 3.44 6.71
N LYS D 156 22.28 3.71 7.47
CA LYS D 156 23.62 3.45 6.98
C LYS D 156 23.88 1.98 6.68
N ASP D 157 24.42 1.75 5.49
CA ASP D 157 24.76 0.43 4.97
C ASP D 157 23.57 -0.47 4.66
N PHE D 158 22.37 0.10 4.77
CA PHE D 158 21.14 -0.63 4.48
C PHE D 158 20.56 -0.10 3.17
N VAL D 159 20.76 -0.83 2.07
CA VAL D 159 20.25 -0.42 0.77
C VAL D 159 18.85 -0.94 0.45
N LEU D 160 17.87 -0.05 0.47
CA LEU D 160 16.48 -0.40 0.17
C LEU D 160 15.88 0.65 -0.76
N GLU D 161 15.00 0.23 -1.65
CA GLU D 161 14.35 1.17 -2.55
C GLU D 161 12.86 1.25 -2.24
N GLY D 162 12.32 2.46 -2.31
CA GLY D 162 10.91 2.68 -2.02
C GLY D 162 9.93 1.66 -2.59
N GLY D 163 9.91 1.49 -3.91
CA GLY D 163 8.98 0.54 -4.51
C GLY D 163 9.28 -0.92 -4.30
N SER D 164 9.78 -1.31 -3.13
CA SER D 164 10.07 -2.72 -2.85
C SER D 164 9.34 -3.07 -1.56
N ILE D 165 8.55 -2.13 -1.09
CA ILE D 165 7.81 -2.33 0.14
C ILE D 165 6.49 -1.56 0.12
N HIS D 166 5.43 -2.23 0.56
CA HIS D 166 4.10 -1.65 0.65
C HIS D 166 3.62 -1.77 2.07
N VAL D 167 3.05 -0.68 2.59
CA VAL D 167 2.60 -0.63 3.97
C VAL D 167 1.14 -0.24 4.17
N ASP D 168 0.58 -0.70 5.28
CA ASP D 168 -0.78 -0.38 5.65
C ASP D 168 -0.67 0.37 6.98
N GLY D 169 -1.55 1.35 7.18
CA GLY D 169 -1.52 2.14 8.41
C GLY D 169 -0.85 1.50 9.61
N GLU D 170 -1.29 0.31 10.01
CA GLU D 170 -0.73 -0.37 11.19
C GLU D 170 0.36 -1.41 10.97
N GLY D 171 1.26 -1.47 11.95
CA GLY D 171 2.41 -2.38 11.94
C GLY D 171 2.54 -3.54 10.97
N THR D 172 2.43 -3.29 9.68
CA THR D 172 2.56 -4.36 8.72
C THR D 172 3.07 -3.85 7.39
N VAL D 173 3.97 -4.59 6.78
CA VAL D 173 4.52 -4.18 5.49
C VAL D 173 4.59 -5.38 4.56
N LEU D 174 4.57 -5.13 3.26
CA LEU D 174 4.64 -6.19 2.27
C LEU D 174 5.95 -6.17 1.48
N VAL D 175 6.91 -7.00 1.86
CA VAL D 175 8.19 -7.07 1.14
C VAL D 175 8.26 -8.33 0.29
N THR D 176 9.20 -8.37 -0.65
CA THR D 176 9.38 -9.49 -1.56
C THR D 176 10.78 -10.10 -1.37
N GLU D 177 10.89 -11.20 -0.62
CA GLU D 177 12.19 -11.81 -0.34
C GLU D 177 13.11 -12.07 -1.53
N MSE D 178 12.54 -12.28 -2.71
CA MSE D 178 13.36 -12.52 -3.90
C MSE D 178 14.19 -11.26 -4.24
O MSE D 178 15.08 -11.30 -5.10
CB MSE D 178 12.48 -12.89 -5.09
CG MSE D 178 13.25 -13.27 -6.35
SE MSE D 178 12.86 -12.13 -7.88
CE MSE D 178 12.13 -13.49 -9.09
N CYS D 179 13.90 -10.15 -3.56
CA CYS D 179 14.61 -8.90 -3.77
C CYS D 179 15.37 -8.45 -2.53
N LEU D 180 14.67 -8.24 -1.42
CA LEU D 180 15.32 -7.79 -0.19
C LEU D 180 16.44 -8.72 0.27
N LEU D 181 16.40 -9.98 -0.16
CA LEU D 181 17.41 -10.98 0.22
C LEU D 181 18.45 -11.19 -0.86
N HIS D 182 18.17 -10.67 -2.05
CA HIS D 182 19.08 -10.78 -3.19
C HIS D 182 20.50 -10.49 -2.68
N PRO D 183 21.50 -11.20 -3.20
CA PRO D 183 22.88 -10.94 -2.75
C PRO D 183 23.37 -9.51 -3.03
N SER D 184 22.79 -8.83 -4.02
CA SER D 184 23.20 -7.46 -4.36
C SER D 184 22.41 -6.45 -3.56
N ARG D 185 22.05 -6.81 -2.35
CA ARG D 185 21.25 -5.94 -1.50
C ARG D 185 21.31 -6.44 -0.06
N ASN D 186 22.29 -5.98 0.71
CA ASN D 186 22.41 -6.38 2.11
C ASN D 186 22.79 -7.83 2.37
N PRO D 187 23.86 -8.32 1.73
CA PRO D 187 24.29 -9.71 1.94
C PRO D 187 25.10 -9.86 3.23
N HIS D 188 24.99 -8.90 4.12
CA HIS D 188 25.72 -8.96 5.38
C HIS D 188 24.68 -8.97 6.48
N LEU D 189 23.43 -8.84 6.06
CA LEU D 189 22.30 -8.82 6.95
C LEU D 189 21.48 -10.09 6.74
N THR D 190 20.99 -10.68 7.84
CA THR D 190 20.19 -11.89 7.78
C THR D 190 18.73 -11.50 7.59
N LYS D 191 17.90 -12.46 7.20
CA LYS D 191 16.48 -12.19 7.00
C LYS D 191 15.88 -11.70 8.32
N GLU D 192 16.58 -12.00 9.41
CA GLU D 192 16.13 -11.61 10.74
C GLU D 192 16.44 -10.13 10.95
N ASP D 193 17.70 -9.78 10.66
CA ASP D 193 18.20 -8.40 10.78
C ASP D 193 17.34 -7.46 9.93
N ILE D 194 17.16 -7.81 8.67
CA ILE D 194 16.38 -7.02 7.73
C ILE D 194 14.96 -6.73 8.23
N GLU D 195 14.32 -7.72 8.83
CA GLU D 195 12.99 -7.51 9.34
C GLU D 195 13.04 -6.46 10.43
N ASP D 196 14.02 -6.57 11.31
CA ASP D 196 14.16 -5.62 12.41
C ASP D 196 14.24 -4.19 11.89
N LYS D 197 15.08 -3.97 10.87
CA LYS D 197 15.22 -2.65 10.30
C LYS D 197 13.84 -2.16 9.83
N LEU D 198 13.20 -2.94 8.97
CA LEU D 198 11.88 -2.61 8.43
C LEU D 198 10.89 -2.32 9.55
N LYS D 199 11.15 -2.91 10.71
CA LYS D 199 10.27 -2.69 11.83
C LYS D 199 10.63 -1.39 12.54
N ASP D 200 11.89 -0.99 12.48
CA ASP D 200 12.29 0.23 13.17
C ASP D 200 12.10 1.51 12.40
N TYR D 201 12.19 1.43 11.08
CA TYR D 201 12.06 2.62 10.24
C TYR D 201 10.68 2.78 9.59
N LEU D 202 9.84 1.76 9.76
CA LEU D 202 8.48 1.79 9.21
C LEU D 202 7.46 1.69 10.34
N ASN D 203 7.90 1.08 11.44
CA ASN D 203 7.05 0.87 12.61
C ASN D 203 6.04 -0.23 12.32
N CYS D 204 6.52 -1.28 11.66
CA CYS D 204 5.70 -2.42 11.29
C CYS D 204 6.04 -3.61 12.20
N VAL D 205 5.13 -3.95 13.09
CA VAL D 205 5.34 -5.06 14.01
C VAL D 205 5.30 -6.43 13.30
N LYS D 206 4.99 -6.43 12.01
CA LYS D 206 4.94 -7.68 11.25
C LYS D 206 5.29 -7.51 9.78
N VAL D 207 6.09 -8.49 9.23
CA VAL D 207 6.51 -8.37 7.82
C VAL D 207 6.08 -9.63 7.05
N LEU D 208 5.23 -9.39 6.05
CA LEU D 208 4.70 -10.45 5.16
C LEU D 208 5.67 -10.67 3.99
N TRP D 209 6.14 -11.89 3.86
CA TRP D 209 7.15 -12.20 2.85
C TRP D 209 6.59 -12.97 1.64
N VAL D 210 6.17 -12.20 0.64
CA VAL D 210 5.75 -12.77 -0.63
C VAL D 210 6.98 -13.36 -1.20
N LYS D 211 6.84 -14.24 -2.09
CA LYS D 211 8.04 -14.94 -2.35
C LYS D 211 8.60 -15.09 -3.74
N ASP D 212 8.25 -14.36 -4.70
CA ASP D 212 8.91 -14.42 -6.04
C ASP D 212 8.32 -13.21 -6.67
N GLY D 213 8.93 -12.67 -7.66
CA GLY D 213 8.39 -11.45 -8.26
C GLY D 213 8.37 -11.61 -9.77
N ILE D 214 7.73 -10.67 -10.40
CA ILE D 214 7.66 -10.67 -11.87
C ILE D 214 8.75 -9.78 -12.46
N ASP D 215 9.78 -9.53 -11.66
CA ASP D 215 10.92 -8.70 -12.09
C ASP D 215 12.22 -9.49 -11.91
N PRO D 216 12.32 -10.69 -12.53
CA PRO D 216 13.44 -11.63 -12.44
C PRO D 216 14.86 -11.06 -12.28
N TYR D 217 15.28 -10.23 -13.24
CA TYR D 217 16.63 -9.68 -13.19
C TYR D 217 16.83 -8.16 -13.31
N GLU D 218 15.76 -7.38 -13.21
CA GLU D 218 15.91 -5.92 -13.28
C GLU D 218 15.84 -5.34 -11.87
N THR D 219 14.62 -5.09 -11.39
CA THR D 219 14.42 -4.54 -10.06
C THR D 219 14.67 -5.65 -9.05
N ASN D 220 14.81 -6.87 -9.56
CA ASN D 220 15.03 -8.06 -8.75
C ASN D 220 13.79 -8.46 -7.98
N GLY D 221 12.66 -8.34 -8.65
CA GLY D 221 11.40 -8.73 -8.05
C GLY D 221 10.80 -7.81 -6.98
N HIS D 222 10.55 -6.56 -7.33
CA HIS D 222 9.95 -5.63 -6.39
C HIS D 222 8.50 -6.06 -6.17
N ILE D 223 7.94 -5.70 -5.02
CA ILE D 223 6.56 -6.06 -4.69
C ILE D 223 5.54 -5.08 -5.25
N ASP D 224 5.99 -3.88 -5.60
CA ASP D 224 5.09 -2.85 -6.14
C ASP D 224 4.71 -3.16 -7.57
N ASP D 225 4.81 -4.43 -7.94
CA ASP D 225 4.46 -4.88 -9.28
C ASP D 225 3.42 -6.00 -9.18
N VAL D 226 3.46 -6.74 -8.07
CA VAL D 226 2.55 -7.85 -7.88
C VAL D 226 1.36 -7.56 -6.98
N ALA D 227 1.55 -6.78 -5.94
CA ALA D 227 0.47 -6.50 -5.00
C ALA D 227 0.70 -5.24 -4.17
N CYS D 228 -0.26 -4.92 -3.30
CA CYS D 228 -0.19 -3.75 -2.41
C CYS D 228 -1.40 -3.69 -1.49
N PHE D 229 -1.40 -2.69 -0.61
CA PHE D 229 -2.49 -2.49 0.34
C PHE D 229 -3.48 -1.44 -0.17
N ILE D 230 -4.69 -1.87 -0.47
CA ILE D 230 -5.70 -0.93 -0.95
C ILE D 230 -6.48 -0.32 0.20
N ARG D 231 -6.29 -0.88 1.38
CA ARG D 231 -6.95 -0.41 2.59
C ARG D 231 -6.40 -1.28 3.71
N PRO D 232 -6.29 -0.74 4.93
CA PRO D 232 -5.75 -1.55 6.04
C PRO D 232 -6.50 -2.86 6.22
N GLY D 233 -5.96 -3.93 5.66
CA GLY D 233 -6.61 -5.22 5.76
C GLY D 233 -6.88 -5.77 4.36
N GLU D 234 -7.41 -4.93 3.48
CA GLU D 234 -7.69 -5.35 2.11
C GLU D 234 -6.48 -5.00 1.23
N VAL D 235 -6.18 -5.89 0.28
CA VAL D 235 -5.02 -5.70 -0.59
C VAL D 235 -5.35 -5.94 -2.05
N ALA D 236 -4.38 -5.69 -2.91
CA ALA D 236 -4.59 -5.92 -4.33
C ALA D 236 -3.63 -7.03 -4.72
N CYS D 237 -3.78 -7.56 -5.93
CA CYS D 237 -2.91 -8.61 -6.39
C CYS D 237 -3.26 -9.03 -7.80
N ILE D 238 -2.24 -9.16 -8.64
CA ILE D 238 -2.47 -9.59 -10.01
C ILE D 238 -2.90 -11.06 -10.01
N TYR D 239 -3.78 -11.43 -10.94
CA TYR D 239 -4.23 -12.81 -11.03
C TYR D 239 -4.79 -13.17 -12.41
N THR D 240 -4.21 -14.19 -13.03
CA THR D 240 -4.63 -14.67 -14.33
C THR D 240 -4.75 -16.19 -14.27
N ASP D 241 -5.56 -16.77 -15.15
CA ASP D 241 -5.72 -18.21 -15.15
C ASP D 241 -4.98 -18.84 -16.31
N ASP D 242 -4.52 -17.99 -17.21
CA ASP D 242 -3.77 -18.46 -18.38
C ASP D 242 -2.49 -19.14 -17.92
N LYS D 243 -2.49 -20.46 -17.98
CA LYS D 243 -1.35 -21.22 -17.53
C LYS D 243 -0.14 -21.13 -18.46
N GLU D 244 -0.24 -20.25 -19.46
CA GLU D 244 0.85 -20.03 -20.42
C GLU D 244 1.28 -18.56 -20.43
N HIS D 245 0.79 -17.82 -19.43
CA HIS D 245 1.13 -16.41 -19.27
C HIS D 245 2.39 -16.32 -18.41
N PRO D 246 3.39 -15.54 -18.87
CA PRO D 246 4.66 -15.34 -18.15
C PRO D 246 4.58 -15.02 -16.64
N PHE D 247 3.48 -14.41 -16.20
CA PHE D 247 3.32 -14.05 -14.78
C PHE D 247 2.39 -15.02 -14.03
N TYR D 248 1.86 -16.01 -14.74
CA TYR D 248 0.94 -16.98 -14.14
C TYR D 248 1.32 -17.47 -12.75
N GLN D 249 2.29 -18.38 -12.68
CA GLN D 249 2.72 -18.96 -11.40
C GLN D 249 3.13 -17.99 -10.31
N GLU D 250 3.92 -16.97 -10.64
CA GLU D 250 4.34 -16.03 -9.62
C GLU D 250 3.11 -15.35 -9.04
N ALA D 251 2.18 -14.98 -9.92
CA ALA D 251 0.95 -14.30 -9.50
C ALA D 251 0.08 -15.18 -8.63
N LYS D 252 -0.14 -16.42 -9.06
CA LYS D 252 -0.95 -17.33 -8.30
C LYS D 252 -0.25 -17.66 -6.98
N ALA D 253 1.05 -17.93 -7.05
CA ALA D 253 1.87 -18.25 -5.88
C ALA D 253 1.73 -17.14 -4.85
N ALA D 254 1.56 -15.92 -5.36
CA ALA D 254 1.42 -14.75 -4.51
C ALA D 254 0.02 -14.71 -3.92
N TYR D 255 -0.97 -14.95 -4.77
CA TYR D 255 -2.36 -14.94 -4.36
C TYR D 255 -2.62 -15.95 -3.25
N ASP D 256 -2.06 -17.14 -3.40
CA ASP D 256 -2.23 -18.18 -2.40
C ASP D 256 -1.59 -17.74 -1.08
N PHE D 257 -0.44 -17.09 -1.18
CA PHE D 257 0.26 -16.61 -0.01
C PHE D 257 -0.51 -15.50 0.70
N LEU D 258 -0.98 -14.55 -0.10
CA LEU D 258 -1.73 -13.40 0.40
C LEU D 258 -2.99 -13.82 1.14
N SER D 259 -3.86 -14.51 0.41
CA SER D 259 -5.13 -14.99 0.94
C SER D 259 -5.00 -15.82 2.24
N GLN D 260 -3.88 -16.52 2.39
CA GLN D 260 -3.61 -17.34 3.58
C GLN D 260 -2.89 -16.53 4.64
N GLN D 261 -2.73 -15.23 4.40
CA GLN D 261 -2.01 -14.38 5.34
C GLN D 261 -2.82 -13.32 6.05
N THR D 262 -2.50 -13.13 7.34
CA THR D 262 -3.15 -12.14 8.18
C THR D 262 -2.15 -11.03 8.55
N ASP D 263 -2.67 -9.86 8.93
CA ASP D 263 -1.80 -8.75 9.29
C ASP D 263 -1.49 -8.67 10.79
N ALA D 264 -1.05 -7.49 11.21
CA ALA D 264 -0.70 -7.26 12.60
C ALA D 264 -1.91 -7.26 13.51
N LYS D 265 -2.84 -6.34 13.26
CA LYS D 265 -4.03 -6.24 14.10
C LYS D 265 -4.86 -7.52 14.15
N GLY D 266 -4.59 -8.45 13.23
CA GLY D 266 -5.30 -9.72 13.22
C GLY D 266 -6.26 -10.03 12.10
N ARG D 267 -6.92 -9.01 11.54
CA ARG D 267 -7.86 -9.24 10.45
C ARG D 267 -7.27 -9.99 9.28
N PRO D 268 -8.08 -10.80 8.59
CA PRO D 268 -7.59 -11.56 7.43
C PRO D 268 -7.45 -10.60 6.27
N LEU D 269 -6.65 -10.97 5.27
CA LEU D 269 -6.46 -10.09 4.13
C LEU D 269 -7.45 -10.33 3.00
N LYS D 270 -8.41 -9.43 2.89
CA LYS D 270 -9.43 -9.52 1.84
C LYS D 270 -8.74 -9.28 0.51
N VAL D 271 -8.08 -10.30 -0.03
CA VAL D 271 -7.37 -10.20 -1.31
C VAL D 271 -8.25 -9.83 -2.51
N HIS D 272 -7.80 -8.90 -3.35
CA HIS D 272 -8.58 -8.54 -4.53
C HIS D 272 -7.94 -9.12 -5.78
N LYS D 273 -8.49 -8.78 -6.92
CA LYS D 273 -7.94 -9.29 -8.16
C LYS D 273 -7.77 -8.26 -9.26
N MSE D 274 -6.53 -8.10 -9.70
CA MSE D 274 -6.18 -7.18 -10.76
C MSE D 274 -5.92 -8.08 -11.97
O MSE D 274 -5.68 -9.27 -11.80
CB MSE D 274 -4.91 -6.40 -10.40
CG MSE D 274 -4.51 -5.28 -11.38
SE MSE D 274 -5.77 -3.78 -11.44
CE MSE D 274 -5.50 -3.11 -9.63
N CYS D 275 -5.98 -7.54 -13.18
CA CYS D 275 -5.72 -8.34 -14.36
C CYS D 275 -4.34 -8.01 -14.91
N VAL D 276 -3.88 -8.88 -15.80
CA VAL D 276 -2.58 -8.72 -16.46
C VAL D 276 -2.82 -8.56 -17.96
N THR D 277 -1.92 -7.87 -18.66
CA THR D 277 -2.07 -7.69 -20.09
C THR D 277 -2.19 -9.07 -20.76
N LYS D 278 -2.73 -9.09 -21.97
CA LYS D 278 -2.89 -10.34 -22.73
C LYS D 278 -1.83 -10.30 -23.83
N GLU D 279 -1.20 -9.13 -23.98
CA GLU D 279 -0.16 -8.91 -24.97
C GLU D 279 0.93 -8.02 -24.38
N PRO D 280 2.15 -8.57 -24.22
CA PRO D 280 3.28 -7.83 -23.65
C PRO D 280 3.72 -6.66 -24.55
N CYS D 281 4.19 -5.58 -23.94
CA CYS D 281 4.63 -4.42 -24.72
C CYS D 281 5.84 -4.75 -25.58
N TYR D 282 5.69 -4.67 -26.90
CA TYR D 282 6.80 -4.93 -27.81
C TYR D 282 7.63 -3.68 -28.07
N LEU D 283 8.82 -3.66 -27.48
CA LEU D 283 9.75 -2.53 -27.62
C LEU D 283 10.03 -2.26 -29.09
N GLN D 284 9.85 -1.02 -29.50
CA GLN D 284 10.12 -0.63 -30.88
C GLN D 284 11.18 0.45 -30.94
N GLU D 285 11.75 0.63 -32.11
CA GLU D 285 12.79 1.64 -32.33
C GLU D 285 13.91 1.53 -31.29
N ALA D 286 14.29 0.29 -30.95
CA ALA D 286 15.35 0.04 -29.96
C ALA D 286 16.74 0.56 -30.36
N ALA D 287 16.92 0.88 -31.65
CA ALA D 287 18.19 1.37 -32.17
C ALA D 287 18.59 2.74 -31.60
N THR D 288 17.61 3.59 -31.32
CA THR D 288 17.89 4.91 -30.79
C THR D 288 18.29 4.86 -29.33
N ILE D 289 18.52 3.65 -28.81
CA ILE D 289 18.92 3.47 -27.40
C ILE D 289 20.42 3.15 -27.30
N ASP D 290 21.24 4.19 -27.18
CA ASP D 290 22.69 4.02 -27.09
C ASP D 290 23.10 2.88 -26.15
N TYR D 291 24.21 2.22 -26.48
CA TYR D 291 24.73 1.13 -25.68
C TYR D 291 26.16 1.45 -25.20
N VAL D 292 26.40 1.14 -23.93
CA VAL D 292 27.69 1.38 -23.30
C VAL D 292 28.76 0.52 -23.97
N GLU D 300 15.73 -5.61 -30.55
CA GLU D 300 14.46 -4.88 -30.67
C GLU D 300 13.27 -5.84 -30.68
N GLY D 301 12.10 -5.33 -30.28
CA GLY D 301 10.91 -6.16 -30.24
C GLY D 301 10.87 -7.02 -28.99
N GLU D 302 11.84 -6.85 -28.12
CA GLU D 302 11.92 -7.63 -26.88
C GLU D 302 10.79 -7.18 -25.93
N MSE D 303 10.25 -8.13 -25.19
CA MSE D 303 9.16 -7.85 -24.26
C MSE D 303 9.60 -7.04 -23.07
O MSE D 303 10.73 -7.16 -22.60
CB MSE D 303 8.51 -9.15 -23.78
CG MSE D 303 8.03 -10.06 -24.92
SE MSE D 303 8.65 -11.94 -24.71
CE MSE D 303 10.33 -11.85 -25.77
N ALA D 304 8.69 -6.20 -22.58
CA ALA D 304 8.92 -5.35 -21.42
C ALA D 304 7.72 -5.46 -20.48
N ILE D 305 7.98 -5.52 -19.18
CA ILE D 305 6.93 -5.63 -18.18
C ILE D 305 5.85 -4.56 -18.38
N ALA D 306 4.61 -4.91 -18.08
CA ALA D 306 3.46 -3.99 -18.18
C ALA D 306 2.41 -4.48 -17.17
N SER D 307 2.51 -4.03 -15.93
CA SER D 307 1.61 -4.43 -14.86
C SER D 307 0.64 -3.32 -14.47
N TYR D 308 -0.64 -3.67 -14.26
CA TYR D 308 -1.66 -2.69 -13.90
C TYR D 308 -1.60 -2.39 -12.40
N LEU D 309 -0.84 -3.21 -11.67
CA LEU D 309 -0.69 -3.03 -10.24
C LEU D 309 0.17 -1.81 -9.96
N ASN D 310 0.78 -1.29 -11.02
CA ASN D 310 1.64 -0.10 -10.92
C ASN D 310 0.80 1.17 -10.99
N PHE D 311 -0.04 1.36 -9.98
CA PHE D 311 -0.89 2.54 -9.94
C PHE D 311 -0.59 3.39 -8.70
N LEU D 312 -0.81 4.69 -8.80
CA LEU D 312 -0.55 5.58 -7.68
C LEU D 312 -1.87 5.88 -6.99
N ILE D 313 -1.85 5.89 -5.66
CA ILE D 313 -3.02 6.16 -4.85
C ILE D 313 -3.00 7.56 -4.24
N VAL D 314 -3.45 8.57 -4.99
CA VAL D 314 -3.49 9.92 -4.45
C VAL D 314 -4.79 9.98 -3.62
N ASN D 315 -5.07 11.13 -3.01
CA ASN D 315 -6.30 11.26 -2.25
C ASN D 315 -7.41 11.69 -3.20
N GLY D 316 -8.51 10.94 -3.18
CA GLY D 316 -9.64 11.23 -4.05
C GLY D 316 -9.38 10.96 -5.53
N GLY D 317 -8.46 10.05 -5.83
CA GLY D 317 -8.16 9.74 -7.22
C GLY D 317 -7.16 8.62 -7.42
N ILE D 318 -7.16 8.03 -8.61
CA ILE D 318 -6.24 6.94 -8.93
C ILE D 318 -5.67 7.19 -10.31
N ILE D 319 -4.36 6.97 -10.42
CA ILE D 319 -3.69 7.16 -11.70
C ILE D 319 -3.28 5.75 -12.10
N LEU D 320 -3.94 5.22 -13.12
CA LEU D 320 -3.68 3.87 -13.59
C LEU D 320 -3.09 3.81 -15.00
N PRO D 321 -2.19 2.85 -15.23
CA PRO D 321 -1.54 2.68 -16.54
C PRO D 321 -2.46 2.06 -17.59
N GLN D 322 -2.36 2.56 -18.82
CA GLN D 322 -3.17 2.07 -19.94
C GLN D 322 -2.25 1.81 -21.13
N TYR D 323 -1.74 0.59 -21.21
CA TYR D 323 -0.82 0.20 -22.29
C TYR D 323 -1.48 0.01 -23.66
N GLY D 324 -2.80 -0.11 -23.67
CA GLY D 324 -3.48 -0.32 -24.94
C GLY D 324 -3.56 -1.82 -25.17
N ASP D 325 -3.82 -2.52 -24.08
CA ASP D 325 -3.95 -3.98 -24.06
C ASP D 325 -5.41 -4.36 -24.16
N GLU D 326 -5.65 -5.66 -24.32
CA GLU D 326 -6.99 -6.22 -24.43
C GLU D 326 -7.69 -6.13 -23.07
N ASN D 327 -7.01 -6.58 -22.03
CA ASN D 327 -7.56 -6.53 -20.68
C ASN D 327 -7.29 -5.17 -20.04
N ASP D 328 -7.34 -4.12 -20.86
CA ASP D 328 -7.09 -2.75 -20.40
C ASP D 328 -8.31 -2.14 -19.70
N GLN D 329 -9.41 -2.01 -20.42
CA GLN D 329 -10.63 -1.42 -19.87
C GLN D 329 -11.07 -2.18 -18.63
N LEU D 330 -10.71 -3.46 -18.57
CA LEU D 330 -11.06 -4.30 -17.42
C LEU D 330 -10.31 -3.84 -16.18
N ALA D 331 -9.06 -3.42 -16.37
CA ALA D 331 -8.22 -2.94 -15.29
C ALA D 331 -8.85 -1.73 -14.63
N LYS D 332 -9.31 -0.79 -15.47
CA LYS D 332 -9.94 0.43 -14.97
C LYS D 332 -11.22 0.10 -14.20
N GLN D 333 -11.90 -0.98 -14.61
CA GLN D 333 -13.12 -1.44 -13.97
C GLN D 333 -12.78 -2.05 -12.62
N GLN D 334 -11.80 -2.95 -12.64
CA GLN D 334 -11.39 -3.62 -11.41
C GLN D 334 -10.97 -2.63 -10.33
N VAL D 335 -10.06 -1.71 -10.68
CA VAL D 335 -9.55 -0.69 -9.74
C VAL D 335 -10.69 0.16 -9.21
N GLN D 336 -11.70 0.36 -10.06
CA GLN D 336 -12.88 1.14 -9.73
C GLN D 336 -13.61 0.50 -8.55
N GLU D 337 -13.72 -0.83 -8.59
CA GLU D 337 -14.38 -1.62 -7.54
C GLU D 337 -13.70 -1.35 -6.20
N MSE D 338 -12.38 -1.56 -6.19
CA MSE D 338 -11.55 -1.37 -5.00
C MSE D 338 -11.74 0.02 -4.39
O MSE D 338 -12.05 0.16 -3.20
CB MSE D 338 -10.09 -1.55 -5.37
CG MSE D 338 -9.82 -2.81 -6.17
SE MSE D 338 -8.06 -2.82 -7.01
CE MSE D 338 -7.57 -4.70 -6.75
N PHE D 339 -11.56 1.05 -5.19
CA PHE D 339 -11.72 2.40 -4.70
C PHE D 339 -12.93 3.06 -5.36
N PRO D 340 -14.14 2.74 -4.85
CA PRO D 340 -15.38 3.29 -5.39
C PRO D 340 -15.47 4.80 -5.23
N ASP D 341 -15.15 5.27 -4.04
CA ASP D 341 -15.19 6.70 -3.75
C ASP D 341 -13.87 7.38 -4.16
N ARG D 342 -13.40 7.08 -5.35
CA ARG D 342 -12.16 7.66 -5.87
C ARG D 342 -12.20 7.72 -7.39
N LYS D 343 -12.11 8.90 -7.96
CA LYS D 343 -12.13 9.01 -9.42
C LYS D 343 -10.88 8.34 -10.01
N VAL D 344 -11.08 7.43 -10.93
CA VAL D 344 -9.96 6.75 -11.54
C VAL D 344 -9.64 7.37 -12.90
N VAL D 345 -8.35 7.68 -13.12
CA VAL D 345 -7.88 8.25 -14.38
C VAL D 345 -6.81 7.32 -14.95
N GLY D 346 -6.75 7.20 -16.27
CA GLY D 346 -5.76 6.33 -16.88
C GLY D 346 -4.96 7.05 -17.95
N VAL D 347 -3.65 6.77 -18.00
CA VAL D 347 -2.77 7.41 -18.99
C VAL D 347 -1.87 6.39 -19.73
N ARG D 348 -1.54 6.70 -20.98
CA ARG D 348 -0.70 5.84 -21.79
C ARG D 348 0.74 5.82 -21.27
N THR D 349 0.94 5.21 -20.10
CA THR D 349 2.26 5.12 -19.47
C THR D 349 3.01 3.89 -19.98
N GLU D 350 2.66 3.48 -21.20
CA GLU D 350 3.28 2.35 -21.85
C GLU D 350 4.69 2.74 -22.29
N GLU D 351 4.85 3.99 -22.70
CA GLU D 351 6.14 4.50 -23.18
C GLU D 351 7.22 4.48 -22.09
N ILE D 352 6.81 4.51 -20.83
CA ILE D 352 7.76 4.48 -19.73
C ILE D 352 7.94 3.03 -19.27
N ALA D 353 7.02 2.17 -19.67
CA ALA D 353 7.11 0.76 -19.32
C ALA D 353 8.24 0.14 -20.13
N TYR D 354 8.70 0.88 -21.14
CA TYR D 354 9.81 0.42 -21.96
C TYR D 354 11.13 0.70 -21.23
N GLY D 355 11.02 1.38 -20.09
CA GLY D 355 12.20 1.72 -19.31
C GLY D 355 12.33 0.85 -18.09
N GLY D 356 11.35 -0.03 -17.88
CA GLY D 356 11.38 -0.92 -16.74
C GLY D 356 10.81 -0.29 -15.49
N GLY D 357 9.47 -0.18 -15.45
CA GLY D 357 8.79 0.41 -14.31
C GLY D 357 7.67 1.29 -14.78
N ASN D 358 6.63 1.46 -13.96
CA ASN D 358 5.50 2.31 -14.34
C ASN D 358 5.13 3.40 -13.35
N ILE D 359 4.00 4.05 -13.63
CA ILE D 359 3.47 5.17 -12.84
C ILE D 359 3.88 5.19 -11.38
N HIS D 360 3.84 4.04 -10.76
CA HIS D 360 4.19 3.99 -9.34
C HIS D 360 5.70 4.18 -9.15
N CYS D 361 6.44 3.47 -10.00
CA CYS D 361 7.90 3.49 -9.96
C CYS D 361 8.49 4.89 -10.25
N ILE D 362 7.64 5.81 -10.72
CA ILE D 362 8.13 7.17 -11.08
C ILE D 362 7.51 8.31 -10.23
N THR D 363 6.80 7.94 -9.18
CA THR D 363 6.20 8.95 -8.29
C THR D 363 6.56 8.65 -6.84
N GLN D 364 6.22 9.60 -6.01
CA GLN D 364 6.48 9.53 -4.56
C GLN D 364 5.64 10.62 -3.90
N GLN D 365 4.66 10.18 -3.14
CA GLN D 365 3.74 11.11 -2.48
C GLN D 365 4.21 11.44 -1.06
N GLN D 366 3.88 12.66 -0.70
CA GLN D 366 4.17 13.25 0.61
C GLN D 366 2.87 13.39 1.41
N PRO D 367 2.74 12.69 2.56
CA PRO D 367 1.52 12.78 3.39
C PRO D 367 1.34 14.16 3.97
N ALA D 368 0.14 14.72 3.81
CA ALA D 368 -0.21 16.07 4.35
C ALA D 368 -0.07 16.06 5.88
N THR D 369 -0.19 17.23 6.50
CA THR D 369 0.00 17.31 7.96
C THR D 369 -0.97 18.23 8.74
N LEU D 370 -0.70 19.51 8.69
CA LEU D 370 -1.37 20.49 9.57
C LEU D 370 -0.40 20.65 10.74
N ALA E 2 13.07 -43.98 48.64
CA ALA E 2 13.47 -45.22 47.91
C ALA E 2 15.00 -45.35 47.90
N LYS E 3 15.59 -45.44 49.09
CA LYS E 3 17.03 -45.55 49.22
C LYS E 3 17.53 -46.99 49.38
N ARG E 4 18.80 -47.14 49.72
CA ARG E 4 19.42 -48.46 49.86
C ARG E 4 20.20 -48.60 51.17
N ILE E 5 19.68 -49.42 52.07
CA ILE E 5 20.38 -49.66 53.33
C ILE E 5 21.59 -50.50 52.95
N LYS E 6 22.75 -50.13 53.47
CA LYS E 6 23.93 -50.89 53.11
C LYS E 6 24.90 -51.36 54.18
N ASN E 7 24.72 -50.91 55.42
CA ASN E 7 25.66 -51.34 56.44
C ASN E 7 25.15 -52.38 57.42
N THR E 8 23.93 -52.86 57.20
CA THR E 8 23.35 -53.85 58.08
C THR E 8 22.50 -54.82 57.28
N THR E 9 22.15 -55.93 57.91
CA THR E 9 21.35 -56.95 57.23
C THR E 9 19.96 -57.06 57.84
N PRO E 10 18.96 -57.49 57.04
CA PRO E 10 17.59 -57.63 57.51
C PRO E 10 17.45 -58.30 58.87
N LYS E 11 18.32 -59.27 59.16
CA LYS E 11 18.28 -59.98 60.44
C LYS E 11 18.49 -58.99 61.57
N GLN E 12 19.49 -58.13 61.43
CA GLN E 12 19.80 -57.13 62.45
C GLN E 12 18.75 -56.05 62.45
N ASP E 13 18.33 -55.64 61.25
CA ASP E 13 17.33 -54.58 61.10
C ASP E 13 15.92 -54.99 61.52
N GLY E 14 15.74 -56.28 61.80
CA GLY E 14 14.45 -56.76 62.23
C GLY E 14 13.42 -56.89 61.11
N PHE E 15 13.82 -57.52 60.01
CA PHE E 15 12.90 -57.74 58.89
C PHE E 15 12.96 -59.21 58.52
N ARG E 16 11.93 -59.69 57.83
CA ARG E 16 11.85 -61.09 57.45
C ARG E 16 10.89 -61.33 56.30
N MSE E 17 11.32 -62.12 55.32
CA MSE E 17 10.46 -62.44 54.19
C MSE E 17 9.29 -63.21 54.78
O MSE E 17 9.46 -64.34 55.28
CB MSE E 17 11.19 -63.30 53.17
CG MSE E 17 10.29 -63.83 52.06
SE MSE E 17 11.19 -64.96 50.73
CE MSE E 17 9.98 -64.71 49.21
N PRO E 18 8.07 -62.63 54.75
CA PRO E 18 6.84 -63.23 55.26
C PRO E 18 6.37 -64.31 54.31
N GLY E 19 5.64 -65.28 54.84
CA GLY E 19 5.15 -66.37 54.02
C GLY E 19 4.31 -65.91 52.83
N GLU E 20 4.53 -66.57 51.70
CA GLU E 20 3.81 -66.25 50.48
C GLU E 20 2.30 -66.15 50.71
N PHE E 21 1.80 -66.98 51.62
CA PHE E 21 0.39 -67.02 51.95
C PHE E 21 -0.12 -65.83 52.77
N GLU E 22 0.77 -65.22 53.55
CA GLU E 22 0.37 -64.07 54.36
C GLU E 22 -0.33 -63.01 53.53
N LYS E 23 -0.97 -62.05 54.21
CA LYS E 23 -1.70 -60.98 53.52
C LYS E 23 -0.78 -60.15 52.66
N GLN E 24 -1.28 -59.82 51.47
CA GLN E 24 -0.49 -59.06 50.52
C GLN E 24 -1.28 -57.98 49.80
N LYS E 25 -0.61 -56.85 49.55
CA LYS E 25 -1.21 -55.71 48.87
C LYS E 25 -1.51 -55.89 47.39
N GLN E 26 -0.62 -56.56 46.65
CA GLN E 26 -0.83 -56.76 45.21
C GLN E 26 0.18 -57.73 44.64
N ILE E 27 0.14 -57.87 43.33
CA ILE E 27 1.07 -58.75 42.64
C ILE E 27 1.71 -58.09 41.44
N TRP E 28 3.01 -58.32 41.30
CA TRP E 28 3.79 -57.78 40.21
C TRP E 28 4.07 -58.85 39.16
N MSE E 29 4.00 -58.47 37.89
CA MSE E 29 4.31 -59.37 36.78
C MSE E 29 4.72 -58.61 35.51
O MSE E 29 4.17 -57.55 35.19
CB MSE E 29 3.14 -60.34 36.51
CG MSE E 29 1.76 -59.73 36.24
SE MSE E 29 0.36 -61.12 35.90
CE MSE E 29 0.78 -61.57 34.05
N LEU E 30 5.72 -59.15 34.81
CA LEU E 30 6.24 -58.54 33.59
C LEU E 30 5.43 -58.83 32.32
N TRP E 31 6.06 -58.71 31.16
CA TRP E 31 5.36 -58.95 29.90
C TRP E 31 6.26 -59.57 28.85
N PRO E 32 5.92 -60.77 28.39
CA PRO E 32 6.71 -61.49 27.39
C PRO E 32 6.73 -60.80 26.04
N TRP E 33 7.91 -60.78 25.41
CA TRP E 33 8.03 -60.14 24.10
C TRP E 33 9.05 -60.76 23.14
N ARG E 34 10.22 -61.16 23.64
CA ARG E 34 11.25 -61.68 22.73
C ARG E 34 10.93 -62.96 21.95
N ASN E 35 11.18 -62.91 20.65
CA ASN E 35 10.94 -64.04 19.75
C ASN E 35 11.98 -65.16 19.92
N ASP E 36 13.05 -64.85 20.66
CA ASP E 36 14.12 -65.81 20.92
C ASP E 36 13.58 -66.92 21.78
N ASN E 37 12.56 -66.62 22.59
CA ASN E 37 12.00 -67.62 23.48
C ASN E 37 10.51 -67.93 23.29
N TRP E 38 9.70 -66.92 22.97
CA TRP E 38 8.27 -67.15 22.80
C TRP E 38 7.87 -67.25 21.34
N ARG E 39 7.12 -68.30 21.02
CA ARG E 39 6.69 -68.53 19.65
C ARG E 39 5.63 -67.55 19.20
N LEU E 40 5.50 -67.44 17.88
CA LEU E 40 4.53 -66.55 17.27
C LEU E 40 4.58 -65.13 17.84
N GLY E 41 5.75 -64.49 17.76
CA GLY E 41 5.88 -63.13 18.24
C GLY E 41 5.49 -62.93 19.69
N ALA E 42 5.27 -64.03 20.40
CA ALA E 42 4.90 -64.00 21.82
C ALA E 42 3.42 -63.64 22.04
N LYS E 43 2.70 -63.44 20.94
CA LYS E 43 1.28 -63.09 21.02
C LYS E 43 0.51 -64.06 21.91
N PRO E 44 0.71 -65.39 21.72
CA PRO E 44 0.01 -66.38 22.52
C PRO E 44 0.36 -66.23 23.97
N ALA E 45 1.65 -66.23 24.28
CA ALA E 45 2.10 -66.12 25.65
C ALA E 45 1.53 -64.87 26.30
N GLN E 46 1.42 -63.80 25.51
CA GLN E 46 0.88 -62.55 26.03
C GLN E 46 -0.55 -62.75 26.53
N LYS E 47 -1.37 -63.37 25.69
CA LYS E 47 -2.76 -63.64 26.04
C LYS E 47 -2.77 -64.53 27.29
N ALA E 48 -1.83 -65.44 27.37
CA ALA E 48 -1.72 -66.34 28.50
C ALA E 48 -1.39 -65.52 29.73
N PHE E 49 -0.60 -64.46 29.54
CA PHE E 49 -0.24 -63.60 30.67
C PHE E 49 -1.43 -62.74 31.04
N LEU E 50 -2.14 -62.26 30.02
CA LEU E 50 -3.32 -61.44 30.21
C LEU E 50 -4.31 -62.12 31.15
N GLU E 51 -4.59 -63.40 30.88
CA GLU E 51 -5.52 -64.17 31.70
C GLU E 51 -4.96 -64.30 33.10
N VAL E 52 -3.81 -64.94 33.25
CA VAL E 52 -3.22 -65.12 34.58
C VAL E 52 -3.24 -63.82 35.38
N ALA E 53 -3.30 -62.71 34.66
CA ALA E 53 -3.37 -61.39 35.28
C ALA E 53 -4.81 -61.13 35.69
N GLU E 54 -5.69 -61.22 34.73
CA GLU E 54 -7.10 -61.01 34.97
C GLU E 54 -7.59 -61.89 36.14
N ALA E 55 -6.91 -63.01 36.35
CA ALA E 55 -7.28 -63.93 37.41
C ALA E 55 -7.01 -63.35 38.80
N ILE E 56 -5.84 -62.76 38.98
CA ILE E 56 -5.48 -62.18 40.26
C ILE E 56 -6.46 -61.06 40.58
N SER E 57 -6.99 -60.44 39.52
CA SER E 57 -7.94 -59.33 39.60
C SER E 57 -8.98 -59.44 40.71
N GLU E 58 -9.67 -60.56 40.75
CA GLU E 58 -10.71 -60.75 41.75
C GLU E 58 -10.21 -60.95 43.19
N PHE E 59 -8.91 -60.96 43.40
CA PHE E 59 -8.41 -61.17 44.75
C PHE E 59 -7.66 -59.97 45.31
N GLU E 60 -6.95 -59.28 44.42
CA GLU E 60 -6.15 -58.11 44.77
C GLU E 60 -5.72 -57.42 43.49
N PRO E 61 -5.09 -56.25 43.60
CA PRO E 61 -4.63 -55.52 42.41
C PRO E 61 -3.36 -56.11 41.79
N VAL E 62 -3.23 -55.89 40.49
CA VAL E 62 -2.09 -56.36 39.73
C VAL E 62 -1.33 -55.19 39.14
N SER E 63 0.00 -55.30 39.20
CA SER E 63 0.93 -54.30 38.67
C SER E 63 1.66 -54.93 37.48
N LEU E 64 1.08 -54.75 36.31
CA LEU E 64 1.59 -55.28 35.07
C LEU E 64 2.65 -54.35 34.46
N CYS E 65 3.92 -54.74 34.46
CA CYS E 65 4.98 -53.89 33.92
C CYS E 65 5.40 -54.27 32.52
N VAL E 66 5.08 -53.45 31.52
CA VAL E 66 5.48 -53.84 30.18
C VAL E 66 6.45 -52.89 29.49
N PRO E 67 7.36 -53.46 28.68
CA PRO E 67 8.34 -52.66 27.95
C PRO E 67 7.57 -51.63 27.18
N PRO E 68 8.17 -50.45 26.94
CA PRO E 68 7.65 -49.29 26.22
C PRO E 68 7.10 -49.60 24.84
N LEU E 69 7.62 -50.64 24.20
CA LEU E 69 7.20 -51.03 22.85
C LEU E 69 5.87 -51.77 22.77
N GLN E 70 5.49 -52.44 23.85
CA GLN E 70 4.24 -53.19 23.90
C GLN E 70 3.38 -52.61 25.01
N TYR E 71 3.48 -51.31 25.24
CA TYR E 71 2.70 -50.67 26.30
C TYR E 71 1.27 -50.38 25.84
N GLU E 72 1.15 -49.53 24.83
CA GLU E 72 -0.16 -49.18 24.29
C GLU E 72 -1.00 -50.44 24.12
N ASN E 73 -0.37 -51.51 23.65
CA ASN E 73 -1.04 -52.78 23.45
C ASN E 73 -1.61 -53.36 24.75
N ALA E 74 -0.75 -53.59 25.73
CA ALA E 74 -1.18 -54.18 27.00
C ALA E 74 -2.30 -53.38 27.67
N LEU E 75 -2.27 -52.07 27.50
CA LEU E 75 -3.28 -51.21 28.11
C LEU E 75 -4.61 -51.31 27.36
N ALA E 76 -4.54 -51.55 26.06
CA ALA E 76 -5.74 -51.67 25.24
C ALA E 76 -6.39 -53.01 25.51
N ARG E 77 -5.60 -53.99 25.94
CA ARG E 77 -6.15 -55.31 26.23
C ARG E 77 -6.66 -55.42 27.67
N VAL E 78 -6.06 -54.67 28.59
CA VAL E 78 -6.48 -54.73 29.99
C VAL E 78 -7.74 -53.89 30.22
N SER E 79 -7.98 -52.92 29.34
CA SER E 79 -9.17 -52.09 29.46
C SER E 79 -10.28 -52.84 28.74
N GLU E 80 -9.86 -53.68 27.79
CA GLU E 80 -10.76 -54.50 27.01
C GLU E 80 -11.37 -55.59 27.89
N LEU E 81 -10.78 -55.79 29.07
CA LEU E 81 -11.27 -56.80 30.00
C LEU E 81 -11.98 -56.13 31.18
N GLY E 82 -12.61 -54.99 30.90
CA GLY E 82 -13.30 -54.25 31.94
C GLY E 82 -12.40 -53.25 32.62
N SER E 83 -11.14 -53.65 32.85
CA SER E 83 -10.14 -52.82 33.52
C SER E 83 -10.61 -52.53 34.94
N HIS E 84 -10.24 -53.40 35.87
CA HIS E 84 -10.66 -53.20 37.25
C HIS E 84 -9.54 -52.61 38.12
N ASN E 85 -8.75 -53.48 38.74
CA ASN E 85 -7.67 -53.03 39.61
C ASN E 85 -6.27 -53.41 39.09
N ILE E 86 -6.16 -53.44 37.76
CA ILE E 86 -4.91 -53.76 37.10
C ILE E 86 -4.30 -52.48 36.51
N ARG E 87 -3.08 -52.15 36.93
CA ARG E 87 -2.39 -50.96 36.41
C ARG E 87 -1.19 -51.36 35.55
N ILE E 88 -1.05 -50.69 34.42
CA ILE E 88 0.05 -50.96 33.51
C ILE E 88 1.14 -49.92 33.70
N ILE E 89 2.28 -50.29 34.29
CA ILE E 89 3.40 -49.36 34.46
C ILE E 89 4.47 -49.70 33.44
N GLU E 90 5.11 -48.66 32.88
CA GLU E 90 6.14 -48.89 31.88
C GLU E 90 7.43 -49.41 32.51
N MSE E 91 7.92 -50.55 32.02
CA MSE E 91 9.15 -51.12 32.53
C MSE E 91 9.82 -52.04 31.53
O MSE E 91 9.17 -52.93 31.00
CB MSE E 91 8.89 -51.88 33.81
CG MSE E 91 10.15 -52.22 34.56
SE MSE E 91 9.83 -52.94 36.35
CE MSE E 91 8.59 -51.62 37.04
N THR E 92 11.11 -51.82 31.25
CA THR E 92 11.87 -52.66 30.30
C THR E 92 12.39 -53.93 30.96
N ASN E 93 12.52 -55.01 30.19
CA ASN E 93 13.02 -56.28 30.69
C ASN E 93 13.45 -57.13 29.52
N ASP E 94 14.44 -57.97 29.75
CA ASP E 94 14.92 -58.85 28.68
C ASP E 94 14.01 -60.05 28.51
N ASP E 95 13.31 -60.39 29.59
CA ASP E 95 12.35 -61.48 29.61
C ASP E 95 11.46 -61.35 30.82
N ALA E 96 10.22 -61.84 30.69
CA ALA E 96 9.22 -61.76 31.76
C ALA E 96 9.32 -62.81 32.85
N TRP E 97 10.12 -62.56 33.88
CA TRP E 97 10.26 -63.52 34.99
C TRP E 97 10.43 -62.79 36.34
N ILE E 98 9.52 -61.85 36.58
CA ILE E 98 9.53 -61.05 37.79
C ILE E 98 9.81 -61.88 39.05
N ARG E 99 9.52 -63.16 39.00
CA ARG E 99 9.74 -64.04 40.15
C ARG E 99 11.20 -64.11 40.52
N ASP E 100 12.06 -64.12 39.52
CA ASP E 100 13.49 -64.22 39.77
C ASP E 100 14.21 -62.90 39.90
N CYS E 101 14.24 -62.14 38.81
CA CYS E 101 14.90 -60.86 38.83
C CYS E 101 14.26 -59.89 39.80
N GLY E 102 12.94 -59.98 39.94
CA GLY E 102 12.20 -59.08 40.85
C GLY E 102 12.69 -58.94 42.28
N PRO E 103 12.12 -58.01 43.06
CA PRO E 103 12.51 -57.80 44.45
C PRO E 103 11.85 -58.80 45.37
N THR E 104 12.56 -59.16 46.44
CA THR E 104 12.06 -60.11 47.42
C THR E 104 11.80 -59.26 48.65
N PHE E 105 10.58 -58.76 48.77
CA PHE E 105 10.21 -57.89 49.89
C PHE E 105 10.45 -58.43 51.31
N LEU E 106 10.40 -57.52 52.27
CA LEU E 106 10.62 -57.88 53.66
C LEU E 106 9.63 -57.08 54.50
N VAL E 107 9.61 -57.36 55.80
CA VAL E 107 8.70 -56.65 56.68
C VAL E 107 9.24 -56.75 58.11
N ASN E 108 9.00 -55.69 58.89
CA ASN E 108 9.46 -55.65 60.27
C ASN E 108 8.31 -55.89 61.23
N ASP E 109 7.14 -56.19 60.67
CA ASP E 109 5.95 -56.49 61.45
C ASP E 109 5.52 -55.29 62.27
N LYS E 110 5.87 -54.11 61.78
CA LYS E 110 5.55 -52.86 62.48
C LYS E 110 5.04 -51.84 61.49
N GLY E 111 4.79 -52.30 60.26
CA GLY E 111 4.30 -51.44 59.21
C GLY E 111 5.28 -51.18 58.06
N ASP E 112 6.55 -51.01 58.40
CA ASP E 112 7.60 -50.73 57.43
C ASP E 112 7.76 -51.86 56.40
N LEU E 113 8.06 -51.50 55.15
CA LEU E 113 8.25 -52.47 54.08
C LEU E 113 9.62 -52.26 53.43
N ARG E 114 10.49 -53.25 53.57
CA ARG E 114 11.84 -53.20 53.02
C ARG E 114 11.92 -54.20 51.86
N ALA E 115 13.13 -54.61 51.49
CA ALA E 115 13.32 -55.58 50.41
C ALA E 115 14.78 -56.00 50.23
N VAL E 116 15.00 -57.14 49.58
CA VAL E 116 16.36 -57.61 49.35
C VAL E 116 16.53 -57.84 47.86
N ASP E 117 17.41 -57.05 47.24
CA ASP E 117 17.66 -57.17 45.81
C ASP E 117 18.89 -58.04 45.60
N TRP E 118 18.70 -59.19 44.96
CA TRP E 118 19.79 -60.13 44.70
C TRP E 118 20.43 -59.79 43.36
N GLU E 119 21.50 -60.52 43.04
CA GLU E 119 22.17 -60.31 41.77
C GLU E 119 21.56 -61.30 40.81
N PHE E 120 21.26 -60.85 39.60
CA PHE E 120 20.65 -61.72 38.60
C PHE E 120 21.59 -61.91 37.41
N ASN E 121 21.84 -63.15 37.00
CA ASN E 121 22.72 -63.36 35.86
C ASN E 121 22.10 -64.27 34.81
N ALA E 122 20.77 -64.24 34.73
CA ALA E 122 20.02 -65.05 33.78
C ALA E 122 20.14 -66.57 34.03
N TRP E 123 20.11 -66.94 35.31
CA TRP E 123 20.20 -68.35 35.69
C TRP E 123 21.51 -68.95 35.21
N GLY E 124 22.63 -68.49 35.76
CA GLY E 124 23.92 -69.04 35.34
C GLY E 124 24.91 -67.98 34.91
N GLY E 125 24.51 -67.14 33.95
CA GLY E 125 25.37 -66.09 33.48
C GLY E 125 26.05 -66.43 32.18
N LEU E 126 27.32 -66.04 32.07
CA LEU E 126 28.10 -66.32 30.88
C LEU E 126 28.53 -67.77 30.90
N VAL E 127 28.27 -68.42 32.03
CA VAL E 127 28.62 -69.81 32.17
C VAL E 127 27.49 -70.73 31.75
N ASP E 128 26.27 -70.41 32.17
CA ASP E 128 25.16 -71.27 31.81
C ASP E 128 23.83 -70.53 31.69
N GLY E 129 23.90 -69.21 31.56
CA GLY E 129 22.68 -68.43 31.44
C GLY E 129 21.86 -68.79 30.22
N LEU E 130 20.56 -68.53 30.33
CA LEU E 130 19.62 -68.81 29.25
C LEU E 130 19.83 -67.87 28.06
N TYR E 131 19.97 -66.57 28.33
CA TYR E 131 20.23 -65.58 27.28
C TYR E 131 21.38 -64.67 27.74
N PHE E 132 21.91 -63.83 26.85
CA PHE E 132 23.03 -63.00 27.26
C PHE E 132 22.75 -61.64 27.89
N PRO E 133 22.26 -60.66 27.11
CA PRO E 133 22.02 -59.36 27.74
C PRO E 133 20.94 -59.49 28.83
N TRP E 134 21.36 -59.45 30.11
CA TRP E 134 20.44 -59.57 31.26
C TRP E 134 20.53 -58.35 32.18
N ASP E 135 21.07 -57.27 31.62
CA ASP E 135 21.27 -56.04 32.36
C ASP E 135 19.97 -55.30 32.64
N GLN E 136 19.00 -55.37 31.72
CA GLN E 136 17.74 -54.69 31.93
C GLN E 136 16.91 -55.39 33.01
N ASP E 137 17.08 -56.71 33.13
CA ASP E 137 16.37 -57.48 34.14
C ASP E 137 16.98 -57.17 35.50
N ALA E 138 18.30 -57.03 35.56
CA ALA E 138 18.93 -56.71 36.83
C ALA E 138 18.49 -55.31 37.29
N LEU E 139 17.72 -54.62 36.47
CA LEU E 139 17.24 -53.30 36.84
C LEU E 139 15.84 -53.38 37.42
N VAL E 140 15.06 -54.32 36.89
CA VAL E 140 13.69 -54.53 37.32
C VAL E 140 13.49 -54.47 38.84
N ALA E 141 14.31 -55.19 39.61
CA ALA E 141 14.15 -55.18 41.08
C ALA E 141 14.30 -53.79 41.69
N ARG E 142 15.34 -53.07 41.30
CA ARG E 142 15.58 -51.72 41.81
C ARG E 142 14.47 -50.79 41.36
N LYS E 143 14.11 -50.87 40.09
CA LYS E 143 13.05 -50.02 39.52
C LYS E 143 11.71 -50.16 40.23
N VAL E 144 11.30 -51.41 40.49
CA VAL E 144 10.04 -51.64 41.16
C VAL E 144 10.07 -51.17 42.63
N CYS E 145 11.24 -51.19 43.27
CA CYS E 145 11.28 -50.70 44.63
C CYS E 145 11.21 -49.19 44.62
N GLU E 146 11.49 -48.57 43.48
CA GLU E 146 11.47 -47.11 43.41
C GLU E 146 10.09 -46.53 43.36
N ILE E 147 9.24 -47.12 42.54
CA ILE E 147 7.89 -46.64 42.37
C ILE E 147 7.00 -47.14 43.47
N GLU E 148 7.59 -47.70 44.52
CA GLU E 148 6.78 -48.21 45.62
C GLU E 148 7.20 -47.58 46.93
N GLY E 149 8.30 -46.83 46.90
CA GLY E 149 8.78 -46.18 48.10
C GLY E 149 9.21 -47.16 49.16
N VAL E 150 10.12 -48.06 48.78
CA VAL E 150 10.62 -49.07 49.70
C VAL E 150 12.11 -49.27 49.52
N ASP E 151 12.85 -49.08 50.61
CA ASP E 151 14.30 -49.24 50.62
C ASP E 151 14.69 -50.68 50.27
N SER E 152 15.96 -50.94 50.06
CA SER E 152 16.36 -52.29 49.70
C SER E 152 17.77 -52.60 50.13
N TYR E 153 18.05 -53.90 50.25
CA TYR E 153 19.35 -54.40 50.63
C TYR E 153 19.93 -55.02 49.37
N LYS E 154 21.19 -54.75 49.07
CA LYS E 154 21.85 -55.31 47.89
C LYS E 154 22.91 -56.36 48.25
N THR E 155 22.63 -57.60 47.87
CA THR E 155 23.53 -58.71 48.12
C THR E 155 24.62 -58.70 47.05
N LYS E 156 25.65 -57.89 47.25
CA LYS E 156 26.72 -57.79 46.26
C LYS E 156 27.46 -59.10 46.07
N ASP E 157 27.61 -59.45 44.79
CA ASP E 157 28.29 -60.66 44.34
C ASP E 157 27.57 -61.96 44.68
N PHE E 158 26.37 -61.85 45.22
CA PHE E 158 25.56 -63.01 45.56
C PHE E 158 24.40 -63.11 44.58
N VAL E 159 24.51 -64.00 43.60
CA VAL E 159 23.46 -64.18 42.59
C VAL E 159 22.41 -65.24 42.97
N LEU E 160 21.21 -64.76 43.29
CA LEU E 160 20.11 -65.65 43.65
C LEU E 160 18.83 -65.18 42.96
N GLU E 161 17.98 -66.11 42.59
CA GLU E 161 16.72 -65.76 41.94
C GLU E 161 15.54 -66.11 42.84
N GLY E 162 14.54 -65.24 42.87
CA GLY E 162 13.37 -65.45 43.71
C GLY E 162 12.80 -66.86 43.74
N GLY E 163 12.40 -67.39 42.59
CA GLY E 163 11.83 -68.73 42.55
C GLY E 163 12.79 -69.89 42.79
N SER E 164 13.78 -69.72 43.67
CA SER E 164 14.72 -70.80 43.96
C SER E 164 14.70 -71.00 45.47
N ILE E 165 13.79 -70.30 46.13
CA ILE E 165 13.68 -70.39 47.56
C ILE E 165 12.25 -70.16 48.02
N HIS E 166 11.79 -71.01 48.95
CA HIS E 166 10.46 -70.92 49.51
C HIS E 166 10.60 -70.79 51.02
N VAL E 167 9.83 -69.87 51.58
CA VAL E 167 9.90 -69.60 53.01
C VAL E 167 8.57 -69.69 53.77
N ASP E 168 8.69 -69.98 55.05
CA ASP E 168 7.53 -70.06 55.94
C ASP E 168 7.76 -68.96 56.99
N GLY E 169 6.67 -68.35 57.44
CA GLY E 169 6.76 -67.28 58.42
C GLY E 169 8.01 -67.28 59.29
N GLU E 170 8.30 -68.39 59.98
CA GLU E 170 9.45 -68.46 60.87
C GLU E 170 10.74 -69.08 60.33
N GLY E 171 11.85 -68.54 60.84
CA GLY E 171 13.19 -68.95 60.45
C GLY E 171 13.48 -70.22 59.66
N THR E 172 12.84 -70.40 58.52
CA THR E 172 13.09 -71.58 57.73
C THR E 172 12.84 -71.33 56.26
N VAL E 173 13.71 -71.86 55.41
CA VAL E 173 13.54 -71.66 53.98
C VAL E 173 13.81 -72.98 53.27
N LEU E 174 13.24 -73.13 52.08
CA LEU E 174 13.42 -74.33 51.28
C LEU E 174 14.24 -74.09 50.01
N VAL E 175 15.54 -74.38 50.04
CA VAL E 175 16.39 -74.20 48.86
C VAL E 175 16.70 -75.55 48.22
N THR E 176 17.18 -75.52 46.98
CA THR E 176 17.51 -76.73 46.23
C THR E 176 19.01 -76.74 45.87
N GLU E 177 19.83 -77.47 46.63
CA GLU E 177 21.28 -77.48 46.39
C GLU E 177 21.76 -77.73 44.96
N MSE E 178 20.97 -78.44 44.17
CA MSE E 178 21.35 -78.71 42.79
C MSE E 178 21.39 -77.40 41.97
O MSE E 178 21.85 -77.38 40.83
CB MSE E 178 20.37 -79.70 42.14
CG MSE E 178 20.75 -80.12 40.73
SE MSE E 178 19.41 -79.68 39.38
CE MSE E 178 18.98 -81.48 38.78
N CYS E 179 20.90 -76.32 42.58
CA CYS E 179 20.87 -75.01 41.95
C CYS E 179 21.74 -73.99 42.68
N LEU E 180 21.43 -73.73 43.94
CA LEU E 180 22.21 -72.76 44.71
C LEU E 180 23.70 -73.07 44.76
N LEU E 181 24.05 -74.33 44.54
CA LEU E 181 25.45 -74.76 44.57
C LEU E 181 26.06 -74.89 43.19
N HIS E 182 25.19 -74.87 42.17
CA HIS E 182 25.62 -74.97 40.79
C HIS E 182 26.85 -74.08 40.60
N PRO E 183 27.82 -74.50 39.78
CA PRO E 183 29.01 -73.67 39.58
C PRO E 183 28.70 -72.30 38.95
N SER E 184 27.60 -72.19 38.22
CA SER E 184 27.23 -70.92 37.57
C SER E 184 26.41 -70.05 38.51
N ARG E 185 26.68 -70.16 39.81
CA ARG E 185 25.91 -69.42 40.79
C ARG E 185 26.67 -69.44 42.12
N ASN E 186 27.55 -68.47 42.33
CA ASN E 186 28.30 -68.38 43.59
C ASN E 186 29.34 -69.48 43.83
N PRO E 187 30.22 -69.72 42.86
CA PRO E 187 31.25 -70.75 43.03
C PRO E 187 32.43 -70.25 43.85
N HIS E 188 32.22 -69.17 44.60
CA HIS E 188 33.29 -68.62 45.42
C HIS E 188 32.81 -68.67 46.86
N LEU E 189 31.56 -69.11 46.98
CA LEU E 189 30.90 -69.22 48.26
C LEU E 189 30.70 -70.70 48.58
N THR E 190 30.92 -71.08 49.84
CA THR E 190 30.75 -72.47 50.28
C THR E 190 29.30 -72.68 50.69
N LYS E 191 28.89 -73.93 50.79
CA LYS E 191 27.52 -74.25 51.19
C LYS E 191 27.25 -73.65 52.57
N GLU E 192 28.33 -73.36 53.30
CA GLU E 192 28.25 -72.78 54.63
C GLU E 192 27.94 -71.30 54.50
N ASP E 193 28.74 -70.62 53.67
CA ASP E 193 28.61 -69.19 53.39
C ASP E 193 27.18 -68.88 52.90
N ILE E 194 26.76 -69.62 51.87
CA ILE E 194 25.45 -69.46 51.28
C ILE E 194 24.31 -69.54 52.28
N GLU E 195 24.41 -70.48 53.22
CA GLU E 195 23.37 -70.62 54.22
C GLU E 195 23.33 -69.35 55.05
N ASP E 196 24.50 -68.85 55.44
CA ASP E 196 24.57 -67.64 56.26
C ASP E 196 23.84 -66.47 55.58
N LYS E 197 24.11 -66.29 54.29
CA LYS E 197 23.46 -65.21 53.55
C LYS E 197 21.94 -65.40 53.66
N LEU E 198 21.44 -66.56 53.25
CA LEU E 198 20.01 -66.88 53.29
C LEU E 198 19.45 -66.64 54.68
N LYS E 199 20.31 -66.75 55.69
CA LYS E 199 19.86 -66.54 57.05
C LYS E 199 19.84 -65.05 57.38
N ASP E 200 20.70 -64.27 56.73
CA ASP E 200 20.74 -62.85 57.03
C ASP E 200 19.76 -61.98 56.26
N TYR E 201 19.43 -62.40 55.05
CA TYR E 201 18.53 -61.62 54.22
C TYR E 201 17.09 -62.14 54.20
N LEU E 202 16.88 -63.29 54.84
CA LEU E 202 15.55 -63.89 54.92
C LEU E 202 15.12 -64.03 56.37
N ASN E 203 16.12 -64.10 57.26
CA ASN E 203 15.91 -64.25 58.68
C ASN E 203 15.44 -65.67 58.98
N CYS E 204 16.07 -66.63 58.31
CA CYS E 204 15.75 -68.04 58.47
C CYS E 204 16.85 -68.72 59.28
N VAL E 205 16.54 -69.10 60.52
CA VAL E 205 17.51 -69.75 61.37
C VAL E 205 17.83 -71.19 60.92
N LYS E 206 17.13 -71.67 59.90
CA LYS E 206 17.37 -73.02 59.38
C LYS E 206 17.09 -73.16 57.89
N VAL E 207 18.00 -73.91 57.18
CA VAL E 207 17.81 -74.06 55.73
C VAL E 207 17.74 -75.55 55.36
N LEU E 208 16.59 -75.91 54.80
CA LEU E 208 16.29 -77.30 54.36
C LEU E 208 16.80 -77.49 52.93
N TRP E 209 17.68 -78.45 52.75
CA TRP E 209 18.31 -78.68 51.44
C TRP E 209 17.78 -79.89 50.69
N VAL E 210 16.75 -79.63 49.89
CA VAL E 210 16.22 -80.65 48.99
C VAL E 210 17.29 -80.91 48.03
N LYS E 211 17.26 -82.00 47.39
CA LYS E 211 18.48 -82.29 46.74
C LYS E 211 18.54 -82.62 45.27
N ASP E 212 17.61 -82.37 44.47
CA ASP E 212 17.72 -82.57 42.99
C ASP E 212 16.50 -81.87 42.54
N GLY E 213 16.44 -81.45 41.32
CA GLY E 213 15.25 -80.74 40.87
C GLY E 213 14.80 -81.29 39.55
N ILE E 214 13.64 -80.86 39.13
CA ILE E 214 13.09 -81.31 37.86
C ILE E 214 13.41 -80.29 36.76
N ASP E 215 14.42 -79.49 36.99
CA ASP E 215 14.89 -78.48 36.03
C ASP E 215 16.37 -78.67 35.73
N PRO E 216 16.76 -79.89 35.28
CA PRO E 216 18.13 -80.32 34.99
C PRO E 216 19.12 -79.27 34.46
N TYR E 217 18.79 -78.66 33.32
CA TYR E 217 19.70 -77.68 32.72
C TYR E 217 19.17 -76.28 32.35
N GLU E 218 17.97 -75.94 32.80
CA GLU E 218 17.44 -74.60 32.51
C GLU E 218 17.61 -73.70 33.73
N THR E 219 16.65 -73.77 34.64
CA THR E 219 16.69 -72.96 35.86
C THR E 219 17.72 -73.58 36.80
N ASN E 220 18.20 -74.77 36.42
CA ASN E 220 19.18 -75.52 37.20
C ASN E 220 18.58 -76.09 38.47
N GLY E 221 17.34 -76.57 38.34
CA GLY E 221 16.66 -77.18 39.46
C GLY E 221 16.13 -76.27 40.55
N HIS E 222 15.26 -75.33 40.19
CA HIS E 222 14.68 -74.44 41.19
C HIS E 222 13.73 -75.28 42.05
N ILE E 223 13.49 -74.81 43.29
CA ILE E 223 12.61 -75.53 44.20
C ILE E 223 11.14 -75.16 44.02
N ASP E 224 10.87 -74.03 43.38
CA ASP E 224 9.51 -73.57 43.16
C ASP E 224 8.83 -74.39 42.06
N ASP E 225 9.35 -75.59 41.85
CA ASP E 225 8.78 -76.50 40.86
C ASP E 225 8.43 -77.83 41.51
N VAL E 226 9.16 -78.16 42.57
CA VAL E 226 8.95 -79.42 43.27
C VAL E 226 8.14 -79.33 44.55
N ALA E 227 8.32 -78.26 45.32
CA ALA E 227 7.61 -78.12 46.58
C ALA E 227 7.54 -76.68 47.08
N CYS E 228 6.89 -76.48 48.23
CA CYS E 228 6.75 -75.15 48.86
C CYS E 228 6.02 -75.25 50.18
N PHE E 229 5.90 -74.12 50.85
CA PHE E 229 5.23 -74.05 52.15
C PHE E 229 3.76 -73.60 51.99
N ILE E 230 2.83 -74.49 52.29
CA ILE E 230 1.41 -74.14 52.18
C ILE E 230 0.90 -73.53 53.46
N ARG E 231 1.70 -73.63 54.52
CA ARG E 231 1.34 -73.10 55.82
C ARG E 231 2.57 -73.37 56.69
N PRO E 232 2.85 -72.51 57.67
CA PRO E 232 4.02 -72.72 58.53
C PRO E 232 4.02 -74.10 59.19
N GLY E 233 4.75 -75.02 58.57
CA GLY E 233 4.79 -76.38 59.09
C GLY E 233 4.33 -77.36 58.02
N GLU E 234 3.22 -77.04 57.35
CA GLU E 234 2.71 -77.90 56.29
C GLU E 234 3.27 -77.43 54.95
N VAL E 235 3.58 -78.38 54.07
CA VAL E 235 4.17 -78.06 52.78
C VAL E 235 3.51 -78.80 51.63
N ALA E 236 3.91 -78.49 50.42
CA ALA E 236 3.36 -79.17 49.27
C ALA E 236 4.51 -79.94 48.64
N CYS E 237 4.19 -80.80 47.69
CA CYS E 237 5.22 -81.58 47.03
C CYS E 237 4.63 -82.48 45.96
N ILE E 238 5.25 -82.47 44.78
CA ILE E 238 4.78 -83.33 43.71
C ILE E 238 5.06 -84.78 44.07
N TYR E 239 4.17 -85.69 43.66
CA TYR E 239 4.35 -87.11 43.93
C TYR E 239 3.57 -88.01 42.97
N THR E 240 4.30 -88.90 42.29
CA THR E 240 3.71 -89.85 41.36
C THR E 240 4.28 -91.22 41.65
N ASP E 241 3.56 -92.27 41.27
CA ASP E 241 4.05 -93.63 41.51
C ASP E 241 4.56 -94.25 40.23
N ASP E 242 4.26 -93.59 39.12
CA ASP E 242 4.69 -94.07 37.81
C ASP E 242 6.20 -94.11 37.77
N LYS E 243 6.76 -95.31 37.87
CA LYS E 243 8.21 -95.47 37.87
C LYS E 243 8.85 -95.22 36.51
N GLU E 244 8.04 -94.76 35.55
CA GLU E 244 8.53 -94.47 34.20
C GLU E 244 8.26 -92.99 33.84
N HIS E 245 7.87 -92.22 34.85
CA HIS E 245 7.59 -90.81 34.68
C HIS E 245 8.90 -90.04 34.91
N PRO E 246 9.24 -89.12 33.98
CA PRO E 246 10.46 -88.31 34.06
C PRO E 246 10.77 -87.62 35.40
N PHE E 247 9.74 -87.33 36.20
CA PHE E 247 9.93 -86.66 37.50
C PHE E 247 9.83 -87.63 38.68
N TYR E 248 9.57 -88.90 38.38
CA TYR E 248 9.42 -89.92 39.43
C TYR E 248 10.43 -89.83 40.58
N GLN E 249 11.66 -90.28 40.32
CA GLN E 249 12.68 -90.30 41.36
C GLN E 249 12.99 -88.98 42.06
N GLU E 250 13.10 -87.89 41.30
CA GLU E 250 13.39 -86.61 41.93
C GLU E 250 12.26 -86.25 42.89
N ALA E 251 11.03 -86.50 42.46
CA ALA E 251 9.85 -86.20 43.27
C ALA E 251 9.80 -87.05 44.53
N LYS E 252 10.01 -88.35 44.38
CA LYS E 252 9.98 -89.24 45.52
C LYS E 252 11.16 -88.91 46.43
N ALA E 253 12.34 -88.72 45.85
CA ALA E 253 13.56 -88.39 46.60
C ALA E 253 13.31 -87.16 47.44
N ALA E 254 12.48 -86.27 46.92
CA ALA E 254 12.14 -85.02 47.59
C ALA E 254 11.15 -85.30 48.72
N TYR E 255 10.14 -86.11 48.40
CA TYR E 255 9.10 -86.47 49.37
C TYR E 255 9.70 -87.14 50.60
N ASP E 256 10.64 -88.06 50.36
CA ASP E 256 11.29 -88.76 51.45
C ASP E 256 12.08 -87.78 52.30
N PHE E 257 12.72 -86.82 51.66
CA PHE E 257 13.50 -85.81 52.35
C PHE E 257 12.62 -84.89 53.18
N LEU E 258 11.54 -84.42 52.55
CA LEU E 258 10.59 -83.53 53.18
C LEU E 258 9.97 -84.12 54.42
N SER E 259 9.30 -85.25 54.23
CA SER E 259 8.62 -85.98 55.31
C SER E 259 9.53 -86.29 56.51
N GLN E 260 10.82 -86.49 56.25
CA GLN E 260 11.79 -86.79 57.30
C GLN E 260 12.41 -85.51 57.85
N GLN E 261 11.91 -84.36 57.42
CA GLN E 261 12.46 -83.09 57.84
C GLN E 261 11.56 -82.21 58.71
N THR E 262 12.19 -81.58 59.70
CA THR E 262 11.50 -80.68 60.61
C THR E 262 11.97 -79.23 60.39
N ASP E 263 11.17 -78.26 60.81
CA ASP E 263 11.54 -76.87 60.64
C ASP E 263 12.27 -76.26 61.83
N ALA E 264 12.26 -74.93 61.89
CA ALA E 264 12.93 -74.21 62.96
C ALA E 264 12.23 -74.37 64.28
N LYS E 265 10.98 -73.94 64.34
CA LYS E 265 10.23 -74.03 65.59
C LYS E 265 10.10 -75.44 66.14
N GLY E 266 10.41 -76.44 65.30
CA GLY E 266 10.37 -77.83 65.77
C GLY E 266 9.32 -78.76 65.20
N ARG E 267 8.14 -78.24 64.85
CA ARG E 267 7.08 -79.08 64.32
C ARG E 267 7.51 -79.87 63.09
N PRO E 268 6.94 -81.08 62.92
CA PRO E 268 7.28 -81.92 61.77
C PRO E 268 6.59 -81.34 60.54
N LEU E 269 7.08 -81.67 59.36
CA LEU E 269 6.47 -81.15 58.16
C LEU E 269 5.37 -82.03 57.59
N LYS E 270 4.12 -81.59 57.79
CA LYS E 270 2.97 -82.32 57.29
C LYS E 270 2.98 -82.24 55.77
N VAL E 271 3.79 -83.08 55.13
CA VAL E 271 3.91 -83.10 53.67
C VAL E 271 2.61 -83.42 52.93
N HIS E 272 2.30 -82.67 51.87
CA HIS E 272 1.10 -82.96 51.10
C HIS E 272 1.46 -83.60 49.78
N LYS E 273 0.45 -83.82 48.94
CA LYS E 273 0.71 -84.44 47.67
C LYS E 273 0.04 -83.77 46.48
N MSE E 274 0.86 -83.32 45.54
CA MSE E 274 0.38 -82.68 44.33
C MSE E 274 0.59 -83.73 43.24
O MSE E 274 1.36 -84.66 43.43
CB MSE E 274 1.24 -81.43 44.02
CG MSE E 274 0.76 -80.58 42.84
SE MSE E 274 -0.98 -79.68 43.14
CE MSE E 274 -0.41 -78.48 44.57
N CYS E 275 -0.11 -83.60 42.12
CA CYS E 275 0.06 -84.57 41.05
C CYS E 275 0.88 -83.96 39.93
N VAL E 276 1.34 -84.82 39.02
CA VAL E 276 2.12 -84.41 37.87
C VAL E 276 1.34 -84.78 36.61
N THR E 277 1.57 -84.05 35.52
CA THR E 277 0.87 -84.36 34.27
C THR E 277 1.15 -85.81 33.88
N LYS E 278 0.29 -86.37 33.03
CA LYS E 278 0.44 -87.75 32.57
C LYS E 278 0.93 -87.66 31.12
N GLU E 279 0.90 -86.44 30.58
CA GLU E 279 1.35 -86.16 29.23
C GLU E 279 2.08 -84.82 29.19
N PRO E 280 3.38 -84.85 28.88
CA PRO E 280 4.19 -83.63 28.81
C PRO E 280 3.76 -82.68 27.68
N CYS E 281 3.88 -81.38 27.90
CA CYS E 281 3.49 -80.41 26.88
C CYS E 281 4.35 -80.53 25.62
N TYR E 282 3.73 -80.88 24.49
CA TYR E 282 4.47 -81.00 23.24
C TYR E 282 4.53 -79.66 22.50
N LEU E 283 5.72 -79.06 22.52
CA LEU E 283 5.96 -77.77 21.87
C LEU E 283 5.59 -77.85 20.39
N GLN E 284 4.75 -76.92 19.96
CA GLN E 284 4.34 -76.88 18.57
C GLN E 284 4.74 -75.56 17.93
N GLU E 285 4.75 -75.52 16.60
CA GLU E 285 5.09 -74.32 15.86
C GLU E 285 6.44 -73.74 16.32
N ALA E 286 7.40 -74.62 16.60
CA ALA E 286 8.73 -74.20 17.07
C ALA E 286 9.54 -73.37 16.05
N ALA E 287 9.11 -73.38 14.79
CA ALA E 287 9.78 -72.65 13.72
C ALA E 287 9.72 -71.13 13.90
N THR E 288 8.63 -70.63 14.47
CA THR E 288 8.47 -69.19 14.66
C THR E 288 9.33 -68.69 15.82
N ILE E 289 10.21 -69.54 16.33
CA ILE E 289 11.11 -69.16 17.43
C ILE E 289 12.53 -68.91 16.93
N ASP E 290 12.81 -67.65 16.57
CA ASP E 290 14.12 -67.28 16.06
C ASP E 290 15.27 -67.89 16.85
N TYR E 291 16.37 -68.18 16.16
CA TYR E 291 17.56 -68.75 16.78
C TYR E 291 18.77 -67.83 16.57
N VAL E 292 19.54 -67.67 17.64
CA VAL E 292 20.73 -66.83 17.63
C VAL E 292 21.77 -67.41 16.67
N GLU E 300 11.28 -79.28 17.06
CA GLU E 300 9.88 -79.11 17.39
C GLU E 300 9.29 -80.37 18.02
N GLY E 301 8.24 -80.21 18.81
CA GLY E 301 7.61 -81.36 19.45
C GLY E 301 8.37 -81.79 20.69
N GLU E 302 9.42 -81.05 21.03
CA GLU E 302 10.22 -81.36 22.22
C GLU E 302 9.42 -81.09 23.49
N MSE E 303 9.62 -81.92 24.50
CA MSE E 303 8.90 -81.78 25.76
C MSE E 303 9.33 -80.56 26.55
O MSE E 303 10.49 -80.14 26.51
CB MSE E 303 9.09 -83.03 26.62
CG MSE E 303 8.71 -84.33 25.92
SE MSE E 303 10.09 -85.73 26.06
CE MSE E 303 11.11 -85.38 24.39
N ALA E 304 8.37 -80.00 27.28
CA ALA E 304 8.59 -78.82 28.12
C ALA E 304 7.95 -79.07 29.49
N ILE E 305 8.65 -78.65 30.54
CA ILE E 305 8.15 -78.84 31.90
C ILE E 305 6.72 -78.31 32.06
N ALA E 306 5.93 -78.98 32.90
CA ALA E 306 4.54 -78.58 33.19
C ALA E 306 4.22 -79.11 34.60
N SER E 307 4.55 -78.31 35.61
CA SER E 307 4.32 -78.68 37.02
C SER E 307 3.15 -77.91 37.65
N TYR E 308 2.31 -78.61 38.40
CA TYR E 308 1.15 -77.98 39.05
C TYR E 308 1.59 -77.27 40.34
N LEU E 309 2.83 -77.52 40.76
CA LEU E 309 3.36 -76.91 41.97
C LEU E 309 3.64 -75.44 41.70
N ASN E 310 3.58 -75.06 40.42
CA ASN E 310 3.81 -73.67 40.00
C ASN E 310 2.54 -72.85 40.15
N PHE E 311 2.09 -72.69 41.39
CA PHE E 311 0.88 -71.92 41.64
C PHE E 311 1.20 -70.70 42.54
N LEU E 312 0.41 -69.65 42.38
CA LEU E 312 0.62 -68.44 43.17
C LEU E 312 -0.38 -68.43 44.31
N ILE E 313 0.09 -68.04 45.49
CA ILE E 313 -0.72 -67.97 46.70
C ILE E 313 -1.11 -66.54 47.07
N VAL E 314 -2.18 -66.02 46.47
CA VAL E 314 -2.61 -64.67 46.81
C VAL E 314 -3.43 -64.82 48.10
N ASN E 315 -3.97 -63.72 48.62
CA ASN E 315 -4.78 -63.81 49.81
C ASN E 315 -6.23 -64.08 49.38
N GLY E 316 -6.82 -65.12 49.95
CA GLY E 316 -8.18 -65.51 49.62
C GLY E 316 -8.35 -66.08 48.22
N GLY E 317 -7.29 -66.67 47.67
CA GLY E 317 -7.38 -67.22 46.33
C GLY E 317 -6.12 -67.94 45.86
N ILE E 318 -6.27 -68.81 44.87
CA ILE E 318 -5.15 -69.55 44.32
C ILE E 318 -5.24 -69.52 42.81
N ILE E 319 -4.11 -69.29 42.17
CA ILE E 319 -4.04 -69.26 40.73
C ILE E 319 -3.23 -70.49 40.34
N LEU E 320 -3.90 -71.48 39.79
CA LEU E 320 -3.25 -72.73 39.41
C LEU E 320 -3.22 -72.98 37.90
N PRO E 321 -2.13 -73.59 37.42
CA PRO E 321 -1.96 -73.89 36.00
C PRO E 321 -2.82 -75.06 35.52
N GLN E 322 -3.36 -74.93 34.31
CA GLN E 322 -4.21 -75.96 33.71
C GLN E 322 -3.73 -76.21 32.29
N TYR E 323 -2.81 -77.15 32.14
CA TYR E 323 -2.24 -77.49 30.84
C TYR E 323 -3.17 -78.27 29.90
N GLY E 324 -4.24 -78.84 30.46
CA GLY E 324 -5.13 -79.63 29.64
C GLY E 324 -4.63 -81.07 29.65
N ASP E 325 -4.18 -81.48 30.83
CA ASP E 325 -3.64 -82.81 31.07
C ASP E 325 -4.74 -83.69 31.65
N GLU E 326 -4.43 -84.98 31.76
CA GLU E 326 -5.35 -85.98 32.30
C GLU E 326 -5.51 -85.76 33.81
N ASN E 327 -4.39 -85.62 34.50
CA ASN E 327 -4.41 -85.39 35.95
C ASN E 327 -4.56 -83.89 36.24
N ASP E 328 -5.33 -83.21 35.41
CA ASP E 328 -5.55 -81.77 35.55
C ASP E 328 -6.60 -81.43 36.62
N GLN E 329 -7.83 -81.91 36.43
CA GLN E 329 -8.91 -81.64 37.37
C GLN E 329 -8.54 -82.14 38.76
N LEU E 330 -7.65 -83.13 38.82
CA LEU E 330 -7.19 -83.68 40.09
C LEU E 330 -6.35 -82.65 40.83
N ALA E 331 -5.55 -81.91 40.07
CA ALA E 331 -4.68 -80.88 40.63
C ALA E 331 -5.51 -79.82 41.35
N LYS E 332 -6.59 -79.38 40.69
CA LYS E 332 -7.48 -78.37 41.25
C LYS E 332 -8.14 -78.89 42.52
N GLN E 333 -8.37 -80.21 42.57
CA GLN E 333 -8.98 -80.86 43.73
C GLN E 333 -7.98 -80.91 44.85
N GLN E 334 -6.77 -81.38 44.54
CA GLN E 334 -5.72 -81.47 45.54
C GLN E 334 -5.43 -80.14 46.21
N VAL E 335 -5.19 -79.11 45.40
CA VAL E 335 -4.89 -77.76 45.91
C VAL E 335 -6.02 -77.23 46.77
N GLN E 336 -7.24 -77.65 46.41
CA GLN E 336 -8.45 -77.27 47.12
C GLN E 336 -8.39 -77.77 48.56
N GLU E 337 -7.92 -79.00 48.73
CA GLU E 337 -7.77 -79.63 50.04
C GLU E 337 -6.87 -78.77 50.92
N MSE E 338 -5.67 -78.50 50.40
CA MSE E 338 -4.66 -77.70 51.09
C MSE E 338 -5.21 -76.36 51.56
O MSE E 338 -5.12 -76.00 52.74
CB MSE E 338 -3.48 -77.47 50.16
CG MSE E 338 -2.99 -78.72 49.48
SE MSE E 338 -1.79 -78.36 47.98
CE MSE E 338 -0.48 -79.80 48.23
N PHE E 339 -5.77 -75.60 50.64
CA PHE E 339 -6.32 -74.30 50.98
C PHE E 339 -7.84 -74.33 50.83
N PRO E 340 -8.53 -74.90 51.83
CA PRO E 340 -10.00 -74.99 51.82
C PRO E 340 -10.67 -73.61 51.81
N ASP E 341 -10.20 -72.74 52.70
CA ASP E 341 -10.76 -71.40 52.80
C ASP E 341 -10.09 -70.45 51.80
N ARG E 342 -9.97 -70.90 50.55
CA ARG E 342 -9.36 -70.10 49.49
C ARG E 342 -9.93 -70.49 48.15
N LYS E 343 -10.56 -69.55 47.45
CA LYS E 343 -11.11 -69.89 46.14
C LYS E 343 -9.99 -70.21 45.17
N VAL E 344 -10.08 -71.36 44.52
CA VAL E 344 -9.04 -71.75 43.58
C VAL E 344 -9.50 -71.47 42.15
N VAL E 345 -8.65 -70.81 41.37
CA VAL E 345 -8.93 -70.50 39.97
C VAL E 345 -7.83 -71.11 39.10
N GLY E 346 -8.18 -71.57 37.92
CA GLY E 346 -7.18 -72.18 37.05
C GLY E 346 -7.18 -71.57 35.67
N VAL E 347 -5.98 -71.37 35.10
CA VAL E 347 -5.86 -70.79 33.76
C VAL E 347 -4.93 -71.59 32.83
N ARG E 348 -5.20 -71.55 31.53
CA ARG E 348 -4.40 -72.27 30.56
C ARG E 348 -3.01 -71.63 30.41
N THR E 349 -2.19 -71.78 31.45
CA THR E 349 -0.84 -71.22 31.44
C THR E 349 0.15 -72.21 30.83
N GLU E 350 -0.38 -73.02 29.93
CA GLU E 350 0.41 -74.02 29.22
C GLU E 350 1.27 -73.31 28.17
N GLU E 351 0.72 -72.25 27.58
CA GLU E 351 1.42 -71.48 26.55
C GLU E 351 2.70 -70.82 27.06
N ILE E 352 2.77 -70.58 28.37
CA ILE E 352 3.94 -69.97 28.96
C ILE E 352 4.89 -71.05 29.46
N ALA E 353 4.34 -72.27 29.59
CA ALA E 353 5.15 -73.39 30.05
C ALA E 353 6.08 -73.78 28.91
N TYR E 354 5.81 -73.25 27.72
CA TYR E 354 6.66 -73.51 26.56
C TYR E 354 7.89 -72.59 26.63
N GLY E 355 7.89 -71.69 27.61
CA GLY E 355 8.99 -70.76 27.78
C GLY E 355 9.90 -71.15 28.92
N GLY E 356 9.53 -72.21 29.62
CA GLY E 356 10.32 -72.67 30.73
C GLY E 356 9.99 -71.96 32.03
N GLY E 357 8.85 -72.31 32.62
CA GLY E 357 8.42 -71.70 33.86
C GLY E 357 6.93 -71.43 33.80
N ASN E 358 6.26 -71.41 34.97
CA ASN E 358 4.83 -71.15 35.01
C ASN E 358 4.39 -70.03 35.93
N ILE E 359 3.07 -69.91 36.09
CA ILE E 359 2.41 -68.88 36.88
C ILE E 359 3.23 -68.30 38.01
N HIS E 360 3.90 -69.15 38.72
CA HIS E 360 4.72 -68.69 39.85
C HIS E 360 5.95 -67.94 39.35
N CYS E 361 6.58 -68.55 38.37
CA CYS E 361 7.82 -68.01 37.77
C CYS E 361 7.60 -66.65 37.09
N ILE E 362 6.33 -66.24 36.92
CA ILE E 362 6.02 -64.97 36.23
C ILE E 362 5.32 -63.94 37.12
N THR E 363 5.23 -64.20 38.40
CA THR E 363 4.60 -63.25 39.35
C THR E 363 5.53 -62.99 40.53
N GLN E 364 5.12 -62.02 41.30
CA GLN E 364 5.84 -61.59 42.50
C GLN E 364 4.90 -60.72 43.32
N GLN E 365 4.53 -61.23 44.48
CA GLN E 365 3.59 -60.53 45.34
C GLN E 365 4.31 -59.68 46.38
N GLN E 366 3.63 -58.59 46.70
CA GLN E 366 4.07 -57.59 47.67
C GLN E 366 3.20 -57.68 48.93
N PRO E 367 3.78 -58.03 50.10
CA PRO E 367 3.01 -58.15 51.35
C PRO E 367 2.45 -56.81 51.79
N ALA E 368 1.15 -56.77 52.09
CA ALA E 368 0.47 -55.53 52.56
C ALA E 368 1.11 -55.06 53.88
N THR E 369 0.70 -53.88 54.34
CA THR E 369 1.33 -53.33 55.56
C THR E 369 0.38 -52.62 56.56
N LEU E 370 0.04 -51.39 56.25
CA LEU E 370 -0.65 -50.49 57.21
C LEU E 370 0.48 -49.69 57.83
N ALA F 2 -39.41 5.91 -20.17
CA ALA F 2 -39.92 6.05 -18.77
C ALA F 2 -41.44 6.00 -18.77
N LYS F 3 -41.99 4.87 -19.23
CA LYS F 3 -43.44 4.70 -19.28
C LYS F 3 -44.02 3.95 -18.09
N ARG F 4 -45.29 3.58 -18.19
CA ARG F 4 -46.00 2.88 -17.11
C ARG F 4 -46.72 1.63 -17.57
N ILE F 5 -46.22 0.47 -17.17
CA ILE F 5 -46.89 -0.77 -17.52
C ILE F 5 -48.15 -0.80 -16.69
N LYS F 6 -49.28 -1.13 -17.33
CA LYS F 6 -50.52 -1.12 -16.58
C LYS F 6 -51.47 -2.29 -16.68
N ASN F 7 -51.22 -3.23 -17.59
CA ASN F 7 -52.14 -4.35 -17.69
C ASN F 7 -51.67 -5.68 -17.11
N THR F 8 -50.49 -5.65 -16.49
CA THR F 8 -49.94 -6.87 -15.91
C THR F 8 -49.19 -6.53 -14.65
N THR F 9 -48.89 -7.56 -13.85
CA THR F 9 -48.17 -7.37 -12.60
C THR F 9 -46.77 -7.95 -12.65
N PRO F 10 -45.86 -7.40 -11.84
CA PRO F 10 -44.47 -7.87 -11.80
C PRO F 10 -44.32 -9.39 -11.74
N LYS F 11 -45.24 -10.06 -11.05
CA LYS F 11 -45.20 -11.52 -10.94
C LYS F 11 -45.29 -12.15 -12.32
N GLN F 12 -46.24 -11.66 -13.11
CA GLN F 12 -46.44 -12.17 -14.46
C GLN F 12 -45.33 -11.71 -15.37
N ASP F 13 -44.93 -10.46 -15.21
CA ASP F 13 -43.86 -9.86 -16.03
C ASP F 13 -42.48 -10.41 -15.73
N GLY F 14 -42.37 -11.20 -14.67
CA GLY F 14 -41.09 -11.77 -14.31
C GLY F 14 -40.12 -10.81 -13.65
N PHE F 15 -40.60 -10.07 -12.65
CA PHE F 15 -39.75 -9.14 -11.91
C PHE F 15 -39.92 -9.41 -10.44
N ARG F 16 -38.95 -8.97 -9.63
CA ARG F 16 -38.98 -9.20 -8.18
C ARG F 16 -38.08 -8.25 -7.43
N MSE F 17 -38.60 -7.69 -6.34
CA MSE F 17 -37.81 -6.79 -5.52
C MSE F 17 -36.67 -7.64 -4.96
O MSE F 17 -36.90 -8.55 -4.17
CB MSE F 17 -38.65 -6.22 -4.37
CG MSE F 17 -37.82 -5.43 -3.36
SE MSE F 17 -38.84 -4.70 -1.85
CE MSE F 17 -37.69 -3.20 -1.36
N PRO F 18 -35.42 -7.35 -5.39
CA PRO F 18 -34.22 -8.06 -4.96
C PRO F 18 -33.86 -7.65 -3.55
N GLY F 19 -33.17 -8.52 -2.84
CA GLY F 19 -32.79 -8.22 -1.48
C GLY F 19 -31.97 -6.95 -1.33
N GLU F 20 -32.27 -6.19 -0.29
CA GLU F 20 -31.59 -4.94 -0.01
C GLU F 20 -30.06 -5.09 -0.08
N PHE F 21 -29.59 -6.27 0.34
CA PHE F 21 -28.16 -6.58 0.35
C PHE F 21 -27.56 -6.82 -1.03
N GLU F 22 -28.36 -7.28 -1.99
CA GLU F 22 -27.85 -7.54 -3.33
C GLU F 22 -27.12 -6.33 -3.90
N LYS F 23 -26.39 -6.55 -4.99
CA LYS F 23 -25.62 -5.47 -5.62
C LYS F 23 -26.52 -4.34 -6.10
N GLN F 24 -26.04 -3.13 -5.86
CA GLN F 24 -26.81 -1.95 -6.21
C GLN F 24 -25.99 -0.84 -6.84
N LYS F 25 -26.59 -0.15 -7.80
CA LYS F 25 -25.94 0.95 -8.52
C LYS F 25 -25.72 2.22 -7.72
N GLN F 26 -26.68 2.60 -6.88
CA GLN F 26 -26.55 3.83 -6.08
C GLN F 26 -27.63 3.94 -5.04
N ILE F 27 -27.66 5.08 -4.37
CA ILE F 27 -28.66 5.33 -3.36
C ILE F 27 -29.31 6.69 -3.52
N TRP F 28 -30.63 6.71 -3.34
CA TRP F 28 -31.41 7.92 -3.44
C TRP F 28 -31.81 8.42 -2.06
N MSE F 29 -31.76 9.73 -1.87
CA MSE F 29 -32.17 10.37 -0.62
C MSE F 29 -32.58 11.84 -0.82
O MSE F 29 -31.97 12.57 -1.60
CB MSE F 29 -31.08 10.23 0.46
CG MSE F 29 -29.68 10.74 0.13
SE MSE F 29 -28.38 10.48 1.63
CE MSE F 29 -28.92 11.97 2.78
N LEU F 30 -33.63 12.24 -0.11
CA LEU F 30 -34.17 13.60 -0.19
C LEU F 30 -33.43 14.64 0.65
N TRP F 31 -34.10 15.74 0.98
CA TRP F 31 -33.47 16.80 1.76
C TRP F 31 -34.45 17.48 2.69
N PRO F 32 -34.21 17.40 4.01
CA PRO F 32 -35.08 18.02 5.01
C PRO F 32 -35.12 19.53 4.94
N TRP F 33 -36.31 20.10 5.10
CA TRP F 33 -36.44 21.55 5.05
C TRP F 33 -37.55 22.16 5.92
N ARG F 34 -38.72 21.53 5.99
CA ARG F 34 -39.81 22.12 6.76
C ARG F 34 -39.61 22.30 8.26
N ASN F 35 -39.90 23.51 8.74
CA ASN F 35 -39.77 23.85 10.16
C ASN F 35 -40.88 23.23 11.02
N ASP F 36 -41.90 22.67 10.35
CA ASP F 36 -43.02 22.04 11.02
C ASP F 36 -42.52 20.79 11.73
N ASN F 37 -41.45 20.19 11.20
CA ASN F 37 -40.92 18.97 11.77
C ASN F 37 -39.46 19.02 12.25
N TRP F 38 -38.60 19.73 11.54
CA TRP F 38 -37.21 19.81 11.92
C TRP F 38 -36.86 21.10 12.65
N ARG F 39 -36.20 20.96 13.79
CA ARG F 39 -35.84 22.11 14.60
C ARG F 39 -34.75 22.95 13.98
N LEU F 40 -34.66 24.19 14.43
CA LEU F 40 -33.66 25.13 13.95
C LEU F 40 -33.58 25.21 12.42
N GLY F 41 -34.71 25.54 11.80
CA GLY F 41 -34.73 25.65 10.35
C GLY F 41 -34.27 24.42 9.59
N ALA F 42 -34.10 23.32 10.31
CA ALA F 42 -33.66 22.05 9.73
C ALA F 42 -32.16 22.02 9.42
N LYS F 43 -31.47 23.10 9.75
CA LYS F 43 -30.04 23.19 9.52
C LYS F 43 -29.29 21.98 10.10
N PRO F 44 -29.59 21.60 11.36
CA PRO F 44 -28.93 20.46 11.98
C PRO F 44 -29.21 19.19 11.21
N ALA F 45 -30.49 18.91 10.99
CA ALA F 45 -30.87 17.71 10.28
C ALA F 45 -30.18 17.64 8.92
N GLN F 46 -30.04 18.80 8.29
CA GLN F 46 -29.39 18.85 6.98
C GLN F 46 -27.96 18.33 7.07
N LYS F 47 -27.22 18.84 8.04
CA LYS F 47 -25.84 18.41 8.25
C LYS F 47 -25.83 16.92 8.53
N ALA F 48 -26.84 16.46 9.27
CA ALA F 48 -26.96 15.06 9.60
C ALA F 48 -27.18 14.28 8.32
N PHE F 49 -27.91 14.88 7.38
CA PHE F 49 -28.17 14.21 6.11
C PHE F 49 -26.92 14.24 5.25
N LEU F 50 -26.21 15.37 5.30
CA LEU F 50 -24.97 15.56 4.57
C LEU F 50 -23.99 14.42 4.87
N GLU F 51 -23.80 14.14 6.16
CA GLU F 51 -22.90 13.08 6.61
C GLU F 51 -23.41 11.74 6.09
N VAL F 52 -24.59 11.33 6.53
CA VAL F 52 -25.13 10.05 6.09
C VAL F 52 -25.00 9.85 4.58
N ALA F 53 -24.89 10.98 3.88
CA ALA F 53 -24.72 10.96 2.43
C ALA F 53 -23.25 10.71 2.14
N GLU F 54 -22.41 11.56 2.68
CA GLU F 54 -20.98 11.43 2.50
C GLU F 54 -20.51 10.01 2.85
N ALA F 55 -21.25 9.35 3.74
CA ALA F 55 -20.90 8.00 4.16
C ALA F 55 -21.07 6.98 3.04
N ILE F 56 -22.20 7.06 2.33
CA ILE F 56 -22.47 6.12 1.24
C ILE F 56 -21.40 6.31 0.17
N SER F 57 -20.87 7.53 0.10
CA SER F 57 -19.85 7.93 -0.87
C SER F 57 -18.78 6.89 -1.16
N GLU F 58 -18.15 6.39 -0.10
CA GLU F 58 -17.10 5.41 -0.26
C GLU F 58 -17.54 4.02 -0.72
N PHE F 59 -18.84 3.81 -0.90
CA PHE F 59 -19.29 2.48 -1.30
C PHE F 59 -19.94 2.46 -2.68
N GLU F 60 -20.64 3.56 -2.99
CA GLU F 60 -21.35 3.73 -4.26
C GLU F 60 -21.78 5.17 -4.39
N PRO F 61 -22.32 5.55 -5.54
CA PRO F 61 -22.78 6.92 -5.75
C PRO F 61 -24.11 7.23 -5.06
N VAL F 62 -24.27 8.51 -4.73
CA VAL F 62 -25.47 9.00 -4.08
C VAL F 62 -26.18 10.01 -4.95
N SER F 63 -27.51 9.91 -4.97
CA SER F 63 -28.39 10.79 -5.74
C SER F 63 -29.21 11.60 -4.73
N LEU F 64 -28.66 12.75 -4.36
CA LEU F 64 -29.26 13.64 -3.40
C LEU F 64 -30.28 14.59 -4.09
N CYS F 65 -31.57 14.40 -3.83
CA CYS F 65 -32.59 15.25 -4.46
C CYS F 65 -33.09 16.37 -3.56
N VAL F 66 -32.77 17.60 -3.88
CA VAL F 66 -33.24 18.66 -2.99
C VAL F 66 -34.17 19.67 -3.64
N PRO F 67 -35.15 20.17 -2.87
CA PRO F 67 -36.10 21.15 -3.36
C PRO F 67 -35.29 22.30 -3.92
N PRO F 68 -35.83 22.99 -4.94
CA PRO F 68 -35.26 24.14 -5.65
C PRO F 68 -34.78 25.28 -4.75
N LEU F 69 -35.39 25.41 -3.59
CA LEU F 69 -35.05 26.48 -2.65
C LEU F 69 -33.77 26.26 -1.83
N GLN F 70 -33.41 25.00 -1.63
CA GLN F 70 -32.21 24.64 -0.89
C GLN F 70 -31.27 23.89 -1.80
N TYR F 71 -31.27 24.22 -3.09
CA TYR F 71 -30.41 23.53 -4.05
C TYR F 71 -28.99 24.08 -4.00
N GLU F 72 -28.84 25.36 -4.35
CA GLU F 72 -27.55 26.01 -4.34
C GLU F 72 -26.79 25.64 -3.07
N ASN F 73 -27.51 25.61 -1.95
CA ASN F 73 -26.93 25.28 -0.66
C ASN F 73 -26.35 23.87 -0.63
N ALA F 74 -27.19 22.87 -0.89
CA ALA F 74 -26.74 21.48 -0.85
C ALA F 74 -25.55 21.20 -1.77
N LEU F 75 -25.49 21.90 -2.89
CA LEU F 75 -24.41 21.72 -3.84
C LEU F 75 -23.12 22.37 -3.34
N ALA F 76 -23.26 23.46 -2.59
CA ALA F 76 -22.10 24.15 -2.05
C ALA F 76 -21.53 23.35 -0.90
N ARG F 77 -22.37 22.55 -0.25
CA ARG F 77 -21.89 21.74 0.88
C ARG F 77 -21.34 20.39 0.41
N VAL F 78 -21.85 19.86 -0.69
CA VAL F 78 -21.37 18.57 -1.18
C VAL F 78 -20.06 18.72 -1.94
N SER F 79 -19.79 19.93 -2.43
CA SER F 79 -18.54 20.18 -3.14
C SER F 79 -17.52 20.52 -2.08
N GLU F 80 -18.02 21.04 -0.97
CA GLU F 80 -17.22 21.42 0.18
C GLU F 80 -16.64 20.16 0.85
N LEU F 81 -17.20 19.01 0.50
CA LEU F 81 -16.74 17.74 1.07
C LEU F 81 -15.94 16.96 0.02
N GLY F 82 -15.25 17.68 -0.85
CA GLY F 82 -14.46 17.05 -1.89
C GLY F 82 -15.28 16.84 -3.16
N SER F 83 -16.54 16.45 -2.98
CA SER F 83 -17.47 16.19 -4.09
C SER F 83 -16.92 15.02 -4.91
N HIS F 84 -17.31 13.81 -4.53
CA HIS F 84 -16.82 12.64 -5.25
C HIS F 84 -17.86 12.08 -6.23
N ASN F 85 -18.69 11.16 -5.76
CA ASN F 85 -19.70 10.54 -6.61
C ASN F 85 -21.13 10.85 -6.15
N ILE F 86 -21.31 12.04 -5.60
CA ILE F 86 -22.60 12.50 -5.12
C ILE F 86 -23.15 13.56 -6.09
N ARG F 87 -24.32 13.31 -6.66
CA ARG F 87 -24.95 14.26 -7.57
C ARG F 87 -26.20 14.87 -6.95
N ILE F 88 -26.34 16.18 -7.10
CA ILE F 88 -27.50 16.87 -6.57
C ILE F 88 -28.51 17.14 -7.68
N ILE F 89 -29.64 16.43 -7.66
CA ILE F 89 -30.69 16.64 -8.66
C ILE F 89 -31.83 17.43 -8.02
N GLU F 90 -32.40 18.37 -8.77
CA GLU F 90 -33.50 19.17 -8.24
C GLU F 90 -34.79 18.37 -8.12
N MSE F 91 -35.37 18.34 -6.93
CA MSE F 91 -36.63 17.63 -6.72
C MSE F 91 -37.39 18.15 -5.51
O MSE F 91 -36.82 18.26 -4.43
CB MSE F 91 -36.36 16.14 -6.54
CG MSE F 91 -37.61 15.31 -6.64
SE MSE F 91 -37.28 13.39 -6.70
CE MSE F 91 -35.92 13.32 -8.07
N THR F 92 -38.68 18.48 -5.69
CA THR F 92 -39.52 18.98 -4.60
C THR F 92 -40.10 17.85 -3.75
N ASN F 93 -40.33 18.11 -2.48
CA ASN F 93 -40.90 17.12 -1.57
C ASN F 93 -41.43 17.83 -0.36
N ASP F 94 -42.45 17.26 0.25
CA ASP F 94 -43.04 17.86 1.44
C ASP F 94 -42.22 17.53 2.67
N ASP F 95 -41.50 16.41 2.59
CA ASP F 95 -40.62 15.95 3.64
C ASP F 95 -39.67 14.91 3.10
N ALA F 96 -38.47 14.83 3.68
CA ALA F 96 -37.43 13.90 3.25
C ALA F 96 -37.56 12.47 3.75
N TRP F 97 -38.30 11.63 3.03
CA TRP F 97 -38.46 10.23 3.42
C TRP F 97 -38.52 9.30 2.20
N ILE F 98 -37.55 9.48 1.31
CA ILE F 98 -37.44 8.71 0.08
C ILE F 98 -37.73 7.23 0.28
N ARG F 99 -37.52 6.73 1.50
CA ARG F 99 -37.76 5.32 1.80
C ARG F 99 -39.21 4.95 1.60
N ASP F 100 -40.11 5.85 1.96
CA ASP F 100 -41.52 5.56 1.84
C ASP F 100 -42.15 5.99 0.53
N CYS F 101 -42.18 7.29 0.29
CA CYS F 101 -42.76 7.81 -0.93
C CYS F 101 -42.00 7.32 -2.16
N GLY F 102 -40.69 7.17 -2.04
CA GLY F 102 -39.86 6.72 -3.17
C GLY F 102 -40.28 5.48 -3.93
N PRO F 103 -39.61 5.15 -5.05
CA PRO F 103 -39.94 3.98 -5.86
C PRO F 103 -39.31 2.73 -5.27
N THR F 104 -40.00 1.61 -5.43
CA THR F 104 -39.52 0.31 -4.95
C THR F 104 -39.16 -0.44 -6.20
N PHE F 105 -37.91 -0.33 -6.62
CA PHE F 105 -37.44 -0.99 -7.84
C PHE F 105 -37.65 -2.50 -7.96
N LEU F 106 -37.51 -3.00 -9.18
CA LEU F 106 -37.68 -4.41 -9.45
C LEU F 106 -36.62 -4.83 -10.44
N VAL F 107 -36.56 -6.13 -10.72
CA VAL F 107 -35.59 -6.63 -11.66
C VAL F 107 -36.06 -7.97 -12.21
N ASN F 108 -35.72 -8.25 -13.46
CA ASN F 108 -36.13 -9.48 -14.12
C ASN F 108 -34.95 -10.46 -14.21
N ASP F 109 -33.84 -10.06 -13.61
CA ASP F 109 -32.63 -10.88 -13.57
C ASP F 109 -32.09 -11.12 -14.97
N LYS F 110 -32.38 -10.19 -15.87
CA LYS F 110 -31.96 -10.30 -17.26
C LYS F 110 -31.41 -8.96 -17.73
N GLY F 111 -31.25 -8.05 -16.78
CA GLY F 111 -30.74 -6.72 -17.09
C GLY F 111 -31.74 -5.59 -16.94
N ASP F 112 -33.00 -5.84 -17.33
CA ASP F 112 -34.05 -4.84 -17.26
C ASP F 112 -34.32 -4.38 -15.81
N LEU F 113 -34.65 -3.09 -15.65
CA LEU F 113 -34.95 -2.53 -14.34
C LEU F 113 -36.33 -1.87 -14.37
N ARG F 114 -37.26 -2.41 -13.60
CA ARG F 114 -38.61 -1.90 -13.52
C ARG F 114 -38.81 -1.26 -12.14
N ALA F 115 -40.06 -1.10 -11.71
CA ALA F 115 -40.37 -0.52 -10.40
C ALA F 115 -41.85 -0.55 -10.05
N VAL F 116 -42.17 -0.43 -8.77
CA VAL F 116 -43.57 -0.43 -8.35
C VAL F 116 -43.81 0.82 -7.55
N ASP F 117 -44.66 1.71 -8.07
CA ASP F 117 -44.98 2.96 -7.39
C ASP F 117 -46.27 2.77 -6.61
N TRP F 118 -46.18 2.87 -5.28
CA TRP F 118 -47.33 2.72 -4.40
C TRP F 118 -48.01 4.07 -4.20
N GLU F 119 -49.13 4.06 -3.50
CA GLU F 119 -49.85 5.29 -3.21
C GLU F 119 -49.34 5.75 -1.87
N PHE F 120 -49.06 7.04 -1.75
CA PHE F 120 -48.54 7.61 -0.50
C PHE F 120 -49.54 8.60 0.09
N ASN F 121 -49.89 8.45 1.36
CA ASN F 121 -50.83 9.39 1.96
C ASN F 121 -50.31 9.98 3.26
N ALA F 122 -49.00 10.06 3.38
CA ALA F 122 -48.33 10.60 4.57
C ALA F 122 -48.55 9.74 5.82
N TRP F 123 -48.48 8.42 5.63
CA TRP F 123 -48.66 7.49 6.75
C TRP F 123 -50.03 7.67 7.41
N GLY F 124 -51.09 7.35 6.67
CA GLY F 124 -52.43 7.50 7.23
C GLY F 124 -53.36 8.32 6.38
N GLY F 125 -52.94 9.54 6.04
CA GLY F 125 -53.75 10.40 5.22
C GLY F 125 -54.51 11.43 6.02
N LEU F 126 -55.75 11.68 5.60
CA LEU F 126 -56.60 12.65 6.28
C LEU F 126 -57.11 12.02 7.57
N VAL F 127 -56.86 10.73 7.71
CA VAL F 127 -57.30 10.00 8.89
C VAL F 127 -56.24 10.01 9.98
N ASP F 128 -54.98 9.79 9.61
CA ASP F 128 -53.95 9.77 10.62
C ASP F 128 -52.58 10.19 10.10
N GLY F 129 -52.57 10.86 8.96
CA GLY F 129 -51.31 11.30 8.39
C GLY F 129 -50.56 12.26 9.29
N LEU F 130 -49.24 12.29 9.12
CA LEU F 130 -48.37 13.16 9.88
C LEU F 130 -48.56 14.63 9.50
N TYR F 131 -48.62 14.92 8.21
CA TYR F 131 -48.84 16.29 7.73
C TYR F 131 -49.90 16.24 6.61
N PHE F 132 -50.42 17.39 6.18
CA PHE F 132 -51.46 17.36 5.16
C PHE F 132 -51.07 17.36 3.69
N PRO F 133 -50.54 18.47 3.17
CA PRO F 133 -50.19 18.44 1.75
C PRO F 133 -49.07 17.40 1.49
N TRP F 134 -49.45 16.26 0.90
CA TRP F 134 -48.50 15.17 0.60
C TRP F 134 -48.46 14.84 -0.89
N ASP F 135 -48.95 15.79 -1.68
CA ASP F 135 -49.03 15.62 -3.12
C ASP F 135 -47.68 15.70 -3.80
N GLN F 136 -46.77 16.50 -3.28
CA GLN F 136 -45.44 16.61 -3.89
C GLN F 136 -44.62 15.34 -3.64
N ASP F 137 -44.87 14.68 -2.50
CA ASP F 137 -44.17 13.44 -2.17
C ASP F 137 -44.71 12.34 -3.06
N ALA F 138 -46.01 12.34 -3.31
CA ALA F 138 -46.57 11.31 -4.18
C ALA F 138 -46.02 11.47 -5.60
N LEU F 139 -45.24 12.52 -5.83
CA LEU F 139 -44.66 12.72 -7.14
C LEU F 139 -43.24 12.18 -7.19
N VAL F 140 -42.55 12.27 -6.07
CA VAL F 140 -41.18 11.81 -5.96
C VAL F 140 -40.92 10.46 -6.62
N ALA F 141 -41.75 9.45 -6.35
CA ALA F 141 -41.53 8.13 -6.96
C ALA F 141 -41.56 8.15 -8.48
N ARG F 142 -42.57 8.79 -9.06
CA ARG F 142 -42.70 8.88 -10.51
C ARG F 142 -41.55 9.69 -11.08
N LYS F 143 -41.25 10.82 -10.45
CA LYS F 143 -40.16 11.69 -10.90
C LYS F 143 -38.80 11.00 -10.96
N VAL F 144 -38.47 10.25 -9.92
CA VAL F 144 -37.20 9.56 -9.88
C VAL F 144 -37.14 8.41 -10.92
N CYS F 145 -38.27 7.81 -11.25
CA CYS F 145 -38.23 6.77 -12.26
C CYS F 145 -38.06 7.42 -13.63
N GLU F 146 -38.34 8.71 -13.74
CA GLU F 146 -38.23 9.37 -15.04
C GLU F 146 -36.82 9.67 -15.44
N ILE F 147 -36.05 10.18 -14.48
CA ILE F 147 -34.67 10.55 -14.76
C ILE F 147 -33.77 9.35 -14.68
N GLU F 148 -34.35 8.16 -14.66
CA GLU F 148 -33.54 6.96 -14.59
C GLU F 148 -33.86 6.02 -15.74
N GLY F 149 -34.91 6.34 -16.49
CA GLY F 149 -35.30 5.53 -17.61
C GLY F 149 -35.77 4.15 -17.19
N VAL F 150 -36.74 4.11 -16.30
CA VAL F 150 -37.26 2.86 -15.79
C VAL F 150 -38.77 2.92 -15.65
N ASP F 151 -39.45 2.00 -16.34
CA ASP F 151 -40.91 1.91 -16.32
C ASP F 151 -41.40 1.63 -14.89
N SER F 152 -42.70 1.70 -14.67
CA SER F 152 -43.20 1.46 -13.32
C SER F 152 -44.61 0.93 -13.32
N TYR F 153 -44.96 0.28 -12.21
CA TYR F 153 -46.29 -0.29 -12.01
C TYR F 153 -46.95 0.59 -10.97
N LYS F 154 -48.21 0.97 -11.20
CA LYS F 154 -48.95 1.80 -10.25
C LYS F 154 -50.06 1.04 -9.53
N THR F 155 -49.88 0.87 -8.24
CA THR F 155 -50.85 0.16 -7.40
C THR F 155 -51.98 1.13 -7.04
N LYS F 156 -52.94 1.28 -7.94
CA LYS F 156 -54.03 2.22 -7.71
C LYS F 156 -54.86 1.85 -6.49
N ASP F 157 -55.09 2.85 -5.65
CA ASP F 157 -55.88 2.75 -4.42
C ASP F 157 -55.22 1.91 -3.32
N PHE F 158 -53.99 1.47 -3.56
CA PHE F 158 -53.25 0.68 -2.59
C PHE F 158 -52.14 1.55 -2.00
N VAL F 159 -52.35 2.07 -0.80
CA VAL F 159 -51.36 2.91 -0.14
C VAL F 159 -50.37 2.15 0.74
N LEU F 160 -49.12 2.06 0.27
CA LEU F 160 -48.07 1.37 1.02
C LEU F 160 -46.79 2.21 0.98
N GLU F 161 -46.01 2.16 2.04
CA GLU F 161 -44.77 2.91 2.08
C GLU F 161 -43.58 1.95 2.12
N GLY F 162 -42.52 2.30 1.40
CA GLY F 162 -41.33 1.46 1.33
C GLY F 162 -40.86 0.85 2.65
N GLY F 163 -40.54 1.69 3.63
CA GLY F 163 -40.07 1.17 4.90
C GLY F 163 -41.10 0.47 5.78
N SER F 164 -42.03 -0.28 5.19
CA SER F 164 -43.03 -1.00 5.97
C SER F 164 -42.97 -2.46 5.53
N ILE F 165 -41.99 -2.75 4.70
CA ILE F 165 -41.82 -4.09 4.20
C ILE F 165 -40.35 -4.41 3.90
N HIS F 166 -39.93 -5.60 4.33
CA HIS F 166 -38.56 -6.07 4.11
C HIS F 166 -38.64 -7.37 3.36
N VAL F 167 -37.79 -7.50 2.35
CA VAL F 167 -37.77 -8.69 1.51
C VAL F 167 -36.43 -9.40 1.38
N ASP F 168 -36.52 -10.70 1.10
CA ASP F 168 -35.34 -11.52 0.90
C ASP F 168 -35.44 -12.02 -0.55
N GLY F 169 -34.30 -12.17 -1.21
CA GLY F 169 -34.29 -12.62 -2.59
C GLY F 169 -35.50 -13.42 -3.05
N GLU F 170 -35.81 -14.51 -2.35
CA GLU F 170 -36.94 -15.37 -2.74
C GLU F 170 -38.28 -15.14 -2.06
N GLY F 171 -39.34 -15.39 -2.84
CA GLY F 171 -40.72 -15.22 -2.41
C GLY F 171 -41.13 -15.03 -0.96
N THR F 172 -40.54 -14.06 -0.27
CA THR F 172 -40.91 -13.85 1.12
C THR F 172 -40.69 -12.40 1.51
N VAL F 173 -41.63 -11.85 2.27
CA VAL F 173 -41.52 -10.47 2.70
C VAL F 173 -41.90 -10.36 4.17
N LEU F 174 -41.38 -9.34 4.84
CA LEU F 174 -41.68 -9.12 6.25
C LEU F 174 -42.53 -7.86 6.49
N VAL F 175 -43.84 -8.03 6.65
CA VAL F 175 -44.73 -6.89 6.90
C VAL F 175 -45.15 -6.87 8.37
N THR F 176 -45.68 -5.73 8.81
CA THR F 176 -46.11 -5.56 10.21
C THR F 176 -47.62 -5.24 10.24
N GLU F 177 -48.46 -6.24 10.52
CA GLU F 177 -49.92 -6.05 10.52
C GLU F 177 -50.46 -4.86 11.30
N MSE F 178 -49.75 -4.43 12.33
CA MSE F 178 -50.21 -3.28 13.12
C MSE F 178 -50.20 -2.00 12.27
O MSE F 178 -50.70 -0.96 12.68
CB MSE F 178 -49.32 -3.10 14.36
CG MSE F 178 -49.79 -1.98 15.30
SE MSE F 178 -48.47 -0.57 15.55
CE MSE F 178 -48.20 -0.77 17.48
N CYS F 179 -49.61 -2.10 11.07
CA CYS F 179 -49.52 -0.98 10.15
C CYS F 179 -50.29 -1.22 8.86
N LEU F 180 -49.91 -2.26 8.12
CA LEU F 180 -50.59 -2.56 6.87
C LEU F 180 -52.10 -2.76 7.00
N LEU F 181 -52.55 -3.07 8.22
CA LEU F 181 -53.97 -3.30 8.48
C LEU F 181 -54.63 -2.10 9.13
N HIS F 182 -53.81 -1.16 9.59
CA HIS F 182 -54.30 0.06 10.24
C HIS F 182 -55.47 0.60 9.40
N PRO F 183 -56.50 1.14 10.05
CA PRO F 183 -57.64 1.67 9.29
C PRO F 183 -57.27 2.81 8.33
N SER F 184 -56.18 3.54 8.61
CA SER F 184 -55.76 4.65 7.77
C SER F 184 -54.84 4.16 6.65
N ARG F 185 -55.06 2.94 6.19
CA ARG F 185 -54.22 2.36 5.17
C ARG F 185 -54.92 1.14 4.57
N ASN F 186 -55.73 1.34 3.54
CA ASN F 186 -56.42 0.23 2.88
C ASN F 186 -57.51 -0.46 3.70
N PRO F 187 -58.46 0.31 4.25
CA PRO F 187 -59.54 -0.28 5.04
C PRO F 187 -60.65 -0.83 4.15
N HIS F 188 -60.35 -1.06 2.88
CA HIS F 188 -61.33 -1.58 1.95
C HIS F 188 -60.80 -2.90 1.45
N LEU F 189 -59.58 -3.19 1.89
CA LEU F 189 -58.88 -4.40 1.52
C LEU F 189 -58.77 -5.30 2.74
N THR F 190 -58.97 -6.61 2.54
CA THR F 190 -58.87 -7.59 3.63
C THR F 190 -57.42 -8.02 3.77
N LYS F 191 -57.09 -8.65 4.90
CA LYS F 191 -55.73 -9.12 5.12
C LYS F 191 -55.37 -10.12 4.02
N GLU F 192 -56.39 -10.68 3.38
CA GLU F 192 -56.21 -11.64 2.31
C GLU F 192 -55.81 -10.90 1.04
N ASP F 193 -56.59 -9.88 0.71
CA ASP F 193 -56.39 -9.03 -0.46
C ASP F 193 -54.98 -8.44 -0.43
N ILE F 194 -54.64 -7.82 0.70
CA ILE F 194 -53.34 -7.19 0.90
C ILE F 194 -52.17 -8.13 0.65
N GLU F 195 -52.29 -9.38 1.10
CA GLU F 195 -51.22 -10.33 0.89
C GLU F 195 -51.07 -10.56 -0.61
N ASP F 196 -52.19 -10.72 -1.29
CA ASP F 196 -52.15 -10.95 -2.74
C ASP F 196 -51.38 -9.85 -3.47
N LYS F 197 -51.67 -8.60 -3.12
CA LYS F 197 -50.99 -7.48 -3.73
C LYS F 197 -49.48 -7.64 -3.50
N LEU F 198 -49.07 -7.74 -2.23
CA LEU F 198 -47.67 -7.91 -1.86
C LEU F 198 -47.04 -9.07 -2.61
N LYS F 199 -47.86 -10.03 -2.98
CA LYS F 199 -47.35 -11.17 -3.71
C LYS F 199 -47.21 -10.85 -5.19
N ASP F 200 -48.05 -9.95 -5.69
CA ASP F 200 -47.98 -9.63 -7.12
C ASP F 200 -46.98 -8.57 -7.51
N TYR F 201 -46.73 -7.63 -6.60
CA TYR F 201 -45.81 -6.55 -6.89
C TYR F 201 -44.40 -6.73 -6.30
N LEU F 202 -44.24 -7.79 -5.51
CA LEU F 202 -42.95 -8.10 -4.89
C LEU F 202 -42.48 -9.48 -5.34
N ASN F 203 -43.44 -10.32 -5.72
CA ASN F 203 -43.18 -11.68 -6.16
C ASN F 203 -42.80 -12.53 -4.96
N CYS F 204 -43.52 -12.33 -3.86
CA CYS F 204 -43.29 -13.06 -2.61
C CYS F 204 -44.40 -14.08 -2.42
N VAL F 205 -44.06 -15.36 -2.56
CA VAL F 205 -45.05 -16.43 -2.40
C VAL F 205 -45.47 -16.61 -0.94
N LYS F 206 -44.85 -15.87 -0.03
CA LYS F 206 -45.21 -15.97 1.39
C LYS F 206 -44.99 -14.67 2.16
N VAL F 207 -45.98 -14.34 3.07
CA VAL F 207 -45.86 -13.08 3.81
C VAL F 207 -45.89 -13.37 5.33
N LEU F 208 -44.80 -13.01 5.98
CA LEU F 208 -44.62 -13.17 7.45
C LEU F 208 -45.19 -11.96 8.16
N TRP F 209 -46.14 -12.21 9.05
CA TRP F 209 -46.84 -11.12 9.74
C TRP F 209 -46.41 -10.93 11.20
N VAL F 210 -45.40 -10.09 11.38
CA VAL F 210 -44.97 -9.68 12.71
C VAL F 210 -46.11 -8.94 13.26
N LYS F 211 -46.17 -8.81 14.52
CA LYS F 211 -47.43 -8.34 14.95
C LYS F 211 -47.57 -7.15 15.86
N ASP F 212 -46.66 -6.30 16.03
CA ASP F 212 -46.85 -5.04 16.82
C ASP F 212 -45.59 -4.33 16.46
N GLY F 213 -45.56 -3.06 16.60
CA GLY F 213 -44.35 -2.32 16.22
C GLY F 213 -43.99 -1.35 17.31
N ILE F 214 -42.81 -0.78 17.18
CA ILE F 214 -42.34 0.19 18.15
C ILE F 214 -42.64 1.63 17.67
N ASP F 215 -43.59 1.72 16.76
CA ASP F 215 -44.02 3.02 16.20
C ASP F 215 -45.53 3.19 16.39
N PRO F 216 -46.01 3.09 17.66
CA PRO F 216 -47.42 3.17 18.05
C PRO F 216 -48.36 4.08 17.25
N TYR F 217 -48.04 5.37 17.18
CA TYR F 217 -48.90 6.31 16.48
C TYR F 217 -48.29 7.23 15.41
N GLU F 218 -47.05 6.98 15.00
CA GLU F 218 -46.45 7.81 13.95
C GLU F 218 -46.52 7.08 12.62
N THR F 219 -45.52 6.23 12.37
CA THR F 219 -45.46 5.45 11.14
C THR F 219 -46.49 4.33 11.23
N ASN F 220 -47.05 4.17 12.42
CA ASN F 220 -48.05 3.15 12.72
C ASN F 220 -47.44 1.77 12.76
N GLY F 221 -46.25 1.69 13.34
CA GLY F 221 -45.56 0.42 13.47
C GLY F 221 -44.94 -0.19 12.24
N HIS F 222 -44.03 0.53 11.60
CA HIS F 222 -43.34 0.00 10.44
C HIS F 222 -42.42 -1.13 10.89
N ILE F 223 -42.10 -2.04 9.99
CA ILE F 223 -41.23 -3.17 10.33
C ILE F 223 -39.74 -2.84 10.18
N ASP F 224 -39.43 -1.78 9.44
CA ASP F 224 -38.04 -1.38 9.22
C ASP F 224 -37.47 -0.72 10.47
N ASP F 225 -38.06 -1.03 11.61
CA ASP F 225 -37.62 -0.49 12.89
C ASP F 225 -37.33 -1.65 13.85
N VAL F 226 -38.03 -2.75 13.65
CA VAL F 226 -37.88 -3.90 14.53
C VAL F 226 -37.01 -5.02 13.97
N ALA F 227 -37.09 -5.28 12.67
CA ALA F 227 -36.31 -6.37 12.08
C ALA F 227 -36.13 -6.22 10.57
N CYS F 228 -35.42 -7.18 9.96
CA CYS F 228 -35.17 -7.19 8.52
C CYS F 228 -34.40 -8.43 8.11
N PHE F 229 -34.17 -8.58 6.80
CA PHE F 229 -33.45 -9.72 6.26
C PHE F 229 -31.98 -9.38 6.03
N ILE F 230 -31.09 -10.01 6.80
CA ILE F 230 -29.65 -9.75 6.63
C ILE F 230 -29.05 -10.66 5.58
N ARG F 231 -29.81 -11.67 5.17
CA ARG F 231 -29.37 -12.63 4.18
C ARG F 231 -30.57 -13.54 3.97
N PRO F 232 -30.76 -14.08 2.76
CA PRO F 232 -31.91 -14.96 2.50
C PRO F 232 -31.97 -16.12 3.49
N GLY F 233 -32.79 -15.97 4.53
CA GLY F 233 -32.89 -17.00 5.54
C GLY F 233 -32.55 -16.42 6.91
N GLU F 234 -31.44 -15.67 6.98
CA GLU F 234 -31.03 -15.06 8.24
C GLU F 234 -31.61 -13.65 8.32
N VAL F 235 -32.03 -13.26 9.52
CA VAL F 235 -32.64 -11.95 9.72
C VAL F 235 -32.08 -11.22 10.92
N ALA F 236 -32.51 -9.98 11.11
CA ALA F 236 -32.05 -9.21 12.25
C ALA F 236 -33.27 -8.97 13.11
N CYS F 237 -33.04 -8.46 14.31
CA CYS F 237 -34.15 -8.19 15.22
C CYS F 237 -33.67 -7.59 16.52
N ILE F 238 -34.34 -6.53 16.95
CA ILE F 238 -33.97 -5.89 18.21
C ILE F 238 -34.32 -6.82 19.36
N TYR F 239 -33.52 -6.82 20.42
CA TYR F 239 -33.78 -7.67 21.58
C TYR F 239 -33.10 -7.17 22.86
N THR F 240 -33.91 -6.92 23.88
CA THR F 240 -33.42 -6.46 25.17
C THR F 240 -34.08 -7.30 26.26
N ASP F 241 -33.45 -7.39 27.42
CA ASP F 241 -34.01 -8.18 28.51
C ASP F 241 -34.60 -7.28 29.57
N ASP F 242 -34.31 -5.99 29.46
CA ASP F 242 -34.83 -5.00 30.40
C ASP F 242 -36.33 -4.99 30.34
N LYS F 243 -36.97 -5.58 31.34
CA LYS F 243 -38.42 -5.66 31.38
C LYS F 243 -39.10 -4.33 31.67
N GLU F 244 -38.30 -3.26 31.70
CA GLU F 244 -38.82 -1.91 31.95
C GLU F 244 -38.47 -0.97 30.79
N HIS F 245 -37.99 -1.57 29.71
CA HIS F 245 -37.62 -0.82 28.50
C HIS F 245 -38.86 -0.71 27.61
N PRO F 246 -39.18 0.51 27.15
CA PRO F 246 -40.34 0.76 26.29
C PRO F 246 -40.55 -0.18 25.08
N PHE F 247 -39.47 -0.77 24.56
CA PHE F 247 -39.57 -1.68 23.40
C PHE F 247 -39.49 -3.15 23.80
N TYR F 248 -39.32 -3.41 25.10
CA TYR F 248 -39.20 -4.79 25.59
C TYR F 248 -40.15 -5.80 24.97
N GLN F 249 -41.41 -5.77 25.38
CA GLN F 249 -42.40 -6.73 24.89
C GLN F 249 -42.59 -6.82 23.38
N GLU F 250 -42.65 -5.68 22.70
CA GLU F 250 -42.83 -5.72 21.25
C GLU F 250 -41.65 -6.43 20.62
N ALA F 251 -40.45 -6.14 21.12
CA ALA F 251 -39.22 -6.73 20.61
C ALA F 251 -39.18 -8.24 20.86
N LYS F 252 -39.47 -8.64 22.09
CA LYS F 252 -39.47 -10.04 22.41
C LYS F 252 -40.58 -10.75 21.64
N ALA F 253 -41.77 -10.15 21.63
CA ALA F 253 -42.94 -10.70 20.92
C ALA F 253 -42.57 -10.96 19.47
N ALA F 254 -41.70 -10.10 18.94
CA ALA F 254 -41.25 -10.19 17.57
C ALA F 254 -40.25 -11.32 17.44
N TYR F 255 -39.30 -11.36 18.37
CA TYR F 255 -38.25 -12.39 18.38
C TYR F 255 -38.84 -13.78 18.43
N ASP F 256 -39.84 -13.96 19.29
CA ASP F 256 -40.49 -15.25 19.42
C ASP F 256 -41.18 -15.63 18.12
N PHE F 257 -41.79 -14.64 17.47
CA PHE F 257 -42.48 -14.86 16.21
C PHE F 257 -41.50 -15.23 15.10
N LEU F 258 -40.43 -14.45 15.02
CA LEU F 258 -39.39 -14.64 14.02
C LEU F 258 -38.76 -16.01 14.09
N SER F 259 -38.18 -16.31 15.25
CA SER F 259 -37.51 -17.58 15.51
C SER F 259 -38.38 -18.81 15.23
N GLN F 260 -39.69 -18.67 15.42
CA GLN F 260 -40.64 -19.76 15.18
C GLN F 260 -41.14 -19.74 13.75
N GLN F 261 -40.59 -18.85 12.93
CA GLN F 261 -41.04 -18.72 11.54
C GLN F 261 -40.05 -19.13 10.46
N THR F 262 -40.59 -19.77 9.44
CA THR F 262 -39.81 -20.23 8.28
C THR F 262 -40.19 -19.43 7.03
N ASP F 263 -39.31 -19.40 6.04
CA ASP F 263 -39.59 -18.66 4.81
C ASP F 263 -40.24 -19.50 3.71
N ALA F 264 -40.15 -19.00 2.49
CA ALA F 264 -40.72 -19.67 1.34
C ALA F 264 -39.98 -20.95 0.99
N LYS F 265 -38.69 -20.81 0.68
CA LYS F 265 -37.90 -21.98 0.30
C LYS F 265 -37.85 -23.06 1.37
N GLY F 266 -38.26 -22.72 2.59
CA GLY F 266 -38.29 -23.71 3.65
C GLY F 266 -37.32 -23.58 4.82
N ARG F 267 -36.14 -23.04 4.57
CA ARG F 267 -35.15 -22.89 5.64
C ARG F 267 -35.67 -22.11 6.84
N PRO F 268 -35.20 -22.45 8.04
CA PRO F 268 -35.65 -21.76 9.26
C PRO F 268 -34.96 -20.40 9.30
N LEU F 269 -35.52 -19.46 10.06
CA LEU F 269 -34.92 -18.13 10.12
C LEU F 269 -33.90 -17.98 11.23
N LYS F 270 -32.63 -17.97 10.85
CA LYS F 270 -31.55 -17.81 11.81
C LYS F 270 -31.62 -16.40 12.37
N VAL F 271 -32.51 -16.17 13.32
CA VAL F 271 -32.69 -14.85 13.93
C VAL F 271 -31.43 -14.30 14.63
N HIS F 272 -31.13 -13.03 14.43
CA HIS F 272 -29.97 -12.43 15.09
C HIS F 272 -30.42 -11.50 16.20
N LYS F 273 -29.48 -10.82 16.82
CA LYS F 273 -29.82 -9.92 17.89
C LYS F 273 -29.15 -8.56 17.82
N MSE F 274 -29.98 -7.52 17.74
CA MSE F 274 -29.51 -6.15 17.70
C MSE F 274 -29.83 -5.61 19.09
O MSE F 274 -30.65 -6.17 19.80
CB MSE F 274 -30.28 -5.36 16.63
CG MSE F 274 -29.80 -3.93 16.39
SE MSE F 274 -28.00 -3.81 15.58
CE MSE F 274 -28.43 -4.62 13.85
N CYS F 275 -29.18 -4.52 19.49
CA CYS F 275 -29.44 -3.95 20.80
C CYS F 275 -30.26 -2.69 20.65
N VAL F 276 -30.81 -2.23 21.77
CA VAL F 276 -31.61 -1.01 21.81
C VAL F 276 -30.92 -0.02 22.73
N THR F 277 -31.13 1.28 22.50
CA THR F 277 -30.52 2.29 23.34
C THR F 277 -30.89 2.04 24.81
N LYS F 278 -30.11 2.58 25.73
CA LYS F 278 -30.37 2.43 27.16
C LYS F 278 -30.92 3.78 27.65
N GLU F 279 -30.82 4.78 26.76
CA GLU F 279 -31.30 6.13 27.03
C GLU F 279 -31.95 6.71 25.78
N PRO F 280 -33.26 6.97 25.83
CA PRO F 280 -34.00 7.54 24.69
C PRO F 280 -33.54 8.96 24.34
N CYS F 281 -33.57 9.29 23.06
CA CYS F 281 -33.15 10.63 22.63
C CYS F 281 -34.07 11.71 23.20
N TYR F 282 -33.52 12.60 24.02
CA TYR F 282 -34.32 13.69 24.59
C TYR F 282 -34.32 14.92 23.68
N LEU F 283 -35.46 15.14 23.04
CA LEU F 283 -35.64 16.26 22.13
C LEU F 283 -35.33 17.57 22.83
N GLN F 284 -34.45 18.37 22.23
CA GLN F 284 -34.10 19.66 22.80
C GLN F 284 -34.43 20.78 21.84
N GLU F 285 -34.49 22.00 22.36
CA GLU F 285 -34.79 23.18 21.55
C GLU F 285 -36.07 22.99 20.73
N ALA F 286 -37.09 22.35 21.32
CA ALA F 286 -38.36 22.09 20.65
C ALA F 286 -39.15 23.35 20.26
N ALA F 287 -38.77 24.50 20.83
CA ALA F 287 -39.44 25.77 20.55
C ALA F 287 -39.27 26.24 19.10
N THR F 288 -38.12 25.95 18.50
CA THR F 288 -37.86 26.37 17.13
C THR F 288 -38.63 25.52 16.13
N ILE F 289 -39.56 24.69 16.62
CA ILE F 289 -40.37 23.83 15.75
C ILE F 289 -41.79 24.38 15.61
N ASP F 290 -42.01 25.23 14.61
CA ASP F 290 -43.32 25.85 14.38
C ASP F 290 -44.46 24.86 14.51
N TYR F 291 -45.60 25.36 14.98
CA TYR F 291 -46.80 24.55 15.14
C TYR F 291 -47.96 25.11 14.31
N VAL F 292 -48.67 24.20 13.65
CA VAL F 292 -49.81 24.55 12.80
C VAL F 292 -50.92 25.16 13.65
N GLU F 300 -41.24 19.97 25.06
CA GLU F 300 -39.81 19.74 24.88
C GLU F 300 -39.29 18.65 25.82
N GLY F 301 -38.19 18.01 25.43
CA GLY F 301 -37.62 16.95 26.25
C GLY F 301 -38.36 15.64 26.06
N GLU F 302 -39.34 15.62 25.17
CA GLU F 302 -40.11 14.42 24.91
C GLU F 302 -39.25 13.38 24.19
N MSE F 303 -39.46 12.11 24.51
CA MSE F 303 -38.69 11.04 23.91
C MSE F 303 -39.01 10.82 22.45
O MSE F 303 -40.13 11.02 22.00
CB MSE F 303 -38.92 9.73 24.68
CG MSE F 303 -38.65 9.83 26.17
SE MSE F 303 -40.12 9.11 27.29
CE MSE F 303 -41.18 10.77 27.57
N ALA F 304 -37.98 10.40 21.71
CA ALA F 304 -38.08 10.13 20.28
C ALA F 304 -37.41 8.78 20.00
N ILE F 305 -38.04 7.99 19.13
CA ILE F 305 -37.50 6.68 18.76
C ILE F 305 -36.02 6.77 18.33
N ALA F 306 -35.25 5.73 18.65
CA ALA F 306 -33.84 5.65 18.27
C ALA F 306 -33.49 4.15 18.19
N SER F 307 -33.71 3.55 17.03
CA SER F 307 -33.46 2.13 16.80
C SER F 307 -32.21 1.89 15.93
N TYR F 308 -31.40 0.91 16.31
CA TYR F 308 -30.18 0.59 15.57
C TYR F 308 -30.51 -0.28 14.35
N LEU F 309 -31.74 -0.79 14.31
CA LEU F 309 -32.18 -1.64 13.22
C LEU F 309 -32.38 -0.77 11.97
N ASN F 310 -32.34 0.53 12.16
CA ASN F 310 -32.50 1.50 11.06
C ASN F 310 -31.17 1.71 10.36
N PHE F 311 -30.66 0.66 9.73
CA PHE F 311 -29.40 0.76 9.01
C PHE F 311 -29.59 0.45 7.51
N LEU F 312 -28.75 1.04 6.68
CA LEU F 312 -28.85 0.82 5.25
C LEU F 312 -27.80 -0.21 4.84
N ILE F 313 -28.20 -1.13 3.96
CA ILE F 313 -27.33 -2.19 3.47
C ILE F 313 -26.83 -1.92 2.04
N VAL F 314 -25.77 -1.14 1.90
CA VAL F 314 -25.23 -0.89 0.57
C VAL F 314 -24.36 -2.11 0.25
N ASN F 315 -23.74 -2.13 -0.93
CA ASN F 315 -22.88 -3.25 -1.28
C ASN F 315 -21.47 -2.95 -0.75
N GLY F 316 -20.94 -3.91 0.01
CA GLY F 316 -19.62 -3.76 0.60
C GLY F 316 -19.55 -2.71 1.71
N GLY F 317 -20.66 -2.46 2.39
CA GLY F 317 -20.67 -1.47 3.45
C GLY F 317 -21.98 -1.36 4.20
N ILE F 318 -21.93 -0.81 5.40
CA ILE F 318 -23.12 -0.64 6.22
C ILE F 318 -23.09 0.75 6.83
N ILE F 319 -24.24 1.41 6.80
CA ILE F 319 -24.35 2.74 7.36
C ILE F 319 -25.26 2.57 8.57
N LEU F 320 -24.68 2.68 9.75
CA LEU F 320 -25.42 2.48 11.00
C LEU F 320 -25.53 3.76 11.84
N PRO F 321 -26.68 3.92 12.51
CA PRO F 321 -26.92 5.10 13.36
C PRO F 321 -26.16 5.06 14.68
N GLN F 322 -25.66 6.21 15.10
CA GLN F 322 -24.90 6.34 16.36
C GLN F 322 -25.46 7.53 17.14
N TYR F 323 -26.44 7.26 17.98
CA TYR F 323 -27.09 8.30 18.79
C TYR F 323 -26.25 8.84 19.95
N GLY F 324 -25.21 8.10 20.32
CA GLY F 324 -24.39 8.52 21.44
C GLY F 324 -24.99 7.91 22.70
N ASP F 325 -25.43 6.67 22.55
CA ASP F 325 -26.03 5.89 23.61
C ASP F 325 -24.98 5.00 24.26
N GLU F 326 -25.37 4.36 25.36
CA GLU F 326 -24.50 3.46 26.12
C GLU F 326 -24.26 2.19 25.30
N ASN F 327 -25.34 1.60 24.81
CA ASN F 327 -25.24 0.38 24.00
C ASN F 327 -24.99 0.74 22.54
N ASP F 328 -24.21 1.79 22.31
CA ASP F 328 -23.88 2.26 20.97
C ASP F 328 -22.77 1.44 20.31
N GLN F 329 -21.59 1.43 20.91
CA GLN F 329 -20.46 0.69 20.36
C GLN F 329 -20.81 -0.79 20.20
N LEU F 330 -21.75 -1.25 21.01
CA LEU F 330 -22.20 -2.65 20.95
C LEU F 330 -22.94 -2.90 19.65
N ALA F 331 -23.71 -1.91 19.22
CA ALA F 331 -24.49 -2.00 17.99
C ALA F 331 -23.56 -2.20 16.81
N LYS F 332 -22.49 -1.40 16.76
CA LYS F 332 -21.51 -1.49 15.67
C LYS F 332 -20.84 -2.87 15.68
N GLN F 333 -20.69 -3.45 16.87
CA GLN F 333 -20.07 -4.77 17.02
C GLN F 333 -21.04 -5.82 16.52
N GLN F 334 -22.28 -5.74 16.98
CA GLN F 334 -23.30 -6.70 16.58
C GLN F 334 -23.47 -6.76 15.07
N VAL F 335 -23.67 -5.59 14.45
CA VAL F 335 -23.87 -5.49 12.99
C VAL F 335 -22.66 -6.05 12.24
N GLN F 336 -21.49 -5.89 12.87
CA GLN F 336 -20.23 -6.35 12.33
C GLN F 336 -20.26 -7.89 12.17
N GLU F 337 -20.81 -8.56 13.19
CA GLU F 337 -20.95 -10.01 13.20
C GLU F 337 -21.76 -10.46 11.99
N MSE F 338 -22.95 -9.88 11.87
CA MSE F 338 -23.88 -10.19 10.78
C MSE F 338 -23.22 -10.06 9.41
O MSE F 338 -23.25 -10.98 8.59
CB MSE F 338 -25.08 -9.25 10.86
CG MSE F 338 -25.69 -9.17 12.24
SE MSE F 338 -26.90 -7.66 12.45
CE MSE F 338 -28.31 -8.49 13.54
N PHE F 339 -22.65 -8.89 9.15
CA PHE F 339 -22.00 -8.66 7.87
C PHE F 339 -20.50 -8.53 8.07
N PRO F 340 -19.80 -9.66 8.22
CA PRO F 340 -18.35 -9.67 8.42
C PRO F 340 -17.59 -9.09 7.23
N ASP F 341 -17.95 -9.54 6.04
CA ASP F 341 -17.32 -9.07 4.83
C ASP F 341 -17.95 -7.77 4.33
N ARG F 342 -18.16 -6.82 5.24
CA ARG F 342 -18.75 -5.53 4.90
C ARG F 342 -18.26 -4.47 5.87
N LYS F 343 -17.61 -3.43 5.36
CA LYS F 343 -17.12 -2.38 6.24
C LYS F 343 -18.30 -1.64 6.85
N VAL F 344 -18.32 -1.52 8.17
CA VAL F 344 -19.42 -0.84 8.83
C VAL F 344 -18.99 0.57 9.21
N VAL F 345 -19.84 1.55 8.86
CA VAL F 345 -19.59 2.97 9.18
C VAL F 345 -20.76 3.47 10.00
N GLY F 346 -20.49 4.36 10.95
CA GLY F 346 -21.56 4.89 11.78
C GLY F 346 -21.58 6.41 11.79
N VAL F 347 -22.78 7.00 11.76
CA VAL F 347 -22.92 8.46 11.78
C VAL F 347 -23.94 8.96 12.82
N ARG F 348 -23.71 10.16 13.33
CA ARG F 348 -24.60 10.75 14.33
C ARG F 348 -25.94 11.13 13.71
N THR F 349 -26.73 10.12 13.35
CA THR F 349 -28.04 10.34 12.74
C THR F 349 -29.12 10.48 13.81
N GLU F 350 -28.69 10.97 14.96
CA GLU F 350 -29.56 11.19 16.09
C GLU F 350 -30.41 12.43 15.83
N GLU F 351 -29.82 13.41 15.15
CA GLU F 351 -30.50 14.66 14.82
C GLU F 351 -31.72 14.47 13.91
N ILE F 352 -31.72 13.36 13.15
CA ILE F 352 -32.83 13.08 12.26
C ILE F 352 -33.82 12.16 12.97
N ALA F 353 -33.36 11.54 14.04
CA ALA F 353 -34.21 10.66 14.83
C ALA F 353 -35.22 11.52 15.57
N TYR F 354 -34.96 12.82 15.61
CA TYR F 354 -35.87 13.77 16.26
C TYR F 354 -37.02 14.07 15.30
N GLY F 355 -36.93 13.55 14.08
CA GLY F 355 -37.96 13.79 13.09
C GLY F 355 -38.84 12.58 12.89
N GLY F 356 -38.51 11.50 13.59
CA GLY F 356 -39.30 10.28 13.49
C GLY F 356 -38.86 9.41 12.34
N GLY F 357 -37.73 8.74 12.50
CA GLY F 357 -37.21 7.86 11.46
C GLY F 357 -35.70 8.04 11.35
N ASN F 358 -35.00 7.00 10.91
CA ASN F 358 -33.54 7.07 10.77
C ASN F 358 -32.99 6.71 9.40
N ILE F 359 -31.66 6.64 9.33
CA ILE F 359 -30.91 6.35 8.11
C ILE F 359 -31.64 5.54 7.05
N HIS F 360 -32.35 4.54 7.49
CA HIS F 360 -33.07 3.70 6.53
C HIS F 360 -34.28 4.46 5.97
N CYS F 361 -34.99 5.10 6.88
CA CYS F 361 -36.20 5.85 6.55
C CYS F 361 -35.92 7.03 5.60
N ILE F 362 -34.65 7.37 5.40
CA ILE F 362 -34.28 8.53 4.55
C ILE F 362 -33.47 8.16 3.30
N THR F 363 -33.35 6.87 3.02
CA THR F 363 -32.62 6.42 1.83
C THR F 363 -33.48 5.45 1.03
N GLN F 364 -32.97 5.16 -0.15
CA GLN F 364 -33.62 4.23 -1.09
C GLN F 364 -32.59 3.86 -2.14
N GLN F 365 -32.21 2.60 -2.13
CA GLN F 365 -31.19 2.11 -3.06
C GLN F 365 -31.81 1.52 -4.32
N GLN F 366 -31.05 1.67 -5.38
CA GLN F 366 -31.39 1.21 -6.73
C GLN F 366 -30.47 0.03 -7.09
N PRO F 367 -31.02 -1.18 -7.30
CA PRO F 367 -30.21 -2.35 -7.67
C PRO F 367 -29.55 -2.20 -9.02
N ALA F 368 -28.24 -2.45 -9.07
CA ALA F 368 -27.45 -2.35 -10.34
C ALA F 368 -28.01 -3.35 -11.35
N THR F 369 -27.51 -3.28 -12.60
CA THR F 369 -28.05 -4.16 -13.65
C THR F 369 -27.02 -4.78 -14.62
N LEU F 370 -26.60 -3.98 -15.59
CA LEU F 370 -25.82 -4.47 -16.75
C LEU F 370 -26.87 -4.72 -17.82
N ALA G 2 -57.31 40.53 15.34
CA ALA G 2 -57.72 39.43 14.41
C ALA G 2 -57.54 38.08 15.10
N LYS G 3 -58.27 37.88 16.20
CA LYS G 3 -58.19 36.64 16.95
C LYS G 3 -59.29 35.65 16.61
N ARG G 4 -59.41 34.59 17.41
CA ARG G 4 -60.40 33.53 17.19
C ARG G 4 -61.19 33.20 18.43
N ILE G 5 -62.47 33.54 18.42
CA ILE G 5 -63.33 33.21 19.56
C ILE G 5 -63.53 31.71 19.47
N LYS G 6 -63.38 31.02 20.60
CA LYS G 6 -63.51 29.58 20.56
C LYS G 6 -64.38 28.87 21.59
N ASN G 7 -64.86 29.57 22.61
CA ASN G 7 -65.67 28.89 23.59
C ASN G 7 -67.17 29.16 23.52
N THR G 8 -67.59 29.92 22.54
CA THR G 8 -69.00 30.24 22.39
C THR G 8 -69.37 30.31 20.92
N THR G 9 -70.67 30.30 20.64
CA THR G 9 -71.15 30.35 19.27
C THR G 9 -71.84 31.66 18.97
N PRO G 10 -71.83 32.08 17.69
CA PRO G 10 -72.47 33.33 17.27
C PRO G 10 -73.88 33.55 17.85
N LYS G 11 -74.64 32.48 18.01
CA LYS G 11 -75.98 32.58 18.57
C LYS G 11 -75.92 33.17 19.97
N GLN G 12 -75.01 32.64 20.78
CA GLN G 12 -74.84 33.11 22.14
C GLN G 12 -74.20 34.48 22.16
N ASP G 13 -73.21 34.67 21.29
CA ASP G 13 -72.48 35.92 21.20
C ASP G 13 -73.30 37.08 20.61
N GLY G 14 -74.48 36.75 20.09
CA GLY G 14 -75.33 37.77 19.52
C GLY G 14 -74.90 38.25 18.15
N PHE G 15 -74.60 37.32 17.24
CA PHE G 15 -74.23 37.67 15.88
C PHE G 15 -75.09 36.87 14.93
N ARG G 16 -75.19 37.34 13.68
CA ARG G 16 -76.03 36.68 12.68
C ARG G 16 -75.63 37.06 11.26
N MSE G 17 -75.55 36.06 10.39
CA MSE G 17 -75.22 36.33 9.00
C MSE G 17 -76.38 37.16 8.46
O MSE G 17 -77.50 36.67 8.35
CB MSE G 17 -75.09 35.03 8.21
CG MSE G 17 -74.94 35.25 6.71
SE MSE G 17 -74.81 33.60 5.64
CE MSE G 17 -73.86 34.29 4.07
N PRO G 18 -76.11 38.44 8.11
CA PRO G 18 -77.10 39.38 7.58
C PRO G 18 -77.40 39.02 6.14
N GLY G 19 -78.59 39.38 5.67
CA GLY G 19 -78.98 39.09 4.32
C GLY G 19 -78.03 39.65 3.27
N GLU G 20 -77.77 38.85 2.25
CA GLU G 20 -76.88 39.25 1.16
C GLU G 20 -77.20 40.63 0.63
N PHE G 21 -78.49 40.97 0.62
CA PHE G 21 -78.97 42.24 0.14
C PHE G 21 -78.67 43.43 1.06
N GLU G 22 -78.55 43.18 2.35
CA GLU G 22 -78.27 44.26 3.30
C GLU G 22 -77.05 45.07 2.88
N LYS G 23 -76.87 46.23 3.52
CA LYS G 23 -75.76 47.12 3.19
C LYS G 23 -74.42 46.44 3.42
N GLN G 24 -73.50 46.66 2.49
CA GLN G 24 -72.19 46.04 2.56
C GLN G 24 -71.06 46.97 2.19
N LYS G 25 -69.93 46.82 2.89
CA LYS G 25 -68.73 47.63 2.67
C LYS G 25 -67.99 47.38 1.37
N GLN G 26 -67.88 46.11 0.96
CA GLN G 26 -67.16 45.78 -0.27
C GLN G 26 -67.36 44.33 -0.67
N ILE G 27 -66.64 43.91 -1.69
CA ILE G 27 -66.71 42.55 -2.14
C ILE G 27 -65.34 41.94 -2.36
N TRP G 28 -65.22 40.68 -1.94
CA TRP G 28 -63.97 39.94 -2.07
C TRP G 28 -64.08 38.93 -3.19
N MSE G 29 -63.00 38.78 -3.97
CA MSE G 29 -62.92 37.80 -5.04
C MSE G 29 -61.47 37.42 -5.38
O MSE G 29 -60.57 38.25 -5.37
CB MSE G 29 -63.68 38.29 -6.29
CG MSE G 29 -63.28 39.65 -6.88
SE MSE G 29 -64.36 40.15 -8.49
CE MSE G 29 -63.45 39.04 -9.83
N LEU G 30 -61.28 36.13 -5.65
CA LEU G 30 -59.95 35.58 -5.96
C LEU G 30 -59.50 35.78 -7.42
N TRP G 31 -58.58 34.94 -7.89
CA TRP G 31 -58.07 35.07 -9.24
C TRP G 31 -57.73 33.72 -9.85
N PRO G 32 -58.40 33.35 -10.94
CA PRO G 32 -58.18 32.08 -11.63
C PRO G 32 -56.79 31.97 -12.24
N TRP G 33 -56.19 30.79 -12.10
CA TRP G 33 -54.86 30.58 -12.67
C TRP G 33 -54.53 29.16 -13.14
N ARG G 34 -54.96 28.14 -12.40
CA ARG G 34 -54.61 26.78 -12.79
C ARG G 34 -55.14 26.25 -14.13
N ASN G 35 -54.23 25.68 -14.93
CA ASN G 35 -54.56 25.13 -16.24
C ASN G 35 -55.33 23.81 -16.14
N ASP G 36 -55.39 23.25 -14.94
CA ASP G 36 -56.08 22.00 -14.68
C ASP G 36 -57.57 22.23 -14.88
N ASN G 37 -58.02 23.46 -14.66
CA ASN G 37 -59.44 23.76 -14.78
C ASN G 37 -59.81 24.83 -15.82
N TRP G 38 -58.99 25.87 -15.95
CA TRP G 38 -59.29 26.94 -16.89
C TRP G 38 -58.51 26.81 -18.20
N ARG G 39 -59.23 26.90 -19.32
CA ARG G 39 -58.61 26.76 -20.62
C ARG G 39 -57.76 27.95 -20.99
N LEU G 40 -56.87 27.72 -21.95
CA LEU G 40 -55.97 28.76 -22.43
C LEU G 40 -55.24 29.50 -21.30
N GLY G 41 -54.52 28.77 -20.48
CA GLY G 41 -53.77 29.39 -19.40
C GLY G 41 -54.60 30.24 -18.44
N ALA G 42 -55.92 30.16 -18.58
CA ALA G 42 -56.86 30.90 -17.74
C ALA G 42 -56.97 32.37 -18.14
N LYS G 43 -56.25 32.75 -19.19
CA LYS G 43 -56.28 34.13 -19.66
C LYS G 43 -57.71 34.63 -19.90
N PRO G 44 -58.56 33.83 -20.57
CA PRO G 44 -59.94 34.22 -20.83
C PRO G 44 -60.68 34.41 -19.53
N ALA G 45 -60.65 33.40 -18.69
CA ALA G 45 -61.36 33.48 -17.42
C ALA G 45 -60.92 34.69 -16.63
N GLN G 46 -59.63 35.03 -16.73
CA GLN G 46 -59.12 36.18 -16.01
C GLN G 46 -59.82 37.45 -16.46
N LYS G 47 -59.89 37.64 -17.78
CA LYS G 47 -60.56 38.80 -18.34
C LYS G 47 -62.02 38.80 -17.89
N ALA G 48 -62.59 37.61 -17.81
CA ALA G 48 -63.97 37.47 -17.39
C ALA G 48 -64.08 37.90 -15.94
N PHE G 49 -63.03 37.64 -15.16
CA PHE G 49 -63.03 38.02 -13.76
C PHE G 49 -62.80 39.53 -13.65
N LEU G 50 -61.93 40.04 -14.51
CA LEU G 50 -61.61 41.47 -14.55
C LEU G 50 -62.90 42.29 -14.71
N GLU G 51 -63.74 41.89 -15.66
CA GLU G 51 -65.01 42.57 -15.92
C GLU G 51 -65.90 42.47 -14.69
N VAL G 52 -66.28 41.24 -14.33
CA VAL G 52 -67.16 41.05 -13.18
C VAL G 52 -66.69 41.87 -11.98
N ALA G 53 -65.39 42.20 -11.99
CA ALA G 53 -64.80 43.01 -10.92
C ALA G 53 -65.11 44.47 -11.22
N GLU G 54 -64.71 44.90 -12.40
CA GLU G 54 -64.95 46.27 -12.81
C GLU G 54 -66.43 46.63 -12.66
N ALA G 55 -67.30 45.63 -12.72
CA ALA G 55 -68.74 45.86 -12.59
C ALA G 55 -69.12 46.29 -11.17
N ILE G 56 -68.60 45.60 -10.17
CA ILE G 56 -68.91 45.92 -8.79
C ILE G 56 -68.43 47.34 -8.50
N SER G 57 -67.38 47.74 -9.23
CA SER G 57 -66.75 49.06 -9.09
C SER G 57 -67.71 50.23 -8.87
N GLU G 58 -68.70 50.34 -9.73
CA GLU G 58 -69.66 51.44 -9.62
C GLU G 58 -70.63 51.34 -8.45
N PHE G 59 -70.55 50.29 -7.64
CA PHE G 59 -71.48 50.18 -6.54
C PHE G 59 -70.81 50.22 -5.17
N GLU G 60 -69.60 49.66 -5.11
CA GLU G 60 -68.79 49.58 -3.90
C GLU G 60 -67.40 49.14 -4.27
N PRO G 61 -66.48 49.15 -3.30
CA PRO G 61 -65.10 48.73 -3.57
C PRO G 61 -64.94 47.22 -3.67
N VAL G 62 -63.92 46.82 -4.43
CA VAL G 62 -63.60 45.42 -4.64
C VAL G 62 -62.21 45.11 -4.12
N SER G 63 -62.11 43.95 -3.47
CA SER G 63 -60.86 43.43 -2.90
C SER G 63 -60.46 42.19 -3.68
N LEU G 64 -59.68 42.43 -4.73
CA LEU G 64 -59.22 41.40 -5.63
C LEU G 64 -57.93 40.72 -5.07
N CYS G 65 -58.03 39.47 -4.63
CA CYS G 65 -56.86 38.78 -4.08
C CYS G 65 -56.19 37.85 -5.07
N VAL G 66 -54.99 38.18 -5.53
CA VAL G 66 -54.38 37.28 -6.49
C VAL G 66 -53.05 36.67 -6.03
N PRO G 67 -52.81 35.40 -6.44
CA PRO G 67 -51.58 34.70 -6.09
C PRO G 67 -50.44 35.58 -6.52
N PRO G 68 -49.31 35.51 -5.82
CA PRO G 68 -48.06 36.25 -6.03
C PRO G 68 -47.51 36.18 -7.45
N LEU G 69 -47.81 35.10 -8.15
CA LEU G 69 -47.32 34.90 -9.52
C LEU G 69 -48.05 35.68 -10.61
N GLN G 70 -49.31 36.02 -10.34
CA GLN G 70 -50.13 36.78 -11.29
C GLN G 70 -50.52 38.09 -10.65
N TYR G 71 -49.67 38.64 -9.79
CA TYR G 71 -50.00 39.89 -9.10
C TYR G 71 -49.72 41.09 -10.00
N GLU G 72 -48.46 41.28 -10.37
CA GLU G 72 -48.08 42.37 -11.25
C GLU G 72 -49.07 42.50 -12.39
N ASN G 73 -49.47 41.36 -12.94
CA ASN G 73 -50.42 41.32 -14.04
C ASN G 73 -51.77 41.92 -13.68
N ALA G 74 -52.42 41.38 -12.66
CA ALA G 74 -53.74 41.87 -12.25
C ALA G 74 -53.76 43.36 -11.94
N LEU G 75 -52.66 43.87 -11.40
CA LEU G 75 -52.55 45.27 -11.04
C LEU G 75 -52.38 46.14 -12.29
N ALA G 76 -51.72 45.59 -13.31
CA ALA G 76 -51.51 46.33 -14.55
C ALA G 76 -52.80 46.38 -15.33
N ARG G 77 -53.69 45.41 -15.12
CA ARG G 77 -54.96 45.38 -15.82
C ARG G 77 -56.03 46.18 -15.10
N VAL G 78 -55.95 46.27 -13.78
CA VAL G 78 -56.95 47.01 -13.01
C VAL G 78 -56.67 48.52 -13.05
N SER G 79 -55.43 48.88 -13.35
CA SER G 79 -55.07 50.30 -13.44
C SER G 79 -55.38 50.70 -14.88
N GLU G 80 -55.34 49.71 -15.75
CA GLU G 80 -55.62 49.88 -17.17
C GLU G 80 -57.10 50.18 -17.37
N LEU G 81 -57.90 49.94 -16.33
CA LEU G 81 -59.33 50.19 -16.40
C LEU G 81 -59.70 51.43 -15.58
N GLY G 82 -58.77 52.38 -15.53
CA GLY G 82 -58.98 53.60 -14.77
C GLY G 82 -58.50 53.47 -13.34
N SER G 83 -58.74 52.30 -12.76
CA SER G 83 -58.36 51.99 -11.37
C SER G 83 -59.11 52.93 -10.44
N HIS G 84 -60.30 52.52 -10.01
CA HIS G 84 -61.09 53.35 -9.13
C HIS G 84 -61.01 52.92 -7.67
N ASN G 85 -61.92 52.05 -7.25
CA ASN G 85 -61.96 51.58 -5.87
C ASN G 85 -61.67 50.08 -5.75
N ILE G 86 -60.84 49.58 -6.65
CA ILE G 86 -60.44 48.18 -6.67
C ILE G 86 -59.00 48.05 -6.15
N ARG G 87 -58.81 47.28 -5.08
CA ARG G 87 -57.47 47.05 -4.53
C ARG G 87 -57.02 45.62 -4.74
N ILE G 88 -55.78 45.46 -5.16
CA ILE G 88 -55.22 44.13 -5.40
C ILE G 88 -54.36 43.71 -4.21
N ILE G 89 -54.84 42.75 -3.41
CA ILE G 89 -54.05 42.25 -2.27
C ILE G 89 -53.48 40.90 -2.63
N GLU G 90 -52.23 40.65 -2.21
CA GLU G 90 -51.60 39.37 -2.52
C GLU G 90 -52.17 38.23 -1.69
N MSE G 91 -52.63 37.19 -2.35
CA MSE G 91 -53.17 36.03 -1.64
C MSE G 91 -53.13 34.76 -2.49
O MSE G 91 -53.59 34.77 -3.63
CB MSE G 91 -54.61 36.30 -1.23
CG MSE G 91 -55.13 35.30 -0.24
SE MSE G 91 -56.85 35.77 0.54
CE MSE G 91 -56.51 37.61 1.06
N THR G 92 -52.57 33.68 -1.94
CA THR G 92 -52.48 32.39 -2.65
C THR G 92 -53.77 31.58 -2.54
N ASN G 93 -54.06 30.78 -3.56
CA ASN G 93 -55.27 29.95 -3.57
C ASN G 93 -55.09 28.88 -4.61
N ASP G 94 -55.71 27.73 -4.37
CA ASP G 94 -55.60 26.62 -5.32
C ASP G 94 -56.56 26.83 -6.49
N ASP G 95 -57.62 27.59 -6.22
CA ASP G 95 -58.62 27.94 -7.22
C ASP G 95 -59.44 29.11 -6.73
N ALA G 96 -59.94 29.91 -7.68
CA ALA G 96 -60.71 31.11 -7.37
C ALA G 96 -62.20 30.88 -7.05
N TRP G 97 -62.52 30.61 -5.80
CA TRP G 97 -63.92 30.41 -5.40
C TRP G 97 -64.20 30.97 -4.00
N ILE G 98 -63.78 32.22 -3.81
CA ILE G 98 -63.95 32.92 -2.55
C ILE G 98 -65.31 32.70 -1.91
N ARG G 99 -66.32 32.36 -2.72
CA ARG G 99 -67.67 32.13 -2.21
C ARG G 99 -67.70 30.96 -1.25
N ASP G 100 -66.93 29.93 -1.55
CA ASP G 100 -66.92 28.74 -0.72
C ASP G 100 -65.89 28.75 0.39
N CYS G 101 -64.62 28.74 0.00
CA CYS G 101 -63.55 28.73 0.96
C CYS G 101 -63.54 29.99 1.81
N GLY G 102 -63.91 31.12 1.21
CA GLY G 102 -63.94 32.40 1.94
C GLY G 102 -64.66 32.47 3.27
N PRO G 103 -64.55 33.58 4.00
CA PRO G 103 -65.19 33.74 5.30
C PRO G 103 -66.65 34.15 5.14
N THR G 104 -67.48 33.69 6.07
CA THR G 104 -68.90 33.99 6.08
C THR G 104 -69.08 34.94 7.25
N PHE G 105 -68.98 36.24 6.96
CA PHE G 105 -69.10 37.26 8.01
C PHE G 105 -70.36 37.24 8.88
N LEU G 106 -70.30 37.96 9.99
CA LEU G 106 -71.40 38.03 10.93
C LEU G 106 -71.51 39.46 11.42
N VAL G 107 -72.53 39.73 12.21
CA VAL G 107 -72.71 41.07 12.74
C VAL G 107 -73.59 40.99 13.98
N ASN G 108 -73.34 41.89 14.93
CA ASN G 108 -74.09 41.91 16.17
C ASN G 108 -75.09 43.07 16.18
N ASP G 109 -75.15 43.76 15.05
CA ASP G 109 -76.08 44.89 14.86
C ASP G 109 -75.76 46.01 15.83
N LYS G 110 -74.49 46.10 16.23
CA LYS G 110 -74.04 47.11 17.17
C LYS G 110 -72.73 47.69 16.70
N GLY G 111 -72.35 47.34 15.48
CA GLY G 111 -71.12 47.84 14.90
C GLY G 111 -70.03 46.79 14.70
N ASP G 112 -69.91 45.87 15.66
CA ASP G 112 -68.90 44.82 15.61
C ASP G 112 -69.07 43.89 14.40
N LEU G 113 -67.96 43.42 13.83
CA LEU G 113 -67.99 42.51 12.69
C LEU G 113 -67.18 41.26 13.01
N ARG G 114 -67.88 40.12 13.06
CA ARG G 114 -67.26 38.84 13.35
C ARG G 114 -67.27 38.00 12.08
N ALA G 115 -67.13 36.68 12.22
CA ALA G 115 -67.15 35.77 11.06
C ALA G 115 -67.10 34.29 11.45
N VAL G 116 -67.52 33.43 10.54
CA VAL G 116 -67.50 31.99 10.82
C VAL G 116 -66.70 31.31 9.73
N ASP G 117 -65.57 30.73 10.11
CA ASP G 117 -64.71 30.04 9.15
C ASP G 117 -65.03 28.56 9.19
N TRP G 118 -65.53 28.04 8.07
CA TRP G 118 -65.89 26.62 7.96
C TRP G 118 -64.68 25.83 7.48
N GLU G 119 -64.83 24.51 7.43
CA GLU G 119 -63.76 23.64 6.95
C GLU G 119 -64.01 23.46 5.48
N PHE G 120 -62.96 23.55 4.68
CA PHE G 120 -63.09 23.40 3.23
C PHE G 120 -62.31 22.18 2.75
N ASN G 121 -62.95 21.30 1.98
CA ASN G 121 -62.24 20.13 1.50
C ASN G 121 -62.36 19.95 0.00
N ALA G 122 -62.53 21.07 -0.71
CA ALA G 122 -62.66 21.07 -2.17
C ALA G 122 -63.94 20.38 -2.65
N TRP G 123 -65.04 20.63 -1.94
CA TRP G 123 -66.33 20.04 -2.32
C TRP G 123 -66.27 18.52 -2.30
N GLY G 124 -66.07 17.93 -1.13
CA GLY G 124 -66.00 16.48 -1.05
C GLY G 124 -64.75 15.97 -0.36
N GLY G 125 -63.59 16.39 -0.83
CA GLY G 125 -62.35 15.97 -0.22
C GLY G 125 -61.66 14.87 -0.98
N LEU G 126 -61.09 13.94 -0.24
CA LEU G 126 -60.41 12.79 -0.84
C LEU G 126 -61.45 11.81 -1.33
N VAL G 127 -62.70 12.07 -0.97
CA VAL G 127 -63.79 11.20 -1.36
C VAL G 127 -64.41 11.65 -2.68
N ASP G 128 -64.63 12.94 -2.83
CA ASP G 128 -65.24 13.42 -4.07
C ASP G 128 -64.83 14.83 -4.44
N GLY G 129 -63.74 15.30 -3.86
CA GLY G 129 -63.29 16.65 -4.16
C GLY G 129 -62.93 16.84 -5.62
N LEU G 130 -63.02 18.09 -6.08
CA LEU G 130 -62.70 18.45 -7.44
C LEU G 130 -61.20 18.34 -7.73
N TYR G 131 -60.37 18.85 -6.84
CA TYR G 131 -58.91 18.76 -6.97
C TYR G 131 -58.32 18.32 -5.63
N PHE G 132 -57.04 17.97 -5.59
CA PHE G 132 -56.47 17.50 -4.34
C PHE G 132 -55.89 18.51 -3.35
N PRO G 133 -54.74 19.12 -3.69
CA PRO G 133 -54.21 20.08 -2.72
C PRO G 133 -55.17 21.27 -2.53
N TRP G 134 -55.87 21.30 -1.39
CA TRP G 134 -56.86 22.36 -1.08
C TRP G 134 -56.50 23.09 0.22
N ASP G 135 -55.24 22.94 0.62
CA ASP G 135 -54.75 23.53 1.84
C ASP G 135 -54.57 25.03 1.76
N GLN G 136 -54.21 25.55 0.58
CA GLN G 136 -54.04 26.99 0.43
C GLN G 136 -55.41 27.71 0.46
N ASP G 137 -56.45 27.02 -0.01
CA ASP G 137 -57.79 27.59 -0.02
C ASP G 137 -58.31 27.61 1.41
N ALA G 138 -58.01 26.55 2.18
CA ALA G 138 -58.47 26.53 3.56
C ALA G 138 -57.78 27.65 4.35
N LEU G 139 -56.86 28.37 3.71
CA LEU G 139 -56.19 29.46 4.39
C LEU G 139 -56.85 30.78 4.07
N VAL G 140 -57.36 30.88 2.85
CA VAL G 140 -58.02 32.09 2.37
C VAL G 140 -58.97 32.72 3.39
N ALA G 141 -59.85 31.94 4.00
CA ALA G 141 -60.81 32.51 4.98
C ALA G 141 -60.12 33.17 6.16
N ARG G 142 -59.15 32.48 6.76
CA ARG G 142 -58.41 33.01 7.91
C ARG G 142 -57.61 34.24 7.48
N LYS G 143 -56.93 34.13 6.35
CA LYS G 143 -56.11 35.23 5.83
C LYS G 143 -56.89 36.53 5.60
N VAL G 144 -58.07 36.41 4.99
CA VAL G 144 -58.88 37.57 4.73
C VAL G 144 -59.45 38.18 6.02
N CYS G 145 -59.67 37.37 7.05
CA CYS G 145 -60.17 37.94 8.28
C CYS G 145 -59.02 38.67 8.98
N GLU G 146 -57.78 38.36 8.60
CA GLU G 146 -56.65 38.99 9.26
C GLU G 146 -56.40 40.40 8.82
N ILE G 147 -56.48 40.62 7.52
CA ILE G 147 -56.24 41.94 6.96
C ILE G 147 -57.46 42.81 7.06
N GLU G 148 -58.44 42.37 7.83
CA GLU G 148 -59.66 43.15 7.97
C GLU G 148 -59.94 43.46 9.43
N GLY G 149 -59.18 42.83 10.32
CA GLY G 149 -59.36 43.06 11.74
C GLY G 149 -60.70 42.57 12.23
N VAL G 150 -60.98 41.30 11.98
CA VAL G 150 -62.23 40.70 12.38
C VAL G 150 -62.03 39.29 12.91
N ASP G 151 -62.46 39.07 14.15
CA ASP G 151 -62.32 37.76 14.80
C ASP G 151 -63.13 36.71 14.03
N SER G 152 -62.98 35.45 14.39
CA SER G 152 -63.71 34.42 13.66
C SER G 152 -63.97 33.21 14.53
N TYR G 153 -64.98 32.44 14.11
CA TYR G 153 -65.37 31.22 14.79
C TYR G 153 -64.96 30.09 13.86
N LYS G 154 -64.34 29.05 14.42
CA LYS G 154 -63.91 27.88 13.62
C LYS G 154 -64.75 26.64 13.89
N THR G 155 -65.49 26.23 12.88
CA THR G 155 -66.35 25.05 12.97
C THR G 155 -65.47 23.81 12.75
N LYS G 156 -64.81 23.34 13.80
CA LYS G 156 -63.93 22.19 13.67
C LYS G 156 -64.67 20.93 13.25
N ASP G 157 -64.11 20.28 12.24
CA ASP G 157 -64.63 19.04 11.67
C ASP G 157 -65.94 19.18 10.91
N PHE G 158 -66.40 20.42 10.76
CA PHE G 158 -67.63 20.71 10.04
C PHE G 158 -67.28 21.36 8.71
N VAL G 159 -67.32 20.59 7.62
CA VAL G 159 -67.00 21.11 6.30
C VAL G 159 -68.20 21.65 5.52
N LEU G 160 -68.26 22.98 5.39
CA LEU G 160 -69.34 23.62 4.67
C LEU G 160 -68.77 24.72 3.77
N GLU G 161 -69.39 24.93 2.61
CA GLU G 161 -68.91 25.97 1.70
C GLU G 161 -69.95 27.08 1.59
N GLY G 162 -69.48 28.32 1.54
CA GLY G 162 -70.37 29.46 1.45
C GLY G 162 -71.55 29.35 0.51
N GLY G 163 -71.28 29.11 -0.78
CA GLY G 163 -72.38 29.00 -1.74
C GLY G 163 -73.23 27.75 -1.66
N SER G 164 -73.50 27.25 -0.45
CA SER G 164 -74.34 26.06 -0.30
C SER G 164 -75.44 26.43 0.67
N ILE G 165 -75.48 27.70 1.03
CA ILE G 165 -76.48 28.18 1.96
C ILE G 165 -76.84 29.63 1.69
N HIS G 166 -78.15 29.92 1.71
CA HIS G 166 -78.67 31.26 1.50
C HIS G 166 -79.50 31.64 2.70
N VAL G 167 -79.29 32.86 3.18
CA VAL G 167 -79.97 33.34 4.37
C VAL G 167 -80.75 34.65 4.21
N ASP G 168 -81.76 34.80 5.05
CA ASP G 168 -82.57 36.01 5.07
C ASP G 168 -82.38 36.60 6.47
N GLY G 169 -82.37 37.93 6.54
CA GLY G 169 -82.19 38.60 7.82
C GLY G 169 -82.52 37.80 9.07
N GLU G 170 -83.75 37.28 9.16
CA GLU G 170 -84.17 36.52 10.35
C GLU G 170 -84.07 35.00 10.29
N GLY G 171 -83.80 34.43 11.47
CA GLY G 171 -83.63 33.00 11.66
C GLY G 171 -84.05 31.96 10.62
N THR G 172 -83.57 32.10 9.39
CA THR G 172 -83.93 31.13 8.37
C THR G 172 -82.84 31.03 7.32
N VAL G 173 -82.56 29.82 6.88
CA VAL G 173 -81.54 29.62 5.87
C VAL G 173 -82.03 28.60 4.85
N LEU G 174 -81.49 28.68 3.64
CA LEU G 174 -81.86 27.76 2.57
C LEU G 174 -80.73 26.81 2.18
N VAL G 175 -80.75 25.59 2.71
CA VAL G 175 -79.74 24.59 2.38
C VAL G 175 -80.29 23.55 1.41
N THR G 176 -79.40 22.79 0.78
CA THR G 176 -79.79 21.77 -0.20
C THR G 176 -79.31 20.38 0.29
N GLU G 177 -80.20 19.59 0.89
CA GLU G 177 -79.81 18.28 1.43
C GLU G 177 -79.02 17.35 0.53
N MSE G 178 -79.20 17.47 -0.79
CA MSE G 178 -78.45 16.62 -1.72
C MSE G 178 -76.94 16.93 -1.63
O MSE G 178 -76.12 16.20 -2.22
CB MSE G 178 -78.95 16.84 -3.15
CG MSE G 178 -78.32 15.91 -4.18
SE MSE G 178 -77.36 16.86 -5.59
CE MSE G 178 -78.41 16.26 -7.12
N CYS G 179 -76.59 17.99 -0.92
CA CYS G 179 -75.21 18.40 -0.75
C CYS G 179 -74.76 18.32 0.70
N LEU G 180 -75.41 19.06 1.58
CA LEU G 180 -75.03 19.05 2.99
C LEU G 180 -75.04 17.67 3.63
N LEU G 181 -75.79 16.75 3.02
CA LEU G 181 -75.90 15.37 3.54
C LEU G 181 -75.02 14.40 2.78
N HIS G 182 -74.51 14.85 1.63
CA HIS G 182 -73.64 14.03 0.79
C HIS G 182 -72.64 13.33 1.70
N PRO G 183 -72.28 12.08 1.39
CA PRO G 183 -71.32 11.37 2.25
C PRO G 183 -69.93 12.03 2.32
N SER G 184 -69.57 12.82 1.30
CA SER G 184 -68.27 13.50 1.28
C SER G 184 -68.35 14.84 1.96
N ARG G 185 -69.21 14.95 2.97
CA ARG G 185 -69.40 16.21 3.66
C ARG G 185 -70.12 15.95 4.98
N ASN G 186 -69.37 15.68 6.05
CA ASN G 186 -69.97 15.45 7.36
C ASN G 186 -70.78 14.16 7.51
N PRO G 187 -70.21 13.01 7.14
CA PRO G 187 -70.91 11.74 7.26
C PRO G 187 -70.86 11.21 8.69
N HIS G 188 -70.55 12.07 9.65
CA HIS G 188 -70.47 11.64 11.04
C HIS G 188 -71.50 12.45 11.80
N LEU G 189 -72.13 13.35 11.07
CA LEU G 189 -73.14 14.24 11.59
C LEU G 189 -74.48 13.86 11.00
N THR G 190 -75.54 13.87 11.83
CA THR G 190 -76.89 13.54 11.39
C THR G 190 -77.55 14.80 10.84
N LYS G 191 -78.64 14.63 10.11
CA LYS G 191 -79.36 15.78 9.55
C LYS G 191 -79.82 16.67 10.71
N GLU G 192 -79.87 16.10 11.90
CA GLU G 192 -80.30 16.82 13.10
C GLU G 192 -79.14 17.69 13.58
N ASP G 193 -77.97 17.06 13.71
CA ASP G 193 -76.75 17.71 14.14
C ASP G 193 -76.43 18.90 13.24
N ILE G 194 -76.42 18.65 11.93
CA ILE G 194 -76.14 19.67 10.93
C ILE G 194 -77.03 20.89 11.04
N GLU G 195 -78.31 20.67 11.30
CA GLU G 195 -79.23 21.78 11.44
C GLU G 195 -78.80 22.61 12.64
N ASP G 196 -78.48 21.95 13.73
CA ASP G 196 -78.06 22.65 14.95
C ASP G 196 -76.88 23.58 14.68
N LYS G 197 -75.87 23.06 13.97
CA LYS G 197 -74.71 23.86 13.64
C LYS G 197 -75.17 25.12 12.88
N LEU G 198 -75.87 24.91 11.77
CA LEU G 198 -76.39 26.00 10.93
C LEU G 198 -77.18 26.99 11.77
N LYS G 199 -77.75 26.50 12.86
CA LYS G 199 -78.52 27.38 13.71
C LYS G 199 -77.61 28.14 14.67
N ASP G 200 -76.47 27.55 15.01
CA ASP G 200 -75.58 28.23 15.94
C ASP G 200 -74.61 29.22 15.34
N TYR G 201 -74.21 28.96 14.10
CA TYR G 201 -73.25 29.83 13.43
C TYR G 201 -73.88 30.82 12.44
N LEU G 202 -75.19 30.69 12.23
CA LEU G 202 -75.92 31.58 11.34
C LEU G 202 -77.01 32.30 12.10
N ASN G 203 -77.45 31.68 13.20
CA ASN G 203 -78.51 32.23 14.04
C ASN G 203 -79.84 32.09 13.32
N CYS G 204 -80.04 30.94 12.68
CA CYS G 204 -81.26 30.64 11.96
C CYS G 204 -82.09 29.65 12.75
N VAL G 205 -83.22 30.11 13.30
CA VAL G 205 -84.09 29.24 14.08
C VAL G 205 -84.84 28.21 13.22
N LYS G 206 -84.68 28.30 11.89
CA LYS G 206 -85.32 27.35 10.99
C LYS G 206 -84.54 27.09 9.70
N VAL G 207 -84.50 25.79 9.28
CA VAL G 207 -83.72 25.46 8.07
C VAL G 207 -84.63 24.76 7.05
N LEU G 208 -84.75 25.42 5.90
CA LEU G 208 -85.56 24.93 4.75
C LEU G 208 -84.72 24.00 3.89
N TRP G 209 -85.19 22.78 3.72
CA TRP G 209 -84.42 21.76 3.00
C TRP G 209 -84.96 21.47 1.60
N VAL G 210 -84.42 22.22 0.63
CA VAL G 210 -84.72 21.97 -0.77
C VAL G 210 -84.12 20.65 -1.04
N LYS G 211 -84.55 20.02 -2.05
CA LYS G 211 -84.14 18.67 -2.06
C LYS G 211 -83.46 18.04 -3.24
N ASP G 212 -82.91 18.71 -4.16
CA ASP G 212 -82.11 18.08 -5.25
C ASP G 212 -81.51 19.31 -5.86
N GLY G 213 -80.44 19.18 -6.54
CA GLY G 213 -79.80 20.37 -7.11
C GLY G 213 -79.47 20.12 -8.56
N ILE G 214 -79.07 21.18 -9.22
CA ILE G 214 -78.69 21.09 -10.63
C ILE G 214 -77.17 20.93 -10.77
N ASP G 215 -76.55 20.48 -9.69
CA ASP G 215 -75.10 20.25 -9.66
C ASP G 215 -74.81 18.81 -9.23
N PRO G 216 -75.38 17.82 -9.97
CA PRO G 216 -75.28 16.38 -9.70
C PRO G 216 -73.99 15.84 -9.07
N TYR G 217 -72.86 16.06 -9.75
CA TYR G 217 -71.59 15.53 -9.25
C TYR G 217 -70.39 16.48 -9.10
N GLU G 218 -70.62 17.78 -9.21
CA GLU G 218 -69.51 18.74 -9.03
C GLU G 218 -69.57 19.34 -7.62
N THR G 219 -70.37 20.40 -7.47
CA THR G 219 -70.52 21.07 -6.19
C THR G 219 -71.41 20.19 -5.31
N ASN G 220 -71.99 19.16 -5.92
CA ASN G 220 -72.87 18.22 -5.25
C ASN G 220 -74.21 18.86 -4.92
N GLY G 221 -74.70 19.66 -5.85
CA GLY G 221 -75.98 20.31 -5.69
C GLY G 221 -76.08 21.47 -4.73
N HIS G 222 -75.29 22.52 -4.95
CA HIS G 222 -75.35 23.69 -4.10
C HIS G 222 -76.69 24.39 -4.35
N ILE G 223 -77.15 25.15 -3.37
CA ILE G 223 -78.42 25.86 -3.48
C ILE G 223 -78.28 27.22 -4.18
N ASP G 224 -77.06 27.76 -4.21
CA ASP G 224 -76.80 29.06 -4.83
C ASP G 224 -76.86 28.96 -6.35
N ASP G 225 -77.54 27.92 -6.84
CA ASP G 225 -77.68 27.72 -8.27
C ASP G 225 -79.18 27.62 -8.62
N VAL G 226 -79.97 27.17 -7.66
CA VAL G 226 -81.40 27.00 -7.88
C VAL G 226 -82.27 28.12 -7.33
N ALA G 227 -81.92 28.66 -6.16
CA ALA G 227 -82.74 29.69 -5.54
C ALA G 227 -81.97 30.53 -4.52
N CYS G 228 -82.66 31.50 -3.92
CA CYS G 228 -82.08 32.38 -2.90
C CYS G 228 -83.12 33.35 -2.34
N PHE G 229 -82.71 34.14 -1.37
CA PHE G 229 -83.59 35.12 -0.74
C PHE G 229 -83.39 36.52 -1.36
N ILE G 230 -84.42 37.01 -2.05
CA ILE G 230 -84.32 38.33 -2.67
C ILE G 230 -84.76 39.42 -1.70
N ARG G 231 -85.37 39.00 -0.60
CA ARG G 231 -85.85 39.91 0.43
C ARG G 231 -86.39 39.01 1.52
N PRO G 232 -86.31 39.44 2.79
CA PRO G 232 -86.83 38.60 3.88
C PRO G 232 -88.28 38.19 3.67
N GLY G 233 -88.47 36.98 3.15
CA GLY G 233 -89.81 36.51 2.88
C GLY G 233 -89.95 36.16 1.40
N GLU G 234 -89.48 37.05 0.52
CA GLU G 234 -89.54 36.80 -0.91
C GLU G 234 -88.25 36.14 -1.37
N VAL G 235 -88.35 35.19 -2.30
CA VAL G 235 -87.20 34.46 -2.77
C VAL G 235 -87.14 34.36 -4.28
N ALA G 236 -86.07 33.80 -4.81
CA ALA G 236 -85.95 33.63 -6.25
C ALA G 236 -85.95 32.14 -6.49
N CYS G 237 -86.04 31.75 -7.76
CA CYS G 237 -86.04 30.34 -8.10
C CYS G 237 -86.14 30.13 -9.59
N ILE G 238 -85.30 29.26 -10.13
CA ILE G 238 -85.33 28.98 -11.56
C ILE G 238 -86.61 28.22 -11.87
N TYR G 239 -87.18 28.46 -13.05
CA TYR G 239 -88.41 27.76 -13.45
C TYR G 239 -88.62 27.76 -14.97
N THR G 240 -88.73 26.55 -15.52
CA THR G 240 -88.95 26.37 -16.96
C THR G 240 -90.08 25.36 -17.13
N ASP G 241 -90.76 25.41 -18.27
CA ASP G 241 -91.86 24.47 -18.52
C ASP G 241 -91.43 23.40 -19.49
N ASP G 242 -90.28 23.61 -20.12
CA ASP G 242 -89.74 22.65 -21.07
C ASP G 242 -89.48 21.34 -20.37
N LYS G 243 -90.36 20.36 -20.61
CA LYS G 243 -90.24 19.07 -19.97
C LYS G 243 -89.07 18.22 -20.50
N GLU G 244 -88.26 18.83 -21.36
CA GLU G 244 -87.11 18.15 -21.94
C GLU G 244 -85.80 18.92 -21.62
N HIS G 245 -85.93 19.88 -20.72
CA HIS G 245 -84.80 20.69 -20.28
C HIS G 245 -84.13 19.98 -19.10
N PRO G 246 -82.79 19.81 -19.14
CA PRO G 246 -82.03 19.14 -18.08
C PRO G 246 -82.31 19.58 -16.63
N PHE G 247 -82.76 20.82 -16.43
CA PHE G 247 -83.05 21.33 -15.07
C PHE G 247 -84.55 21.34 -14.75
N TYR G 248 -85.37 20.92 -15.71
CA TYR G 248 -86.82 20.91 -15.53
C TYR G 248 -87.30 20.43 -14.17
N GLN G 249 -87.29 19.11 -13.96
CA GLN G 249 -87.77 18.53 -12.70
C GLN G 249 -87.17 19.06 -11.41
N GLU G 250 -85.84 19.21 -11.37
CA GLU G 250 -85.23 19.71 -10.15
C GLU G 250 -85.76 21.10 -9.85
N ALA G 251 -85.88 21.92 -10.90
CA ALA G 251 -86.36 23.29 -10.76
C ALA G 251 -87.81 23.33 -10.29
N LYS G 252 -88.66 22.54 -10.94
CA LYS G 252 -90.06 22.51 -10.56
C LYS G 252 -90.19 21.92 -9.15
N ALA G 253 -89.48 20.83 -8.90
CA ALA G 253 -89.50 20.16 -7.59
C ALA G 253 -89.14 21.15 -6.50
N ALA G 254 -88.28 22.09 -6.86
CA ALA G 254 -87.82 23.13 -5.94
C ALA G 254 -88.92 24.16 -5.76
N TYR G 255 -89.50 24.59 -6.88
CA TYR G 255 -90.56 25.59 -6.88
C TYR G 255 -91.74 25.15 -6.03
N ASP G 256 -92.12 23.89 -6.18
CA ASP G 256 -93.23 23.35 -5.42
C ASP G 256 -92.90 23.36 -3.94
N PHE G 257 -91.65 23.03 -3.62
CA PHE G 257 -91.20 23.01 -2.23
C PHE G 257 -91.18 24.41 -1.63
N LEU G 258 -90.61 25.34 -2.39
CA LEU G 258 -90.49 26.73 -1.96
C LEU G 258 -91.83 27.36 -1.67
N SER G 259 -92.68 27.39 -2.70
CA SER G 259 -94.02 27.96 -2.62
C SER G 259 -94.86 27.40 -1.47
N GLN G 260 -94.64 26.14 -1.10
CA GLN G 260 -95.36 25.49 -0.01
C GLN G 260 -94.65 25.68 1.32
N GLN G 261 -93.58 26.48 1.30
CA GLN G 261 -92.80 26.69 2.52
C GLN G 261 -92.83 28.09 3.12
N THR G 262 -92.87 28.13 4.44
CA THR G 262 -92.89 29.38 5.21
C THR G 262 -91.57 29.53 5.98
N ASP G 263 -91.24 30.77 6.36
CA ASP G 263 -90.01 31.01 7.10
C ASP G 263 -90.19 31.00 8.61
N ALA G 264 -89.21 31.59 9.31
CA ALA G 264 -89.23 31.65 10.75
C ALA G 264 -90.31 32.57 11.28
N LYS G 265 -90.24 33.85 10.91
CA LYS G 265 -91.23 34.81 11.39
C LYS G 265 -92.66 34.46 11.03
N GLY G 266 -92.84 33.52 10.10
CA GLY G 266 -94.18 33.09 9.73
C GLY G 266 -94.71 33.41 8.34
N ARG G 267 -94.30 34.54 7.77
CA ARG G 267 -94.77 34.92 6.45
C ARG G 267 -94.52 33.85 5.40
N PRO G 268 -95.42 33.75 4.40
CA PRO G 268 -95.26 32.76 3.33
C PRO G 268 -94.18 33.24 2.38
N LEU G 269 -93.59 32.34 1.62
CA LEU G 269 -92.53 32.73 0.71
C LEU G 269 -93.03 33.12 -0.67
N LYS G 270 -93.04 34.42 -0.93
CA LYS G 270 -93.47 34.94 -2.22
C LYS G 270 -92.45 34.53 -3.26
N VAL G 271 -92.53 33.28 -3.72
CA VAL G 271 -91.61 32.74 -4.73
C VAL G 271 -91.60 33.49 -6.07
N HIS G 272 -90.41 33.77 -6.61
CA HIS G 272 -90.35 34.44 -7.90
C HIS G 272 -89.95 33.48 -8.98
N LYS G 273 -89.75 33.99 -10.19
CA LYS G 273 -89.37 33.12 -11.28
C LYS G 273 -88.22 33.64 -12.13
N MSE G 274 -87.15 32.86 -12.17
CA MSE G 274 -85.98 33.19 -12.98
C MSE G 274 -86.05 32.24 -14.16
O MSE G 274 -86.74 31.22 -14.10
CB MSE G 274 -84.70 32.92 -12.16
CG MSE G 274 -83.39 33.35 -12.83
SE MSE G 274 -83.19 35.31 -13.04
CE MSE G 274 -83.09 35.77 -11.15
N CYS G 275 -85.37 32.56 -15.25
CA CYS G 275 -85.39 31.68 -16.42
C CYS G 275 -84.08 30.92 -16.52
N VAL G 276 -84.08 29.89 -17.36
CA VAL G 276 -82.90 29.07 -17.59
C VAL G 276 -82.53 29.19 -19.06
N THR G 277 -81.24 29.00 -19.37
CA THR G 277 -80.80 29.09 -20.76
C THR G 277 -81.61 28.12 -21.62
N LYS G 278 -81.64 28.36 -22.92
CA LYS G 278 -82.36 27.49 -23.85
C LYS G 278 -81.30 26.69 -24.60
N GLU G 279 -80.05 27.08 -24.41
CA GLU G 279 -78.89 26.43 -25.03
C GLU G 279 -77.73 26.38 -24.04
N PRO G 280 -77.34 25.17 -23.62
CA PRO G 280 -76.24 24.98 -22.67
C PRO G 280 -74.88 25.44 -23.24
N CYS G 281 -74.02 25.96 -22.38
CA CYS G 281 -72.70 26.43 -22.83
C CYS G 281 -71.85 25.27 -23.37
N TYR G 282 -71.50 25.31 -24.65
CA TYR G 282 -70.68 24.27 -25.24
C TYR G 282 -69.19 24.58 -25.09
N LEU G 283 -68.54 23.84 -24.19
CA LEU G 283 -67.12 24.01 -23.92
C LEU G 283 -66.31 23.86 -25.18
N GLN G 284 -65.47 24.84 -25.46
CA GLN G 284 -64.63 24.81 -26.65
C GLN G 284 -63.16 24.86 -26.25
N GLU G 285 -62.30 24.48 -27.19
CA GLU G 285 -60.86 24.48 -26.96
C GLU G 285 -60.48 23.73 -25.68
N ALA G 286 -61.16 22.61 -25.42
CA ALA G 286 -60.91 21.79 -24.22
C ALA G 286 -59.51 21.17 -24.14
N ALA G 287 -58.80 21.16 -25.27
CA ALA G 287 -57.45 20.60 -25.35
C ALA G 287 -56.41 21.37 -24.50
N THR G 288 -56.59 22.68 -24.40
CA THR G 288 -55.65 23.49 -23.64
C THR G 288 -55.86 23.32 -22.14
N ILE G 289 -56.67 22.34 -21.74
CA ILE G 289 -56.93 22.08 -20.32
C ILE G 289 -56.18 20.83 -19.85
N ASP G 290 -54.96 21.03 -19.36
CA ASP G 290 -54.13 19.93 -18.89
C ASP G 290 -54.90 18.92 -18.05
N TYR G 291 -54.49 17.66 -18.14
CA TYR G 291 -55.12 16.58 -17.38
C TYR G 291 -54.09 15.89 -16.49
N VAL G 292 -54.50 15.62 -15.25
CA VAL G 292 -53.66 14.96 -14.26
C VAL G 292 -53.32 13.55 -14.71
N GLU G 300 -64.32 17.41 -25.44
CA GLU G 300 -64.63 18.77 -25.82
C GLU G 300 -66.08 18.91 -26.28
N GLY G 301 -66.64 20.10 -26.16
CA GLY G 301 -68.02 20.33 -26.57
C GLY G 301 -69.01 19.85 -25.52
N GLU G 302 -68.49 19.39 -24.39
CA GLU G 302 -69.33 18.91 -23.30
C GLU G 302 -70.07 20.09 -22.64
N MSE G 303 -71.30 19.85 -22.23
CA MSE G 303 -72.11 20.90 -21.61
C MSE G 303 -71.61 21.29 -20.23
O MSE G 303 -71.08 20.47 -19.49
CB MSE G 303 -73.57 20.45 -21.51
CG MSE G 303 -74.18 20.00 -22.85
SE MSE G 303 -75.09 18.24 -22.74
CE MSE G 303 -73.59 17.04 -23.25
N ALA G 304 -71.81 22.57 -19.91
CA ALA G 304 -71.42 23.14 -18.63
C ALA G 304 -72.58 23.97 -18.09
N ILE G 305 -72.82 23.87 -16.79
CA ILE G 305 -73.90 24.62 -16.14
C ILE G 305 -73.84 26.11 -16.49
N ALA G 306 -75.01 26.73 -16.60
CA ALA G 306 -75.13 28.17 -16.89
C ALA G 306 -76.47 28.63 -16.30
N SER G 307 -76.46 29.00 -15.02
CA SER G 307 -77.66 29.44 -14.31
C SER G 307 -77.67 30.96 -14.07
N TYR G 308 -78.82 31.58 -14.28
CA TYR G 308 -78.97 33.03 -14.08
C TYR G 308 -79.17 33.35 -12.59
N LEU G 309 -79.42 32.32 -11.80
CA LEU G 309 -79.62 32.48 -10.37
C LEU G 309 -78.29 32.80 -9.70
N ASN G 310 -77.21 32.65 -10.46
CA ASN G 310 -75.86 32.93 -9.97
C ASN G 310 -75.55 34.41 -10.10
N PHE G 311 -76.28 35.23 -9.36
CA PHE G 311 -76.06 36.68 -9.39
C PHE G 311 -75.66 37.19 -8.00
N LEU G 312 -74.89 38.28 -7.99
CA LEU G 312 -74.44 38.85 -6.73
C LEU G 312 -75.33 40.05 -6.39
N ILE G 313 -75.71 40.15 -5.13
CA ILE G 313 -76.56 41.24 -4.64
C ILE G 313 -75.77 42.31 -3.87
N VAL G 314 -75.17 43.26 -4.57
CA VAL G 314 -74.44 44.32 -3.88
C VAL G 314 -75.51 45.32 -3.45
N ASN G 315 -75.10 46.41 -2.80
CA ASN G 315 -76.07 47.42 -2.40
C ASN G 315 -76.24 48.40 -3.55
N GLY G 316 -77.49 48.61 -3.94
CA GLY G 316 -77.81 49.51 -5.05
C GLY G 316 -77.38 48.99 -6.41
N GLY G 317 -77.29 47.67 -6.56
CA GLY G 317 -76.87 47.11 -7.84
C GLY G 317 -76.91 45.60 -7.90
N ILE G 318 -76.97 45.06 -9.12
CA ILE G 318 -76.99 43.62 -9.32
C ILE G 318 -76.03 43.27 -10.43
N ILE G 319 -75.26 42.21 -10.21
CA ILE G 319 -74.30 41.75 -11.20
C ILE G 319 -74.86 40.41 -11.67
N LEU G 320 -75.37 40.38 -12.89
CA LEU G 320 -75.97 39.18 -13.45
C LEU G 320 -75.19 38.60 -14.63
N PRO G 321 -75.17 37.26 -14.73
CA PRO G 321 -74.47 36.57 -15.82
C PRO G 321 -75.19 36.66 -17.16
N GLN G 322 -74.42 36.83 -18.23
CA GLN G 322 -74.96 36.92 -19.59
C GLN G 322 -74.17 35.99 -20.49
N TYR G 323 -74.63 34.74 -20.60
CA TYR G 323 -73.96 33.73 -21.41
C TYR G 323 -74.12 33.91 -22.93
N GLY G 324 -75.09 34.72 -23.34
CA GLY G 324 -75.32 34.91 -24.76
C GLY G 324 -76.33 33.86 -25.21
N ASP G 325 -77.30 33.64 -24.33
CA ASP G 325 -78.37 32.68 -24.55
C ASP G 325 -79.59 33.40 -25.10
N GLU G 326 -80.59 32.60 -25.50
CA GLU G 326 -81.84 33.11 -26.06
C GLU G 326 -82.64 33.79 -24.94
N ASN G 327 -82.80 33.10 -23.83
CA ASN G 327 -83.53 33.64 -22.69
C ASN G 327 -82.62 34.49 -21.82
N ASP G 328 -81.71 35.21 -22.47
CA ASP G 328 -80.74 36.07 -21.78
C ASP G 328 -81.35 37.41 -21.37
N GLN G 329 -81.78 38.20 -22.35
CA GLN G 329 -82.37 39.51 -22.08
C GLN G 329 -83.56 39.39 -21.14
N LEU G 330 -84.19 38.22 -21.14
CA LEU G 330 -85.34 37.96 -20.27
C LEU G 330 -84.89 37.91 -18.81
N ALA G 331 -83.71 37.33 -18.61
CA ALA G 331 -83.15 37.20 -17.26
C ALA G 331 -82.94 38.58 -16.65
N LYS G 332 -82.36 39.49 -17.44
CA LYS G 332 -82.11 40.85 -16.99
C LYS G 332 -83.42 41.56 -16.66
N GLN G 333 -84.48 41.20 -17.38
CA GLN G 333 -85.81 41.78 -17.17
C GLN G 333 -86.39 41.24 -15.89
N GLN G 334 -86.34 39.91 -15.75
CA GLN G 334 -86.87 39.27 -14.55
C GLN G 334 -86.23 39.79 -13.28
N VAL G 335 -84.90 39.81 -13.23
CA VAL G 335 -84.15 40.28 -12.06
C VAL G 335 -84.49 41.74 -11.76
N GLN G 336 -84.79 42.48 -12.82
CA GLN G 336 -85.16 43.88 -12.73
C GLN G 336 -86.43 44.04 -11.90
N GLU G 337 -87.39 43.15 -12.15
CA GLU G 337 -88.68 43.13 -11.44
C GLU G 337 -88.43 42.99 -9.95
N MSE G 338 -87.69 41.95 -9.59
CA MSE G 338 -87.35 41.62 -8.21
C MSE G 338 -86.73 42.82 -7.48
O MSE G 338 -87.18 43.25 -6.42
CB MSE G 338 -86.39 40.46 -8.17
CG MSE G 338 -86.82 39.29 -9.01
SE MSE G 338 -85.40 38.00 -9.33
CE MSE G 338 -86.42 36.32 -9.20
N PHE G 339 -85.66 43.36 -8.06
CA PHE G 339 -85.00 44.49 -7.45
C PHE G 339 -85.18 45.73 -8.32
N PRO G 340 -86.35 46.37 -8.23
CA PRO G 340 -86.65 47.57 -9.01
C PRO G 340 -85.73 48.74 -8.68
N ASP G 341 -85.56 48.98 -7.39
CA ASP G 341 -84.71 50.07 -6.93
C ASP G 341 -83.24 49.62 -6.85
N ARG G 342 -82.77 48.96 -7.91
CA ARG G 342 -81.39 48.48 -7.97
C ARG G 342 -80.94 48.40 -9.41
N LYS G 343 -79.88 49.14 -9.77
CA LYS G 343 -79.40 49.09 -11.14
C LYS G 343 -78.84 47.70 -11.44
N VAL G 344 -79.32 47.08 -12.51
CA VAL G 344 -78.84 45.76 -12.86
C VAL G 344 -77.81 45.85 -13.98
N VAL G 345 -76.66 45.18 -13.79
CA VAL G 345 -75.59 45.15 -14.78
C VAL G 345 -75.33 43.69 -15.14
N GLY G 346 -74.99 43.44 -16.40
CA GLY G 346 -74.73 42.07 -16.81
C GLY G 346 -73.38 41.93 -17.51
N VAL G 347 -72.68 40.83 -17.23
CA VAL G 347 -71.37 40.59 -17.84
C VAL G 347 -71.23 39.17 -18.44
N ARG G 348 -70.42 39.04 -19.48
CA ARG G 348 -70.20 37.76 -20.14
C ARG G 348 -69.40 36.81 -19.24
N THR G 349 -70.03 36.35 -18.17
CA THR G 349 -69.38 35.45 -17.22
C THR G 349 -69.56 34.00 -17.65
N GLU G 350 -69.70 33.83 -18.95
CA GLU G 350 -69.87 32.51 -19.56
C GLU G 350 -68.52 31.79 -19.55
N GLU G 351 -67.45 32.54 -19.71
CA GLU G 351 -66.10 31.99 -19.74
C GLU G 351 -65.70 31.33 -18.40
N ILE G 352 -66.33 31.76 -17.32
CA ILE G 352 -66.04 31.20 -16.01
C ILE G 352 -67.03 30.07 -15.72
N ALA G 353 -68.12 30.04 -16.48
CA ALA G 353 -69.12 29.00 -16.31
C ALA G 353 -68.54 27.69 -16.85
N TYR G 354 -67.43 27.81 -17.57
CA TYR G 354 -66.75 26.64 -18.12
C TYR G 354 -65.89 26.02 -17.00
N GLY G 355 -65.83 26.70 -15.86
CA GLY G 355 -65.04 26.21 -14.74
C GLY G 355 -65.91 25.61 -13.66
N GLY G 356 -67.22 25.67 -13.87
CA GLY G 356 -68.13 25.10 -12.89
C GLY G 356 -68.47 26.08 -11.78
N GLY G 357 -69.31 27.07 -12.10
CA GLY G 357 -69.70 28.07 -11.12
C GLY G 357 -69.72 29.44 -11.76
N ASN G 358 -70.55 30.35 -11.25
CA ASN G 358 -70.63 31.70 -11.81
C ASN G 358 -70.42 32.84 -10.82
N ILE G 359 -70.66 34.05 -11.31
CA ILE G 359 -70.50 35.30 -10.56
C ILE G 359 -70.64 35.19 -9.05
N HIS G 360 -71.61 34.44 -8.64
CA HIS G 360 -71.85 34.29 -7.20
C HIS G 360 -70.75 33.42 -6.58
N CYS G 361 -70.48 32.33 -7.26
CA CYS G 361 -69.49 31.33 -6.83
C CYS G 361 -68.07 31.92 -6.74
N ILE G 362 -67.87 33.12 -7.29
CA ILE G 362 -66.52 33.74 -7.32
C ILE G 362 -66.42 35.05 -6.53
N THR G 363 -67.45 35.38 -5.78
CA THR G 363 -67.43 36.61 -4.95
C THR G 363 -67.83 36.28 -3.52
N GLN G 364 -67.64 37.28 -2.70
CA GLN G 364 -67.95 37.21 -1.27
C GLN G 364 -67.98 38.63 -0.73
N GLN G 365 -69.16 39.05 -0.33
CA GLN G 365 -69.35 40.41 0.17
C GLN G 365 -69.23 40.47 1.69
N GLN G 366 -68.73 41.62 2.11
CA GLN G 366 -68.50 41.97 3.52
C GLN G 366 -69.52 43.04 3.94
N PRO G 367 -70.44 42.74 4.90
CA PRO G 367 -71.43 43.71 5.35
C PRO G 367 -70.79 44.90 6.05
N ALA G 368 -71.18 46.11 5.63
CA ALA G 368 -70.65 47.36 6.24
C ALA G 368 -71.02 47.41 7.73
N THR G 369 -70.50 48.41 8.44
CA THR G 369 -70.74 48.47 9.89
C THR G 369 -71.01 49.88 10.48
N LEU G 370 -69.93 50.62 10.69
CA LEU G 370 -69.98 51.87 11.47
C LEU G 370 -69.57 51.45 12.88
N ALA H 2 27.10 -38.30 -1.64
CA ALA H 2 26.27 -38.33 -0.39
C ALA H 2 25.46 -37.05 -0.31
N LYS H 3 26.03 -35.97 -0.86
CA LYS H 3 25.39 -34.68 -0.85
C LYS H 3 24.07 -34.70 -1.60
N ARG H 4 23.43 -33.53 -1.68
CA ARG H 4 22.15 -33.40 -2.37
C ARG H 4 22.24 -32.40 -3.51
N ILE H 5 21.08 -31.89 -3.91
CA ILE H 5 20.97 -30.93 -4.99
C ILE H 5 19.63 -30.24 -4.74
N LYS H 6 19.71 -28.99 -4.31
CA LYS H 6 18.53 -28.21 -3.95
C LYS H 6 18.02 -27.11 -4.89
N ASN H 7 18.70 -26.89 -6.01
CA ASN H 7 18.27 -25.85 -6.94
C ASN H 7 17.71 -26.32 -8.26
N THR H 8 18.48 -27.13 -8.97
CA THR H 8 18.05 -27.65 -10.26
C THR H 8 17.23 -28.93 -10.18
N THR H 9 16.35 -29.15 -11.16
CA THR H 9 15.52 -30.35 -11.22
C THR H 9 16.22 -31.36 -12.14
N PRO H 10 15.91 -32.66 -12.00
CA PRO H 10 16.49 -33.74 -12.81
C PRO H 10 16.27 -33.53 -14.32
N LYS H 11 15.09 -33.04 -14.67
CA LYS H 11 14.77 -32.80 -16.07
C LYS H 11 15.78 -31.86 -16.68
N GLN H 12 16.38 -31.02 -15.84
CA GLN H 12 17.38 -30.03 -16.25
C GLN H 12 18.81 -30.57 -16.15
N ASP H 13 19.06 -31.42 -15.16
CA ASP H 13 20.39 -31.98 -14.98
C ASP H 13 20.61 -33.18 -15.86
N GLY H 14 19.64 -33.49 -16.72
CA GLY H 14 19.78 -34.63 -17.61
C GLY H 14 19.57 -35.98 -16.94
N PHE H 15 18.47 -36.10 -16.20
CA PHE H 15 18.12 -37.34 -15.50
C PHE H 15 16.65 -37.71 -15.67
N ARG H 16 16.35 -38.98 -15.44
CA ARG H 16 14.99 -39.51 -15.55
C ARG H 16 14.92 -40.80 -14.76
N MSE H 17 13.69 -41.20 -14.46
CA MSE H 17 13.44 -42.43 -13.73
C MSE H 17 13.20 -43.58 -14.71
O MSE H 17 12.11 -43.71 -15.26
CB MSE H 17 12.22 -42.27 -12.84
CG MSE H 17 11.96 -43.49 -11.98
SE MSE H 17 10.07 -43.81 -11.77
CE MSE H 17 9.92 -45.35 -12.97
N PRO H 18 14.21 -44.43 -14.93
CA PRO H 18 14.06 -45.54 -15.87
C PRO H 18 12.88 -46.47 -15.56
N GLY H 19 12.30 -47.05 -16.60
CA GLY H 19 11.18 -47.97 -16.42
C GLY H 19 11.60 -49.16 -15.59
N GLU H 20 10.69 -49.69 -14.79
CA GLU H 20 11.03 -50.82 -13.94
C GLU H 20 11.57 -52.04 -14.68
N PHE H 21 11.31 -52.12 -15.99
CA PHE H 21 11.78 -53.26 -16.79
C PHE H 21 13.23 -53.17 -17.27
N GLU H 22 13.82 -52.00 -17.19
CA GLU H 22 15.22 -51.84 -17.62
C GLU H 22 16.15 -52.63 -16.69
N LYS H 23 17.42 -52.71 -17.04
CA LYS H 23 18.39 -53.46 -16.25
C LYS H 23 18.65 -52.77 -14.93
N GLN H 24 18.57 -53.56 -13.85
CA GLN H 24 18.77 -53.05 -12.50
C GLN H 24 19.96 -53.68 -11.77
N LYS H 25 20.49 -52.95 -10.80
CA LYS H 25 21.62 -53.42 -10.00
C LYS H 25 21.21 -54.33 -8.85
N GLN H 26 20.12 -53.98 -8.17
CA GLN H 26 19.65 -54.79 -7.05
C GLN H 26 18.29 -54.35 -6.55
N ILE H 27 17.73 -55.12 -5.63
CA ILE H 27 16.44 -54.78 -5.07
C ILE H 27 16.57 -54.42 -3.61
N TRP H 28 15.84 -53.40 -3.20
CA TRP H 28 15.85 -52.96 -1.83
C TRP H 28 14.52 -53.28 -1.19
N MSE H 29 14.56 -53.66 0.08
CA MSE H 29 13.35 -53.94 0.84
C MSE H 29 13.57 -53.91 2.35
O MSE H 29 14.69 -54.10 2.84
CB MSE H 29 12.71 -55.27 0.40
CG MSE H 29 13.59 -56.51 0.45
SE MSE H 29 12.71 -58.12 -0.33
CE MSE H 29 11.09 -58.25 0.76
N LEU H 30 12.50 -53.63 3.08
CA LEU H 30 12.53 -53.55 4.53
C LEU H 30 12.06 -54.83 5.18
N TRP H 31 11.91 -54.81 6.51
CA TRP H 31 11.51 -55.99 7.29
C TRP H 31 10.34 -55.64 8.22
N PRO H 32 9.17 -56.27 8.03
CA PRO H 32 7.96 -56.03 8.86
C PRO H 32 8.11 -56.46 10.32
N TRP H 33 7.50 -55.71 11.25
CA TRP H 33 7.62 -56.07 12.66
C TRP H 33 6.48 -55.62 13.55
N ARG H 34 5.95 -54.43 13.32
CA ARG H 34 4.90 -53.91 14.16
C ARG H 34 3.68 -54.79 14.31
N ASN H 35 3.36 -55.09 15.56
CA ASN H 35 2.23 -55.94 15.91
C ASN H 35 0.84 -55.34 15.68
N ASP H 36 0.76 -54.04 15.44
CA ASP H 36 -0.54 -53.41 15.23
C ASP H 36 -1.01 -53.57 13.78
N ASN H 37 -0.13 -54.11 12.93
CA ASN H 37 -0.47 -54.34 11.52
C ASN H 37 -0.42 -55.82 11.13
N TRP H 38 0.72 -56.43 11.37
CA TRP H 38 0.94 -57.82 11.04
C TRP H 38 0.55 -58.79 12.13
N ARG H 39 -0.36 -59.70 11.79
CA ARG H 39 -0.83 -60.74 12.70
C ARG H 39 0.29 -61.68 13.14
N LEU H 40 0.05 -62.41 14.22
CA LEU H 40 1.00 -63.36 14.82
C LEU H 40 2.40 -62.75 14.99
N GLY H 41 2.42 -61.52 15.49
CA GLY H 41 3.68 -60.83 15.73
C GLY H 41 4.65 -60.72 14.57
N ALA H 42 4.15 -60.54 13.35
CA ALA H 42 4.97 -60.40 12.15
C ALA H 42 5.82 -61.61 11.79
N LYS H 43 5.67 -62.72 12.51
CA LYS H 43 6.48 -63.86 12.16
C LYS H 43 6.12 -64.27 10.73
N PRO H 44 4.83 -64.60 10.48
CA PRO H 44 4.32 -65.00 9.17
C PRO H 44 4.74 -64.02 8.08
N ALA H 45 4.58 -62.73 8.37
CA ALA H 45 4.95 -61.73 7.40
C ALA H 45 6.44 -61.84 7.17
N GLN H 46 7.19 -62.02 8.25
CA GLN H 46 8.63 -62.12 8.09
C GLN H 46 8.99 -63.27 7.18
N LYS H 47 8.30 -64.39 7.35
CA LYS H 47 8.57 -65.56 6.54
C LYS H 47 8.38 -65.18 5.08
N ALA H 48 7.19 -64.68 4.76
CA ALA H 48 6.90 -64.30 3.39
C ALA H 48 8.05 -63.46 2.85
N PHE H 49 8.31 -62.31 3.47
CA PHE H 49 9.39 -61.44 3.02
C PHE H 49 10.67 -62.15 2.69
N LEU H 50 11.09 -63.05 3.58
CA LEU H 50 12.32 -63.77 3.35
C LEU H 50 12.20 -64.60 2.09
N GLU H 51 11.01 -65.15 1.87
CA GLU H 51 10.79 -65.92 0.69
C GLU H 51 10.91 -65.06 -0.56
N VAL H 52 10.17 -63.97 -0.64
CA VAL H 52 10.26 -63.13 -1.82
C VAL H 52 11.70 -62.64 -2.02
N ALA H 53 12.45 -62.59 -0.91
CA ALA H 53 13.83 -62.17 -0.93
C ALA H 53 14.68 -63.24 -1.62
N GLU H 54 14.40 -64.51 -1.29
CA GLU H 54 15.11 -65.65 -1.86
C GLU H 54 14.76 -65.85 -3.33
N ALA H 55 13.57 -65.38 -3.72
CA ALA H 55 13.08 -65.48 -5.09
C ALA H 55 13.94 -64.57 -5.98
N ILE H 56 14.18 -63.35 -5.50
CA ILE H 56 15.01 -62.39 -6.22
C ILE H 56 16.42 -62.99 -6.34
N SER H 57 16.91 -63.55 -5.24
CA SER H 57 18.24 -64.13 -5.21
C SER H 57 18.74 -64.78 -6.49
N GLU H 58 17.94 -65.66 -7.08
CA GLU H 58 18.40 -66.33 -8.28
C GLU H 58 18.40 -65.44 -9.51
N PHE H 59 18.29 -64.13 -9.31
CA PHE H 59 18.26 -63.18 -10.43
C PHE H 59 19.23 -62.03 -10.25
N GLU H 60 19.17 -61.39 -9.07
CA GLU H 60 20.04 -60.26 -8.77
C GLU H 60 20.23 -60.10 -7.26
N PRO H 61 21.31 -59.43 -6.83
CA PRO H 61 21.53 -59.25 -5.41
C PRO H 61 20.40 -58.47 -4.73
N VAL H 62 20.27 -58.64 -3.41
CA VAL H 62 19.23 -57.97 -2.65
C VAL H 62 19.75 -57.33 -1.40
N SER H 63 19.20 -56.18 -1.05
CA SER H 63 19.62 -55.48 0.15
C SER H 63 18.44 -55.43 1.11
N LEU H 64 18.39 -56.43 1.98
CA LEU H 64 17.33 -56.56 2.97
C LEU H 64 17.62 -55.77 4.25
N CYS H 65 17.05 -54.57 4.36
CA CYS H 65 17.26 -53.69 5.52
C CYS H 65 16.33 -54.01 6.69
N VAL H 66 16.90 -54.42 7.81
CA VAL H 66 16.05 -54.74 8.93
C VAL H 66 16.53 -54.03 10.18
N PRO H 67 15.58 -53.63 11.04
CA PRO H 67 15.84 -52.95 12.30
C PRO H 67 16.75 -53.74 13.23
N PRO H 68 17.57 -53.04 14.02
CA PRO H 68 18.52 -53.66 14.96
C PRO H 68 17.88 -54.76 15.79
N LEU H 69 16.67 -54.50 16.27
CA LEU H 69 15.96 -55.47 17.11
C LEU H 69 15.73 -56.79 16.40
N GLN H 70 15.40 -56.72 15.11
CA GLN H 70 15.14 -57.91 14.31
C GLN H 70 16.33 -58.33 13.46
N TYR H 71 17.43 -57.59 13.54
CA TYR H 71 18.62 -57.88 12.74
C TYR H 71 19.18 -59.29 12.88
N GLU H 72 19.69 -59.62 14.07
CA GLU H 72 20.27 -60.93 14.28
C GLU H 72 19.37 -62.02 13.73
N ASN H 73 18.07 -61.78 13.77
CA ASN H 73 17.16 -62.78 13.27
C ASN H 73 17.27 -62.91 11.76
N ALA H 74 16.92 -61.84 11.04
CA ALA H 74 16.96 -61.84 9.58
C ALA H 74 18.24 -62.46 9.05
N LEU H 75 19.34 -62.22 9.74
CA LEU H 75 20.61 -62.77 9.32
C LEU H 75 20.61 -64.27 9.50
N ALA H 76 20.11 -64.73 10.63
CA ALA H 76 20.10 -66.15 10.91
C ALA H 76 19.41 -66.92 9.79
N ARG H 77 18.15 -66.55 9.59
CA ARG H 77 17.28 -67.16 8.61
C ARG H 77 17.84 -67.03 7.19
N VAL H 78 18.46 -65.91 6.88
CA VAL H 78 19.01 -65.75 5.56
C VAL H 78 20.21 -66.67 5.38
N SER H 79 21.02 -66.78 6.43
CA SER H 79 22.23 -67.60 6.42
C SER H 79 21.92 -69.10 6.32
N GLU H 80 20.63 -69.43 6.43
CA GLU H 80 20.16 -70.80 6.34
C GLU H 80 19.89 -71.13 4.88
N LEU H 81 19.30 -70.17 4.17
CA LEU H 81 18.98 -70.36 2.76
C LEU H 81 20.20 -70.53 1.87
N GLY H 82 21.35 -70.81 2.48
CA GLY H 82 22.55 -70.96 1.67
C GLY H 82 22.73 -69.69 0.85
N SER H 83 22.85 -68.58 1.56
CA SER H 83 23.02 -67.23 0.98
C SER H 83 23.92 -67.20 -0.26
N HIS H 84 23.75 -66.16 -1.07
CA HIS H 84 24.54 -66.00 -2.29
C HIS H 84 24.63 -64.51 -2.65
N ASN H 85 23.56 -63.78 -2.35
CA ASN H 85 23.53 -62.36 -2.66
C ASN H 85 22.48 -61.59 -1.85
N ILE H 86 22.50 -61.81 -0.54
CA ILE H 86 21.58 -61.12 0.36
C ILE H 86 22.34 -60.60 1.57
N ARG H 87 22.51 -59.29 1.61
CA ARG H 87 23.22 -58.67 2.72
C ARG H 87 22.21 -57.95 3.60
N ILE H 88 22.18 -58.29 4.86
CA ILE H 88 21.25 -57.65 5.77
C ILE H 88 21.89 -56.40 6.38
N ILE H 89 21.49 -55.23 5.92
CA ILE H 89 22.05 -54.01 6.50
C ILE H 89 21.05 -53.50 7.54
N GLU H 90 21.59 -53.00 8.64
CA GLU H 90 20.75 -52.48 9.70
C GLU H 90 20.11 -51.21 9.20
N MSE H 91 18.82 -51.07 9.53
CA MSE H 91 18.05 -49.89 9.14
C MSE H 91 16.70 -49.99 9.79
O MSE H 91 16.02 -51.00 9.66
CB MSE H 91 17.88 -49.81 7.64
CG MSE H 91 17.05 -48.59 7.21
SE MSE H 91 17.06 -48.38 5.29
CE MSE H 91 18.95 -48.76 5.00
N THR H 92 16.33 -48.94 10.50
CA THR H 92 15.06 -48.90 11.20
C THR H 92 13.92 -48.49 10.27
N ASN H 93 12.68 -48.60 10.76
CA ASN H 93 11.50 -48.19 10.01
C ASN H 93 10.25 -48.20 10.86
N ASP H 94 9.17 -47.67 10.31
CA ASP H 94 7.92 -47.66 11.03
C ASP H 94 7.11 -48.82 10.52
N ASP H 95 7.33 -49.14 9.24
CA ASP H 95 6.71 -50.29 8.57
C ASP H 95 7.50 -50.62 7.32
N ALA H 96 7.42 -51.86 6.83
CA ALA H 96 8.19 -52.23 5.65
C ALA H 96 7.45 -52.12 4.32
N TRP H 97 7.54 -50.96 3.69
CA TRP H 97 6.90 -50.73 2.41
C TRP H 97 7.83 -49.81 1.67
N ILE H 98 9.04 -50.31 1.46
CA ILE H 98 10.09 -49.55 0.81
C ILE H 98 9.70 -49.08 -0.58
N ARG H 99 8.54 -49.52 -1.04
CA ARG H 99 8.08 -49.11 -2.36
C ARG H 99 7.66 -47.65 -2.32
N ASP H 100 7.04 -47.28 -1.19
CA ASP H 100 6.50 -45.94 -0.99
C ASP H 100 7.38 -44.92 -0.27
N CYS H 101 8.10 -45.39 0.75
CA CYS H 101 8.96 -44.49 1.52
C CYS H 101 10.42 -44.79 1.26
N GLY H 102 10.73 -45.13 0.01
CA GLY H 102 12.10 -45.42 -0.35
C GLY H 102 12.52 -44.44 -1.41
N PRO H 103 13.73 -44.54 -1.93
CA PRO H 103 14.17 -43.60 -2.96
C PRO H 103 13.71 -44.03 -4.34
N THR H 104 13.38 -43.05 -5.17
CA THR H 104 12.98 -43.33 -6.54
C THR H 104 14.16 -43.08 -7.46
N PHE H 105 15.06 -44.06 -7.58
CA PHE H 105 16.25 -43.94 -8.42
C PHE H 105 16.05 -43.37 -9.83
N LEU H 106 17.05 -42.64 -10.32
CA LEU H 106 17.05 -42.03 -11.66
C LEU H 106 18.42 -42.19 -12.32
N VAL H 107 18.42 -42.63 -13.58
CA VAL H 107 19.67 -42.80 -14.31
C VAL H 107 19.77 -41.71 -15.39
N ASN H 108 20.98 -41.33 -15.74
CA ASN H 108 21.17 -40.27 -16.73
C ASN H 108 21.68 -40.80 -18.07
N ASP H 109 21.98 -42.10 -18.10
CA ASP H 109 22.48 -42.78 -19.29
C ASP H 109 23.95 -42.45 -19.48
N LYS H 110 24.54 -41.76 -18.52
CA LYS H 110 25.95 -41.39 -18.64
C LYS H 110 26.81 -41.87 -17.46
N GLY H 111 26.47 -43.05 -16.92
CA GLY H 111 27.21 -43.62 -15.80
C GLY H 111 26.74 -43.24 -14.40
N ASP H 112 26.39 -41.97 -14.21
CA ASP H 112 25.93 -41.46 -12.94
C ASP H 112 24.59 -42.07 -12.55
N LEU H 113 24.19 -41.83 -11.31
CA LEU H 113 22.93 -42.35 -10.77
C LEU H 113 22.49 -41.40 -9.67
N ARG H 114 21.23 -41.02 -9.68
CA ARG H 114 20.72 -40.11 -8.67
C ARG H 114 19.25 -40.36 -8.45
N ALA H 115 18.83 -40.37 -7.19
CA ALA H 115 17.43 -40.62 -6.89
C ALA H 115 16.70 -39.39 -6.39
N VAL H 116 15.42 -39.57 -6.12
CA VAL H 116 14.59 -38.49 -5.62
C VAL H 116 13.83 -38.94 -4.38
N ASP H 117 14.10 -38.23 -3.28
CA ASP H 117 13.49 -38.47 -1.96
C ASP H 117 12.25 -37.57 -1.78
N TRP H 118 11.07 -38.16 -1.96
CA TRP H 118 9.79 -37.46 -1.84
C TRP H 118 9.40 -37.30 -0.36
N GLU H 119 8.24 -36.71 -0.13
CA GLU H 119 7.77 -36.53 1.24
C GLU H 119 6.76 -37.61 1.56
N PHE H 120 6.99 -38.34 2.66
CA PHE H 120 6.13 -39.43 3.08
C PHE H 120 5.30 -39.08 4.30
N ASN H 121 3.98 -39.18 4.17
CA ASN H 121 3.12 -38.87 5.30
C ASN H 121 2.28 -40.06 5.70
N ALA H 122 2.72 -41.26 5.33
CA ALA H 122 1.97 -42.46 5.69
C ALA H 122 0.57 -42.53 5.07
N TRP H 123 0.50 -42.35 3.75
CA TRP H 123 -0.76 -42.43 3.00
C TRP H 123 -1.91 -41.61 3.59
N GLY H 124 -1.61 -40.40 4.04
CA GLY H 124 -2.67 -39.56 4.59
C GLY H 124 -2.25 -38.67 5.75
N GLY H 125 -0.98 -38.77 6.12
CA GLY H 125 -0.48 -37.96 7.21
C GLY H 125 -1.32 -38.11 8.46
N LEU H 126 -1.79 -37.00 8.99
CA LEU H 126 -2.61 -37.03 10.19
C LEU H 126 -4.07 -37.06 9.74
N VAL H 127 -4.31 -36.46 8.57
CA VAL H 127 -5.65 -36.38 8.02
C VAL H 127 -6.14 -37.72 7.50
N ASP H 128 -5.21 -38.57 7.08
CA ASP H 128 -5.62 -39.86 6.57
C ASP H 128 -4.58 -40.98 6.64
N GLY H 129 -3.52 -40.76 7.40
CA GLY H 129 -2.48 -41.77 7.53
C GLY H 129 -2.92 -43.12 8.09
N LEU H 130 -2.05 -44.10 7.94
CA LEU H 130 -2.33 -45.45 8.42
C LEU H 130 -1.76 -45.70 9.83
N TYR H 131 -0.80 -44.88 10.25
CA TYR H 131 -0.17 -44.95 11.57
C TYR H 131 0.51 -43.61 11.76
N PHE H 132 0.66 -43.15 13.00
CA PHE H 132 1.24 -41.83 13.20
C PHE H 132 2.75 -41.72 13.06
N PRO H 133 3.51 -42.11 14.10
CA PRO H 133 4.95 -41.97 13.93
C PRO H 133 5.39 -42.56 12.60
N TRP H 134 5.87 -41.71 11.69
CA TRP H 134 6.36 -42.16 10.39
C TRP H 134 7.71 -41.53 10.11
N ASP H 135 8.28 -40.91 11.13
CA ASP H 135 9.57 -40.24 11.01
C ASP H 135 10.68 -41.20 10.60
N GLN H 136 10.54 -42.47 10.94
CA GLN H 136 11.55 -43.45 10.58
C GLN H 136 11.49 -43.86 9.13
N ASP H 137 10.28 -43.93 8.59
CA ASP H 137 10.11 -44.27 7.19
C ASP H 137 10.71 -43.15 6.35
N ALA H 138 10.23 -41.93 6.58
CA ALA H 138 10.69 -40.77 5.85
C ALA H 138 12.22 -40.69 5.75
N LEU H 139 12.90 -41.45 6.60
CA LEU H 139 14.35 -41.46 6.61
C LEU H 139 15.03 -42.52 5.76
N VAL H 140 14.31 -43.62 5.50
CA VAL H 140 14.86 -44.73 4.71
C VAL H 140 15.47 -44.19 3.42
N ALA H 141 14.65 -43.47 2.65
CA ALA H 141 15.09 -42.90 1.39
C ALA H 141 16.50 -42.35 1.48
N ARG H 142 16.73 -41.48 2.45
CA ARG H 142 18.04 -40.88 2.62
C ARG H 142 19.09 -41.94 2.97
N LYS H 143 18.82 -42.73 4.00
CA LYS H 143 19.75 -43.76 4.49
C LYS H 143 20.23 -44.72 3.41
N VAL H 144 19.32 -45.16 2.54
CA VAL H 144 19.75 -46.07 1.49
C VAL H 144 20.60 -45.34 0.46
N CYS H 145 20.29 -44.06 0.21
CA CYS H 145 21.07 -43.26 -0.75
C CYS H 145 22.51 -43.14 -0.27
N GLU H 146 22.67 -42.88 1.03
CA GLU H 146 23.98 -42.75 1.65
C GLU H 146 24.80 -44.03 1.56
N ILE H 147 24.27 -45.12 2.11
CA ILE H 147 25.03 -46.37 2.09
C ILE H 147 25.34 -46.80 0.69
N GLU H 148 24.68 -46.19 -0.27
CA GLU H 148 24.86 -46.53 -1.67
C GLU H 148 25.76 -45.50 -2.36
N GLY H 149 26.01 -44.37 -1.68
CA GLY H 149 26.84 -43.33 -2.25
C GLY H 149 26.22 -42.73 -3.48
N VAL H 150 25.03 -42.19 -3.36
CA VAL H 150 24.30 -41.60 -4.48
C VAL H 150 23.52 -40.36 -4.03
N ASP H 151 23.83 -39.23 -4.65
CA ASP H 151 23.17 -37.95 -4.33
C ASP H 151 21.69 -38.02 -4.73
N SER H 152 20.88 -37.17 -4.14
CA SER H 152 19.43 -37.19 -4.42
C SER H 152 18.80 -35.79 -4.39
N TYR H 153 17.67 -35.72 -5.06
CA TYR H 153 16.84 -34.50 -5.14
C TYR H 153 15.69 -34.65 -4.14
N LYS H 154 15.48 -33.63 -3.35
CA LYS H 154 14.39 -33.64 -2.36
C LYS H 154 13.26 -32.76 -2.88
N THR H 155 12.04 -33.28 -2.86
CA THR H 155 10.87 -32.52 -3.35
C THR H 155 10.07 -31.91 -2.19
N LYS H 156 10.64 -30.89 -1.57
CA LYS H 156 10.02 -30.20 -0.40
C LYS H 156 8.49 -29.97 -0.58
N ASP H 157 7.71 -30.25 0.50
CA ASP H 157 6.23 -30.06 0.53
C ASP H 157 5.52 -30.79 -0.63
N PHE H 158 6.21 -31.73 -1.22
CA PHE H 158 5.59 -32.54 -2.26
C PHE H 158 5.54 -33.97 -1.77
N VAL H 159 4.40 -34.33 -1.19
CA VAL H 159 4.20 -35.69 -0.65
C VAL H 159 3.72 -36.64 -1.76
N LEU H 160 4.54 -37.63 -2.02
CA LEU H 160 4.26 -38.63 -3.07
C LEU H 160 4.99 -39.94 -2.78
N GLU H 161 4.22 -41.00 -2.56
CA GLU H 161 4.79 -42.32 -2.33
C GLU H 161 5.04 -42.99 -3.70
N GLY H 162 6.19 -43.64 -3.86
CA GLY H 162 6.51 -44.30 -5.11
C GLY H 162 5.44 -45.22 -5.70
N GLY H 163 4.93 -46.14 -4.90
CA GLY H 163 3.94 -47.05 -5.42
C GLY H 163 2.75 -46.42 -6.13
N SER H 164 2.59 -45.10 -6.03
CA SER H 164 1.43 -44.46 -6.64
C SER H 164 1.58 -44.02 -8.11
N ILE H 165 2.78 -44.18 -8.65
CA ILE H 165 3.06 -43.82 -10.04
C ILE H 165 3.86 -44.88 -10.81
N HIS H 166 3.59 -44.96 -12.11
CA HIS H 166 4.27 -45.90 -12.98
C HIS H 166 4.83 -45.20 -14.20
N VAL H 167 6.06 -45.51 -14.56
CA VAL H 167 6.67 -44.84 -15.68
C VAL H 167 7.36 -45.78 -16.68
N ASP H 168 7.26 -45.41 -17.96
CA ASP H 168 7.89 -46.13 -19.05
C ASP H 168 9.25 -45.44 -19.18
N GLY H 169 10.26 -46.15 -19.68
CA GLY H 169 11.57 -45.52 -19.79
C GLY H 169 11.64 -44.25 -20.63
N GLU H 170 10.56 -43.90 -21.34
CA GLU H 170 10.57 -42.71 -22.19
C GLU H 170 9.37 -41.74 -22.13
N GLY H 171 9.57 -40.66 -21.39
CA GLY H 171 8.59 -39.61 -21.25
C GLY H 171 7.13 -39.91 -20.96
N THR H 172 6.79 -41.15 -20.70
CA THR H 172 5.38 -41.40 -20.39
C THR H 172 5.26 -41.71 -18.90
N VAL H 173 4.04 -41.71 -18.38
CA VAL H 173 3.83 -42.01 -16.96
C VAL H 173 2.38 -42.23 -16.60
N LEU H 174 2.11 -43.40 -16.02
CA LEU H 174 0.78 -43.78 -15.60
C LEU H 174 0.59 -43.47 -14.13
N VAL H 175 -0.51 -42.81 -13.80
CA VAL H 175 -0.79 -42.48 -12.41
C VAL H 175 -2.28 -42.50 -12.18
N THR H 176 -2.68 -42.45 -10.92
CA THR H 176 -4.09 -42.47 -10.55
C THR H 176 -4.53 -41.14 -9.92
N GLU H 177 -5.62 -40.56 -10.40
CA GLU H 177 -6.08 -39.30 -9.83
C GLU H 177 -7.00 -39.53 -8.64
N MSE H 178 -7.24 -40.79 -8.28
CA MSE H 178 -8.08 -41.05 -7.13
C MSE H 178 -7.17 -40.94 -5.92
O MSE H 178 -7.63 -40.85 -4.78
CB MSE H 178 -8.69 -42.46 -7.19
CG MSE H 178 -9.64 -42.74 -6.04
SE MSE H 178 -9.45 -44.52 -5.21
CE MSE H 178 -11.27 -45.19 -5.48
N CYS H 179 -5.87 -40.94 -6.19
CA CYS H 179 -4.86 -40.87 -5.16
C CYS H 179 -4.13 -39.54 -5.04
N LEU H 180 -3.25 -39.27 -6.00
CA LEU H 180 -2.47 -38.05 -5.99
C LEU H 180 -3.26 -36.77 -5.73
N LEU H 181 -4.52 -36.74 -6.14
CA LEU H 181 -5.32 -35.53 -5.93
C LEU H 181 -6.21 -35.61 -4.69
N HIS H 182 -5.90 -36.52 -3.78
CA HIS H 182 -6.67 -36.65 -2.56
C HIS H 182 -6.23 -35.48 -1.66
N PRO H 183 -7.16 -34.94 -0.85
CA PRO H 183 -6.88 -33.82 0.06
C PRO H 183 -5.82 -34.09 1.13
N SER H 184 -5.29 -35.30 1.17
CA SER H 184 -4.27 -35.67 2.15
C SER H 184 -2.93 -35.82 1.46
N ARG H 185 -2.86 -35.41 0.21
CA ARG H 185 -1.63 -35.52 -0.56
C ARG H 185 -1.45 -34.24 -1.40
N ASN H 186 -0.81 -33.23 -0.84
CA ASN H 186 -0.58 -31.98 -1.59
C ASN H 186 -1.86 -31.22 -1.99
N PRO H 187 -2.80 -31.00 -1.05
CA PRO H 187 -4.05 -30.28 -1.38
C PRO H 187 -3.75 -28.82 -1.73
N HIS H 188 -2.53 -28.42 -1.42
CA HIS H 188 -2.05 -27.08 -1.69
C HIS H 188 -1.56 -27.02 -3.13
N LEU H 189 -1.96 -28.01 -3.93
CA LEU H 189 -1.55 -28.09 -5.32
C LEU H 189 -2.70 -28.38 -6.26
N THR H 190 -2.59 -27.87 -7.49
CA THR H 190 -3.61 -28.09 -8.50
C THR H 190 -3.25 -29.30 -9.36
N LYS H 191 -4.25 -29.93 -9.96
CA LYS H 191 -3.96 -31.10 -10.78
C LYS H 191 -2.93 -30.78 -11.86
N GLU H 192 -2.84 -29.51 -12.25
CA GLU H 192 -1.91 -29.07 -13.29
C GLU H 192 -0.46 -29.02 -12.81
N ASP H 193 -0.27 -28.58 -11.57
CA ASP H 193 1.07 -28.48 -10.99
C ASP H 193 1.67 -29.86 -10.75
N ILE H 194 0.91 -30.71 -10.05
CA ILE H 194 1.37 -32.07 -9.77
C ILE H 194 1.92 -32.66 -11.08
N GLU H 195 1.22 -32.40 -12.18
CA GLU H 195 1.66 -32.89 -13.48
C GLU H 195 3.11 -32.46 -13.75
N ASP H 196 3.36 -31.15 -13.63
CA ASP H 196 4.71 -30.63 -13.86
C ASP H 196 5.72 -31.14 -12.86
N LYS H 197 5.29 -31.29 -11.62
CA LYS H 197 6.15 -31.77 -10.54
C LYS H 197 6.69 -33.11 -11.00
N LEU H 198 5.77 -33.98 -11.43
CA LEU H 198 6.15 -35.29 -11.93
C LEU H 198 6.99 -35.15 -13.19
N LYS H 199 6.44 -34.43 -14.16
CA LYS H 199 7.13 -34.21 -15.41
C LYS H 199 8.55 -33.68 -15.20
N ASP H 200 8.81 -33.01 -14.08
CA ASP H 200 10.14 -32.45 -13.82
C ASP H 200 11.08 -33.36 -13.03
N TYR H 201 10.55 -33.94 -11.97
CA TYR H 201 11.33 -34.83 -11.11
C TYR H 201 11.40 -36.25 -11.63
N LEU H 202 10.45 -36.62 -12.49
CA LEU H 202 10.43 -37.96 -13.08
C LEU H 202 10.93 -37.87 -14.53
N ASN H 203 10.88 -36.65 -15.06
CA ASN H 203 11.32 -36.29 -16.41
C ASN H 203 10.46 -36.87 -17.52
N CYS H 204 9.17 -36.66 -17.40
CA CYS H 204 8.24 -37.15 -18.38
C CYS H 204 7.59 -35.96 -19.10
N VAL H 205 7.15 -36.18 -20.33
CA VAL H 205 6.50 -35.13 -21.11
C VAL H 205 4.99 -35.32 -21.15
N LYS H 206 4.55 -36.58 -21.06
CA LYS H 206 3.13 -36.91 -21.07
C LYS H 206 2.72 -37.62 -19.77
N VAL H 207 1.44 -37.50 -19.41
CA VAL H 207 0.95 -38.12 -18.19
C VAL H 207 -0.53 -38.49 -18.28
N LEU H 208 -0.81 -39.79 -18.32
CA LEU H 208 -2.19 -40.27 -18.40
C LEU H 208 -2.76 -40.38 -17.00
N TRP H 209 -4.06 -40.25 -16.87
CA TRP H 209 -4.68 -40.32 -15.56
C TRP H 209 -5.84 -41.29 -15.47
N VAL H 210 -5.64 -42.41 -14.80
CA VAL H 210 -6.76 -43.32 -14.63
C VAL H 210 -7.54 -42.77 -13.46
N LYS H 211 -8.85 -42.57 -13.65
CA LYS H 211 -9.68 -42.00 -12.60
C LYS H 211 -9.62 -42.70 -11.26
N ASP H 212 -10.37 -43.81 -11.14
CA ASP H 212 -10.45 -44.56 -9.89
C ASP H 212 -9.23 -45.43 -9.51
N GLY H 213 -9.44 -46.27 -8.50
CA GLY H 213 -8.43 -47.19 -8.01
C GLY H 213 -9.22 -48.22 -7.23
N ILE H 214 -8.55 -49.19 -6.61
CA ILE H 214 -9.29 -50.23 -5.86
C ILE H 214 -8.88 -50.30 -4.39
N ASP H 215 -8.28 -49.21 -3.90
CA ASP H 215 -7.83 -49.11 -2.50
C ASP H 215 -8.46 -47.87 -1.86
N PRO H 216 -9.80 -47.83 -1.75
CA PRO H 216 -10.47 -46.67 -1.17
C PRO H 216 -9.81 -46.11 0.09
N TYR H 217 -10.05 -46.74 1.24
CA TYR H 217 -9.51 -46.29 2.52
C TYR H 217 -8.16 -46.93 2.87
N GLU H 218 -7.35 -47.21 1.87
CA GLU H 218 -6.04 -47.80 2.12
C GLU H 218 -4.93 -46.84 1.69
N THR H 219 -4.46 -47.02 0.46
CA THR H 219 -3.42 -46.16 -0.06
C THR H 219 -4.06 -45.08 -0.91
N ASN H 220 -5.39 -45.08 -0.94
CA ASN H 220 -6.17 -44.12 -1.70
C ASN H 220 -6.17 -44.43 -3.20
N GLY H 221 -6.28 -45.70 -3.54
CA GLY H 221 -6.31 -46.10 -4.93
C GLY H 221 -5.01 -46.00 -5.67
N HIS H 222 -4.00 -46.71 -5.19
CA HIS H 222 -2.71 -46.69 -5.87
C HIS H 222 -2.84 -47.31 -7.24
N ILE H 223 -2.07 -46.81 -8.19
CA ILE H 223 -2.15 -47.31 -9.54
C ILE H 223 -1.41 -48.64 -9.69
N ASP H 224 -0.31 -48.81 -8.96
CA ASP H 224 0.49 -50.02 -9.00
C ASP H 224 -0.34 -51.27 -8.64
N ASP H 225 -1.60 -51.02 -8.31
CA ASP H 225 -2.52 -52.08 -7.94
C ASP H 225 -3.48 -52.37 -9.11
N VAL H 226 -3.57 -51.41 -10.04
CA VAL H 226 -4.46 -51.55 -11.20
C VAL H 226 -3.75 -51.73 -12.53
N ALA H 227 -2.75 -50.92 -12.83
CA ALA H 227 -2.08 -51.07 -14.11
C ALA H 227 -0.64 -50.58 -14.13
N CYS H 228 0.15 -51.11 -15.09
CA CYS H 228 1.55 -50.71 -15.24
C CYS H 228 2.16 -50.95 -16.63
N PHE H 229 3.38 -50.48 -16.81
CA PHE H 229 4.08 -50.64 -18.07
C PHE H 229 4.87 -51.94 -18.02
N ILE H 230 4.78 -52.74 -19.07
CA ILE H 230 5.52 -53.99 -19.12
C ILE H 230 6.59 -53.90 -20.18
N ARG H 231 6.59 -52.77 -20.87
CA ARG H 231 7.53 -52.54 -21.97
C ARG H 231 7.11 -51.22 -22.63
N PRO H 232 8.08 -50.41 -23.07
CA PRO H 232 7.68 -49.14 -23.70
C PRO H 232 6.58 -49.36 -24.73
N GLY H 233 5.52 -48.58 -24.61
CA GLY H 233 4.39 -48.66 -25.51
C GLY H 233 3.36 -49.68 -25.07
N GLU H 234 3.78 -50.64 -24.25
CA GLU H 234 2.89 -51.70 -23.80
C GLU H 234 2.56 -51.63 -22.31
N VAL H 235 1.28 -51.66 -21.97
CA VAL H 235 0.87 -51.61 -20.57
C VAL H 235 -0.02 -52.78 -20.15
N ALA H 236 0.14 -53.25 -18.92
CA ALA H 236 -0.70 -54.33 -18.44
C ALA H 236 -1.81 -53.70 -17.60
N CYS H 237 -2.99 -54.31 -17.58
CA CYS H 237 -4.10 -53.77 -16.80
C CYS H 237 -5.05 -54.82 -16.29
N ILE H 238 -5.68 -54.57 -15.15
CA ILE H 238 -6.61 -55.56 -14.64
C ILE H 238 -7.88 -55.56 -15.48
N TYR H 239 -8.49 -56.74 -15.62
CA TYR H 239 -9.73 -56.90 -16.36
C TYR H 239 -10.49 -58.17 -15.99
N THR H 240 -11.80 -58.04 -15.87
CA THR H 240 -12.64 -59.17 -15.51
C THR H 240 -13.90 -59.15 -16.35
N ASP H 241 -14.27 -60.31 -16.90
CA ASP H 241 -15.46 -60.44 -17.70
C ASP H 241 -16.69 -60.49 -16.81
N ASP H 242 -16.49 -60.93 -15.58
CA ASP H 242 -17.60 -61.02 -14.65
C ASP H 242 -17.96 -59.64 -14.12
N LYS H 243 -19.25 -59.36 -14.06
CA LYS H 243 -19.71 -58.07 -13.58
C LYS H 243 -19.81 -58.03 -12.07
N GLU H 244 -20.21 -59.14 -11.46
CA GLU H 244 -20.36 -59.22 -10.01
C GLU H 244 -19.07 -59.02 -9.21
N HIS H 245 -17.93 -59.23 -9.87
CA HIS H 245 -16.64 -59.05 -9.25
C HIS H 245 -16.57 -57.64 -8.65
N PRO H 246 -16.18 -57.52 -7.37
CA PRO H 246 -16.09 -56.22 -6.68
C PRO H 246 -15.25 -55.15 -7.36
N PHE H 247 -14.39 -55.56 -8.29
CA PHE H 247 -13.52 -54.63 -9.00
C PHE H 247 -13.86 -54.51 -10.48
N TYR H 248 -15.09 -54.87 -10.84
CA TYR H 248 -15.55 -54.82 -12.23
C TYR H 248 -15.58 -53.38 -12.73
N GLN H 249 -16.42 -52.56 -12.10
CA GLN H 249 -16.56 -51.17 -12.49
C GLN H 249 -15.23 -50.44 -12.64
N GLU H 250 -14.21 -50.84 -11.91
CA GLU H 250 -12.93 -50.15 -12.00
C GLU H 250 -12.00 -50.80 -12.99
N ALA H 251 -12.02 -52.13 -13.05
CA ALA H 251 -11.16 -52.87 -13.97
C ALA H 251 -11.49 -52.51 -15.41
N LYS H 252 -12.76 -52.23 -15.67
CA LYS H 252 -13.19 -51.86 -17.01
C LYS H 252 -12.79 -50.41 -17.29
N ALA H 253 -13.17 -49.52 -16.38
CA ALA H 253 -12.85 -48.09 -16.50
C ALA H 253 -11.37 -47.87 -16.78
N ALA H 254 -10.53 -48.76 -16.28
CA ALA H 254 -9.11 -48.62 -16.50
C ALA H 254 -8.77 -49.08 -17.91
N TYR H 255 -9.33 -50.24 -18.29
CA TYR H 255 -9.08 -50.83 -19.60
C TYR H 255 -9.69 -50.04 -20.75
N ASP H 256 -10.97 -49.68 -20.62
CA ASP H 256 -11.63 -48.93 -21.67
C ASP H 256 -10.94 -47.58 -21.82
N PHE H 257 -10.07 -47.27 -20.87
CA PHE H 257 -9.34 -46.01 -20.89
C PHE H 257 -8.05 -46.16 -21.69
N LEU H 258 -7.03 -46.68 -21.03
CA LEU H 258 -5.72 -46.87 -21.64
C LEU H 258 -5.79 -47.31 -23.10
N SER H 259 -6.73 -48.20 -23.42
CA SER H 259 -6.87 -48.70 -24.78
C SER H 259 -7.02 -47.56 -25.78
N GLN H 260 -7.90 -46.63 -25.45
CA GLN H 260 -8.16 -45.49 -26.31
C GLN H 260 -7.17 -44.38 -26.04
N GLN H 261 -6.01 -44.74 -25.49
CA GLN H 261 -4.99 -43.75 -25.15
C GLN H 261 -3.71 -43.90 -25.95
N THR H 262 -2.87 -42.88 -25.89
CA THR H 262 -1.59 -42.87 -26.60
C THR H 262 -0.50 -42.41 -25.65
N ASP H 263 0.73 -42.84 -25.89
CA ASP H 263 1.83 -42.46 -25.01
C ASP H 263 2.54 -41.18 -25.41
N ALA H 264 3.57 -40.85 -24.65
CA ALA H 264 4.38 -39.65 -24.86
C ALA H 264 5.13 -39.60 -26.18
N LYS H 265 4.70 -40.51 -27.12
CA LYS H 265 5.39 -40.48 -28.41
C LYS H 265 4.48 -41.03 -29.52
N GLY H 266 3.20 -40.79 -29.37
CA GLY H 266 2.19 -41.20 -30.37
C GLY H 266 1.66 -42.62 -30.14
N ARG H 267 2.57 -43.58 -30.07
CA ARG H 267 2.22 -45.00 -29.88
C ARG H 267 0.88 -45.18 -29.15
N PRO H 268 -0.22 -45.68 -29.82
CA PRO H 268 -1.48 -45.94 -29.13
C PRO H 268 -1.04 -46.89 -28.07
N LEU H 269 -1.78 -47.29 -27.09
CA LEU H 269 -1.13 -48.14 -26.06
C LEU H 269 -1.60 -49.54 -26.26
N LYS H 270 -0.76 -50.51 -26.04
CA LYS H 270 -1.22 -51.90 -26.16
C LYS H 270 -1.47 -52.44 -24.76
N VAL H 271 -2.74 -52.48 -24.40
CA VAL H 271 -3.17 -52.90 -23.06
C VAL H 271 -3.38 -54.40 -22.93
N HIS H 272 -2.38 -55.06 -22.36
CA HIS H 272 -2.48 -56.52 -22.09
C HIS H 272 -3.42 -56.71 -20.90
N LYS H 273 -4.14 -57.81 -20.90
CA LYS H 273 -5.09 -58.11 -19.83
C LYS H 273 -4.43 -58.95 -18.74
N MSE H 274 -4.92 -58.73 -17.49
CA MSE H 274 -4.47 -59.42 -16.30
C MSE H 274 -5.74 -59.85 -15.59
O MSE H 274 -6.73 -59.13 -15.63
CB MSE H 274 -3.72 -58.45 -15.40
CG MSE H 274 -3.24 -59.03 -14.07
SE MSE H 274 -1.52 -59.94 -14.21
CE MSE H 274 -0.48 -58.50 -14.97
N CYS H 275 -5.73 -61.01 -14.96
CA CYS H 275 -6.95 -61.44 -14.29
C CYS H 275 -6.92 -61.04 -12.83
N VAL H 276 -8.07 -61.18 -12.18
CA VAL H 276 -8.21 -60.85 -10.77
C VAL H 276 -8.58 -62.14 -10.03
N THR H 277 -8.38 -62.17 -8.72
CA THR H 277 -8.72 -63.38 -7.99
C THR H 277 -10.21 -63.66 -7.98
N LYS H 278 -10.56 -64.92 -7.91
CA LYS H 278 -11.95 -65.32 -7.88
C LYS H 278 -12.50 -64.75 -6.57
N GLU H 279 -12.06 -65.33 -5.46
CA GLU H 279 -12.46 -64.86 -4.15
C GLU H 279 -11.26 -64.16 -3.53
N PRO H 280 -11.49 -63.35 -2.50
CA PRO H 280 -10.44 -62.60 -1.80
C PRO H 280 -9.82 -63.41 -0.65
N CYS H 281 -8.74 -62.90 -0.06
CA CYS H 281 -8.13 -63.61 1.06
C CYS H 281 -8.97 -63.35 2.28
N TYR H 282 -8.90 -64.26 3.22
CA TYR H 282 -9.68 -64.11 4.44
C TYR H 282 -8.74 -64.10 5.61
N LEU H 283 -8.86 -63.06 6.43
CA LEU H 283 -8.03 -62.85 7.63
C LEU H 283 -8.30 -63.90 8.69
N GLN H 284 -7.23 -64.41 9.30
CA GLN H 284 -7.36 -65.42 10.35
C GLN H 284 -6.48 -65.06 11.56
N GLU H 285 -7.03 -65.23 12.76
CA GLU H 285 -6.29 -64.91 13.98
C GLU H 285 -6.26 -63.42 14.16
N ALA H 286 -7.30 -62.74 13.69
CA ALA H 286 -7.35 -61.28 13.76
C ALA H 286 -7.03 -60.74 15.15
N ALA H 287 -7.61 -61.35 16.17
CA ALA H 287 -7.39 -60.92 17.55
C ALA H 287 -5.90 -60.72 17.83
N THR H 288 -5.06 -61.61 17.32
CA THR H 288 -3.63 -61.49 17.57
C THR H 288 -3.06 -60.16 17.07
N ILE H 289 -3.88 -59.35 16.39
CA ILE H 289 -3.39 -58.05 15.89
C ILE H 289 -3.60 -56.91 16.88
N ASP H 290 -2.50 -56.30 17.31
CA ASP H 290 -2.56 -55.20 18.25
C ASP H 290 -3.48 -54.08 17.78
N TYR H 291 -4.60 -53.93 18.48
CA TYR H 291 -5.58 -52.90 18.17
C TYR H 291 -5.33 -51.67 19.01
N VAL H 292 -4.47 -50.79 18.51
CA VAL H 292 -4.18 -49.56 19.23
C VAL H 292 -5.50 -48.80 19.32
N GLU H 293 -5.61 -47.94 20.33
CA GLU H 293 -6.82 -47.13 20.57
C GLU H 293 -7.21 -46.22 19.40
N GLY H 294 -6.46 -46.30 18.32
CA GLY H 294 -6.74 -45.48 17.13
C GLY H 294 -8.01 -45.95 16.42
N SER H 295 -8.83 -46.71 17.14
CA SER H 295 -10.13 -47.26 16.68
C SER H 295 -10.09 -48.34 15.59
N ILE H 296 -11.23 -48.45 14.91
CA ILE H 296 -11.47 -49.40 13.82
C ILE H 296 -10.88 -50.80 14.03
N PRO H 297 -11.18 -51.42 15.18
CA PRO H 297 -10.65 -52.77 15.41
C PRO H 297 -11.13 -53.72 14.31
N ARG H 298 -10.25 -54.63 13.90
CA ARG H 298 -10.57 -55.56 12.84
C ARG H 298 -10.89 -56.96 13.31
N GLU H 299 -12.03 -57.48 12.87
CA GLU H 299 -12.47 -58.82 13.27
C GLU H 299 -12.02 -59.89 12.27
N GLU H 300 -12.01 -61.14 12.73
CA GLU H 300 -11.55 -62.26 11.91
C GLU H 300 -12.46 -62.53 10.72
N GLY H 301 -11.84 -62.71 9.57
CA GLY H 301 -12.59 -62.97 8.36
C GLY H 301 -12.59 -61.81 7.39
N GLU H 302 -12.20 -60.61 7.83
CA GLU H 302 -12.19 -59.48 6.92
C GLU H 302 -11.37 -59.83 5.69
N MSE H 303 -11.72 -59.24 4.56
CA MSE H 303 -11.05 -59.52 3.31
C MSE H 303 -9.84 -58.67 3.02
O MSE H 303 -9.74 -57.53 3.46
CB MSE H 303 -12.03 -59.36 2.17
CG MSE H 303 -13.23 -60.22 2.32
SE MSE H 303 -14.58 -59.50 1.20
CE MSE H 303 -16.05 -59.56 2.49
N ALA H 304 -8.94 -59.23 2.23
CA ALA H 304 -7.74 -58.52 1.86
C ALA H 304 -7.60 -58.45 0.34
N ILE H 305 -7.32 -57.25 -0.16
CA ILE H 305 -7.16 -57.02 -1.58
C ILE H 305 -6.02 -57.88 -2.13
N ALA H 306 -6.36 -58.97 -2.83
CA ALA H 306 -5.33 -59.84 -3.43
C ALA H 306 -5.19 -59.40 -4.90
N SER H 307 -4.01 -58.91 -5.26
CA SER H 307 -3.79 -58.44 -6.62
C SER H 307 -2.64 -59.15 -7.33
N TYR H 308 -2.82 -59.46 -8.62
CA TYR H 308 -1.78 -60.14 -9.39
C TYR H 308 -0.90 -59.13 -10.09
N LEU H 309 -1.50 -57.99 -10.42
CA LEU H 309 -0.84 -56.89 -11.11
C LEU H 309 0.34 -56.34 -10.29
N ASN H 310 0.25 -56.55 -8.97
CA ASN H 310 1.24 -56.09 -8.02
C ASN H 310 2.54 -56.90 -8.05
N PHE H 311 3.05 -57.21 -9.24
CA PHE H 311 4.31 -57.98 -9.32
C PHE H 311 5.53 -57.11 -9.52
N LEU H 312 6.69 -57.72 -9.36
CA LEU H 312 7.95 -56.99 -9.48
C LEU H 312 8.88 -57.53 -10.59
N ILE H 313 9.36 -56.64 -11.44
CA ILE H 313 10.22 -57.00 -12.57
C ILE H 313 11.69 -57.03 -12.19
N VAL H 314 12.40 -58.04 -12.67
CA VAL H 314 13.83 -58.13 -12.40
C VAL H 314 14.56 -58.63 -13.61
N ASN H 315 15.74 -58.09 -13.88
CA ASN H 315 16.44 -58.57 -15.05
C ASN H 315 16.55 -60.09 -15.02
N GLY H 316 15.72 -60.73 -15.84
CA GLY H 316 15.72 -62.18 -15.95
C GLY H 316 14.45 -62.83 -15.44
N GLY H 317 13.62 -62.07 -14.74
CA GLY H 317 12.39 -62.67 -14.21
C GLY H 317 11.34 -61.71 -13.70
N ILE H 318 10.24 -62.31 -13.25
CA ILE H 318 9.12 -61.59 -12.70
C ILE H 318 8.85 -62.28 -11.35
N ILE H 319 8.51 -61.50 -10.34
CA ILE H 319 8.21 -62.11 -9.05
C ILE H 319 6.74 -61.95 -8.89
N LEU H 320 6.01 -62.92 -9.43
CA LEU H 320 4.55 -62.85 -9.42
C LEU H 320 3.89 -63.31 -8.15
N PRO H 321 2.94 -62.52 -7.66
CA PRO H 321 2.28 -62.94 -6.43
C PRO H 321 1.32 -64.10 -6.70
N GLN H 322 1.15 -64.99 -5.71
CA GLN H 322 0.21 -66.12 -5.79
C GLN H 322 -0.61 -66.13 -4.48
N TYR H 323 -1.92 -66.28 -4.58
CA TYR H 323 -2.76 -66.28 -3.36
C TYR H 323 -3.39 -67.62 -3.00
N GLY H 324 -3.14 -68.63 -3.83
CA GLY H 324 -3.75 -69.91 -3.58
C GLY H 324 -5.18 -69.79 -4.09
N ASP H 325 -5.36 -68.94 -5.11
CA ASP H 325 -6.68 -68.76 -5.69
C ASP H 325 -6.79 -69.52 -7.03
N GLU H 326 -8.01 -69.88 -7.41
CA GLU H 326 -8.27 -70.61 -8.64
C GLU H 326 -7.59 -69.96 -9.86
N ASN H 327 -7.41 -68.64 -9.86
CA ASN H 327 -6.79 -67.99 -11.00
C ASN H 327 -5.30 -67.82 -10.87
N ASP H 328 -4.64 -68.68 -10.13
CA ASP H 328 -3.21 -68.53 -9.99
C ASP H 328 -2.49 -69.03 -11.20
N GLN H 329 -2.90 -70.19 -11.69
CA GLN H 329 -2.30 -70.78 -12.88
C GLN H 329 -2.51 -69.82 -14.05
N LEU H 330 -3.68 -69.18 -14.07
CA LEU H 330 -4.01 -68.23 -15.12
C LEU H 330 -3.18 -66.96 -15.07
N ALA H 331 -2.90 -66.49 -13.86
CA ALA H 331 -2.13 -65.26 -13.70
C ALA H 331 -0.68 -65.43 -14.08
N LYS H 332 -0.16 -66.64 -13.91
CA LYS H 332 1.22 -66.88 -14.24
C LYS H 332 1.33 -67.04 -15.73
N GLN H 333 0.23 -67.47 -16.33
CA GLN H 333 0.20 -67.67 -17.77
C GLN H 333 0.14 -66.34 -18.50
N GLN H 334 -0.79 -65.48 -18.10
CA GLN H 334 -0.92 -64.18 -18.74
C GLN H 334 0.35 -63.34 -18.61
N VAL H 335 1.08 -63.49 -17.50
CA VAL H 335 2.31 -62.72 -17.31
C VAL H 335 3.46 -63.38 -18.04
N GLN H 336 3.34 -64.69 -18.23
CA GLN H 336 4.36 -65.44 -18.92
C GLN H 336 4.43 -64.87 -20.34
N GLU H 337 3.27 -64.57 -20.91
CA GLU H 337 3.20 -63.99 -22.25
C GLU H 337 3.83 -62.61 -22.28
N MSE H 338 3.42 -61.78 -21.34
CA MSE H 338 3.90 -60.41 -21.27
C MSE H 338 5.42 -60.26 -21.29
O MSE H 338 5.96 -59.32 -21.87
CB MSE H 338 3.34 -59.75 -20.02
CG MSE H 338 1.85 -59.52 -20.11
SE MSE H 338 1.04 -58.96 -18.45
CE MSE H 338 -0.67 -59.89 -18.61
N PHE H 339 6.13 -61.20 -20.68
CA PHE H 339 7.58 -61.17 -20.65
C PHE H 339 8.09 -62.53 -21.07
N PRO H 340 7.95 -62.86 -22.36
CA PRO H 340 8.37 -64.14 -22.94
C PRO H 340 9.87 -64.29 -22.89
N ASP H 341 10.51 -63.27 -22.32
CA ASP H 341 11.94 -63.21 -22.21
C ASP H 341 12.46 -63.45 -20.79
N ARG H 342 11.55 -63.45 -19.82
CA ARG H 342 11.92 -63.63 -18.42
C ARG H 342 11.27 -64.82 -17.71
N LYS H 343 11.99 -65.40 -16.76
CA LYS H 343 11.47 -66.53 -16.00
C LYS H 343 10.57 -66.04 -14.87
N VAL H 344 9.29 -66.35 -14.97
CA VAL H 344 8.31 -65.92 -13.97
C VAL H 344 8.27 -66.83 -12.76
N VAL H 345 8.77 -66.32 -11.64
CA VAL H 345 8.78 -67.08 -10.39
C VAL H 345 7.58 -66.62 -9.53
N GLY H 346 6.75 -67.56 -9.11
CA GLY H 346 5.62 -67.21 -8.28
C GLY H 346 6.03 -67.36 -6.84
N VAL H 347 5.29 -66.71 -5.93
CA VAL H 347 5.57 -66.79 -4.50
C VAL H 347 4.24 -66.55 -3.76
N ARG H 348 3.97 -67.32 -2.71
CA ARG H 348 2.73 -67.14 -1.97
C ARG H 348 2.84 -65.93 -1.04
N THR H 349 2.17 -64.86 -1.45
CA THR H 349 2.20 -63.62 -0.72
C THR H 349 0.84 -63.30 -0.11
N GLU H 350 0.18 -64.33 0.42
CA GLU H 350 -1.11 -64.12 1.04
C GLU H 350 -0.83 -63.25 2.26
N GLU H 351 0.13 -63.72 3.07
CA GLU H 351 0.50 -63.07 4.30
C GLU H 351 0.79 -61.56 4.20
N ILE H 352 1.33 -61.10 3.09
CA ILE H 352 1.62 -59.69 2.94
C ILE H 352 0.39 -58.90 2.55
N ALA H 353 -0.51 -59.56 1.86
CA ALA H 353 -1.72 -58.87 1.46
C ALA H 353 -2.53 -58.54 2.71
N TYR H 354 -2.35 -59.32 3.77
CA TYR H 354 -3.08 -59.07 5.00
C TYR H 354 -2.62 -57.79 5.67
N GLY H 355 -1.40 -57.36 5.33
CA GLY H 355 -0.85 -56.14 5.89
C GLY H 355 -1.23 -54.92 5.07
N GLY H 356 -1.73 -55.12 3.85
CA GLY H 356 -2.17 -54.01 3.01
C GLY H 356 -1.50 -53.80 1.66
N GLY H 357 -0.65 -54.73 1.23
CA GLY H 357 0.02 -54.60 -0.05
C GLY H 357 0.57 -55.90 -0.61
N ASN H 358 1.51 -55.81 -1.54
CA ASN H 358 2.09 -57.02 -2.07
C ASN H 358 3.53 -56.87 -2.55
N ILE H 359 4.02 -57.89 -3.25
CA ILE H 359 5.40 -57.87 -3.70
C ILE H 359 5.92 -56.54 -4.19
N HIS H 360 5.10 -55.80 -4.93
CA HIS H 360 5.50 -54.49 -5.44
C HIS H 360 5.65 -53.53 -4.24
N CYS H 361 4.59 -53.44 -3.45
CA CYS H 361 4.56 -52.59 -2.30
C CYS H 361 5.76 -52.72 -1.37
N ILE H 362 6.43 -53.87 -1.39
CA ILE H 362 7.54 -54.03 -0.47
C ILE H 362 8.92 -54.13 -1.10
N THR H 363 9.09 -53.49 -2.25
CA THR H 363 10.38 -53.52 -2.93
C THR H 363 10.60 -52.22 -3.68
N GLN H 364 11.86 -51.98 -4.02
CA GLN H 364 12.27 -50.78 -4.74
C GLN H 364 13.53 -51.19 -5.50
N GLN H 365 13.51 -51.01 -6.81
CA GLN H 365 14.66 -51.39 -7.59
C GLN H 365 15.63 -50.27 -7.87
N GLN H 366 16.90 -50.62 -7.84
CA GLN H 366 17.97 -49.68 -8.12
C GLN H 366 18.49 -50.04 -9.50
N PRO H 367 18.22 -49.21 -10.49
CA PRO H 367 18.71 -49.53 -11.83
C PRO H 367 20.25 -49.60 -11.90
N ALA H 368 20.77 -50.44 -12.79
CA ALA H 368 22.22 -50.60 -12.95
C ALA H 368 22.82 -49.49 -13.79
N THR H 369 23.93 -48.94 -13.34
CA THR H 369 24.59 -47.85 -14.06
C THR H 369 25.84 -48.35 -14.76
N LEU H 370 26.57 -49.24 -14.09
CA LEU H 370 27.80 -49.79 -14.66
C LEU H 370 27.51 -51.02 -15.53
N ALA I 2 2.41 28.51 -10.23
CA ALA I 2 3.64 29.31 -10.56
C ALA I 2 3.60 29.74 -12.03
N LYS I 3 2.57 30.53 -12.38
CA LYS I 3 2.41 31.00 -13.75
C LYS I 3 2.95 32.40 -13.98
N ARG I 4 2.64 32.97 -15.14
CA ARG I 4 3.12 34.31 -15.52
C ARG I 4 2.01 35.22 -16.02
N ILE I 5 1.70 36.24 -15.23
CA ILE I 5 0.68 37.19 -15.65
C ILE I 5 1.33 37.99 -16.76
N LYS I 6 0.61 38.18 -17.86
CA LYS I 6 1.22 38.91 -18.96
C LYS I 6 0.45 40.02 -19.64
N ASN I 7 -0.83 40.20 -19.32
CA ASN I 7 -1.57 41.27 -19.98
C ASN I 7 -1.85 42.51 -19.15
N THR I 8 -1.32 42.54 -17.94
CA THR I 8 -1.53 43.68 -17.07
C THR I 8 -0.29 43.93 -16.24
N THR I 9 -0.23 45.10 -15.62
CA THR I 9 0.92 45.47 -14.79
C THR I 9 0.56 45.55 -13.33
N PRO I 10 1.54 45.32 -12.44
CA PRO I 10 1.32 45.36 -10.99
C PRO I 10 0.49 46.55 -10.52
N LYS I 11 0.67 47.71 -11.16
CA LYS I 11 -0.08 48.90 -10.79
C LYS I 11 -1.57 48.66 -10.94
N GLN I 12 -1.96 48.07 -12.07
CA GLN I 12 -3.35 47.78 -12.34
C GLN I 12 -3.82 46.63 -11.49
N ASP I 13 -2.97 45.62 -11.35
CA ASP I 13 -3.28 44.42 -10.57
C ASP I 13 -3.34 44.67 -9.06
N GLY I 14 -2.92 45.85 -8.64
CA GLY I 14 -2.94 46.18 -7.22
C GLY I 14 -1.83 45.54 -6.42
N PHE I 15 -0.60 45.63 -6.90
CA PHE I 15 0.54 45.09 -6.17
C PHE I 15 1.60 46.17 -6.07
N ARG I 16 2.51 46.02 -5.12
CA ARG I 16 3.56 47.01 -4.90
C ARG I 16 4.74 46.46 -4.13
N MSE I 17 5.95 46.76 -4.60
CA MSE I 17 7.14 46.29 -3.92
C MSE I 17 7.12 46.98 -2.56
O MSE I 17 7.25 48.21 -2.47
CB MSE I 17 8.40 46.70 -4.68
CG MSE I 17 9.70 46.42 -3.91
SE MSE I 17 11.34 46.95 -4.86
CE MSE I 17 12.62 45.74 -3.99
N PRO I 18 6.95 46.20 -1.47
CA PRO I 18 6.90 46.68 -0.10
C PRO I 18 8.30 47.05 0.36
N GLY I 19 8.40 47.97 1.31
CA GLY I 19 9.69 48.39 1.82
C GLY I 19 10.54 47.26 2.35
N GLU I 20 11.82 47.32 2.04
CA GLU I 20 12.78 46.30 2.48
C GLU I 20 12.65 46.00 3.96
N PHE I 21 12.32 47.03 4.73
CA PHE I 21 12.17 46.92 6.17
C PHE I 21 10.90 46.19 6.64
N GLU I 22 9.86 46.23 5.81
CA GLU I 22 8.61 45.56 6.17
C GLU I 22 8.85 44.09 6.55
N LYS I 23 7.83 43.47 7.14
CA LYS I 23 7.93 42.08 7.58
C LYS I 23 8.19 41.15 6.39
N GLN I 24 9.09 40.19 6.62
CA GLN I 24 9.46 39.26 5.58
C GLN I 24 9.60 37.83 6.04
N LYS I 25 9.20 36.90 5.18
CA LYS I 25 9.24 35.47 5.48
C LYS I 25 10.64 34.85 5.53
N GLN I 26 11.53 35.26 4.63
CA GLN I 26 12.89 34.71 4.61
C GLN I 26 13.79 35.48 3.68
N ILE I 27 15.00 34.95 3.50
CA ILE I 27 15.96 35.58 2.61
C ILE I 27 16.61 34.58 1.68
N TRP I 28 16.74 35.00 0.43
CA TRP I 28 17.36 34.19 -0.61
C TRP I 28 18.76 34.66 -0.91
N MSE I 29 19.67 33.72 -1.11
CA MSE I 29 21.06 34.01 -1.48
C MSE I 29 21.73 32.85 -2.22
O MSE I 29 21.52 31.67 -1.90
CB MSE I 29 21.88 34.45 -0.25
CG MSE I 29 21.91 33.50 0.96
SE MSE I 29 23.00 34.22 2.47
CE MSE I 29 24.80 33.81 1.80
N LEU I 30 22.53 33.20 -3.22
CA LEU I 30 23.23 32.21 -4.04
C LEU I 30 24.53 31.67 -3.44
N TRP I 31 25.43 31.16 -4.28
CA TRP I 31 26.68 30.60 -3.78
C TRP I 31 27.83 30.82 -4.76
N PRO I 32 28.86 31.56 -4.32
CA PRO I 32 30.02 31.85 -5.15
C PRO I 32 30.83 30.62 -5.52
N TRP I 33 31.28 30.57 -6.77
CA TRP I 33 32.07 29.43 -7.23
C TRP I 33 33.12 29.71 -8.30
N ARG I 34 32.81 30.55 -9.29
CA ARG I 34 33.76 30.79 -10.37
C ARG I 34 35.11 31.43 -10.00
N ASN I 35 36.19 30.82 -10.48
CA ASN I 35 37.54 31.31 -10.24
C ASN I 35 37.88 32.56 -11.04
N ASP I 36 37.01 32.90 -12.00
CA ASP I 36 37.18 34.06 -12.86
C ASP I 36 37.05 35.30 -12.00
N ASN I 37 36.28 35.20 -10.92
CA ASN I 37 36.06 36.36 -10.06
C ASN I 37 36.50 36.21 -8.60
N TRP I 38 36.33 35.03 -8.03
CA TRP I 38 36.69 34.82 -6.64
C TRP I 38 38.04 34.12 -6.48
N ARG I 39 38.90 34.69 -5.64
CA ARG I 39 40.23 34.14 -5.43
C ARG I 39 40.20 32.86 -4.64
N LEU I 40 41.29 32.11 -4.76
CA LEU I 40 41.44 30.85 -4.07
C LEU I 40 40.23 29.91 -4.22
N GLY I 41 39.90 29.59 -5.46
CA GLY I 41 38.78 28.70 -5.72
C GLY I 41 37.46 29.13 -5.11
N ALA I 42 37.42 30.36 -4.60
CA ALA I 42 36.22 30.93 -3.99
C ALA I 42 35.97 30.40 -2.58
N LYS I 43 36.87 29.55 -2.10
CA LYS I 43 36.73 28.98 -0.77
C LYS I 43 36.52 30.06 0.30
N PRO I 44 37.33 31.14 0.27
CA PRO I 44 37.20 32.23 1.24
C PRO I 44 35.84 32.87 1.13
N ALA I 45 35.48 33.29 -0.07
CA ALA I 45 34.20 33.95 -0.28
C ALA I 45 33.07 33.07 0.20
N GLN I 46 33.21 31.76 0.01
CA GLN I 46 32.18 30.83 0.44
C GLN I 46 31.96 30.92 1.95
N LYS I 47 33.06 30.86 2.69
CA LYS I 47 33.00 30.96 4.14
C LYS I 47 32.38 32.31 4.52
N ALA I 48 32.70 33.33 3.74
CA ALA I 48 32.17 34.66 3.98
C ALA I 48 30.67 34.63 3.75
N PHE I 49 30.24 33.81 2.80
CA PHE I 49 28.80 33.70 2.50
C PHE I 49 28.14 32.87 3.59
N LEU I 50 28.83 31.83 4.03
CA LEU I 50 28.34 30.95 5.09
C LEU I 50 27.96 31.77 6.32
N GLU I 51 28.86 32.66 6.74
CA GLU I 51 28.62 33.52 7.90
C GLU I 51 27.43 34.42 7.64
N VAL I 52 27.53 35.29 6.64
CA VAL I 52 26.44 36.21 6.32
C VAL I 52 25.10 35.47 6.29
N ALA I 53 25.16 34.17 6.06
CA ALA I 53 23.96 33.34 6.02
C ALA I 53 23.60 33.00 7.46
N GLU I 54 24.54 32.41 8.17
CA GLU I 54 24.33 32.05 9.55
C GLU I 54 23.81 33.24 10.37
N ALA I 55 24.15 34.44 9.91
CA ALA I 55 23.72 35.66 10.59
C ALA I 55 22.22 35.88 10.49
N ILE I 56 21.68 35.73 9.29
CA ILE I 56 20.24 35.92 9.08
C ILE I 56 19.49 34.90 9.92
N SER I 57 20.13 33.76 10.15
CA SER I 57 19.58 32.64 10.93
C SER I 57 18.75 33.03 12.14
N GLU I 58 19.33 33.86 13.00
CA GLU I 58 18.65 34.26 14.21
C GLU I 58 17.49 35.23 14.02
N PHE I 59 17.20 35.63 12.78
CA PHE I 59 16.10 36.56 12.57
C PHE I 59 14.95 35.98 11.75
N GLU I 60 15.32 35.13 10.81
CA GLU I 60 14.37 34.47 9.91
C GLU I 60 15.09 33.37 9.16
N PRO I 61 14.35 32.56 8.39
CA PRO I 61 14.97 31.48 7.62
C PRO I 61 15.71 31.96 6.37
N VAL I 62 16.70 31.17 5.99
CA VAL I 62 17.51 31.46 4.81
C VAL I 62 17.37 30.35 3.79
N SER I 63 17.27 30.77 2.53
CA SER I 63 17.16 29.87 1.37
C SER I 63 18.42 29.99 0.55
N LEU I 64 19.38 29.15 0.88
CA LEU I 64 20.69 29.13 0.24
C LEU I 64 20.66 28.27 -1.04
N CYS I 65 20.75 28.89 -2.21
CA CYS I 65 20.70 28.13 -3.47
C CYS I 65 22.07 27.88 -4.07
N VAL I 66 22.54 26.63 -4.06
CA VAL I 66 23.86 26.42 -4.62
C VAL I 66 23.90 25.49 -5.84
N PRO I 67 24.81 25.79 -6.78
CA PRO I 67 24.97 24.98 -7.98
C PRO I 67 25.16 23.55 -7.53
N PRO I 68 24.73 22.58 -8.33
CA PRO I 68 24.81 21.13 -8.12
C PRO I 68 26.20 20.60 -7.78
N LEU I 69 27.23 21.30 -8.25
CA LEU I 69 28.62 20.90 -8.01
C LEU I 69 29.16 21.19 -6.62
N GLN I 70 28.61 22.21 -5.97
CA GLN I 70 29.03 22.59 -4.63
C GLN I 70 27.85 22.43 -3.68
N TYR I 71 26.99 21.46 -3.93
CA TYR I 71 25.82 21.25 -3.08
C TYR I 71 26.18 20.48 -1.82
N GLU I 72 26.63 19.23 -2.00
CA GLU I 72 27.03 18.40 -0.89
C GLU I 72 27.87 19.21 0.09
N ASN I 73 28.75 20.03 -0.44
CA ASN I 73 29.63 20.86 0.37
C ASN I 73 28.85 21.86 1.23
N ALA I 74 28.05 22.71 0.61
CA ALA I 74 27.29 23.71 1.34
C ALA I 74 26.40 23.12 2.43
N LEU I 75 25.88 21.93 2.18
CA LEU I 75 25.00 21.26 3.13
C LEU I 75 25.80 20.70 4.30
N ALA I 76 27.04 20.29 4.04
CA ALA I 76 27.89 19.74 5.09
C ALA I 76 28.38 20.87 5.97
N ARG I 77 28.45 22.09 5.43
CA ARG I 77 28.90 23.23 6.21
C ARG I 77 27.76 23.89 6.98
N VAL I 78 26.54 23.83 6.45
CA VAL I 78 25.41 24.45 7.11
C VAL I 78 24.88 23.58 8.25
N SER I 79 25.18 22.28 8.19
CA SER I 79 24.75 21.36 9.23
C SER I 79 25.83 21.42 10.30
N GLU I 80 27.03 21.77 9.85
CA GLU I 80 28.19 21.90 10.71
C GLU I 80 28.03 23.11 11.63
N LEU I 81 27.08 23.98 11.29
CA LEU I 81 26.82 25.18 12.08
C LEU I 81 25.52 25.01 12.88
N GLY I 82 25.24 23.77 13.27
CA GLY I 82 24.02 23.48 14.03
C GLY I 82 22.85 23.16 13.10
N SER I 83 22.77 23.89 11.99
CA SER I 83 21.70 23.72 11.00
C SER I 83 20.36 24.04 11.66
N HIS I 84 19.97 25.32 11.60
CA HIS I 84 18.72 25.71 12.22
C HIS I 84 17.59 25.87 11.20
N ASN I 85 17.43 27.08 10.67
CA ASN I 85 16.37 27.35 9.70
C ASN I 85 16.90 27.73 8.32
N ILE I 86 18.04 27.14 7.98
CA ILE I 86 18.68 27.37 6.69
C ILE I 86 18.50 26.14 5.81
N ARG I 87 17.87 26.33 4.63
CA ARG I 87 17.67 25.22 3.69
C ARG I 87 18.51 25.40 2.44
N ILE I 88 19.13 24.33 2.00
CA ILE I 88 19.96 24.37 0.81
C ILE I 88 19.19 23.80 -0.38
N ILE I 89 18.79 24.66 -1.32
CA ILE I 89 18.09 24.20 -2.52
C ILE I 89 19.05 24.23 -3.69
N GLU I 90 18.97 23.22 -4.56
CA GLU I 90 19.85 23.16 -5.72
C GLU I 90 19.48 24.19 -6.78
N MSE I 91 20.43 25.02 -7.16
CA MSE I 91 20.18 26.02 -8.20
C MSE I 91 21.47 26.48 -8.88
O MSE I 91 22.41 26.85 -8.20
CB MSE I 91 19.48 27.24 -7.60
CG MSE I 91 18.91 28.15 -8.63
SE MSE I 91 17.76 29.55 -7.90
CE MSE I 91 16.60 28.49 -6.78
N THR I 92 21.49 26.45 -10.22
CA THR I 92 22.67 26.87 -10.99
C THR I 92 22.70 28.38 -11.19
N ASN I 93 23.89 28.95 -11.29
CA ASN I 93 24.06 30.39 -11.49
C ASN I 93 25.46 30.65 -11.99
N ASP I 94 25.62 31.69 -12.79
CA ASP I 94 26.94 32.03 -13.32
C ASP I 94 27.77 32.76 -12.26
N ASP I 95 27.06 33.41 -11.35
CA ASP I 95 27.67 34.14 -10.25
C ASP I 95 26.63 34.42 -9.18
N ALA I 96 27.08 34.51 -7.93
CA ALA I 96 26.20 34.72 -6.78
C ALA I 96 25.78 36.17 -6.53
N TRP I 97 24.70 36.62 -7.16
CA TRP I 97 24.23 38.00 -6.95
C TRP I 97 22.69 38.06 -6.98
N ILE I 98 22.08 37.17 -6.21
CA ILE I 98 20.63 37.06 -6.12
C ILE I 98 19.94 38.43 -6.04
N ARG I 99 20.66 39.45 -5.58
CA ARG I 99 20.09 40.79 -5.46
C ARG I 99 19.69 41.34 -6.81
N ASP I 100 20.49 41.06 -7.81
CA ASP I 100 20.22 41.59 -9.14
C ASP I 100 19.38 40.68 -10.02
N CYS I 101 19.93 39.53 -10.36
CA CYS I 101 19.23 38.58 -11.20
C CYS I 101 17.95 38.09 -10.54
N GLY I 102 17.97 37.93 -9.22
CA GLY I 102 16.80 37.45 -8.48
C GLY I 102 15.46 38.11 -8.72
N PRO I 103 14.36 37.57 -8.17
CA PRO I 103 13.03 38.14 -8.34
C PRO I 103 12.78 39.29 -7.38
N THR I 104 12.01 40.27 -7.83
CA THR I 104 11.67 41.43 -7.02
C THR I 104 10.21 41.25 -6.68
N PHE I 105 9.95 40.60 -5.55
CA PHE I 105 8.58 40.33 -5.12
C PHE I 105 7.61 41.50 -5.02
N LEU I 106 6.32 41.19 -4.95
CA LEU I 106 5.29 42.20 -4.85
C LEU I 106 4.25 41.71 -3.86
N VAL I 107 3.28 42.56 -3.57
CA VAL I 107 2.23 42.19 -2.64
C VAL I 107 1.01 43.06 -2.90
N ASN I 108 -0.17 42.49 -2.69
CA ASN I 108 -1.42 43.21 -2.91
C ASN I 108 -2.04 43.63 -1.57
N ASP I 109 -1.32 43.36 -0.50
CA ASP I 109 -1.74 43.72 0.86
C ASP I 109 -3.02 43.00 1.23
N LYS I 110 -3.23 41.83 0.63
CA LYS I 110 -4.43 41.03 0.87
C LYS I 110 -4.04 39.57 1.04
N GLY I 111 -2.73 39.34 1.13
CA GLY I 111 -2.22 37.99 1.30
C GLY I 111 -1.45 37.43 0.10
N ASP I 112 -1.94 37.74 -1.11
CA ASP I 112 -1.31 37.26 -2.34
C ASP I 112 0.14 37.76 -2.49
N LEU I 113 1.00 36.92 -3.07
CA LEU I 113 2.40 37.28 -3.30
C LEU I 113 2.73 37.09 -4.77
N ARG I 114 3.05 38.19 -5.45
CA ARG I 114 3.40 38.19 -6.86
C ARG I 114 4.88 38.50 -7.00
N ALA I 115 5.32 38.93 -8.18
CA ALA I 115 6.72 39.28 -8.41
C ALA I 115 6.97 39.87 -9.80
N VAL I 116 8.08 40.58 -9.95
CA VAL I 116 8.41 41.17 -11.24
C VAL I 116 9.80 40.68 -11.64
N ASP I 117 9.86 39.91 -12.72
CA ASP I 117 11.13 39.39 -13.20
C ASP I 117 11.65 40.30 -14.30
N TRP I 118 12.81 40.93 -14.05
CA TRP I 118 13.42 41.84 -15.01
C TRP I 118 14.36 41.06 -15.93
N GLU I 119 14.91 41.75 -16.92
CA GLU I 119 15.85 41.12 -17.82
C GLU I 119 17.22 41.36 -17.26
N PHE I 120 18.06 40.35 -17.24
CA PHE I 120 19.41 40.47 -16.69
C PHE I 120 20.45 40.26 -17.78
N ASN I 121 21.40 41.18 -17.92
CA ASN I 121 22.42 41.00 -18.94
C ASN I 121 23.83 41.14 -18.39
N ALA I 122 23.99 40.80 -17.12
CA ALA I 122 25.28 40.87 -16.43
C ALA I 122 25.80 42.29 -16.28
N TRP I 123 24.91 43.22 -15.95
CA TRP I 123 25.28 44.62 -15.77
C TRP I 123 25.90 45.19 -17.04
N GLY I 124 25.11 45.30 -18.10
CA GLY I 124 25.64 45.85 -19.34
C GLY I 124 25.40 44.96 -20.54
N GLY I 125 25.83 43.71 -20.44
CA GLY I 125 25.64 42.78 -21.54
C GLY I 125 26.88 42.59 -22.37
N LEU I 126 26.67 42.49 -23.68
CA LEU I 126 27.77 42.32 -24.61
C LEU I 126 28.46 43.66 -24.80
N VAL I 127 27.84 44.70 -24.25
CA VAL I 127 28.39 46.04 -24.36
C VAL I 127 29.30 46.37 -23.19
N ASP I 128 28.89 46.02 -21.98
CA ASP I 128 29.71 46.33 -20.84
C ASP I 128 29.53 45.36 -19.67
N GLY I 129 28.99 44.18 -19.97
CA GLY I 129 28.78 43.20 -18.93
C GLY I 129 30.08 42.75 -18.27
N LEU I 130 29.96 42.29 -17.03
CA LEU I 130 31.10 41.80 -16.27
C LEU I 130 31.63 40.48 -16.82
N TYR I 131 30.74 39.55 -17.12
CA TYR I 131 31.13 38.25 -17.70
C TYR I 131 30.18 37.95 -18.87
N PHE I 132 30.47 36.93 -19.67
CA PHE I 132 29.62 36.65 -20.82
C PHE I 132 28.41 35.74 -20.65
N PRO I 133 28.63 34.43 -20.46
CA PRO I 133 27.45 33.57 -20.30
C PRO I 133 26.65 33.97 -19.04
N TRP I 134 25.50 34.63 -19.23
CA TRP I 134 24.64 35.09 -18.12
C TRP I 134 23.24 34.52 -18.23
N ASP I 135 23.13 33.45 -19.01
CA ASP I 135 21.86 32.80 -19.25
C ASP I 135 21.35 32.00 -18.06
N GLN I 136 22.26 31.43 -17.27
CA GLN I 136 21.83 30.66 -16.10
C GLN I 136 21.31 31.60 -15.00
N ASP I 137 21.86 32.81 -14.94
CA ASP I 137 21.44 33.80 -13.96
C ASP I 137 20.07 34.32 -14.36
N ALA I 138 19.85 34.51 -15.65
CA ALA I 138 18.53 34.98 -16.09
C ALA I 138 17.47 33.92 -15.79
N LEU I 139 17.89 32.76 -15.30
CA LEU I 139 16.93 31.72 -14.96
C LEU I 139 16.60 31.76 -13.49
N VAL I 140 17.58 32.14 -12.68
CA VAL I 140 17.42 32.22 -11.24
C VAL I 140 16.10 32.85 -10.79
N ALA I 141 15.74 34.01 -11.33
CA ALA I 141 14.48 34.66 -10.92
C ALA I 141 13.24 33.80 -11.17
N ARG I 142 13.14 33.23 -12.37
CA ARG I 142 12.00 32.39 -12.72
C ARG I 142 12.00 31.13 -11.85
N LYS I 143 13.17 30.52 -11.72
CA LYS I 143 13.32 29.30 -10.92
C LYS I 143 12.88 29.46 -9.46
N VAL I 144 13.30 30.54 -8.84
CA VAL I 144 12.95 30.79 -7.46
C VAL I 144 11.45 31.10 -7.30
N CYS I 145 10.82 31.68 -8.30
CA CYS I 145 9.40 31.93 -8.19
C CYS I 145 8.65 30.62 -8.35
N GLU I 146 9.30 29.61 -8.91
CA GLU I 146 8.62 28.33 -9.12
C GLU I 146 8.47 27.50 -7.89
N ILE I 147 9.56 27.44 -7.11
CA ILE I 147 9.56 26.64 -5.90
C ILE I 147 8.94 27.40 -4.75
N GLU I 148 8.28 28.50 -5.06
CA GLU I 148 7.64 29.29 -4.01
C GLU I 148 6.16 29.47 -4.28
N GLY I 149 5.73 29.07 -5.47
CA GLY I 149 4.33 29.19 -5.83
C GLY I 149 3.88 30.63 -5.91
N VAL I 150 4.58 31.40 -6.73
CA VAL I 150 4.27 32.81 -6.90
C VAL I 150 4.40 33.23 -8.34
N ASP I 151 3.30 33.75 -8.90
CA ASP I 151 3.27 34.20 -10.29
C ASP I 151 4.26 35.34 -10.50
N SER I 152 4.48 35.75 -11.74
CA SER I 152 5.43 36.81 -11.98
C SER I 152 5.12 37.59 -13.24
N TYR I 153 5.65 38.82 -13.28
CA TYR I 153 5.48 39.71 -14.41
C TYR I 153 6.82 39.76 -15.10
N LYS I 154 6.84 39.66 -16.43
CA LYS I 154 8.09 39.72 -17.20
C LYS I 154 8.23 41.01 -18.00
N THR I 155 9.20 41.82 -17.61
CA THR I 155 9.47 43.10 -18.28
C THR I 155 10.31 42.81 -19.52
N LYS I 156 9.64 42.45 -20.61
CA LYS I 156 10.36 42.12 -21.84
C LYS I 156 11.14 43.30 -22.39
N ASP I 157 12.40 43.03 -22.72
CA ASP I 157 13.34 43.99 -23.27
C ASP I 157 13.76 45.10 -22.31
N PHE I 158 13.32 44.99 -21.06
CA PHE I 158 13.68 45.98 -20.04
C PHE I 158 14.67 45.33 -19.07
N VAL I 159 15.95 45.65 -19.22
CA VAL I 159 16.99 45.09 -18.35
C VAL I 159 17.27 45.93 -17.10
N LEU I 160 16.85 45.43 -15.95
CA LEU I 160 17.08 46.11 -14.68
C LEU I 160 17.53 45.10 -13.63
N GLU I 161 18.39 45.53 -12.71
CA GLU I 161 18.87 44.64 -11.67
C GLU I 161 18.36 45.11 -10.32
N GLY I 162 17.98 44.17 -9.47
CA GLY I 162 17.46 44.49 -8.14
C GLY I 162 18.19 45.58 -7.37
N GLY I 163 19.48 45.39 -7.11
CA GLY I 163 20.23 46.39 -6.36
C GLY I 163 20.53 47.69 -7.08
N SER I 164 19.61 48.19 -7.90
CA SER I 164 19.82 49.46 -8.61
C SER I 164 18.63 50.34 -8.29
N ILE I 165 17.79 49.86 -7.39
CA ILE I 165 16.60 50.59 -7.02
C ILE I 165 16.21 50.30 -5.57
N HIS I 166 15.88 51.37 -4.85
CA HIS I 166 15.45 51.28 -3.46
C HIS I 166 14.07 51.92 -3.35
N VAL I 167 13.19 51.23 -2.64
CA VAL I 167 11.81 51.70 -2.49
C VAL I 167 11.31 51.85 -1.05
N ASP I 168 10.34 52.74 -0.90
CA ASP I 168 9.71 52.97 0.38
C ASP I 168 8.24 52.60 0.19
N GLY I 169 7.63 52.05 1.24
CA GLY I 169 6.24 51.64 1.16
C GLY I 169 5.39 52.31 0.09
N GLU I 170 5.33 53.65 0.11
CA GLU I 170 4.50 54.39 -0.84
C GLU I 170 5.19 54.94 -2.10
N GLY I 171 4.40 54.97 -3.17
CA GLY I 171 4.83 55.43 -4.49
C GLY I 171 6.12 56.20 -4.71
N THR I 172 7.24 55.66 -4.26
CA THR I 172 8.50 56.35 -4.46
C THR I 172 9.66 55.38 -4.52
N VAL I 173 10.59 55.61 -5.43
CA VAL I 173 11.73 54.73 -5.55
C VAL I 173 12.99 55.56 -5.75
N LEU I 174 14.12 54.99 -5.38
CA LEU I 174 15.41 55.67 -5.51
C LEU I 174 16.33 55.03 -6.57
N VAL I 175 16.34 55.59 -7.78
CA VAL I 175 17.19 55.07 -8.85
C VAL I 175 18.41 55.97 -9.06
N THR I 176 19.42 55.45 -9.75
CA THR I 176 20.65 56.20 -10.01
C THR I 176 20.84 56.35 -11.54
N GLU I 177 20.49 57.52 -12.09
CA GLU I 177 20.59 57.73 -13.54
C GLU I 177 21.90 57.37 -14.21
N MSE I 178 23.00 57.43 -13.48
CA MSE I 178 24.30 57.08 -14.06
C MSE I 178 24.34 55.58 -14.44
O MSE I 178 25.27 55.11 -15.10
CB MSE I 178 25.43 57.40 -13.07
CG MSE I 178 26.83 57.16 -13.63
SE MSE I 178 27.86 55.84 -12.63
CE MSE I 178 29.33 57.00 -12.05
N CYS I 179 23.31 54.85 -14.03
CA CYS I 179 23.20 53.42 -14.31
C CYS I 179 21.99 53.09 -15.17
N LEU I 180 20.80 53.41 -14.69
CA LEU I 180 19.59 53.12 -15.46
C LEU I 180 19.57 53.73 -16.84
N LEU I 181 20.38 54.78 -17.05
CA LEU I 181 20.46 55.47 -18.34
C LEU I 181 21.67 55.06 -19.15
N HIS I 182 22.60 54.36 -18.49
CA HIS I 182 23.82 53.88 -19.13
C HIS I 182 23.43 53.29 -20.49
N PRO I 183 24.26 53.48 -21.52
CA PRO I 183 23.94 52.93 -22.84
C PRO I 183 23.81 51.40 -22.87
N SER I 184 24.46 50.71 -21.93
CA SER I 184 24.41 49.24 -21.88
C SER I 184 23.24 48.78 -21.04
N ARG I 185 22.15 49.54 -21.06
CA ARG I 185 20.98 49.22 -20.26
C ARG I 185 19.79 50.03 -20.75
N ASN I 186 19.05 49.50 -21.72
CA ASN I 186 17.87 50.19 -22.24
C ASN I 186 18.13 51.47 -23.04
N PRO I 187 19.02 51.41 -24.04
CA PRO I 187 19.32 52.59 -24.85
C PRO I 187 18.26 52.82 -25.93
N HIS I 188 17.10 52.22 -25.76
CA HIS I 188 16.02 52.36 -26.74
C HIS I 188 14.86 52.99 -26.00
N LEU I 189 15.05 53.15 -24.70
CA LEU I 189 14.07 53.72 -23.82
C LEU I 189 14.56 55.09 -23.34
N THR I 190 13.64 56.06 -23.28
CA THR I 190 13.98 57.42 -22.82
C THR I 190 13.85 57.46 -21.31
N LYS I 191 14.42 58.50 -20.70
CA LYS I 191 14.35 58.65 -19.25
C LYS I 191 12.87 58.74 -18.84
N GLU I 192 12.02 59.07 -19.80
CA GLU I 192 10.59 59.21 -19.56
C GLU I 192 9.97 57.81 -19.52
N ASP I 193 10.29 57.02 -20.54
CA ASP I 193 9.82 55.64 -20.67
C ASP I 193 10.20 54.82 -19.44
N ILE I 194 11.48 54.88 -19.09
CA ILE I 194 12.02 54.16 -17.94
C ILE I 194 11.28 54.46 -16.64
N GLU I 195 10.95 55.73 -16.44
CA GLU I 195 10.24 56.09 -15.23
C GLU I 195 8.88 55.40 -15.24
N ASP I 196 8.20 55.43 -16.38
CA ASP I 196 6.89 54.80 -16.49
C ASP I 196 6.94 53.33 -16.08
N LYS I 197 7.94 52.61 -16.59
CA LYS I 197 8.08 51.22 -16.26
C LYS I 197 8.20 51.07 -14.73
N LEU I 198 9.18 51.76 -14.14
CA LEU I 198 9.41 51.74 -12.70
C LEU I 198 8.13 52.08 -11.94
N LYS I 199 7.27 52.85 -12.58
CA LYS I 199 6.03 53.21 -11.94
C LYS I 199 5.00 52.10 -12.08
N ASP I 200 5.08 51.31 -13.15
CA ASP I 200 4.10 50.26 -13.35
C ASP I 200 4.40 48.94 -12.67
N TYR I 201 5.69 48.64 -12.50
CA TYR I 201 6.08 47.39 -11.88
C TYR I 201 6.47 47.50 -10.40
N LEU I 202 6.52 48.73 -9.91
CA LEU I 202 6.86 49.00 -8.52
C LEU I 202 5.70 49.72 -7.83
N ASN I 203 4.91 50.41 -8.63
CA ASN I 203 3.76 51.18 -8.14
C ASN I 203 4.27 52.43 -7.42
N CYS I 204 5.28 53.06 -8.01
CA CYS I 204 5.87 54.27 -7.46
C CYS I 204 5.43 55.48 -8.28
N VAL I 205 4.58 56.31 -7.70
CA VAL I 205 4.10 57.50 -8.40
C VAL I 205 5.19 58.58 -8.57
N LYS I 206 6.37 58.34 -8.00
CA LYS I 206 7.47 59.30 -8.12
C LYS I 206 8.84 58.64 -8.09
N VAL I 207 9.77 59.13 -8.98
CA VAL I 207 11.11 58.53 -9.04
C VAL I 207 12.17 59.60 -8.80
N LEU I 208 12.93 59.39 -7.72
CA LEU I 208 14.04 60.30 -7.31
C LEU I 208 15.32 59.88 -8.03
N TRP I 209 15.89 60.81 -8.76
CA TRP I 209 17.07 60.52 -9.58
C TRP I 209 18.37 61.07 -9.01
N VAL I 210 19.02 60.24 -8.19
CA VAL I 210 20.35 60.56 -7.68
C VAL I 210 21.22 60.57 -8.86
N LYS I 211 22.32 61.18 -8.77
CA LYS I 211 22.93 61.38 -10.03
C LYS I 211 24.36 60.98 -10.30
N ASP I 212 24.99 60.17 -9.57
CA ASP I 212 26.35 59.66 -9.92
C ASP I 212 26.49 58.58 -8.91
N GLY I 213 27.33 57.64 -9.13
CA GLY I 213 27.45 56.54 -8.16
C GLY I 213 28.90 56.28 -7.87
N ILE I 214 29.13 55.46 -6.88
CA ILE I 214 30.50 55.11 -6.50
C ILE I 214 30.91 53.79 -7.17
N ASP I 215 30.22 53.45 -8.23
CA ASP I 215 30.51 52.23 -9.00
C ASP I 215 30.74 52.57 -10.48
N PRO I 216 31.72 53.48 -10.74
CA PRO I 216 32.08 54.01 -12.07
C PRO I 216 31.92 53.08 -13.28
N TYR I 217 32.62 51.95 -13.26
CA TYR I 217 32.57 51.03 -14.39
C TYR I 217 32.22 49.55 -14.15
N GLU I 218 31.76 49.19 -12.95
CA GLU I 218 31.38 47.81 -12.70
C GLU I 218 29.86 47.65 -12.79
N THR I 219 29.18 47.94 -11.68
CA THR I 219 27.74 47.85 -11.63
C THR I 219 27.16 49.05 -12.37
N ASN I 220 28.04 49.99 -12.72
CA ASN I 220 27.68 51.21 -13.42
C ASN I 220 26.92 52.17 -12.53
N GLY I 221 27.37 52.25 -11.27
CA GLY I 221 26.77 53.15 -10.32
C GLY I 221 25.41 52.79 -9.75
N HIS I 222 25.31 51.63 -9.12
CA HIS I 222 24.06 51.23 -8.50
C HIS I 222 23.80 52.13 -7.30
N ILE I 223 22.53 52.27 -6.92
CA ILE I 223 22.16 53.13 -5.80
C ILE I 223 22.25 52.41 -4.45
N ASP I 224 22.25 51.08 -4.48
CA ASP I 224 22.32 50.28 -3.26
C ASP I 224 23.73 50.31 -2.66
N ASP I 225 24.48 51.34 -3.02
CA ASP I 225 25.83 51.51 -2.52
C ASP I 225 25.96 52.88 -1.86
N VAL I 226 25.16 53.83 -2.33
CA VAL I 226 25.22 55.18 -1.81
C VAL I 226 24.13 55.54 -0.80
N ALA I 227 22.92 55.05 -1.01
CA ALA I 227 21.82 55.37 -0.11
C ALA I 227 20.66 54.37 -0.17
N CYS I 228 19.62 54.60 0.62
CA CYS I 228 18.44 53.75 0.68
C CYS I 228 17.39 54.31 1.63
N PHE I 229 16.26 53.64 1.70
CA PHE I 229 15.15 54.04 2.57
C PHE I 229 15.18 53.27 3.90
N ILE I 230 15.45 53.97 5.00
CA ILE I 230 15.49 53.31 6.30
C ILE I 230 14.10 53.29 6.93
N ARG I 231 13.19 54.05 6.36
CA ARG I 231 11.82 54.15 6.85
C ARG I 231 11.12 55.06 5.86
N PRO I 232 9.81 54.86 5.62
CA PRO I 232 9.09 55.71 4.67
C PRO I 232 9.23 57.19 4.99
N GLY I 233 10.16 57.85 4.32
CA GLY I 233 10.40 59.26 4.58
C GLY I 233 11.85 59.48 4.98
N GLU I 234 12.35 58.65 5.89
CA GLU I 234 13.74 58.75 6.33
C GLU I 234 14.61 57.84 5.48
N VAL I 235 15.82 58.30 5.17
CA VAL I 235 16.71 57.53 4.32
C VAL I 235 18.13 57.47 4.87
N ALA I 236 18.99 56.70 4.21
CA ALA I 236 20.37 56.62 4.65
C ALA I 236 21.20 57.23 3.54
N CYS I 237 22.48 57.43 3.81
CA CYS I 237 23.36 58.00 2.81
C CYS I 237 24.78 58.13 3.32
N ILE I 238 25.74 57.71 2.51
CA ILE I 238 27.14 57.80 2.91
C ILE I 238 27.53 59.27 2.93
N TYR I 239 28.41 59.66 3.85
CA TYR I 239 28.88 61.04 3.94
C TYR I 239 30.22 61.17 4.67
N THR I 240 31.19 61.77 3.98
CA THR I 240 32.52 61.99 4.53
C THR I 240 32.92 63.43 4.23
N ASP I 241 33.82 63.98 5.02
CA ASP I 241 34.26 65.35 4.80
C ASP I 241 35.64 65.39 4.18
N ASP I 242 36.30 64.23 4.17
CA ASP I 242 37.62 64.10 3.59
C ASP I 242 37.56 64.44 2.12
N LYS I 243 38.03 65.64 1.78
CA LYS I 243 38.00 66.10 0.39
C LYS I 243 39.00 65.37 -0.52
N GLU I 244 39.65 64.35 0.03
CA GLU I 244 40.63 63.56 -0.73
C GLU I 244 40.22 62.07 -0.75
N HIS I 245 38.99 61.82 -0.31
CA HIS I 245 38.44 60.46 -0.28
C HIS I 245 37.77 60.21 -1.63
N PRO I 246 38.07 59.06 -2.27
CA PRO I 246 37.50 58.68 -3.57
C PRO I 246 35.98 58.80 -3.73
N PHE I 247 35.22 58.71 -2.63
CA PHE I 247 33.75 58.80 -2.69
C PHE I 247 33.24 60.16 -2.23
N TYR I 248 34.14 61.05 -1.84
CA TYR I 248 33.77 62.38 -1.36
C TYR I 248 32.65 63.08 -2.15
N GLN I 249 33.01 63.62 -3.32
CA GLN I 249 32.04 64.35 -4.13
C GLN I 249 30.76 63.62 -4.49
N GLU I 250 30.86 62.37 -4.91
CA GLU I 250 29.64 61.64 -5.27
C GLU I 250 28.73 61.54 -4.06
N ALA I 251 29.32 61.28 -2.90
CA ALA I 251 28.56 61.15 -1.66
C ALA I 251 27.91 62.47 -1.26
N LYS I 252 28.68 63.54 -1.29
CA LYS I 252 28.14 64.84 -0.93
C LYS I 252 27.09 65.26 -1.96
N ALA I 253 27.42 65.07 -3.24
CA ALA I 253 26.50 65.42 -4.34
C ALA I 253 25.18 64.71 -4.14
N ALA I 254 25.25 63.53 -3.55
CA ALA I 254 24.07 62.72 -3.29
C ALA I 254 23.32 63.28 -2.09
N TYR I 255 24.07 63.59 -1.04
CA TYR I 255 23.51 64.13 0.19
C TYR I 255 22.75 65.42 -0.07
N ASP I 256 23.33 66.29 -0.88
CA ASP I 256 22.69 67.55 -1.22
C ASP I 256 21.40 67.30 -1.98
N PHE I 257 21.43 66.32 -2.88
CA PHE I 257 20.27 65.96 -3.66
C PHE I 257 19.16 65.39 -2.79
N LEU I 258 19.55 64.45 -1.93
CA LEU I 258 18.62 63.77 -1.04
C LEU I 258 17.90 64.74 -0.11
N SER I 259 18.69 65.47 0.68
CA SER I 259 18.18 66.45 1.63
C SER I 259 17.24 67.50 1.01
N GLN I 260 17.46 67.81 -0.25
CA GLN I 260 16.63 68.79 -0.98
C GLN I 260 15.46 68.10 -1.67
N GLN I 261 15.30 66.80 -1.44
CA GLN I 261 14.25 66.05 -2.09
C GLN I 261 13.14 65.52 -1.20
N THR I 262 11.92 65.59 -1.72
CA THR I 262 10.72 65.11 -1.03
C THR I 262 10.15 63.88 -1.75
N ASP I 263 9.36 63.08 -1.04
CA ASP I 263 8.79 61.89 -1.64
C ASP I 263 7.39 62.10 -2.23
N ALA I 264 6.68 61.00 -2.42
CA ALA I 264 5.35 61.04 -2.99
C ALA I 264 4.34 61.66 -2.05
N LYS I 265 4.17 61.05 -0.89
CA LYS I 265 3.20 61.55 0.08
C LYS I 265 3.45 63.00 0.52
N GLY I 266 4.64 63.51 0.21
CA GLY I 266 4.94 64.90 0.55
C GLY I 266 5.99 65.19 1.62
N ARG I 267 6.11 64.32 2.61
CA ARG I 267 7.08 64.54 3.68
C ARG I 267 8.50 64.72 3.17
N PRO I 268 9.30 65.56 3.86
CA PRO I 268 10.69 65.79 3.46
C PRO I 268 11.51 64.57 3.84
N LEU I 269 12.65 64.38 3.20
CA LEU I 269 13.48 63.23 3.50
C LEU I 269 14.48 63.46 4.60
N LYS I 270 14.19 62.92 5.78
CA LYS I 270 15.08 63.04 6.93
C LYS I 270 16.35 62.26 6.64
N VAL I 271 17.25 62.84 5.86
CA VAL I 271 18.51 62.17 5.49
C VAL I 271 19.41 61.81 6.67
N HIS I 272 19.97 60.61 6.67
CA HIS I 272 20.87 60.22 7.75
C HIS I 272 22.30 60.21 7.26
N LYS I 273 23.21 59.77 8.12
CA LYS I 273 24.60 59.76 7.75
C LYS I 273 25.33 58.46 8.08
N MSE I 274 25.85 57.81 7.05
CA MSE I 274 26.62 56.59 7.20
C MSE I 274 28.06 57.01 6.97
O MSE I 274 28.31 58.06 6.39
CB MSE I 274 26.17 55.57 6.13
CG MSE I 274 26.81 54.17 6.26
SE MSE I 274 26.23 53.17 7.86
CE MSE I 274 24.35 52.96 7.38
N CYS I 275 29.02 56.21 7.44
CA CYS I 275 30.42 56.55 7.23
C CYS I 275 31.01 55.68 6.14
N VAL I 276 32.18 56.08 5.66
CA VAL I 276 32.91 55.35 4.63
C VAL I 276 34.24 54.90 5.23
N THR I 277 34.79 53.81 4.70
CA THR I 277 36.07 53.32 5.20
C THR I 277 37.12 54.43 5.09
N LYS I 278 38.20 54.30 5.86
CA LYS I 278 39.28 55.28 5.84
C LYS I 278 40.44 54.63 5.09
N GLU I 279 40.29 53.33 4.84
CA GLU I 279 41.28 52.53 4.13
C GLU I 279 40.58 51.54 3.20
N PRO I 280 40.76 51.70 1.88
CA PRO I 280 40.14 50.81 0.89
C PRO I 280 40.68 49.37 0.98
N CYS I 281 39.82 48.40 0.70
CA CYS I 281 40.24 47.00 0.75
C CYS I 281 41.32 46.69 -0.29
N TYR I 282 42.51 46.31 0.17
CA TYR I 282 43.59 45.98 -0.76
C TYR I 282 43.55 44.50 -1.15
N LEU I 283 43.13 44.25 -2.39
CA LEU I 283 43.03 42.91 -2.92
C LEU I 283 44.37 42.18 -2.82
N GLN I 284 44.34 41.00 -2.23
CA GLN I 284 45.54 40.20 -2.08
C GLN I 284 45.40 38.86 -2.78
N GLU I 285 46.52 38.20 -3.02
CA GLU I 285 46.53 36.90 -3.68
C GLU I 285 45.73 36.92 -4.99
N ALA I 286 45.85 38.02 -5.76
CA ALA I 286 45.14 38.17 -7.03
C ALA I 286 45.53 37.16 -8.11
N ALA I 287 46.66 36.48 -7.92
CA ALA I 287 47.16 35.49 -8.87
C ALA I 287 46.25 34.26 -9.01
N THR I 288 45.58 33.87 -7.92
CA THR I 288 44.71 32.71 -7.95
C THR I 288 43.40 33.03 -8.65
N ILE I 289 43.32 34.19 -9.30
CA ILE I 289 42.10 34.59 -10.03
C ILE I 289 42.30 34.44 -11.54
N ASP I 290 41.96 33.26 -12.06
CA ASP I 290 42.11 32.98 -13.49
C ASP I 290 41.64 34.13 -14.38
N TYR I 291 42.30 34.29 -15.52
CA TYR I 291 41.95 35.33 -16.48
C TYR I 291 41.59 34.72 -17.83
N VAL I 292 40.52 35.26 -18.42
CA VAL I 292 40.01 34.80 -19.71
C VAL I 292 41.05 35.07 -20.80
N GLU I 300 47.51 43.05 -8.74
CA GLU I 300 47.24 42.75 -7.33
C GLU I 300 47.39 44.01 -6.47
N GLY I 301 46.71 44.01 -5.32
CA GLY I 301 46.78 45.16 -4.42
C GLY I 301 45.88 46.29 -4.88
N GLU I 302 45.13 46.05 -5.94
CA GLU I 302 44.21 47.05 -6.47
C GLU I 302 43.03 47.26 -5.52
N MSE I 303 42.57 48.49 -5.39
CA MSE I 303 41.47 48.81 -4.50
C MSE I 303 40.14 48.25 -4.96
O MSE I 303 39.88 48.13 -6.16
CB MSE I 303 41.34 50.33 -4.35
CG MSE I 303 42.63 51.01 -3.89
SE MSE I 303 43.11 52.58 -5.01
CE MSE I 303 44.29 51.71 -6.34
N ALA I 304 39.30 47.91 -3.99
CA ALA I 304 37.97 47.35 -4.22
C ALA I 304 36.98 48.09 -3.33
N ILE I 305 35.81 48.39 -3.88
CA ILE I 305 34.76 49.09 -3.13
C ILE I 305 34.47 48.40 -1.79
N ALA I 306 34.15 49.19 -0.77
CA ALA I 306 33.81 48.69 0.57
C ALA I 306 32.89 49.73 1.22
N SER I 307 31.59 49.62 0.96
CA SER I 307 30.59 50.54 1.48
C SER I 307 29.75 49.94 2.61
N TYR I 308 29.51 50.72 3.67
CA TYR I 308 28.72 50.24 4.80
C TYR I 308 27.23 50.34 4.50
N LEU I 309 26.90 51.03 3.42
CA LEU I 309 25.51 51.21 3.02
C LEU I 309 24.98 49.89 2.48
N ASN I 310 25.89 48.95 2.26
CA ASN I 310 25.53 47.62 1.74
C ASN I 310 25.09 46.71 2.88
N PHE I 311 23.98 47.06 3.51
CA PHE I 311 23.46 46.26 4.62
C PHE I 311 22.06 45.72 4.28
N LEU I 312 21.72 44.58 4.85
CA LEU I 312 20.42 43.98 4.62
C LEU I 312 19.50 44.29 5.78
N ILE I 313 18.25 44.64 5.47
CA ILE I 313 17.25 44.97 6.48
C ILE I 313 16.25 43.85 6.70
N VAL I 314 16.58 42.88 7.55
CA VAL I 314 15.64 41.80 7.83
C VAL I 314 14.68 42.36 8.88
N ASN I 315 13.71 41.56 9.32
CA ASN I 315 12.80 42.03 10.34
C ASN I 315 13.42 41.73 11.71
N GLY I 316 13.50 42.78 12.54
CA GLY I 316 14.08 42.65 13.87
C GLY I 316 15.59 42.42 13.87
N GLY I 317 16.27 42.88 12.83
CA GLY I 317 17.71 42.70 12.76
C GLY I 317 18.38 43.35 11.56
N ILE I 318 19.68 43.59 11.67
CA ILE I 318 20.44 44.20 10.60
C ILE I 318 21.73 43.44 10.41
N ILE I 319 22.07 43.19 9.16
CA ILE I 319 23.30 42.48 8.84
C ILE I 319 24.17 43.52 8.16
N LEU I 320 25.22 43.95 8.87
CA LEU I 320 26.12 44.99 8.36
C LEU I 320 27.53 44.48 8.10
N PRO I 321 28.17 45.01 7.04
CA PRO I 321 29.53 44.61 6.68
C PRO I 321 30.60 45.19 7.60
N GLN I 322 31.61 44.38 7.91
CA GLN I 322 32.72 44.78 8.78
C GLN I 322 34.04 44.42 8.10
N TYR I 323 34.57 45.36 7.31
CA TYR I 323 35.82 45.14 6.58
C TYR I 323 37.08 45.16 7.44
N GLY I 324 36.97 45.69 8.66
CA GLY I 324 38.14 45.76 9.50
C GLY I 324 38.81 47.10 9.24
N ASP I 325 37.98 48.11 9.06
CA ASP I 325 38.40 49.47 8.79
C ASP I 325 38.43 50.26 10.09
N GLU I 326 38.96 51.48 10.01
CA GLU I 326 39.07 52.38 11.15
C GLU I 326 37.67 52.87 11.54
N ASN I 327 36.92 53.35 10.56
CA ASN I 327 35.56 53.82 10.79
C ASN I 327 34.56 52.67 10.77
N ASP I 328 35.00 51.52 11.27
CA ASP I 328 34.17 50.31 11.29
C ASP I 328 33.16 50.31 12.45
N GLN I 329 33.66 50.35 13.67
CA GLN I 329 32.80 50.35 14.85
C GLN I 329 31.83 51.51 14.82
N LEU I 330 32.21 52.57 14.11
CA LEU I 330 31.36 53.75 13.97
C LEU I 330 30.13 53.42 13.12
N ALA I 331 30.35 52.59 12.10
CA ALA I 331 29.28 52.18 11.21
C ALA I 331 28.21 51.44 11.98
N LYS I 332 28.63 50.51 12.84
CA LYS I 332 27.71 49.73 13.65
C LYS I 332 26.92 50.64 14.59
N GLN I 333 27.56 51.72 15.03
CA GLN I 333 26.94 52.69 15.93
C GLN I 333 25.92 53.50 15.16
N GLN I 334 26.34 54.01 14.00
CA GLN I 334 25.45 54.81 13.17
C GLN I 334 24.17 54.06 12.81
N VAL I 335 24.33 52.84 12.27
CA VAL I 335 23.19 52.00 11.86
C VAL I 335 22.28 51.71 13.04
N GLN I 336 22.88 51.64 14.23
CA GLN I 336 22.18 51.38 15.47
C GLN I 336 21.18 52.51 15.74
N GLU I 337 21.62 53.75 15.50
CA GLU I 337 20.79 54.94 15.69
C GLU I 337 19.54 54.82 14.83
N MSE I 338 19.75 54.61 13.53
CA MSE I 338 18.68 54.48 12.55
C MSE I 338 17.65 53.44 12.96
O MSE I 338 16.44 53.72 13.03
CB MSE I 338 19.28 54.09 11.20
CG MSE I 338 20.45 54.95 10.79
SE MSE I 338 21.47 54.18 9.31
CE MSE I 338 21.88 55.81 8.29
N PHE I 339 18.11 52.23 13.23
CA PHE I 339 17.19 51.17 13.63
C PHE I 339 17.45 50.79 15.08
N PRO I 340 16.93 51.60 16.02
CA PRO I 340 17.10 51.34 17.46
C PRO I 340 16.47 50.03 17.91
N ASP I 341 15.23 49.81 17.47
CA ASP I 341 14.52 48.60 17.83
C ASP I 341 14.85 47.47 16.86
N ARG I 342 16.13 47.27 16.59
CA ARG I 342 16.59 46.22 15.69
C ARG I 342 18.00 45.78 16.07
N LYS I 343 18.18 44.52 16.41
CA LYS I 343 19.51 44.05 16.77
C LYS I 343 20.42 44.11 15.55
N VAL I 344 21.56 44.76 15.70
CA VAL I 344 22.49 44.86 14.58
C VAL I 344 23.61 43.84 14.73
N VAL I 345 23.89 43.10 13.67
CA VAL I 345 24.96 42.09 13.64
C VAL I 345 25.92 42.45 12.51
N GLY I 346 27.21 42.20 12.72
CA GLY I 346 28.17 42.53 11.68
C GLY I 346 29.05 41.35 11.34
N VAL I 347 29.36 41.15 10.05
CA VAL I 347 30.20 40.05 9.60
C VAL I 347 31.33 40.50 8.66
N ARG I 348 32.45 39.78 8.69
CA ARG I 348 33.59 40.10 7.84
C ARG I 348 33.29 39.79 6.37
N THR I 349 32.41 40.59 5.78
CA THR I 349 32.02 40.42 4.37
C THR I 349 32.97 41.18 3.45
N GLU I 350 34.20 41.32 3.93
CA GLU I 350 35.24 42.00 3.19
C GLU I 350 35.73 41.09 2.07
N GLU I 351 35.74 39.79 2.33
CA GLU I 351 36.19 38.79 1.36
C GLU I 351 35.31 38.75 0.11
N ILE I 352 34.06 39.19 0.23
CA ILE I 352 33.15 39.20 -0.90
C ILE I 352 33.20 40.59 -1.56
N ALA I 353 33.73 41.55 -0.83
CA ALA I 353 33.85 42.90 -1.37
C ALA I 353 34.95 42.90 -2.42
N TYR I 354 35.73 41.82 -2.45
CA TYR I 354 36.79 41.67 -3.43
C TYR I 354 36.18 41.19 -4.75
N GLY I 355 34.88 40.89 -4.71
CA GLY I 355 34.18 40.43 -5.90
C GLY I 355 33.33 41.50 -6.52
N GLY I 356 33.28 42.66 -5.87
CA GLY I 356 32.50 43.76 -6.38
C GLY I 356 31.05 43.70 -5.94
N GLY I 357 30.81 44.03 -4.67
CA GLY I 357 29.47 44.01 -4.13
C GLY I 357 29.49 43.42 -2.72
N ASN I 358 28.54 43.82 -1.88
CA ASN I 358 28.48 43.30 -0.51
C ASN I 358 27.16 42.69 -0.09
N ILE I 359 27.07 42.37 1.21
CA ILE I 359 25.91 41.73 1.83
C ILE I 359 24.57 41.96 1.14
N HIS I 360 24.36 43.18 0.74
CA HIS I 360 23.08 43.51 0.09
C HIS I 360 23.04 42.90 -1.33
N CYS I 361 24.15 43.08 -2.02
CA CYS I 361 24.29 42.61 -3.41
C CYS I 361 24.20 41.08 -3.52
N ILE I 362 24.24 40.38 -2.38
CA ILE I 362 24.21 38.89 -2.40
C ILE I 362 22.99 38.28 -1.71
N THR I 363 22.02 39.10 -1.36
CA THR I 363 20.79 38.61 -0.73
C THR I 363 19.56 39.16 -1.45
N GLN I 364 18.44 38.61 -1.07
CA GLN I 364 17.14 38.96 -1.62
C GLN I 364 16.07 38.42 -0.70
N GLN I 365 15.36 39.32 -0.05
CA GLN I 365 14.33 38.94 0.91
C GLN I 365 12.95 38.86 0.26
N GLN I 366 12.19 37.95 0.82
CA GLN I 366 10.81 37.66 0.40
C GLN I 366 9.85 38.15 1.49
N PRO I 367 8.97 39.12 1.20
CA PRO I 367 8.01 39.65 2.18
C PRO I 367 7.00 38.60 2.60
N ALA I 368 6.82 38.43 3.90
CA ALA I 368 5.85 37.45 4.47
C ALA I 368 4.43 37.81 4.01
N THR I 369 3.47 36.95 4.30
CA THR I 369 2.10 37.20 3.82
C THR I 369 0.95 36.87 4.82
N LEU I 370 0.62 35.60 4.91
CA LEU I 370 -0.60 35.14 5.62
C LEU I 370 -1.63 35.00 4.50
N ALA J 2 41.63 3.88 -34.11
CA ALA J 2 41.60 3.83 -32.62
C ALA J 2 40.62 2.76 -32.16
N LYS J 3 40.89 1.52 -32.54
CA LYS J 3 40.03 0.39 -32.18
C LYS J 3 40.51 -0.37 -30.95
N ARG J 4 39.88 -1.52 -30.70
CA ARG J 4 40.20 -2.35 -29.54
C ARG J 4 40.44 -3.81 -29.89
N ILE J 5 41.68 -4.25 -29.77
CA ILE J 5 42.00 -5.64 -30.04
C ILE J 5 41.40 -6.41 -28.87
N LYS J 6 40.70 -7.50 -29.17
CA LYS J 6 40.08 -8.23 -28.09
C LYS J 6 40.22 -9.74 -28.02
N ASN J 7 40.77 -10.37 -29.04
CA ASN J 7 40.90 -11.82 -28.97
C ASN J 7 42.29 -12.36 -28.71
N THR J 8 43.24 -11.46 -28.48
CA THR J 8 44.60 -11.89 -28.23
C THR J 8 45.25 -10.96 -27.22
N THR J 9 46.38 -11.38 -26.67
CA THR J 9 47.08 -10.58 -25.67
C THR J 9 48.41 -10.05 -26.20
N PRO J 10 48.88 -8.92 -25.67
CA PRO J 10 50.13 -8.31 -26.09
C PRO J 10 51.29 -9.31 -26.24
N LYS J 11 51.34 -10.31 -25.38
CA LYS J 11 52.40 -11.31 -25.44
C LYS J 11 52.37 -12.02 -26.79
N GLN J 12 51.17 -12.43 -27.19
CA GLN J 12 51.00 -13.12 -28.47
C GLN J 12 51.17 -12.16 -29.63
N ASP J 13 50.61 -10.96 -29.46
CA ASP J 13 50.67 -9.92 -30.49
C ASP J 13 52.07 -9.32 -30.68
N GLY J 14 52.99 -9.67 -29.80
CA GLY J 14 54.35 -9.17 -29.90
C GLY J 14 54.51 -7.73 -29.47
N PHE J 15 53.98 -7.38 -28.30
CA PHE J 15 54.13 -6.03 -27.77
C PHE J 15 54.62 -6.14 -26.34
N ARG J 16 55.19 -5.05 -25.83
CA ARG J 16 55.75 -5.04 -24.47
C ARG J 16 55.92 -3.63 -23.93
N MSE J 17 55.50 -3.44 -22.68
CA MSE J 17 55.65 -2.14 -22.05
C MSE J 17 57.16 -1.90 -21.97
O MSE J 17 57.86 -2.60 -21.23
CB MSE J 17 55.03 -2.14 -20.65
CG MSE J 17 55.33 -0.86 -19.87
SE MSE J 17 54.59 -0.82 -18.05
CE MSE J 17 54.48 1.11 -17.78
N PRO J 18 57.66 -0.90 -22.71
CA PRO J 18 59.08 -0.53 -22.75
C PRO J 18 59.43 0.21 -21.48
N GLY J 19 60.71 0.14 -21.10
CA GLY J 19 61.15 0.82 -19.89
C GLY J 19 60.88 2.30 -19.87
N GLU J 20 60.45 2.79 -18.71
CA GLU J 20 60.13 4.19 -18.53
C GLU J 20 61.23 5.11 -19.08
N PHE J 21 62.47 4.65 -18.95
CA PHE J 21 63.63 5.39 -19.40
C PHE J 21 63.82 5.44 -20.92
N GLU J 22 63.32 4.43 -21.62
CA GLU J 22 63.45 4.40 -23.07
C GLU J 22 62.94 5.69 -23.71
N LYS J 23 63.26 5.88 -24.99
CA LYS J 23 62.85 7.09 -25.72
C LYS J 23 61.34 7.22 -25.77
N GLN J 24 60.89 8.46 -25.57
CA GLN J 24 59.46 8.73 -25.54
C GLN J 24 59.07 10.00 -26.27
N LYS J 25 57.92 9.96 -26.93
CA LYS J 25 57.40 11.09 -27.69
C LYS J 25 56.90 12.27 -26.87
N GLN J 26 56.24 12.01 -25.73
CA GLN J 26 55.72 13.10 -24.89
C GLN J 26 55.22 12.58 -23.57
N ILE J 27 54.61 13.48 -22.81
CA ILE J 27 54.06 13.11 -21.52
C ILE J 27 52.65 13.62 -21.33
N TRP J 28 51.81 12.77 -20.76
CA TRP J 28 50.42 13.09 -20.49
C TRP J 28 50.22 13.37 -19.01
N MSE J 29 49.40 14.38 -18.71
CA MSE J 29 49.06 14.73 -17.33
C MSE J 29 47.71 15.48 -17.25
O MSE J 29 47.38 16.31 -18.09
CB MSE J 29 50.18 15.51 -16.65
CG MSE J 29 50.68 16.79 -17.34
SE MSE J 29 52.16 17.70 -16.34
CE MSE J 29 51.11 18.57 -14.93
N LEU J 30 46.94 15.15 -16.22
CA LEU J 30 45.63 15.75 -15.99
C LEU J 30 45.65 17.12 -15.30
N TRP J 31 44.55 17.50 -14.67
CA TRP J 31 44.46 18.81 -14.01
C TRP J 31 43.61 18.75 -12.76
N PRO J 32 44.20 19.05 -11.61
CA PRO J 32 43.49 19.03 -10.32
C PRO J 32 42.41 20.09 -10.22
N TRP J 33 41.27 19.71 -9.65
CA TRP J 33 40.17 20.66 -9.51
C TRP J 33 39.27 20.47 -8.28
N ARG J 34 38.94 19.23 -7.92
CA ARG J 34 38.03 19.01 -6.80
C ARG J 34 38.47 19.49 -5.41
N ASN J 35 37.58 20.23 -4.75
CA ASN J 35 37.84 20.76 -3.41
C ASN J 35 37.77 19.67 -2.32
N ASP J 36 37.29 18.49 -2.70
CA ASP J 36 37.18 17.36 -1.80
C ASP J 36 38.57 16.91 -1.41
N ASN J 37 39.53 17.13 -2.30
CA ASN J 37 40.90 16.70 -2.04
C ASN J 37 41.97 17.78 -2.03
N TRP J 38 41.84 18.78 -2.90
CA TRP J 38 42.83 19.84 -2.95
C TRP J 38 42.39 21.11 -2.23
N ARG J 39 43.26 21.61 -1.35
CA ARG J 39 42.95 22.80 -0.58
C ARG J 39 42.93 24.06 -1.42
N LEU J 40 42.26 25.07 -0.88
CA LEU J 40 42.15 26.36 -1.55
C LEU J 40 41.70 26.25 -3.00
N GLY J 41 40.54 25.65 -3.23
CA GLY J 41 40.02 25.51 -4.57
C GLY J 41 40.96 24.83 -5.56
N ALA J 42 42.04 24.26 -5.05
CA ALA J 42 43.04 23.56 -5.87
C ALA J 42 43.97 24.51 -6.61
N LYS J 43 43.78 25.80 -6.39
CA LYS J 43 44.61 26.81 -7.05
C LYS J 43 46.11 26.53 -6.85
N PRO J 44 46.53 26.23 -5.60
CA PRO J 44 47.94 25.94 -5.33
C PRO J 44 48.40 24.73 -6.11
N ALA J 45 47.67 23.64 -5.97
CA ALA J 45 48.04 22.41 -6.64
C ALA J 45 48.14 22.64 -8.14
N GLN J 46 47.26 23.49 -8.66
CA GLN J 46 47.29 23.78 -10.09
C GLN J 46 48.63 24.38 -10.50
N LYS J 47 49.04 25.40 -9.75
CA LYS J 47 50.31 26.05 -10.02
C LYS J 47 51.44 25.03 -9.90
N ALA J 48 51.28 24.11 -8.95
CA ALA J 48 52.27 23.08 -8.75
C ALA J 48 52.28 22.17 -9.97
N PHE J 49 51.12 21.98 -10.58
CA PHE J 49 51.04 21.15 -11.77
C PHE J 49 51.60 21.91 -12.97
N LEU J 50 51.32 23.21 -13.01
CA LEU J 50 51.80 24.09 -14.07
C LEU J 50 53.32 23.97 -14.19
N GLU J 51 54.01 24.07 -13.05
CA GLU J 51 55.46 23.99 -13.01
C GLU J 51 55.90 22.62 -13.50
N VAL J 52 55.52 21.57 -12.77
CA VAL J 52 55.91 20.21 -13.14
C VAL J 52 55.70 19.97 -14.63
N ALA J 53 54.80 20.75 -15.22
CA ALA J 53 54.51 20.64 -16.64
C ALA J 53 55.57 21.42 -17.39
N GLU J 54 55.71 22.69 -17.04
CA GLU J 54 56.70 23.54 -17.67
C GLU J 54 58.09 22.90 -17.62
N ALA J 55 58.30 22.03 -16.63
CA ALA J 55 59.58 21.36 -16.48
C ALA J 55 59.84 20.35 -17.59
N ILE J 56 58.84 19.54 -17.90
CA ILE J 56 58.99 18.53 -18.96
C ILE J 56 59.26 19.24 -20.28
N SER J 57 58.75 20.48 -20.37
CA SER J 57 58.88 21.32 -21.57
C SER J 57 60.22 21.26 -22.27
N GLU J 58 61.29 21.47 -21.51
CA GLU J 58 62.62 21.47 -22.08
C GLU J 58 63.14 20.10 -22.52
N PHE J 59 62.38 19.04 -22.33
CA PHE J 59 62.87 17.72 -22.71
C PHE J 59 62.04 17.07 -23.82
N GLU J 60 60.75 17.34 -23.79
CA GLU J 60 59.78 16.80 -24.76
C GLU J 60 58.46 17.53 -24.59
N PRO J 61 57.50 17.27 -25.48
CA PRO J 61 56.20 17.93 -25.39
C PRO J 61 55.31 17.34 -24.31
N VAL J 62 54.41 18.19 -23.82
CA VAL J 62 53.47 17.83 -22.78
C VAL J 62 52.04 17.96 -23.28
N SER J 63 51.23 16.97 -22.91
CA SER J 63 49.80 16.90 -23.28
C SER J 63 49.00 17.06 -22.00
N LEU J 64 48.68 18.31 -21.70
CA LEU J 64 47.94 18.68 -20.51
C LEU J 64 46.42 18.57 -20.76
N CYS J 65 45.76 17.60 -20.14
CA CYS J 65 44.32 17.42 -20.34
C CYS J 65 43.48 18.01 -19.21
N VAL J 66 42.75 19.08 -19.48
CA VAL J 66 41.96 19.64 -18.39
C VAL J 66 40.46 19.65 -18.61
N PRO J 67 39.69 19.44 -17.53
CA PRO J 67 38.24 19.44 -17.61
C PRO J 67 37.83 20.73 -18.27
N PRO J 68 36.70 20.73 -19.00
CA PRO J 68 36.09 21.84 -19.72
C PRO J 68 35.88 23.11 -18.91
N LEU J 69 35.72 22.95 -17.60
CA LEU J 69 35.49 24.08 -16.70
C LEU J 69 36.73 24.90 -16.34
N GLN J 70 37.89 24.28 -16.39
CA GLN J 70 39.15 24.94 -16.09
C GLN J 70 40.04 24.92 -17.32
N TYR J 71 39.44 24.97 -18.51
CA TYR J 71 40.20 24.93 -19.74
C TYR J 71 40.78 26.29 -20.08
N GLU J 72 39.91 27.26 -20.32
CA GLU J 72 40.33 28.61 -20.63
C GLU J 72 41.46 29.04 -19.69
N ASN J 73 41.31 28.68 -18.42
CA ASN J 73 42.30 29.02 -17.41
C ASN J 73 43.67 28.39 -17.70
N ALA J 74 43.72 27.08 -17.80
CA ALA J 74 44.98 26.39 -18.05
C ALA J 74 45.70 26.87 -19.29
N LEU J 75 44.94 27.25 -20.31
CA LEU J 75 45.50 27.73 -21.56
C LEU J 75 46.07 29.15 -21.41
N ALA J 76 45.45 29.94 -20.54
CA ALA J 76 45.90 31.30 -20.31
C ALA J 76 47.16 31.27 -19.47
N ARG J 77 47.34 30.21 -18.68
CA ARG J 77 48.54 30.11 -17.84
C ARG J 77 49.70 29.45 -18.59
N VAL J 78 49.41 28.57 -19.54
CA VAL J 78 50.46 27.90 -20.28
C VAL J 78 51.02 28.80 -21.39
N SER J 79 50.23 29.78 -21.81
CA SER J 79 50.68 30.71 -22.83
C SER J 79 51.45 31.80 -22.10
N GLU J 80 51.07 31.98 -20.84
CA GLU J 80 51.68 32.97 -19.96
C GLU J 80 53.12 32.54 -19.64
N LEU J 81 53.44 31.29 -19.92
CA LEU J 81 54.78 30.76 -19.65
C LEU J 81 55.55 30.60 -20.97
N GLY J 82 55.26 31.48 -21.92
CA GLY J 82 55.91 31.41 -23.21
C GLY J 82 55.15 30.53 -24.19
N SER J 83 54.62 29.41 -23.68
CA SER J 83 53.87 28.45 -24.47
C SER J 83 54.80 27.86 -25.54
N HIS J 84 55.48 26.77 -25.19
CA HIS J 84 56.39 26.16 -26.14
C HIS J 84 55.81 24.92 -26.81
N ASN J 85 56.03 23.76 -26.21
CA ASN J 85 55.52 22.50 -26.77
C ASN J 85 54.49 21.82 -25.88
N ILE J 86 53.72 22.63 -25.17
CA ILE J 86 52.68 22.15 -24.28
C ILE J 86 51.31 22.41 -24.92
N ARG J 87 50.53 21.35 -25.13
CA ARG J 87 49.18 21.49 -25.70
C ARG J 87 48.12 21.15 -24.67
N ILE J 88 47.08 21.98 -24.64
CA ILE J 88 45.99 21.77 -23.71
C ILE J 88 44.81 21.11 -24.42
N ILE J 89 44.54 19.83 -24.13
CA ILE J 89 43.41 19.14 -24.75
C ILE J 89 42.30 19.02 -23.72
N GLU J 90 41.05 19.20 -24.15
CA GLU J 90 39.93 19.10 -23.22
C GLU J 90 39.65 17.66 -22.81
N MSE J 91 39.62 17.41 -21.50
CA MSE J 91 39.33 16.08 -21.00
C MSE J 91 38.81 16.10 -19.58
O MSE J 91 39.43 16.72 -18.71
CB MSE J 91 40.58 15.21 -21.07
CG MSE J 91 40.29 13.76 -20.87
SE MSE J 91 41.81 12.59 -21.23
CE MSE J 91 42.37 13.28 -22.96
N THR J 92 37.68 15.44 -19.32
CA THR J 92 37.08 15.38 -17.98
C THR J 92 37.72 14.28 -17.13
N ASN J 93 37.76 14.49 -15.82
CA ASN J 93 38.32 13.52 -14.89
C ASN J 93 37.85 13.84 -13.50
N ASP J 94 37.71 12.81 -12.67
CA ASP J 94 37.25 13.02 -11.30
C ASP J 94 38.39 13.51 -10.42
N ASP J 95 39.60 13.18 -10.84
CA ASP J 95 40.82 13.59 -10.15
C ASP J 95 42.01 13.40 -11.06
N ALA J 96 43.03 14.25 -10.88
CA ALA J 96 44.24 14.23 -11.71
C ALA J 96 45.28 13.19 -11.34
N TRP J 97 45.16 11.97 -11.88
CA TRP J 97 46.13 10.91 -11.61
C TRP J 97 46.37 10.03 -12.85
N ILE J 98 46.64 10.71 -13.96
CA ILE J 98 46.88 10.05 -15.24
C ILE J 98 47.77 8.81 -15.11
N ARG J 99 48.59 8.76 -14.08
CA ARG J 99 49.48 7.63 -13.88
C ARG J 99 48.72 6.34 -13.66
N ASP J 100 47.61 6.43 -12.95
CA ASP J 100 46.82 5.25 -12.66
C ASP J 100 45.74 4.95 -13.67
N CYS J 101 44.75 5.82 -13.76
CA CYS J 101 43.66 5.64 -14.68
C CYS J 101 44.14 5.64 -16.13
N GLY J 102 45.16 6.44 -16.43
CA GLY J 102 45.69 6.52 -17.80
C GLY J 102 46.05 5.23 -18.52
N PRO J 103 46.38 5.30 -19.82
CA PRO J 103 46.74 4.12 -20.60
C PRO J 103 48.19 3.73 -20.38
N THR J 104 48.45 2.43 -20.43
CA THR J 104 49.80 1.90 -20.25
C THR J 104 50.19 1.42 -21.63
N PHE J 105 50.84 2.29 -22.39
CA PHE J 105 51.25 1.98 -23.76
C PHE J 105 52.11 0.72 -23.97
N LEU J 106 52.19 0.29 -25.21
CA LEU J 106 52.97 -0.88 -25.57
C LEU J 106 53.68 -0.60 -26.87
N VAL J 107 54.53 -1.53 -27.29
CA VAL J 107 55.26 -1.36 -28.53
C VAL J 107 55.69 -2.72 -29.05
N ASN J 108 55.75 -2.87 -30.36
CA ASN J 108 56.14 -4.12 -30.99
C ASN J 108 57.56 -4.04 -31.52
N ASP J 109 58.21 -2.91 -31.26
CA ASP J 109 59.58 -2.66 -31.67
C ASP J 109 59.71 -2.68 -33.18
N LYS J 110 58.62 -2.32 -33.85
CA LYS J 110 58.57 -2.30 -35.31
C LYS J 110 57.88 -1.04 -35.79
N GLY J 111 57.64 -0.14 -34.84
CA GLY J 111 56.97 1.12 -35.15
C GLY J 111 55.57 1.27 -34.58
N ASP J 112 54.80 0.18 -34.60
CA ASP J 112 53.42 0.20 -34.10
C ASP J 112 53.34 0.55 -32.60
N LEU J 113 52.30 1.27 -32.22
CA LEU J 113 52.07 1.65 -30.82
C LEU J 113 50.69 1.19 -30.37
N ARG J 114 50.68 0.27 -29.41
CA ARG J 114 49.45 -0.27 -28.87
C ARG J 114 49.27 0.25 -27.44
N ALA J 115 48.45 -0.43 -26.63
CA ALA J 115 48.24 -0.04 -25.24
C ALA J 115 47.35 -1.02 -24.47
N VAL J 116 47.44 -0.99 -23.14
CA VAL J 116 46.63 -1.86 -22.33
C VAL J 116 45.84 -1.02 -21.36
N ASP J 117 44.51 -1.03 -21.51
CA ASP J 117 43.64 -0.26 -20.63
C ASP J 117 43.13 -1.17 -19.52
N TRP J 118 43.50 -0.84 -18.28
CA TRP J 118 43.08 -1.62 -17.11
C TRP J 118 41.77 -1.07 -16.57
N GLU J 119 41.23 -1.75 -15.57
CA GLU J 119 40.00 -1.32 -14.96
C GLU J 119 40.40 -0.45 -13.79
N PHE J 120 39.74 0.69 -13.62
CA PHE J 120 40.06 1.62 -12.54
C PHE J 120 38.89 1.74 -11.57
N ASN J 121 39.12 1.57 -10.28
CA ASN J 121 38.02 1.69 -9.34
C ASN J 121 38.33 2.64 -8.19
N ALA J 122 39.19 3.61 -8.47
CA ALA J 122 39.61 4.62 -7.49
C ALA J 122 40.42 4.03 -6.33
N TRP J 123 41.31 3.10 -6.66
CA TRP J 123 42.16 2.46 -5.65
C TRP J 123 41.32 1.75 -4.60
N GLY J 124 40.60 0.70 -5.01
CA GLY J 124 39.78 -0.03 -4.06
C GLY J 124 38.34 -0.19 -4.49
N GLY J 125 37.70 0.92 -4.81
CA GLY J 125 36.32 0.87 -5.25
C GLY J 125 35.34 1.22 -4.17
N LEU J 126 34.23 0.50 -4.15
CA LEU J 126 33.19 0.71 -3.15
C LEU J 126 33.65 0.09 -1.85
N VAL J 127 34.75 -0.65 -1.91
CA VAL J 127 35.29 -1.31 -0.74
C VAL J 127 36.30 -0.43 -0.03
N ASP J 128 37.18 0.21 -0.78
CA ASP J 128 38.19 1.04 -0.14
C ASP J 128 38.66 2.20 -1.00
N GLY J 129 37.87 2.54 -2.03
CA GLY J 129 38.25 3.63 -2.90
C GLY J 129 38.35 4.96 -2.17
N LEU J 130 39.16 5.85 -2.74
CA LEU J 130 39.36 7.18 -2.18
C LEU J 130 38.12 8.05 -2.33
N TYR J 131 37.50 8.05 -3.51
CA TYR J 131 36.28 8.80 -3.75
C TYR J 131 35.28 7.90 -4.49
N PHE J 132 34.03 8.32 -4.63
CA PHE J 132 33.05 7.45 -5.28
C PHE J 132 32.90 7.49 -6.79
N PRO J 133 32.32 8.59 -7.32
CA PRO J 133 32.18 8.61 -8.79
C PRO J 133 33.56 8.58 -9.47
N TRP J 134 33.92 7.43 -10.04
CA TRP J 134 35.22 7.25 -10.73
C TRP J 134 35.04 6.83 -12.18
N ASP J 135 33.84 7.06 -12.68
CA ASP J 135 33.47 6.69 -14.04
C ASP J 135 34.13 7.58 -15.09
N GLN J 136 34.34 8.85 -14.78
CA GLN J 136 34.97 9.74 -15.75
C GLN J 136 36.46 9.42 -15.89
N ASP J 137 37.07 8.93 -14.82
CA ASP J 137 38.48 8.57 -14.84
C ASP J 137 38.63 7.28 -15.63
N ALA J 138 37.69 6.35 -15.48
CA ALA J 138 37.78 5.11 -16.24
C ALA J 138 37.61 5.41 -17.74
N LEU J 139 37.36 6.67 -18.08
CA LEU J 139 37.22 7.03 -19.48
C LEU J 139 38.52 7.59 -20.01
N VAL J 140 39.24 8.29 -19.14
CA VAL J 140 40.51 8.89 -19.50
C VAL J 140 41.41 8.01 -20.35
N ALA J 141 41.63 6.76 -19.95
CA ALA J 141 42.52 5.87 -20.73
C ALA J 141 42.04 5.65 -22.17
N ARG J 142 40.76 5.34 -22.33
CA ARG J 142 40.19 5.12 -23.66
C ARG J 142 40.24 6.41 -24.47
N LYS J 143 39.85 7.51 -23.85
CA LYS J 143 39.84 8.82 -24.51
C LYS J 143 41.20 9.24 -25.05
N VAL J 144 42.24 9.07 -24.25
CA VAL J 144 43.58 9.44 -24.67
C VAL J 144 44.10 8.51 -25.78
N CYS J 145 43.66 7.26 -25.83
CA CYS J 145 44.11 6.40 -26.90
C CYS J 145 43.39 6.80 -28.18
N GLU J 146 42.28 7.52 -28.06
CA GLU J 146 41.53 7.89 -29.25
C GLU J 146 42.14 9.02 -30.03
N ILE J 147 42.58 10.03 -29.31
CA ILE J 147 43.17 11.20 -29.94
C ILE J 147 44.62 10.96 -30.28
N GLU J 148 45.05 9.72 -30.20
CA GLU J 148 46.44 9.41 -30.50
C GLU J 148 46.54 8.35 -31.59
N GLY J 149 45.40 7.77 -31.95
CA GLY J 149 45.38 6.76 -32.99
C GLY J 149 46.14 5.51 -32.59
N VAL J 150 45.76 4.94 -31.45
CA VAL J 150 46.42 3.75 -30.94
C VAL J 150 45.41 2.79 -30.35
N ASP J 151 45.40 1.57 -30.89
CA ASP J 151 44.49 0.52 -30.43
C ASP J 151 44.77 0.19 -28.97
N SER J 152 43.92 -0.62 -28.35
CA SER J 152 44.13 -0.94 -26.95
C SER J 152 43.56 -2.28 -26.57
N TYR J 153 44.09 -2.84 -25.49
CA TYR J 153 43.65 -4.12 -24.95
C TYR J 153 42.91 -3.79 -23.68
N LYS J 154 41.75 -4.42 -23.47
CA LYS J 154 40.95 -4.18 -22.26
C LYS J 154 40.94 -5.39 -21.32
N THR J 155 41.56 -5.21 -20.16
CA THR J 155 41.64 -6.26 -19.15
C THR J 155 40.32 -6.27 -18.37
N LYS J 156 39.31 -6.95 -18.92
CA LYS J 156 38.01 -7.00 -18.27
C LYS J 156 38.06 -7.66 -16.89
N ASP J 157 37.47 -6.97 -15.93
CA ASP J 157 37.37 -7.41 -14.54
C ASP J 157 38.69 -7.42 -13.79
N PHE J 158 39.75 -6.93 -14.44
CA PHE J 158 41.06 -6.86 -13.82
C PHE J 158 41.39 -5.39 -13.50
N VAL J 159 41.23 -4.99 -12.25
CA VAL J 159 41.50 -3.62 -11.84
C VAL J 159 42.95 -3.37 -11.39
N LEU J 160 43.70 -2.66 -12.21
CA LEU J 160 45.09 -2.34 -11.90
C LEU J 160 45.37 -0.87 -12.24
N GLU J 161 46.23 -0.22 -11.47
CA GLU J 161 46.55 1.17 -11.73
C GLU J 161 48.00 1.29 -12.16
N GLY J 162 48.26 2.16 -13.13
CA GLY J 162 49.62 2.36 -13.63
C GLY J 162 50.73 2.42 -12.60
N GLY J 163 50.66 3.38 -11.67
CA GLY J 163 51.69 3.50 -10.67
C GLY J 163 51.75 2.42 -9.59
N SER J 164 51.47 1.18 -9.95
CA SER J 164 51.52 0.08 -8.98
C SER J 164 52.43 -0.99 -9.57
N ILE J 165 53.05 -0.65 -10.68
CA ILE J 165 53.93 -1.57 -11.35
C ILE J 165 55.05 -0.85 -12.11
N HIS J 166 56.26 -1.36 -11.96
CA HIS J 166 57.44 -0.80 -12.62
C HIS J 166 58.07 -1.89 -13.45
N VAL J 167 58.43 -1.53 -14.68
CA VAL J 167 59.01 -2.50 -15.61
C VAL J 167 60.37 -2.13 -16.21
N ASP J 168 61.11 -3.15 -16.59
CA ASP J 168 62.40 -2.97 -17.22
C ASP J 168 62.27 -3.60 -18.61
N GLY J 169 62.93 -3.01 -19.59
CA GLY J 169 62.85 -3.53 -20.95
C GLY J 169 62.46 -5.00 -21.10
N GLU J 170 63.20 -5.89 -20.46
CA GLU J 170 62.92 -7.33 -20.58
C GLU J 170 62.06 -7.99 -19.50
N GLY J 171 61.31 -8.99 -19.94
CA GLY J 171 60.39 -9.75 -19.11
C GLY J 171 60.41 -9.69 -17.58
N THR J 172 60.34 -8.51 -17.02
CA THR J 172 60.35 -8.39 -15.56
C THR J 172 59.60 -7.16 -15.11
N VAL J 173 58.82 -7.29 -14.05
CA VAL J 173 58.08 -6.17 -13.52
C VAL J 173 58.17 -6.15 -12.01
N LEU J 174 58.02 -4.97 -11.43
CA LEU J 174 58.06 -4.80 -9.97
C LEU J 174 56.72 -4.44 -9.36
N VAL J 175 56.00 -5.45 -8.83
CA VAL J 175 54.70 -5.19 -8.20
C VAL J 175 54.82 -5.26 -6.68
N THR J 176 53.82 -4.73 -5.98
CA THR J 176 53.81 -4.71 -4.52
C THR J 176 52.60 -5.52 -4.00
N GLU J 177 52.81 -6.77 -3.57
CA GLU J 177 51.71 -7.61 -3.12
C GLU J 177 50.74 -7.02 -2.09
N MSE J 178 51.23 -6.09 -1.27
CA MSE J 178 50.36 -5.46 -0.27
C MSE J 178 49.25 -4.65 -0.95
O MSE J 178 48.30 -4.18 -0.30
CB MSE J 178 51.18 -4.55 0.65
CG MSE J 178 50.38 -3.95 1.80
SE MSE J 178 50.36 -1.99 1.79
CE MSE J 178 51.24 -1.68 3.51
N CYS J 179 49.35 -4.49 -2.26
CA CYS J 179 48.38 -3.75 -3.05
C CYS J 179 47.67 -4.63 -4.07
N LEU J 180 48.41 -5.22 -4.99
CA LEU J 180 47.80 -6.07 -6.01
C LEU J 180 46.97 -7.21 -5.44
N LEU J 181 47.23 -7.58 -4.19
CA LEU J 181 46.52 -8.68 -3.53
C LEU J 181 45.44 -8.17 -2.58
N HIS J 182 45.48 -6.87 -2.30
CA HIS J 182 44.50 -6.24 -1.42
C HIS J 182 43.11 -6.77 -1.79
N PRO J 183 42.24 -6.98 -0.81
CA PRO J 183 40.90 -7.48 -1.12
C PRO J 183 40.08 -6.55 -2.03
N SER J 184 40.40 -5.25 -2.01
CA SER J 184 39.66 -4.28 -2.83
C SER J 184 40.28 -4.15 -4.22
N ARG J 185 40.85 -5.25 -4.71
CA ARG J 185 41.51 -5.23 -6.00
C ARG J 185 41.71 -6.67 -6.47
N ASN J 186 40.73 -7.21 -7.19
CA ASN J 186 40.84 -8.58 -7.72
C ASN J 186 40.82 -9.71 -6.68
N PRO J 187 39.83 -9.71 -5.79
CA PRO J 187 39.73 -10.77 -4.77
C PRO J 187 39.11 -12.04 -5.34
N HIS J 188 39.11 -12.17 -6.66
CA HIS J 188 38.53 -13.35 -7.29
C HIS J 188 39.65 -14.01 -8.07
N LEU J 189 40.80 -13.33 -8.06
CA LEU J 189 41.99 -13.78 -8.74
C LEU J 189 43.03 -14.18 -7.71
N THR J 190 43.74 -15.28 -7.98
CA THR J 190 44.79 -15.76 -7.08
C THR J 190 46.10 -15.08 -7.44
N LYS J 191 47.08 -15.14 -6.53
CA LYS J 191 48.38 -14.53 -6.78
C LYS J 191 48.98 -15.15 -8.04
N GLU J 192 48.49 -16.34 -8.39
CA GLU J 192 48.97 -17.07 -9.56
C GLU J 192 48.36 -16.43 -10.81
N ASP J 193 47.04 -16.28 -10.78
CA ASP J 193 46.26 -15.68 -11.86
C ASP J 193 46.80 -14.29 -12.20
N ILE J 194 46.93 -13.46 -11.17
CA ILE J 194 47.41 -12.09 -11.31
C ILE J 194 48.78 -12.01 -11.99
N GLU J 195 49.68 -12.93 -11.65
CA GLU J 195 50.98 -12.93 -12.28
C GLU J 195 50.81 -13.19 -13.77
N ASP J 196 49.97 -14.16 -14.11
CA ASP J 196 49.74 -14.50 -15.51
C ASP J 196 49.29 -13.28 -16.31
N LYS J 197 48.33 -12.54 -15.76
CA LYS J 197 47.84 -11.35 -16.44
C LYS J 197 49.03 -10.40 -16.70
N LEU J 198 49.74 -10.03 -15.62
CA LEU J 198 50.89 -9.14 -15.70
C LEU J 198 51.90 -9.65 -16.73
N LYS J 199 51.90 -10.96 -16.94
CA LYS J 199 52.82 -11.52 -17.90
C LYS J 199 52.25 -11.41 -19.31
N ASP J 200 50.94 -11.40 -19.45
CA ASP J 200 50.35 -11.32 -20.77
C ASP J 200 50.18 -9.93 -21.34
N TYR J 201 49.97 -8.96 -20.46
CA TYR J 201 49.76 -7.59 -20.90
C TYR J 201 50.99 -6.69 -20.79
N LEU J 202 52.05 -7.23 -20.20
CA LEU J 202 53.30 -6.49 -20.03
C LEU J 202 54.43 -7.23 -20.75
N ASN J 203 54.26 -8.53 -20.90
CA ASN J 203 55.24 -9.39 -21.54
C ASN J 203 56.43 -9.58 -20.60
N CYS J 204 56.13 -9.77 -19.32
CA CYS J 204 57.14 -9.98 -18.29
C CYS J 204 57.16 -11.44 -17.88
N VAL J 205 58.21 -12.15 -18.25
CA VAL J 205 58.33 -13.56 -17.91
C VAL J 205 58.61 -13.79 -16.42
N LYS J 206 58.78 -12.70 -15.65
CA LYS J 206 59.02 -12.81 -14.22
C LYS J 206 58.49 -11.63 -13.43
N VAL J 207 57.87 -11.93 -12.23
CA VAL J 207 57.30 -10.85 -11.42
C VAL J 207 57.91 -10.86 -10.01
N LEU J 208 58.58 -9.77 -9.69
CA LEU J 208 59.24 -9.57 -8.38
C LEU J 208 58.23 -8.97 -7.39
N TRP J 209 58.02 -9.68 -6.30
CA TRP J 209 57.01 -9.28 -5.31
C TRP J 209 57.59 -8.65 -4.04
N VAL J 210 57.73 -7.32 -4.09
CA VAL J 210 58.13 -6.56 -2.92
C VAL J 210 57.02 -6.72 -1.98
N LYS J 211 57.25 -6.49 -0.75
CA LYS J 211 56.22 -6.95 0.10
C LYS J 211 55.56 -6.06 1.12
N ASP J 212 55.65 -4.81 1.09
CA ASP J 212 54.88 -3.93 2.03
C ASP J 212 55.13 -2.61 1.38
N GLY J 213 54.31 -1.65 1.63
CA GLY J 213 54.52 -0.36 0.99
C GLY J 213 54.40 0.74 2.02
N ILE J 214 54.76 1.94 1.59
CA ILE J 214 54.68 3.09 2.47
C ILE J 214 53.36 3.84 2.25
N ASP J 215 52.40 3.15 1.69
CA ASP J 215 51.06 3.71 1.43
C ASP J 215 49.98 2.84 2.08
N PRO J 216 50.09 2.61 3.42
CA PRO J 216 49.22 1.76 4.23
C PRO J 216 47.74 1.67 3.84
N TYR J 217 47.05 2.81 3.83
CA TYR J 217 45.63 2.80 3.51
C TYR J 217 45.08 3.73 2.41
N GLU J 218 45.96 4.34 1.63
CA GLU J 218 45.50 5.19 0.53
C GLU J 218 45.57 4.44 -0.80
N THR J 219 46.76 4.47 -1.42
CA THR J 219 46.96 3.77 -2.68
C THR J 219 47.07 2.28 -2.40
N ASN J 220 47.15 1.95 -1.11
CA ASN J 220 47.27 0.57 -0.64
C ASN J 220 48.64 -0.01 -0.93
N GLY J 221 49.65 0.84 -0.75
CA GLY J 221 51.01 0.42 -0.96
C GLY J 221 51.50 0.23 -2.38
N HIS J 222 51.43 1.29 -3.19
CA HIS J 222 51.92 1.21 -4.55
C HIS J 222 53.43 1.09 -4.51
N ILE J 223 54.01 0.52 -5.57
CA ILE J 223 55.46 0.34 -5.63
C ILE J 223 56.20 1.57 -6.18
N ASP J 224 55.46 2.44 -6.87
CA ASP J 224 56.04 3.64 -7.46
C ASP J 224 56.34 4.68 -6.38
N ASP J 225 56.48 4.21 -5.15
CA ASP J 225 56.78 5.09 -4.02
C ASP J 225 58.04 4.58 -3.31
N VAL J 226 58.28 3.28 -3.40
CA VAL J 226 59.42 2.67 -2.75
C VAL J 226 60.61 2.38 -3.65
N ALA J 227 60.36 1.97 -4.88
CA ALA J 227 61.45 1.62 -5.80
C ALA J 227 61.03 1.65 -7.26
N CYS J 228 61.98 1.35 -8.15
CA CYS J 228 61.75 1.32 -9.59
C CYS J 228 63.00 0.88 -10.35
N PHE J 229 62.86 0.76 -11.66
CA PHE J 229 63.98 0.36 -12.52
C PHE J 229 64.66 1.57 -13.16
N ILE J 230 65.91 1.84 -12.76
CA ILE J 230 66.63 2.97 -13.32
C ILE J 230 67.36 2.58 -14.60
N ARG J 231 67.43 1.27 -14.86
CA ARG J 231 68.09 0.74 -16.03
C ARG J 231 67.86 -0.77 -15.96
N PRO J 232 67.76 -1.44 -17.11
CA PRO J 232 67.53 -2.89 -17.09
C PRO J 232 68.56 -3.63 -16.26
N GLY J 233 68.20 -3.93 -15.02
CA GLY J 233 69.13 -4.60 -14.13
C GLY J 233 69.37 -3.76 -12.88
N GLU J 234 69.62 -2.47 -13.07
CA GLU J 234 69.83 -1.57 -11.94
C GLU J 234 68.51 -0.95 -11.53
N VAL J 235 68.30 -0.78 -10.24
CA VAL J 235 67.05 -0.22 -9.72
C VAL J 235 67.27 0.86 -8.68
N ALA J 236 66.19 1.49 -8.24
CA ALA J 236 66.29 2.51 -7.22
C ALA J 236 65.57 1.97 -6.00
N CYS J 237 65.72 2.65 -4.88
CA CYS J 237 65.05 2.22 -3.67
C CYS J 237 65.33 3.16 -2.52
N ILE J 238 64.29 3.53 -1.79
CA ILE J 238 64.46 4.42 -0.65
C ILE J 238 65.20 3.65 0.45
N TYR J 239 66.04 4.36 1.21
CA TYR J 239 66.77 3.73 2.30
C TYR J 239 67.26 4.73 3.35
N THR J 240 66.85 4.49 4.60
CA THR J 240 67.24 5.35 5.72
C THR J 240 67.68 4.44 6.86
N ASP J 241 68.51 4.97 7.76
CA ASP J 241 68.98 4.17 8.88
C ASP J 241 68.27 4.56 10.16
N ASP J 242 67.56 5.67 10.10
CA ASP J 242 66.80 6.17 11.25
C ASP J 242 65.77 5.14 11.65
N LYS J 243 66.05 4.41 12.72
CA LYS J 243 65.14 3.37 13.19
C LYS J 243 63.86 3.91 13.81
N GLU J 244 63.67 5.23 13.72
CA GLU J 244 62.47 5.88 14.26
C GLU J 244 61.72 6.64 13.15
N HIS J 245 62.13 6.39 11.91
CA HIS J 245 61.52 7.01 10.75
C HIS J 245 60.36 6.12 10.29
N PRO J 246 59.17 6.71 10.06
CA PRO J 246 57.98 5.97 9.63
C PRO J 246 58.13 5.00 8.45
N PHE J 247 59.11 5.23 7.57
CA PHE J 247 59.33 4.35 6.41
C PHE J 247 60.51 3.41 6.61
N TYR J 248 61.18 3.52 7.76
CA TYR J 248 62.34 2.68 8.05
C TYR J 248 62.22 1.21 7.64
N GLN J 249 61.48 0.43 8.42
CA GLN J 249 61.34 -1.00 8.15
C GLN J 249 60.84 -1.40 6.77
N GLU J 250 59.82 -0.73 6.26
CA GLU J 250 59.30 -1.07 4.94
C GLU J 250 60.40 -0.87 3.91
N ALA J 251 61.15 0.24 4.05
CA ALA J 251 62.22 0.57 3.13
C ALA J 251 63.35 -0.45 3.20
N LYS J 252 63.79 -0.77 4.40
CA LYS J 252 64.85 -1.73 4.57
C LYS J 252 64.38 -3.11 4.11
N ALA J 253 63.17 -3.48 4.52
CA ALA J 253 62.57 -4.77 4.14
C ALA J 253 62.56 -4.91 2.63
N ALA J 254 62.40 -3.77 1.96
CA ALA J 254 62.37 -3.73 0.50
C ALA J 254 63.78 -3.87 -0.04
N TYR J 255 64.71 -3.13 0.56
CA TYR J 255 66.11 -3.15 0.14
C TYR J 255 66.69 -4.55 0.23
N ASP J 256 66.39 -5.24 1.32
CA ASP J 256 66.88 -6.60 1.51
C ASP J 256 66.31 -7.51 0.44
N PHE J 257 65.02 -7.31 0.12
CA PHE J 257 64.36 -8.11 -0.90
C PHE J 257 64.94 -7.86 -2.28
N LEU J 258 65.10 -6.58 -2.61
CA LEU J 258 65.64 -6.15 -3.89
C LEU J 258 67.02 -6.71 -4.16
N SER J 259 67.94 -6.35 -3.27
CA SER J 259 69.34 -6.78 -3.35
C SER J 259 69.52 -8.29 -3.48
N GLN J 260 68.60 -9.06 -2.89
CA GLN J 260 68.65 -10.52 -2.94
C GLN J 260 67.88 -11.05 -4.14
N GLN J 261 67.41 -10.14 -5.00
CA GLN J 261 66.62 -10.55 -6.15
C GLN J 261 67.25 -10.33 -7.52
N THR J 262 67.03 -11.30 -8.40
CA THR J 262 67.53 -11.26 -9.77
C THR J 262 66.36 -11.11 -10.76
N ASP J 263 66.65 -10.63 -11.96
CA ASP J 263 65.59 -10.46 -12.95
C ASP J 263 65.43 -11.65 -13.90
N ALA J 264 64.79 -11.40 -15.03
CA ALA J 264 64.54 -12.44 -16.01
C ALA J 264 65.81 -12.90 -16.71
N LYS J 265 66.48 -11.97 -17.39
CA LYS J 265 67.70 -12.31 -18.10
C LYS J 265 68.78 -12.91 -17.22
N GLY J 266 68.63 -12.79 -15.90
CA GLY J 266 69.60 -13.37 -14.99
C GLY J 266 70.49 -12.46 -14.16
N ARG J 267 70.84 -11.29 -14.69
CA ARG J 267 71.70 -10.37 -13.97
C ARG J 267 71.16 -10.00 -12.60
N PRO J 268 72.06 -9.75 -11.63
CA PRO J 268 71.64 -9.39 -10.27
C PRO J 268 71.18 -7.93 -10.30
N LEU J 269 70.38 -7.54 -9.32
CA LEU J 269 69.89 -6.17 -9.30
C LEU J 269 70.78 -5.21 -8.54
N LYS J 270 71.52 -4.39 -9.29
CA LYS J 270 72.40 -3.42 -8.69
C LYS J 270 71.55 -2.35 -7.99
N VAL J 271 71.08 -2.67 -6.80
CA VAL J 271 70.23 -1.75 -6.01
C VAL J 271 70.89 -0.41 -5.68
N HIS J 272 70.16 0.69 -5.84
CA HIS J 272 70.72 2.00 -5.50
C HIS J 272 70.10 2.51 -4.21
N LYS J 273 70.44 3.74 -3.85
CA LYS J 273 69.90 4.29 -2.63
C LYS J 273 69.39 5.71 -2.76
N MSE J 274 68.11 5.88 -2.47
CA MSE J 274 67.46 7.19 -2.51
C MSE J 274 67.28 7.56 -1.04
O MSE J 274 67.32 6.69 -0.17
CB MSE J 274 66.10 7.08 -3.21
CG MSE J 274 65.36 8.41 -3.44
SE MSE J 274 66.25 9.61 -4.73
CE MSE J 274 66.02 8.50 -6.33
N CYS J 275 67.10 8.84 -0.75
CA CYS J 275 66.90 9.25 0.63
C CYS J 275 65.44 9.58 0.87
N VAL J 276 65.08 9.69 2.14
CA VAL J 276 63.73 10.03 2.55
C VAL J 276 63.77 11.35 3.32
N THR J 277 62.68 12.10 3.30
CA THR J 277 62.64 13.36 4.02
C THR J 277 62.98 13.13 5.50
N LYS J 278 63.39 14.18 6.19
CA LYS J 278 63.74 14.09 7.60
C LYS J 278 62.59 14.76 8.37
N GLU J 279 61.71 15.42 7.61
CA GLU J 279 60.54 16.10 8.16
C GLU J 279 59.35 15.91 7.22
N PRO J 280 58.31 15.21 7.70
CA PRO J 280 57.11 14.96 6.90
C PRO J 280 56.33 16.24 6.57
N CYS J 281 55.70 16.29 5.40
CA CYS J 281 54.94 17.47 5.01
C CYS J 281 53.75 17.71 5.94
N TYR J 282 53.75 18.84 6.65
CA TYR J 282 52.63 19.15 7.55
C TYR J 282 51.53 19.91 6.82
N LEU J 283 50.42 19.21 6.57
CA LEU J 283 49.28 19.77 5.87
C LEU J 283 48.78 21.02 6.59
N GLN J 284 48.65 22.10 5.84
CA GLN J 284 48.17 23.35 6.41
C GLN J 284 46.89 23.80 5.71
N GLU J 285 46.16 24.71 6.35
CA GLU J 285 44.92 25.24 5.79
C GLU J 285 43.96 24.11 5.39
N ALA J 286 43.90 23.05 6.19
CA ALA J 286 43.03 21.90 5.92
C ALA J 286 41.52 22.22 5.91
N ALA J 287 41.15 23.38 6.45
CA ALA J 287 39.76 23.81 6.53
C ALA J 287 39.13 24.07 5.15
N THR J 288 39.92 24.54 4.20
CA THR J 288 39.41 24.83 2.87
C THR J 288 39.19 23.55 2.07
N ILE J 289 39.28 22.40 2.73
CA ILE J 289 39.07 21.11 2.06
C ILE J 289 37.71 20.52 2.43
N ASP J 290 36.69 20.85 1.62
CA ASP J 290 35.34 20.37 1.86
C ASP J 290 35.28 18.90 2.23
N TYR J 291 34.31 18.55 3.07
CA TYR J 291 34.12 17.17 3.51
C TYR J 291 32.72 16.67 3.13
N VAL J 292 32.68 15.44 2.63
CA VAL J 292 31.43 14.80 2.21
C VAL J 292 30.51 14.60 3.41
N GLU J 300 43.85 19.02 10.74
CA GLU J 300 44.89 19.81 10.10
C GLU J 300 46.26 19.52 10.73
N GLY J 301 47.32 19.75 9.96
CA GLY J 301 48.66 19.48 10.45
C GLY J 301 49.02 18.01 10.37
N GLU J 302 48.12 17.22 9.82
CA GLU J 302 48.36 15.78 9.67
C GLU J 302 49.44 15.52 8.62
N MSE J 303 50.26 14.51 8.87
CA MSE J 303 51.34 14.18 7.95
C MSE J 303 50.86 13.61 6.63
O MSE J 303 49.84 12.92 6.58
CB MSE J 303 52.31 13.18 8.61
CG MSE J 303 52.85 13.66 9.96
SE MSE J 303 52.68 12.28 11.38
CE MSE J 303 50.93 12.79 12.14
N ALA J 304 51.61 13.89 5.58
CA ALA J 304 51.32 13.43 4.23
C ALA J 304 52.61 12.88 3.62
N ILE J 305 52.49 11.76 2.90
CA ILE J 305 53.64 11.14 2.26
C ILE J 305 54.43 12.14 1.41
N ALA J 306 55.76 11.96 1.37
CA ALA J 306 56.65 12.82 0.57
C ALA J 306 57.89 11.98 0.23
N SER J 307 57.80 11.22 -0.87
CA SER J 307 58.89 10.34 -1.30
C SER J 307 59.63 10.89 -2.53
N TYR J 308 60.95 10.80 -2.51
CA TYR J 308 61.78 11.28 -3.63
C TYR J 308 61.80 10.27 -4.76
N LEU J 309 61.31 9.06 -4.48
CA LEU J 309 61.29 8.00 -5.47
C LEU J 309 60.20 8.31 -6.51
N ASN J 310 59.38 9.31 -6.20
CA ASN J 310 58.30 9.74 -7.09
C ASN J 310 58.83 10.71 -8.14
N PHE J 311 59.72 10.20 -9.01
CA PHE J 311 60.28 11.04 -10.06
C PHE J 311 59.94 10.47 -11.44
N LEU J 312 59.86 11.36 -12.42
CA LEU J 312 59.52 10.93 -13.78
C LEU J 312 60.81 10.85 -14.59
N ILE J 313 60.92 9.79 -15.40
CA ILE J 313 62.08 9.56 -16.23
C ILE J 313 61.82 9.88 -17.71
N VAL J 314 61.96 11.15 -18.09
CA VAL J 314 61.77 11.51 -19.49
C VAL J 314 63.09 11.18 -20.19
N ASN J 315 63.17 11.43 -21.49
CA ASN J 315 64.41 11.15 -22.20
C ASN J 315 65.30 12.40 -22.09
N GLY J 316 66.53 12.19 -21.63
CA GLY J 316 67.47 13.27 -21.45
C GLY J 316 67.13 14.23 -20.31
N GLY J 317 66.41 13.74 -19.31
CA GLY J 317 66.03 14.60 -18.20
C GLY J 317 65.30 13.88 -17.08
N ILE J 318 65.31 14.49 -15.90
CA ILE J 318 64.63 13.92 -14.75
C ILE J 318 63.87 15.01 -14.03
N ILE J 319 62.64 14.71 -13.64
CA ILE J 319 61.81 15.67 -12.94
C ILE J 319 61.67 15.10 -11.54
N LEU J 320 62.34 15.73 -10.58
CA LEU J 320 62.33 15.26 -9.20
C LEU J 320 61.63 16.21 -8.24
N PRO J 321 60.93 15.66 -7.23
CA PRO J 321 60.22 16.44 -6.23
C PRO J 321 61.14 17.11 -5.21
N GLN J 322 60.81 18.35 -4.85
CA GLN J 322 61.58 19.12 -3.88
C GLN J 322 60.62 19.71 -2.85
N TYR J 323 60.39 18.96 -1.77
CA TYR J 323 59.47 19.39 -0.72
C TYR J 323 60.01 20.50 0.19
N GLY J 324 61.31 20.73 0.14
CA GLY J 324 61.90 21.75 1.01
C GLY J 324 62.28 21.08 2.32
N ASP J 325 62.80 19.86 2.18
CA ASP J 325 63.23 19.04 3.29
C ASP J 325 64.73 19.21 3.50
N GLU J 326 65.23 18.64 4.59
CA GLU J 326 66.64 18.68 4.94
C GLU J 326 67.45 17.82 3.96
N ASN J 327 66.99 16.59 3.76
CA ASN J 327 67.65 15.67 2.85
C ASN J 327 67.15 15.89 1.42
N ASP J 328 66.89 17.16 1.08
CA ASP J 328 66.39 17.53 -0.25
C ASP J 328 67.51 17.59 -1.29
N GLN J 329 68.48 18.48 -1.09
CA GLN J 329 69.58 18.64 -2.02
C GLN J 329 70.31 17.32 -2.22
N LEU J 330 70.24 16.45 -1.21
CA LEU J 330 70.88 15.13 -1.28
C LEU J 330 70.19 14.27 -2.32
N ALA J 331 68.86 14.40 -2.38
CA ALA J 331 68.05 13.64 -3.33
C ALA J 331 68.47 13.96 -4.75
N LYS J 332 68.62 15.26 -5.03
CA LYS J 332 69.03 15.70 -6.37
C LYS J 332 70.41 15.17 -6.72
N GLN J 333 71.26 15.02 -5.70
CA GLN J 333 72.62 14.51 -5.87
C GLN J 333 72.55 13.02 -6.17
N GLN J 334 71.80 12.31 -5.34
CA GLN J 334 71.66 10.86 -5.51
C GLN J 334 71.16 10.49 -6.90
N VAL J 335 70.04 11.12 -7.30
CA VAL J 335 69.43 10.85 -8.61
C VAL J 335 70.39 11.17 -9.74
N GLN J 336 71.24 12.15 -9.49
CA GLN J 336 72.25 12.61 -10.44
C GLN J 336 73.22 11.47 -10.73
N GLU J 337 73.61 10.75 -9.68
CA GLU J 337 74.53 9.62 -9.78
C GLU J 337 73.94 8.57 -10.72
N MSE J 338 72.71 8.16 -10.42
CA MSE J 338 71.99 7.16 -11.19
C MSE J 338 71.94 7.51 -12.68
O MSE J 338 72.32 6.72 -13.54
CB MSE J 338 70.57 7.02 -10.66
CG MSE J 338 70.50 6.86 -9.15
SE MSE J 338 68.72 7.15 -8.44
CE MSE J 338 68.67 5.75 -7.06
N PHE J 339 71.45 8.70 -12.98
CA PHE J 339 71.36 9.13 -14.36
C PHE J 339 72.32 10.28 -14.61
N PRO J 340 73.61 9.96 -14.80
CA PRO J 340 74.65 10.96 -15.05
C PRO J 340 74.41 11.73 -16.35
N ASP J 341 74.13 10.99 -17.41
CA ASP J 341 73.89 11.59 -18.70
C ASP J 341 72.42 12.03 -18.84
N ARG J 342 71.90 12.70 -17.83
CA ARG J 342 70.52 13.18 -17.83
C ARG J 342 70.40 14.41 -16.95
N LYS J 343 69.99 15.53 -17.53
CA LYS J 343 69.82 16.74 -16.73
C LYS J 343 68.71 16.55 -15.72
N VAL J 344 69.00 16.81 -14.45
CA VAL J 344 67.99 16.65 -13.42
C VAL J 344 67.41 18.01 -13.05
N VAL J 345 66.08 18.09 -13.01
CA VAL J 345 65.37 19.32 -12.64
C VAL J 345 64.47 19.00 -11.45
N GLY J 346 64.31 19.96 -10.54
CA GLY J 346 63.47 19.72 -9.39
C GLY J 346 62.43 20.81 -9.20
N VAL J 347 61.21 20.41 -8.81
CA VAL J 347 60.12 21.37 -8.60
C VAL J 347 59.40 21.18 -7.25
N ARG J 348 58.87 22.27 -6.70
CA ARG J 348 58.17 22.23 -5.43
C ARG J 348 56.83 21.50 -5.57
N THR J 349 56.89 20.18 -5.78
CA THR J 349 55.69 19.37 -5.94
C THR J 349 55.18 18.89 -4.57
N GLU J 350 55.47 19.69 -3.57
CA GLU J 350 55.06 19.41 -2.20
C GLU J 350 53.57 19.69 -2.07
N GLU J 351 53.10 20.70 -2.80
CA GLU J 351 51.69 21.10 -2.76
C GLU J 351 50.75 20.00 -3.28
N ILE J 352 51.28 19.11 -4.12
CA ILE J 352 50.48 18.02 -4.66
C ILE J 352 50.65 16.79 -3.78
N ALA J 353 51.69 16.80 -2.96
CA ALA J 353 51.96 15.68 -2.05
C ALA J 353 50.91 15.73 -0.96
N TYR J 354 50.20 16.85 -0.86
CA TYR J 354 49.14 17.00 0.13
C TYR J 354 47.87 16.30 -0.40
N GLY J 355 47.95 15.83 -1.63
CA GLY J 355 46.81 15.16 -2.24
C GLY J 355 47.00 13.66 -2.29
N GLY J 356 48.16 13.20 -1.83
CA GLY J 356 48.43 11.77 -1.82
C GLY J 356 48.99 11.28 -3.13
N GLY J 357 50.26 11.59 -3.39
CA GLY J 357 50.91 11.18 -4.63
C GLY J 357 51.76 12.31 -5.17
N ASN J 358 52.82 11.98 -5.91
CA ASN J 358 53.69 13.01 -6.47
C ASN J 358 53.91 12.93 -7.98
N ILE J 359 54.83 13.76 -8.46
CA ILE J 359 55.19 13.90 -9.87
C ILE J 359 54.94 12.68 -10.73
N HIS J 360 55.28 11.55 -10.21
CA HIS J 360 55.10 10.30 -10.97
C HIS J 360 53.61 9.96 -11.07
N CYS J 361 52.96 10.05 -9.93
CA CYS J 361 51.54 9.73 -9.80
C CYS J 361 50.64 10.64 -10.66
N ILE J 362 51.20 11.72 -11.19
CA ILE J 362 50.40 12.69 -11.98
C ILE J 362 50.84 12.80 -13.46
N THR J 363 51.71 11.92 -13.89
CA THR J 363 52.16 11.92 -15.30
C THR J 363 52.03 10.52 -15.89
N GLN J 364 52.23 10.49 -17.19
CA GLN J 364 52.15 9.27 -17.98
C GLN J 364 52.80 9.55 -19.34
N GLN J 365 53.92 8.90 -19.57
CA GLN J 365 54.68 9.11 -20.80
C GLN J 365 54.30 8.09 -21.86
N GLN J 366 54.39 8.58 -23.09
CA GLN J 366 54.10 7.82 -24.32
C GLN J 366 55.41 7.56 -25.06
N PRO J 367 55.82 6.28 -25.22
CA PRO J 367 57.06 5.93 -25.92
C PRO J 367 56.99 6.31 -27.40
N ALA J 368 58.03 7.01 -27.86
CA ALA J 368 58.12 7.43 -29.29
C ALA J 368 58.14 6.20 -30.20
N THR J 369 58.07 6.41 -31.51
CA THR J 369 58.01 5.27 -32.44
C THR J 369 58.84 5.39 -33.74
N LEU J 370 58.29 6.11 -34.69
CA LEU J 370 58.81 6.13 -36.08
C LEU J 370 57.97 5.10 -36.81
N ALA K 2 -7.71 -47.58 36.88
CA ALA K 2 -7.14 -46.54 35.97
C ALA K 2 -7.85 -46.58 34.62
N LYS K 3 -9.17 -46.34 34.65
CA LYS K 3 -9.97 -46.36 33.43
C LYS K 3 -10.19 -44.97 32.82
N ARG K 4 -11.09 -44.90 31.83
CA ARG K 4 -11.38 -43.65 31.13
C ARG K 4 -12.86 -43.35 31.05
N ILE K 5 -13.31 -42.33 31.77
CA ILE K 5 -14.71 -41.95 31.70
C ILE K 5 -14.88 -41.32 30.33
N LYS K 6 -15.94 -41.70 29.62
CA LYS K 6 -16.11 -41.16 28.29
C LYS K 6 -17.46 -40.61 27.87
N ASN K 7 -18.49 -40.80 28.67
CA ASN K 7 -19.80 -40.30 28.26
C ASN K 7 -20.29 -39.04 28.97
N THR K 8 -19.45 -38.48 29.83
CA THR K 8 -19.83 -37.31 30.57
C THR K 8 -18.61 -36.41 30.76
N THR K 9 -18.86 -35.16 31.16
CA THR K 9 -17.77 -34.21 31.36
C THR K 9 -17.62 -33.84 32.83
N PRO K 10 -16.39 -33.47 33.24
CA PRO K 10 -16.10 -33.09 34.62
C PRO K 10 -17.16 -32.17 35.26
N LYS K 11 -17.72 -31.26 34.46
CA LYS K 11 -18.73 -30.35 34.96
C LYS K 11 -19.93 -31.12 35.48
N GLN K 12 -20.39 -32.10 34.71
CA GLN K 12 -21.52 -32.91 35.09
C GLN K 12 -21.13 -33.87 36.20
N ASP K 13 -19.93 -34.44 36.08
CA ASP K 13 -19.42 -35.41 37.06
C ASP K 13 -19.07 -34.77 38.40
N GLY K 14 -19.09 -33.44 38.46
CA GLY K 14 -18.76 -32.76 39.70
C GLY K 14 -17.29 -32.73 40.04
N PHE K 15 -16.45 -32.35 39.08
CA PHE K 15 -15.02 -32.24 39.31
C PHE K 15 -14.56 -30.87 38.82
N ARG K 16 -13.41 -30.43 39.30
CA ARG K 16 -12.88 -29.11 38.94
C ARG K 16 -11.39 -28.99 39.20
N MSE K 17 -10.67 -28.44 38.23
CA MSE K 17 -9.25 -28.25 38.40
C MSE K 17 -9.10 -27.26 39.55
O MSE K 17 -9.49 -26.09 39.42
CB MSE K 17 -8.62 -27.67 37.12
CG MSE K 17 -7.15 -27.26 37.31
SE MSE K 17 -6.32 -26.49 35.70
CE MSE K 17 -4.44 -26.88 36.09
N PRO K 18 -8.54 -27.70 40.69
CA PRO K 18 -8.33 -26.90 41.89
C PRO K 18 -7.15 -25.96 41.65
N GLY K 19 -7.15 -24.85 42.36
CA GLY K 19 -6.08 -23.88 42.22
C GLY K 19 -4.69 -24.45 42.47
N GLU K 20 -3.75 -24.03 41.65
CA GLU K 20 -2.37 -24.49 41.76
C GLU K 20 -1.85 -24.38 43.19
N PHE K 21 -2.31 -23.36 43.89
CA PHE K 21 -1.90 -23.11 45.27
C PHE K 21 -2.49 -24.06 46.29
N GLU K 22 -3.67 -24.62 46.00
CA GLU K 22 -4.31 -25.55 46.93
C GLU K 22 -3.35 -26.67 47.35
N LYS K 23 -3.73 -27.41 48.39
CA LYS K 23 -2.90 -28.50 48.90
C LYS K 23 -2.69 -29.58 47.84
N GLN K 24 -1.45 -30.06 47.78
CA GLN K 24 -1.09 -31.05 46.80
C GLN K 24 -0.20 -32.16 47.33
N LYS K 25 -0.43 -33.39 46.84
CA LYS K 25 0.32 -34.56 47.26
C LYS K 25 1.77 -34.62 46.79
N GLN K 26 2.05 -34.19 45.56
CA GLN K 26 3.42 -34.23 45.03
C GLN K 26 3.54 -33.49 43.72
N ILE K 27 4.70 -33.60 43.12
CA ILE K 27 4.94 -32.96 41.84
C ILE K 27 5.59 -33.90 40.84
N TRP K 28 5.11 -33.83 39.61
CA TRP K 28 5.62 -34.64 38.51
C TRP K 28 6.49 -33.81 37.60
N MSE K 29 7.60 -34.40 37.15
CA MSE K 29 8.51 -33.77 36.20
C MSE K 29 9.33 -34.78 35.38
O MSE K 29 9.75 -35.81 35.91
CB MSE K 29 9.42 -32.73 36.90
CG MSE K 29 10.26 -33.23 38.08
SE MSE K 29 11.38 -31.79 38.90
CE MSE K 29 12.83 -31.74 37.58
N LEU K 30 9.50 -34.49 34.10
CA LEU K 30 10.24 -35.35 33.18
C LEU K 30 11.77 -35.22 33.24
N TRP K 31 12.46 -35.60 32.18
CA TRP K 31 13.92 -35.54 32.16
C TRP K 31 14.45 -35.22 30.77
N PRO K 32 15.15 -34.08 30.65
CA PRO K 32 15.72 -33.65 29.37
C PRO K 32 16.79 -34.57 28.84
N TRP K 33 16.77 -34.82 27.53
CA TRP K 33 17.77 -35.71 26.93
C TRP K 33 18.17 -35.38 25.49
N ARG K 34 17.22 -35.02 24.64
CA ARG K 34 17.55 -34.78 23.24
C ARG K 34 18.52 -33.65 22.91
N ASN K 35 19.53 -33.96 22.10
CA ASN K 35 20.54 -32.98 21.69
C ASN K 35 20.01 -31.98 20.66
N ASP K 36 18.82 -32.25 20.14
CA ASP K 36 18.17 -31.39 19.16
C ASP K 36 17.82 -30.08 19.83
N ASN K 37 17.58 -30.13 21.14
CA ASN K 37 17.19 -28.93 21.86
C ASN K 37 18.11 -28.50 23.00
N TRP K 38 18.66 -29.45 23.74
CA TRP K 38 19.54 -29.12 24.86
C TRP K 38 21.01 -29.24 24.52
N ARG K 39 21.77 -28.19 24.82
CA ARG K 39 23.19 -28.17 24.52
C ARG K 39 23.99 -29.10 25.39
N LEU K 40 25.19 -29.43 24.92
CA LEU K 40 26.09 -30.31 25.64
C LEU K 40 25.42 -31.61 26.11
N GLY K 41 24.86 -32.37 25.18
CA GLY K 41 24.22 -33.62 25.54
C GLY K 41 23.13 -33.51 26.59
N ALA K 42 22.74 -32.28 26.91
CA ALA K 42 21.70 -32.02 27.90
C ALA K 42 22.18 -32.18 29.34
N LYS K 43 23.47 -32.50 29.49
CA LYS K 43 24.04 -32.67 30.82
C LYS K 43 23.76 -31.47 31.73
N PRO K 44 23.97 -30.24 31.23
CA PRO K 44 23.72 -29.05 32.03
C PRO K 44 22.26 -28.96 32.43
N ALA K 45 21.39 -29.05 31.45
CA ALA K 45 19.96 -28.95 31.71
C ALA K 45 19.55 -30.00 32.74
N GLN K 46 20.17 -31.17 32.66
CA GLN K 46 19.84 -32.24 33.60
C GLN K 46 20.13 -31.80 35.03
N LYS K 47 21.32 -31.27 35.25
CA LYS K 47 21.72 -30.78 36.56
C LYS K 47 20.74 -29.70 36.99
N ALA K 48 20.31 -28.89 36.04
CA ALA K 48 19.39 -27.82 36.31
C ALA K 48 18.06 -28.43 36.75
N PHE K 49 17.73 -29.58 36.17
CA PHE K 49 16.48 -30.25 36.53
C PHE K 49 16.64 -30.91 37.88
N LEU K 50 17.82 -31.48 38.12
CA LEU K 50 18.14 -32.13 39.39
C LEU K 50 17.88 -31.19 40.55
N GLU K 51 18.39 -29.95 40.44
CA GLU K 51 18.22 -28.95 41.48
C GLU K 51 16.75 -28.63 41.63
N VAL K 52 16.12 -28.10 40.59
CA VAL K 52 14.71 -27.74 40.66
C VAL K 52 13.89 -28.87 41.29
N ALA K 53 14.42 -30.08 41.21
CA ALA K 53 13.76 -31.24 41.79
C ALA K 53 14.08 -31.27 43.27
N GLU K 54 15.37 -31.27 43.57
CA GLU K 54 15.81 -31.28 44.95
C GLU K 54 15.13 -30.16 45.76
N ALA K 55 14.75 -29.09 45.07
CA ALA K 55 14.10 -27.95 45.70
C ALA K 55 12.71 -28.31 46.23
N ILE K 56 11.91 -28.97 45.39
CA ILE K 56 10.56 -29.35 45.79
C ILE K 56 10.65 -30.28 46.99
N SER K 57 11.76 -31.02 47.07
CA SER K 57 12.03 -31.99 48.13
C SER K 57 11.58 -31.58 49.52
N GLU K 58 12.01 -30.40 49.94
CA GLU K 58 11.67 -29.92 51.26
C GLU K 58 10.20 -29.51 51.47
N PHE K 59 9.38 -29.61 50.44
CA PHE K 59 7.99 -29.21 50.60
C PHE K 59 7.01 -30.35 50.42
N GLU K 60 7.35 -31.27 49.51
CA GLU K 60 6.54 -32.44 49.19
C GLU K 60 7.36 -33.38 48.35
N PRO K 61 6.84 -34.58 48.07
CA PRO K 61 7.56 -35.56 47.25
C PRO K 61 7.54 -35.22 45.76
N VAL K 62 8.58 -35.69 45.09
CA VAL K 62 8.75 -35.49 43.65
C VAL K 62 8.76 -36.82 42.92
N SER K 63 8.08 -36.84 41.78
CA SER K 63 7.97 -38.02 40.91
C SER K 63 8.71 -37.70 39.62
N LEU K 64 9.99 -38.02 39.61
CA LEU K 64 10.87 -37.78 38.49
C LEU K 64 10.79 -38.92 37.46
N CYS K 65 10.20 -38.67 36.29
CA CYS K 65 10.06 -39.71 35.27
C CYS K 65 11.12 -39.63 34.18
N VAL K 66 12.04 -40.59 34.14
CA VAL K 66 13.06 -40.48 33.11
C VAL K 66 13.08 -41.65 32.12
N PRO K 67 13.40 -41.34 30.85
CA PRO K 67 13.46 -42.35 29.80
C PRO K 67 14.40 -43.42 30.30
N PRO K 68 14.18 -44.68 29.87
CA PRO K 68 14.94 -45.88 30.20
C PRO K 68 16.44 -45.79 29.98
N LEU K 69 16.85 -44.93 29.05
CA LEU K 69 18.27 -44.76 28.72
C LEU K 69 19.07 -43.90 29.70
N GLN K 70 18.38 -43.01 30.40
CA GLN K 70 19.03 -42.13 31.38
C GLN K 70 18.43 -42.41 32.75
N TYR K 71 18.03 -43.66 33.01
CA TYR K 71 17.43 -44.00 34.29
C TYR K 71 18.49 -44.21 35.36
N GLU K 72 19.34 -45.22 35.16
CA GLU K 72 20.40 -45.51 36.09
C GLU K 72 21.09 -44.23 36.52
N ASN K 73 21.31 -43.34 35.56
CA ASN K 73 21.95 -42.06 35.82
C ASN K 73 21.17 -41.19 36.81
N ALA K 74 19.93 -40.88 36.48
CA ALA K 74 19.10 -40.04 37.34
C ALA K 74 18.98 -40.57 38.77
N LEU K 75 18.96 -41.89 38.90
CA LEU K 75 18.84 -42.51 40.21
C LEU K 75 20.14 -42.42 41.00
N ALA K 76 21.27 -42.43 40.28
CA ALA K 76 22.57 -42.33 40.93
C ALA K 76 22.79 -40.89 41.38
N ARG K 77 22.15 -39.94 40.72
CA ARG K 77 22.30 -38.54 41.09
C ARG K 77 21.32 -38.12 42.18
N VAL K 78 20.14 -38.75 42.23
CA VAL K 78 19.14 -38.40 43.23
C VAL K 78 19.46 -39.03 44.57
N SER K 79 20.24 -40.11 44.54
CA SER K 79 20.64 -40.78 45.79
C SER K 79 21.88 -40.06 46.28
N GLU K 80 22.59 -39.46 45.33
CA GLU K 80 23.79 -38.70 45.60
C GLU K 80 23.44 -37.41 46.34
N LEU K 81 22.15 -37.06 46.34
CA LEU K 81 21.69 -35.85 47.01
C LEU K 81 20.94 -36.23 48.29
N GLY K 82 21.36 -37.32 48.92
CA GLY K 82 20.72 -37.78 50.14
C GLY K 82 19.58 -38.74 49.85
N SER K 83 18.82 -38.43 48.80
CA SER K 83 17.66 -39.22 48.38
C SER K 83 16.62 -39.21 49.50
N HIS K 84 15.73 -38.22 49.46
CA HIS K 84 14.72 -38.12 50.49
C HIS K 84 13.35 -38.66 50.05
N ASN K 85 12.54 -37.78 49.48
CA ASN K 85 11.20 -38.18 49.03
C ASN K 85 11.02 -38.05 47.52
N ILE K 86 12.11 -38.28 46.79
CA ILE K 86 12.12 -38.21 45.35
C ILE K 86 12.19 -39.63 44.77
N ARG K 87 11.20 -40.02 43.96
CA ARG K 87 11.18 -41.35 43.34
C ARG K 87 11.38 -41.24 41.83
N ILE K 88 12.22 -42.12 41.31
CA ILE K 88 12.49 -42.13 39.88
C ILE K 88 11.70 -43.23 39.21
N ILE K 89 10.68 -42.87 38.42
CA ILE K 89 9.88 -43.86 37.71
C ILE K 89 10.27 -43.84 36.24
N GLU K 90 10.34 -45.01 35.62
CA GLU K 90 10.73 -45.09 34.22
C GLU K 90 9.60 -44.60 33.30
N MSE K 91 9.92 -43.63 32.44
CA MSE K 91 8.93 -43.11 31.50
C MSE K 91 9.58 -42.46 30.29
O MSE K 91 10.46 -41.61 30.44
CB MSE K 91 8.04 -42.11 32.19
CG MSE K 91 6.81 -41.77 31.39
SE MSE K 91 5.50 -40.72 32.35
CE MSE K 91 5.36 -41.74 33.99
N THR K 92 9.17 -42.86 29.08
CA THR K 92 9.71 -42.30 27.83
C THR K 92 9.02 -40.98 27.46
N ASN K 93 9.76 -40.10 26.80
CA ASN K 93 9.21 -38.80 26.37
C ASN K 93 10.10 -38.23 25.30
N ASP K 94 9.52 -37.47 24.39
CA ASP K 94 10.30 -36.86 23.32
C ASP K 94 11.03 -35.63 23.82
N ASP K 95 10.47 -35.03 24.86
CA ASP K 95 11.04 -33.85 25.50
C ASP K 95 10.41 -33.66 26.87
N ALA K 96 11.18 -33.07 27.79
CA ALA K 96 10.73 -32.86 29.17
C ALA K 96 9.85 -31.63 29.40
N TRP K 97 8.54 -31.78 29.23
CA TRP K 97 7.61 -30.66 29.46
C TRP K 97 6.28 -31.13 30.07
N ILE K 98 6.42 -31.93 31.13
CA ILE K 98 5.28 -32.49 31.84
C ILE K 98 4.14 -31.48 32.03
N ARG K 99 4.46 -30.19 32.03
CA ARG K 99 3.45 -29.16 32.21
C ARG K 99 2.43 -29.18 31.10
N ASP K 100 2.88 -29.44 29.89
CA ASP K 100 1.98 -29.44 28.75
C ASP K 100 1.37 -30.78 28.42
N CYS K 101 2.21 -31.73 28.03
CA CYS K 101 1.73 -33.05 27.68
C CYS K 101 1.10 -33.75 28.88
N GLY K 102 1.64 -33.51 30.07
CA GLY K 102 1.11 -34.13 31.29
C GLY K 102 -0.38 -34.07 31.56
N PRO K 103 -0.88 -34.77 32.59
CA PRO K 103 -2.31 -34.77 32.92
C PRO K 103 -2.68 -33.56 33.75
N THR K 104 -3.90 -33.08 33.56
CA THR K 104 -4.40 -31.91 34.29
C THR K 104 -5.44 -32.50 35.22
N PHE K 105 -5.01 -32.84 36.43
CA PHE K 105 -5.89 -33.44 37.43
C PHE K 105 -7.18 -32.69 37.79
N LEU K 106 -8.09 -33.40 38.44
CA LEU K 106 -9.36 -32.82 38.84
C LEU K 106 -9.69 -33.34 40.22
N VAL K 107 -10.77 -32.83 40.80
CA VAL K 107 -11.18 -33.26 42.12
C VAL K 107 -12.65 -32.97 42.30
N ASN K 108 -13.34 -33.83 43.06
CA ASN K 108 -14.76 -33.68 43.31
C ASN K 108 -15.01 -33.13 44.70
N ASP K 109 -13.93 -32.82 45.40
CA ASP K 109 -13.98 -32.27 46.75
C ASP K 109 -14.62 -33.24 47.72
N LYS K 110 -14.49 -34.53 47.41
CA LYS K 110 -15.07 -35.59 48.22
C LYS K 110 -14.07 -36.72 48.40
N GLY K 111 -12.84 -36.45 47.95
CA GLY K 111 -11.78 -37.43 48.04
C GLY K 111 -11.30 -38.00 46.72
N ASP K 112 -12.23 -38.24 45.80
CA ASP K 112 -11.92 -38.81 44.48
C ASP K 112 -10.99 -37.90 43.67
N LEU K 113 -10.09 -38.51 42.89
CA LEU K 113 -9.15 -37.77 42.05
C LEU K 113 -9.28 -38.25 40.61
N ARG K 114 -9.72 -37.34 39.74
CA ARG K 114 -9.89 -37.63 38.33
C ARG K 114 -8.84 -36.88 37.53
N ALA K 115 -9.06 -36.68 36.23
CA ALA K 115 -8.10 -35.94 35.39
C ALA K 115 -8.61 -35.73 33.96
N VAL K 116 -8.04 -34.75 33.27
CA VAL K 116 -8.45 -34.48 31.90
C VAL K 116 -7.22 -34.54 31.02
N ASP K 117 -7.19 -35.52 30.12
CA ASP K 117 -6.06 -35.68 29.21
C ASP K 117 -6.39 -35.00 27.89
N TRP K 118 -5.61 -33.97 27.55
CA TRP K 118 -5.81 -33.21 26.32
C TRP K 118 -4.99 -33.85 25.19
N GLU K 119 -5.16 -33.32 24.00
CA GLU K 119 -4.42 -33.82 22.85
C GLU K 119 -3.18 -32.96 22.76
N PHE K 120 -2.03 -33.59 22.54
CA PHE K 120 -0.77 -32.86 22.45
C PHE K 120 -0.17 -32.99 21.06
N ASN K 121 0.19 -31.88 20.42
CA ASN K 121 0.77 -31.98 19.09
C ASN K 121 2.08 -31.21 18.97
N ALA K 122 2.79 -31.10 20.08
CA ALA K 122 4.07 -30.40 20.15
C ALA K 122 3.95 -28.90 19.89
N TRP K 123 2.91 -28.29 20.45
CA TRP K 123 2.69 -26.87 20.29
C TRP K 123 2.53 -26.49 18.81
N GLY K 124 1.46 -26.96 18.19
CA GLY K 124 1.25 -26.64 16.79
C GLY K 124 1.03 -27.87 15.91
N GLY K 125 1.97 -28.81 15.97
CA GLY K 125 1.84 -30.01 15.18
C GLY K 125 2.67 -29.99 13.92
N LEU K 126 2.10 -30.53 12.86
CA LEU K 126 2.78 -30.56 11.57
C LEU K 126 2.73 -29.18 10.95
N VAL K 127 1.94 -28.30 11.58
CA VAL K 127 1.79 -26.95 11.08
C VAL K 127 2.81 -26.01 11.72
N ASP K 128 3.02 -26.13 13.02
CA ASP K 128 3.96 -25.23 13.66
C ASP K 128 4.62 -25.83 14.89
N GLY K 129 4.56 -27.16 15.01
CA GLY K 129 5.16 -27.81 16.15
C GLY K 129 6.67 -27.59 16.24
N LEU K 130 7.18 -27.69 17.45
CA LEU K 130 8.61 -27.52 17.72
C LEU K 130 9.43 -28.68 17.15
N TYR K 131 8.98 -29.91 17.38
CA TYR K 131 9.66 -31.10 16.86
C TYR K 131 8.61 -32.02 16.24
N PHE K 132 9.02 -33.06 15.52
CA PHE K 132 8.03 -33.93 14.88
C PHE K 132 7.48 -35.11 15.66
N PRO K 133 8.29 -36.16 15.90
CA PRO K 133 7.71 -37.29 16.64
C PRO K 133 7.31 -36.84 18.06
N TRP K 134 6.00 -36.70 18.29
CA TRP K 134 5.45 -36.28 19.61
C TRP K 134 4.48 -37.30 20.17
N ASP K 135 4.58 -38.52 19.65
CA ASP K 135 3.72 -39.61 20.04
C ASP K 135 4.03 -40.15 21.43
N GLN K 136 5.31 -40.14 21.82
CA GLN K 136 5.67 -40.63 23.14
C GLN K 136 5.20 -39.66 24.23
N ASP K 137 5.16 -38.37 23.90
CA ASP K 137 4.72 -37.35 24.85
C ASP K 137 3.21 -37.48 25.01
N ALA K 138 2.50 -37.74 23.92
CA ALA K 138 1.06 -37.90 24.02
C ALA K 138 0.72 -39.13 24.87
N LEU K 139 1.74 -39.87 25.27
CA LEU K 139 1.50 -41.05 26.10
C LEU K 139 1.69 -40.71 27.57
N VAL K 140 2.62 -39.81 27.83
CA VAL K 140 2.94 -39.38 29.18
C VAL K 140 1.73 -39.14 30.07
N ALA K 141 0.73 -38.39 29.59
CA ALA K 141 -0.46 -38.12 30.41
C ALA K 141 -1.22 -39.38 30.82
N ARG K 142 -1.46 -40.26 29.86
CA ARG K 142 -2.17 -41.52 30.13
C ARG K 142 -1.34 -42.40 31.06
N LYS K 143 -0.05 -42.50 30.76
CA LYS K 143 0.86 -43.32 31.55
C LYS K 143 0.93 -42.91 33.04
N VAL K 144 1.02 -41.62 33.28
CA VAL K 144 1.08 -41.13 34.65
C VAL K 144 -0.26 -41.33 35.39
N CYS K 145 -1.37 -41.30 34.67
CA CYS K 145 -2.63 -41.54 35.35
C CYS K 145 -2.75 -43.02 35.69
N GLU K 146 -1.96 -43.86 35.02
CA GLU K 146 -2.05 -45.29 35.27
C GLU K 146 -1.40 -45.74 36.55
N ILE K 147 -0.21 -45.20 36.79
CA ILE K 147 0.54 -45.57 37.98
C ILE K 147 0.08 -44.79 39.18
N GLU K 148 -1.05 -44.11 39.04
CA GLU K 148 -1.57 -43.33 40.16
C GLU K 148 -2.98 -43.75 40.53
N GLY K 149 -3.56 -44.60 39.69
CA GLY K 149 -4.91 -45.07 39.95
C GLY K 149 -5.94 -43.96 39.88
N VAL K 150 -5.95 -43.25 38.76
CA VAL K 150 -6.87 -42.15 38.57
C VAL K 150 -7.43 -42.14 37.16
N ASP K 151 -8.76 -42.21 37.07
CA ASP K 151 -9.45 -42.21 35.78
C ASP K 151 -9.18 -40.91 35.04
N SER K 152 -9.59 -40.82 33.77
CA SER K 152 -9.32 -39.61 33.02
C SER K 152 -10.35 -39.38 31.94
N TYR K 153 -10.44 -38.12 31.52
CA TYR K 153 -11.36 -37.69 30.48
C TYR K 153 -10.48 -37.37 29.28
N LYS K 154 -10.87 -37.83 28.09
CA LYS K 154 -10.10 -37.56 26.87
C LYS K 154 -10.81 -36.59 25.94
N THR K 155 -10.22 -35.41 25.77
CA THR K 155 -10.76 -34.37 24.91
C THR K 155 -10.36 -34.69 23.46
N LYS K 156 -11.12 -35.56 22.81
CA LYS K 156 -10.79 -35.95 21.45
C LYS K 156 -10.84 -34.78 20.48
N ASP K 157 -9.77 -34.69 19.69
CA ASP K 157 -9.58 -33.65 18.68
C ASP K 157 -9.38 -32.25 19.22
N PHE K 158 -9.28 -32.14 20.55
CA PHE K 158 -9.06 -30.85 21.19
C PHE K 158 -7.62 -30.81 21.73
N VAL K 159 -6.74 -30.13 21.01
CA VAL K 159 -5.33 -30.03 21.42
C VAL K 159 -5.03 -28.82 22.32
N LEU K 160 -4.78 -29.09 23.60
CA LEU K 160 -4.46 -28.04 24.55
C LEU K 160 -3.30 -28.48 25.43
N GLU K 161 -2.45 -27.54 25.83
CA GLU K 161 -1.32 -27.89 26.68
C GLU K 161 -1.49 -27.25 28.05
N GLY K 162 -1.11 -28.00 29.09
CA GLY K 162 -1.25 -27.51 30.46
C GLY K 162 -0.85 -26.07 30.71
N GLY K 163 0.41 -25.72 30.42
CA GLY K 163 0.86 -24.36 30.66
C GLY K 163 0.31 -23.28 29.72
N SER K 164 -0.94 -23.39 29.32
CA SER K 164 -1.55 -22.39 28.44
C SER K 164 -2.83 -21.91 29.12
N ILE K 165 -3.03 -22.38 30.34
CA ILE K 165 -4.20 -22.02 31.10
C ILE K 165 -3.93 -22.01 32.60
N HIS K 166 -4.42 -20.96 33.25
CA HIS K 166 -4.27 -20.80 34.69
C HIS K 166 -5.66 -20.66 35.29
N VAL K 167 -5.87 -21.39 36.39
CA VAL K 167 -7.17 -21.41 37.04
C VAL K 167 -7.17 -21.03 38.53
N ASP K 168 -8.31 -20.53 38.98
CA ASP K 168 -8.51 -20.17 40.36
C ASP K 168 -9.64 -21.07 40.86
N GLY K 169 -9.57 -21.48 42.13
CA GLY K 169 -10.59 -22.34 42.69
C GLY K 169 -11.94 -22.33 42.01
N GLU K 170 -12.56 -21.15 41.90
CA GLU K 170 -13.89 -21.03 41.29
C GLU K 170 -13.98 -20.67 39.82
N GLY K 171 -15.02 -21.22 39.18
CA GLY K 171 -15.29 -21.03 37.76
C GLY K 171 -14.62 -19.97 36.91
N THR K 172 -13.29 -19.93 36.91
CA THR K 172 -12.60 -18.93 36.11
C THR K 172 -11.24 -19.43 35.69
N VAL K 173 -10.86 -19.16 34.45
CA VAL K 173 -9.57 -19.59 33.96
C VAL K 173 -8.94 -18.46 33.15
N LEU K 174 -7.61 -18.48 33.08
CA LEU K 174 -6.87 -17.46 32.33
C LEU K 174 -6.19 -18.02 31.08
N VAL K 175 -6.82 -17.86 29.92
CA VAL K 175 -6.24 -18.33 28.66
C VAL K 175 -5.69 -17.17 27.85
N THR K 176 -4.85 -17.48 26.86
CA THR K 176 -4.22 -16.47 26.01
C THR K 176 -4.64 -16.68 24.54
N GLU K 177 -5.63 -15.93 24.05
CA GLU K 177 -6.12 -16.10 22.68
C GLU K 177 -5.09 -16.17 21.57
N MSE K 178 -3.94 -15.52 21.75
CA MSE K 178 -2.90 -15.56 20.72
C MSE K 178 -2.36 -17.00 20.55
O MSE K 178 -1.59 -17.28 19.62
CB MSE K 178 -1.76 -14.61 21.09
CG MSE K 178 -0.67 -14.50 20.02
SE MSE K 178 1.10 -15.03 20.66
CE MSE K 178 2.03 -13.33 20.41
N CYS K 179 -2.76 -17.89 21.45
CA CYS K 179 -2.34 -19.29 21.42
C CYS K 179 -3.50 -20.23 21.18
N LEU K 180 -4.48 -20.22 22.09
CA LEU K 180 -5.63 -21.12 21.94
C LEU K 180 -6.37 -20.97 20.62
N LEU K 181 -6.20 -19.81 19.98
CA LEU K 181 -6.87 -19.53 18.71
C LEU K 181 -5.94 -19.72 17.51
N HIS K 182 -4.65 -19.83 17.79
CA HIS K 182 -3.64 -20.03 16.76
C HIS K 182 -4.17 -21.08 15.78
N PRO K 183 -3.90 -20.91 14.48
CA PRO K 183 -4.39 -21.88 13.50
C PRO K 183 -3.85 -23.30 13.71
N SER K 184 -2.69 -23.43 14.36
CA SER K 184 -2.09 -24.75 14.61
C SER K 184 -2.59 -25.33 15.92
N ARG K 185 -3.83 -25.02 16.26
CA ARG K 185 -4.39 -25.49 17.52
C ARG K 185 -5.92 -25.31 17.48
N ASN K 186 -6.63 -26.32 16.98
CA ASN K 186 -8.10 -26.25 16.93
C ASN K 186 -8.69 -25.25 15.95
N PRO K 187 -8.26 -25.28 14.68
CA PRO K 187 -8.79 -24.35 13.68
C PRO K 187 -10.14 -24.81 13.14
N HIS K 188 -10.80 -25.71 13.86
CA HIS K 188 -12.09 -26.22 13.41
C HIS K 188 -13.09 -25.86 14.49
N LEU K 189 -12.55 -25.27 15.55
CA LEU K 189 -13.32 -24.84 16.70
C LEU K 189 -13.34 -23.32 16.76
N THR K 190 -14.50 -22.75 17.08
CA THR K 190 -14.65 -21.30 17.18
C THR K 190 -14.26 -20.86 18.58
N LYS K 191 -14.03 -19.57 18.77
CA LYS K 191 -13.67 -19.05 20.09
C LYS K 191 -14.80 -19.36 21.07
N GLU K 192 -15.98 -19.62 20.52
CA GLU K 192 -17.16 -19.93 21.32
C GLU K 192 -17.06 -21.38 21.80
N ASP K 193 -16.81 -22.27 20.84
CA ASP K 193 -16.65 -23.71 21.08
C ASP K 193 -15.57 -23.95 22.13
N ILE K 194 -14.39 -23.36 21.90
CA ILE K 194 -13.25 -23.50 22.79
C ILE K 194 -13.56 -23.10 24.23
N GLU K 195 -14.31 -22.04 24.40
CA GLU K 195 -14.67 -21.60 25.74
C GLU K 195 -15.51 -22.69 26.39
N ASP K 196 -16.46 -23.23 25.65
CA ASP K 196 -17.34 -24.28 26.17
C ASP K 196 -16.53 -25.46 26.71
N LYS K 197 -15.56 -25.90 25.91
CA LYS K 197 -14.73 -27.01 26.32
C LYS K 197 -14.06 -26.67 27.66
N LEU K 198 -13.32 -25.55 27.69
CA LEU K 198 -12.64 -25.08 28.90
C LEU K 198 -13.60 -25.00 30.07
N LYS K 199 -14.87 -24.79 29.76
CA LYS K 199 -15.85 -24.71 30.83
C LYS K 199 -16.29 -26.10 31.27
N ASP K 200 -16.23 -27.08 30.36
CA ASP K 200 -16.67 -28.42 30.73
C ASP K 200 -15.62 -29.30 31.37
N TYR K 201 -14.36 -29.08 31.02
CA TYR K 201 -13.29 -29.88 31.56
C TYR K 201 -12.51 -29.23 32.71
N LEU K 202 -12.83 -27.97 32.98
CA LEU K 202 -12.19 -27.23 34.07
C LEU K 202 -13.24 -26.79 35.09
N ASN K 203 -14.47 -26.66 34.61
CA ASN K 203 -15.59 -26.24 35.44
C ASN K 203 -15.47 -24.74 35.73
N CYS K 204 -15.08 -23.99 34.70
CA CYS K 204 -14.92 -22.55 34.79
C CYS K 204 -16.08 -21.86 34.09
N VAL K 205 -16.96 -21.23 34.86
CA VAL K 205 -18.11 -20.53 34.30
C VAL K 205 -17.72 -19.25 33.56
N LYS K 206 -16.44 -18.88 33.60
CA LYS K 206 -15.96 -17.69 32.91
C LYS K 206 -14.52 -17.79 32.43
N VAL K 207 -14.26 -17.29 31.18
CA VAL K 207 -12.89 -17.38 30.64
C VAL K 207 -12.38 -15.99 30.26
N LEU K 208 -11.30 -15.61 30.94
CA LEU K 208 -10.62 -14.30 30.74
C LEU K 208 -9.60 -14.43 29.60
N TRP K 209 -9.78 -13.62 28.58
CA TRP K 209 -8.93 -13.70 27.38
C TRP K 209 -7.89 -12.58 27.28
N VAL K 210 -6.71 -12.88 27.85
CA VAL K 210 -5.56 -12.00 27.71
C VAL K 210 -5.23 -12.03 26.28
N LYS K 211 -4.54 -11.08 25.82
CA LYS K 211 -4.54 -11.04 24.40
C LYS K 211 -3.26 -10.99 23.61
N ASP K 212 -2.13 -11.28 24.09
CA ASP K 212 -0.89 -11.37 23.26
C ASP K 212 0.03 -12.00 24.25
N GLY K 213 1.05 -12.62 23.81
CA GLY K 213 1.96 -13.29 24.76
C GLY K 213 3.38 -12.93 24.43
N ILE K 214 4.26 -13.32 25.32
CA ILE K 214 5.69 -13.05 25.13
C ILE K 214 6.38 -14.28 24.52
N ASP K 215 5.58 -15.12 23.90
CA ASP K 215 6.08 -16.34 23.23
C ASP K 215 5.64 -16.35 21.77
N PRO K 216 5.98 -15.28 21.00
CA PRO K 216 5.60 -15.06 19.60
C PRO K 216 5.47 -16.29 18.69
N TYR K 217 6.54 -17.06 18.56
CA TYR K 217 6.52 -18.22 17.67
C TYR K 217 6.94 -19.59 18.21
N GLU K 218 7.10 -19.73 19.52
CA GLU K 218 7.47 -21.03 20.08
C GLU K 218 6.23 -21.71 20.66
N THR K 219 5.91 -21.38 21.91
CA THR K 219 4.75 -21.95 22.58
C THR K 219 3.50 -21.28 22.01
N ASN K 220 3.73 -20.24 21.22
CA ASN K 220 2.66 -19.46 20.59
C ASN K 220 1.92 -18.61 21.59
N GLY K 221 2.68 -18.04 22.51
CA GLY K 221 2.11 -17.17 23.52
C GLY K 221 1.32 -17.80 24.64
N HIS K 222 1.94 -18.69 25.40
CA HIS K 222 1.27 -19.31 26.53
C HIS K 222 1.07 -18.25 27.61
N ILE K 223 0.07 -18.45 28.47
CA ILE K 223 -0.21 -17.50 29.53
C ILE K 223 0.62 -17.73 30.80
N ASP K 224 1.18 -18.93 30.92
CA ASP K 224 2.00 -19.27 32.09
C ASP K 224 3.36 -18.59 32.03
N ASP K 225 3.43 -17.51 31.26
CA ASP K 225 4.66 -16.75 31.11
C ASP K 225 4.40 -15.28 31.49
N VAL K 226 3.16 -14.85 31.30
CA VAL K 226 2.80 -13.47 31.57
C VAL K 226 2.08 -13.24 32.88
N ALA K 227 1.21 -14.16 33.29
CA ALA K 227 0.44 -14.00 34.51
C ALA K 227 -0.11 -15.30 35.07
N CYS K 228 -0.81 -15.23 36.19
CA CYS K 228 -1.43 -16.39 36.85
C CYS K 228 -2.22 -15.98 38.08
N PHE K 229 -2.86 -16.95 38.70
CA PHE K 229 -3.67 -16.72 39.90
C PHE K 229 -2.87 -17.03 41.17
N ILE K 230 -2.57 -16.00 41.95
CA ILE K 230 -1.82 -16.21 43.19
C ILE K 230 -2.76 -16.52 44.35
N ARG K 231 -4.05 -16.31 44.13
CA ARG K 231 -5.07 -16.56 45.14
C ARG K 231 -6.38 -16.27 44.43
N PRO K 232 -7.46 -16.96 44.80
CA PRO K 232 -8.76 -16.72 44.15
C PRO K 232 -9.16 -15.26 44.20
N GLY K 233 -8.90 -14.53 43.11
CA GLY K 233 -9.22 -13.12 43.08
C GLY K 233 -7.95 -12.31 42.80
N GLU K 234 -6.87 -12.63 43.51
CA GLU K 234 -5.61 -11.92 43.30
C GLU K 234 -4.77 -12.68 42.29
N VAL K 235 -4.07 -11.95 41.43
CA VAL K 235 -3.27 -12.57 40.38
C VAL K 235 -1.87 -11.98 40.29
N ALA K 236 -1.04 -12.55 39.43
CA ALA K 236 0.30 -12.03 39.24
C ALA K 236 0.36 -11.51 37.82
N CYS K 237 1.44 -10.81 37.50
CA CYS K 237 1.60 -10.28 36.17
C CYS K 237 2.90 -9.54 36.01
N ILE K 238 3.62 -9.82 34.93
CA ILE K 238 4.88 -9.13 34.68
C ILE K 238 4.59 -7.67 34.35
N TYR K 239 5.47 -6.76 34.76
CA TYR K 239 5.30 -5.34 34.48
C TYR K 239 6.61 -4.56 34.55
N THR K 240 6.94 -3.88 33.45
CA THR K 240 8.14 -3.07 33.36
C THR K 240 7.76 -1.74 32.73
N ASP K 241 8.55 -0.70 33.00
CA ASP K 241 8.24 0.62 32.45
C ASP K 241 9.18 0.95 31.30
N ASP K 242 10.22 0.12 31.16
CA ASP K 242 11.19 0.31 30.09
C ASP K 242 10.50 0.18 28.75
N LYS K 243 10.27 1.32 28.10
CA LYS K 243 9.58 1.32 26.81
C LYS K 243 10.42 0.76 25.67
N GLU K 244 11.59 0.22 26.01
CA GLU K 244 12.50 -0.36 25.01
C GLU K 244 12.78 -1.84 25.34
N HIS K 245 12.01 -2.36 26.29
CA HIS K 245 12.14 -3.76 26.70
C HIS K 245 11.23 -4.61 25.82
N PRO K 246 11.76 -5.70 25.26
CA PRO K 246 11.01 -6.61 24.38
C PRO K 246 9.62 -7.07 24.86
N PHE K 247 9.40 -7.11 26.18
CA PHE K 247 8.11 -7.55 26.73
C PHE K 247 7.24 -6.37 27.20
N TYR K 248 7.76 -5.15 27.06
CA TYR K 248 7.03 -3.96 27.49
C TYR K 248 5.54 -3.94 27.16
N GLN K 249 5.20 -3.67 25.91
CA GLN K 249 3.81 -3.58 25.49
C GLN K 249 2.92 -4.77 25.79
N GLU K 250 3.40 -5.99 25.53
CA GLU K 250 2.57 -7.16 25.80
C GLU K 250 2.26 -7.21 27.29
N ALA K 251 3.26 -6.91 28.12
CA ALA K 251 3.10 -6.94 29.57
C ALA K 251 2.12 -5.87 30.04
N LYS K 252 2.30 -4.65 29.56
CA LYS K 252 1.41 -3.57 29.95
C LYS K 252 0.01 -3.85 29.42
N ALA K 253 -0.07 -4.27 28.16
CA ALA K 253 -1.36 -4.59 27.51
C ALA K 253 -2.10 -5.62 28.34
N ALA K 254 -1.34 -6.49 28.98
CA ALA K 254 -1.89 -7.54 29.81
C ALA K 254 -2.36 -6.96 31.13
N TYR K 255 -1.50 -6.12 31.72
CA TYR K 255 -1.78 -5.49 33.00
C TYR K 255 -3.07 -4.67 32.94
N ASP K 256 -3.24 -3.91 31.86
CA ASP K 256 -4.41 -3.09 31.67
C ASP K 256 -5.64 -3.99 31.57
N PHE K 257 -5.50 -5.11 30.86
CA PHE K 257 -6.60 -6.05 30.69
C PHE K 257 -6.98 -6.70 32.02
N LEU K 258 -5.97 -7.17 32.73
CA LEU K 258 -6.15 -7.84 34.01
C LEU K 258 -6.85 -6.96 35.03
N SER K 259 -6.24 -5.81 35.31
CA SER K 259 -6.76 -4.84 36.27
C SER K 259 -8.21 -4.40 35.98
N GLN K 260 -8.60 -4.40 34.72
CA GLN K 260 -9.94 -4.01 34.30
C GLN K 260 -10.87 -5.23 34.25
N GLN K 261 -10.36 -6.37 34.68
CA GLN K 261 -11.15 -7.60 34.64
C GLN K 261 -11.55 -8.21 35.98
N THR K 262 -12.78 -8.72 36.01
CA THR K 262 -13.34 -9.36 37.20
C THR K 262 -13.53 -10.86 36.93
N ASP K 263 -13.61 -11.65 38.01
CA ASP K 263 -13.79 -13.08 37.85
C ASP K 263 -15.25 -13.53 37.89
N ALA K 264 -15.44 -14.83 38.15
CA ALA K 264 -16.76 -15.40 38.20
C ALA K 264 -17.56 -14.93 39.40
N LYS K 265 -17.04 -15.21 40.59
CA LYS K 265 -17.75 -14.81 41.80
C LYS K 265 -18.01 -13.31 41.91
N GLY K 266 -17.33 -12.53 41.08
CA GLY K 266 -17.56 -11.09 41.08
C GLY K 266 -16.46 -10.17 41.56
N ARG K 267 -15.64 -10.62 42.51
CA ARG K 267 -14.57 -9.78 43.03
C ARG K 267 -13.62 -9.28 41.95
N PRO K 268 -13.07 -8.07 42.14
CA PRO K 268 -12.15 -7.48 41.16
C PRO K 268 -10.82 -8.20 41.30
N LEU K 269 -9.99 -8.15 40.26
CA LEU K 269 -8.70 -8.81 40.33
C LEU K 269 -7.58 -7.95 40.87
N LYS K 270 -7.20 -8.20 42.11
CA LYS K 270 -6.13 -7.45 42.74
C LYS K 270 -4.82 -7.81 42.05
N VAL K 271 -4.57 -7.19 40.90
CA VAL K 271 -3.36 -7.45 40.11
C VAL K 271 -2.05 -7.14 40.83
N HIS K 272 -1.06 -8.03 40.74
CA HIS K 272 0.22 -7.77 41.38
C HIS K 272 1.25 -7.41 40.34
N LYS K 273 2.50 -7.24 40.78
CA LYS K 273 3.55 -6.89 39.85
C LYS K 273 4.83 -7.70 40.01
N MSE K 274 5.19 -8.40 38.94
CA MSE K 274 6.41 -9.19 38.90
C MSE K 274 7.36 -8.38 38.03
O MSE K 274 6.92 -7.51 37.28
CB MSE K 274 6.12 -10.55 38.26
CG MSE K 274 7.29 -11.56 38.27
SE MSE K 274 7.77 -12.19 40.07
CE MSE K 274 6.13 -13.17 40.46
N CYS K 275 8.66 -8.64 38.14
CA CYS K 275 9.62 -7.89 37.32
C CYS K 275 10.13 -8.78 36.20
N VAL K 276 10.77 -8.15 35.23
CA VAL K 276 11.35 -8.85 34.09
C VAL K 276 12.86 -8.63 34.10
N THR K 277 13.62 -9.57 33.53
CA THR K 277 15.06 -9.42 33.50
C THR K 277 15.43 -8.10 32.83
N LYS K 278 16.64 -7.62 33.08
CA LYS K 278 17.12 -6.37 32.49
C LYS K 278 18.12 -6.77 31.40
N GLU K 279 18.48 -8.06 31.40
CA GLU K 279 19.40 -8.63 30.43
C GLU K 279 18.94 -10.02 30.02
N PRO K 280 18.58 -10.19 28.73
CA PRO K 280 18.11 -11.47 28.22
C PRO K 280 19.20 -12.56 28.24
N CYS K 281 18.80 -13.81 28.47
CA CYS K 281 19.77 -14.91 28.51
C CYS K 281 20.46 -15.10 27.15
N TYR K 282 21.77 -14.90 27.11
CA TYR K 282 22.51 -15.09 25.86
C TYR K 282 22.98 -16.54 25.70
N LEU K 283 22.31 -17.25 24.80
CA LEU K 283 22.63 -18.65 24.52
C LEU K 283 24.09 -18.81 24.14
N GLN K 284 24.78 -19.71 24.83
CA GLN K 284 26.18 -19.96 24.55
C GLN K 284 26.40 -21.41 24.14
N GLU K 285 27.54 -21.68 23.53
CA GLU K 285 27.88 -23.03 23.09
C GLU K 285 26.77 -23.65 22.25
N ALA K 286 26.14 -22.85 21.39
CA ALA K 286 25.05 -23.31 20.52
C ALA K 286 25.44 -24.40 19.51
N ALA K 287 26.74 -24.56 19.29
CA ALA K 287 27.27 -25.55 18.35
C ALA K 287 26.98 -27.00 18.75
N THR K 288 26.96 -27.27 20.06
CA THR K 288 26.71 -28.62 20.54
C THR K 288 25.24 -28.99 20.42
N ILE K 289 24.46 -28.16 19.74
CA ILE K 289 23.03 -28.42 19.55
C ILE K 289 22.74 -28.91 18.12
N ASP K 290 22.78 -30.23 17.94
CA ASP K 290 22.55 -30.84 16.63
C ASP K 290 21.37 -30.21 15.90
N TYR K 291 21.47 -30.17 14.57
CA TYR K 291 20.40 -29.63 13.73
C TYR K 291 19.90 -30.68 12.74
N VAL K 292 18.59 -30.74 12.60
CA VAL K 292 17.92 -31.69 11.71
C VAL K 292 18.31 -31.40 10.26
N GLU K 300 24.36 -18.61 17.40
CA GLU K 300 24.73 -18.58 18.80
C GLU K 300 24.61 -17.16 19.37
N GLY K 301 24.43 -17.07 20.69
CA GLY K 301 24.30 -15.76 21.32
C GLY K 301 22.91 -15.19 21.16
N GLU K 302 22.01 -15.96 20.55
CA GLU K 302 20.63 -15.53 20.34
C GLU K 302 19.89 -15.48 21.67
N MSE K 303 19.01 -14.50 21.82
CA MSE K 303 18.26 -14.34 23.05
C MSE K 303 17.23 -15.43 23.27
O MSE K 303 16.66 -15.97 22.32
CB MSE K 303 17.55 -12.98 23.06
CG MSE K 303 18.49 -11.80 22.85
SE MSE K 303 17.84 -10.54 21.44
CE MSE K 303 18.76 -11.30 19.86
N ALA K 304 17.00 -15.76 24.54
CA ALA K 304 16.04 -16.77 24.95
C ALA K 304 15.19 -16.21 26.09
N ILE K 305 13.90 -16.49 26.06
CA ILE K 305 12.97 -16.02 27.08
C ILE K 305 13.48 -16.36 28.49
N ALA K 306 13.21 -15.46 29.44
CA ALA K 306 13.59 -15.66 30.85
C ALA K 306 12.58 -14.85 31.70
N SER K 307 11.46 -15.48 32.04
CA SER K 307 10.39 -14.84 32.81
C SER K 307 10.34 -15.36 34.25
N TYR K 308 10.16 -14.44 35.22
CA TYR K 308 10.09 -14.81 36.63
C TYR K 308 8.69 -15.33 36.98
N LEU K 309 7.75 -15.13 36.06
CA LEU K 309 6.38 -15.57 36.26
C LEU K 309 6.32 -17.08 36.17
N ASN K 310 7.40 -17.69 35.69
CA ASN K 310 7.51 -19.14 35.55
C ASN K 310 7.92 -19.78 36.86
N PHE K 311 7.04 -19.67 37.86
CA PHE K 311 7.32 -20.25 39.16
C PHE K 311 6.26 -21.31 39.52
N LEU K 312 6.67 -22.28 40.33
CA LEU K 312 5.75 -23.34 40.73
C LEU K 312 5.24 -23.03 42.13
N ILE K 313 3.94 -23.25 42.34
CA ILE K 313 3.30 -23.01 43.62
C ILE K 313 3.01 -24.31 44.38
N VAL K 314 3.99 -24.82 45.11
CA VAL K 314 3.76 -26.03 45.89
C VAL K 314 3.07 -25.55 47.18
N ASN K 315 2.76 -26.48 48.08
CA ASN K 315 2.12 -26.09 49.33
C ASN K 315 3.23 -25.75 50.34
N GLY K 316 3.14 -24.56 50.92
CA GLY K 316 4.12 -24.10 51.88
C GLY K 316 5.48 -23.79 51.27
N GLY K 317 5.51 -23.42 49.98
CA GLY K 317 6.77 -23.12 49.34
C GLY K 317 6.65 -22.63 47.91
N ILE K 318 7.68 -21.95 47.43
CA ILE K 318 7.69 -21.43 46.06
C ILE K 318 9.04 -21.73 45.44
N ILE K 319 9.01 -22.19 44.20
CA ILE K 319 10.23 -22.49 43.49
C ILE K 319 10.30 -21.45 42.38
N LEU K 320 11.22 -20.51 42.52
CA LEU K 320 11.36 -19.41 41.57
C LEU K 320 12.68 -19.45 40.80
N PRO K 321 12.62 -19.06 39.51
CA PRO K 321 13.82 -19.04 38.64
C PRO K 321 14.77 -17.90 38.96
N GLN K 322 16.07 -18.19 38.89
CA GLN K 322 17.11 -17.20 39.17
C GLN K 322 18.15 -17.26 38.05
N TYR K 323 17.92 -16.46 37.00
CA TYR K 323 18.82 -16.43 35.84
C TYR K 323 20.17 -15.74 36.07
N GLY K 324 20.26 -14.97 37.15
CA GLY K 324 21.48 -14.25 37.41
C GLY K 324 21.40 -12.91 36.72
N ASP K 325 20.20 -12.33 36.81
CA ASP K 325 19.87 -11.04 36.21
C ASP K 325 20.00 -9.96 37.27
N GLU K 326 19.89 -8.71 36.83
CA GLU K 326 19.98 -7.54 37.69
C GLU K 326 18.73 -7.47 38.57
N ASN K 327 17.56 -7.59 37.95
CA ASN K 327 16.29 -7.56 38.68
C ASN K 327 15.95 -8.94 39.21
N ASP K 328 16.98 -9.68 39.62
CA ASP K 328 16.81 -11.04 40.14
C ASP K 328 16.35 -11.06 41.60
N GLN K 329 17.17 -10.51 42.49
CA GLN K 329 16.85 -10.48 43.91
C GLN K 329 15.52 -9.79 44.15
N LEU K 330 15.15 -8.90 43.23
CA LEU K 330 13.88 -8.18 43.32
C LEU K 330 12.71 -9.13 43.13
N ALA K 331 12.90 -10.09 42.21
CA ALA K 331 11.89 -11.08 41.90
C ALA K 331 11.56 -11.89 43.14
N LYS K 332 12.60 -12.33 43.84
CA LYS K 332 12.43 -13.12 45.06
C LYS K 332 11.71 -12.31 46.13
N GLN K 333 11.93 -11.00 46.13
CA GLN K 333 11.29 -10.09 47.07
C GLN K 333 9.83 -9.95 46.72
N GLN K 334 9.57 -9.67 45.45
CA GLN K 334 8.20 -9.49 44.97
C GLN K 334 7.32 -10.71 45.27
N VAL K 335 7.80 -11.90 44.88
CA VAL K 335 7.07 -13.15 45.09
C VAL K 335 6.82 -13.39 46.57
N GLN K 336 7.77 -12.92 47.38
CA GLN K 336 7.71 -13.03 48.84
C GLN K 336 6.48 -12.29 49.37
N GLU K 337 6.24 -11.10 48.81
CA GLU K 337 5.09 -10.27 49.18
C GLU K 337 3.80 -11.04 48.96
N MSE K 338 3.64 -11.53 47.73
CA MSE K 338 2.46 -12.29 47.31
C MSE K 338 2.18 -13.46 48.24
O MSE K 338 1.07 -13.61 48.78
CB MSE K 338 2.67 -12.81 45.90
CG MSE K 338 3.15 -11.76 44.93
SE MSE K 338 3.83 -12.51 43.27
CE MSE K 338 3.14 -11.20 41.98
N PHE K 339 3.17 -14.31 48.45
CA PHE K 339 3.00 -15.45 49.32
C PHE K 339 3.87 -15.29 50.56
N PRO K 340 3.40 -14.49 51.53
CA PRO K 340 4.14 -14.25 52.77
C PRO K 340 4.32 -15.52 53.59
N ASP K 341 3.23 -16.26 53.76
CA ASP K 341 3.27 -17.50 54.53
C ASP K 341 3.71 -18.67 53.66
N ARG K 342 4.78 -18.47 52.90
CA ARG K 342 5.31 -19.52 52.02
C ARG K 342 6.80 -19.32 51.82
N LYS K 343 7.61 -20.29 52.20
CA LYS K 343 9.05 -20.15 52.02
C LYS K 343 9.38 -20.13 50.53
N VAL K 344 10.11 -19.11 50.10
CA VAL K 344 10.46 -19.01 48.70
C VAL K 344 11.90 -19.49 48.48
N VAL K 345 12.09 -20.37 47.49
CA VAL K 345 13.40 -20.91 47.14
C VAL K 345 13.67 -20.58 45.69
N GLY K 346 14.92 -20.30 45.35
CA GLY K 346 15.26 -19.98 43.97
C GLY K 346 16.38 -20.82 43.44
N VAL K 347 16.28 -21.24 42.17
CA VAL K 347 17.32 -22.07 41.54
C VAL K 347 17.75 -21.55 40.17
N ARG K 348 19.01 -21.80 39.80
CA ARG K 348 19.54 -21.36 38.53
C ARG K 348 18.92 -22.16 37.37
N THR K 349 17.64 -21.91 37.11
CA THR K 349 16.93 -22.60 36.04
C THR K 349 17.08 -21.85 34.71
N GLU K 350 18.21 -21.16 34.61
CA GLU K 350 18.55 -20.40 33.42
C GLU K 350 18.96 -21.37 32.32
N GLU K 351 19.63 -22.47 32.71
CA GLU K 351 20.10 -23.47 31.76
C GLU K 351 18.96 -24.16 31.01
N ILE K 352 17.76 -24.17 31.61
CA ILE K 352 16.61 -24.79 30.96
C ILE K 352 15.84 -23.73 30.19
N ALA K 353 16.11 -22.47 30.50
CA ALA K 353 15.46 -21.36 29.81
C ALA K 353 16.03 -21.29 28.40
N TYR K 354 17.13 -21.99 28.18
CA TYR K 354 17.75 -22.04 26.85
C TYR K 354 17.00 -23.05 25.99
N GLY K 355 16.05 -23.75 26.61
CA GLY K 355 15.27 -24.76 25.90
C GLY K 355 13.88 -24.26 25.57
N GLY K 356 13.57 -23.06 26.03
CA GLY K 356 12.26 -22.49 25.77
C GLY K 356 11.23 -22.91 26.79
N GLY K 357 11.31 -22.34 27.99
CA GLY K 357 10.38 -22.67 29.05
C GLY K 357 11.12 -22.78 30.37
N ASN K 358 10.43 -22.52 31.49
CA ASN K 358 11.08 -22.61 32.80
C ASN K 358 10.36 -23.50 33.81
N ILE K 359 10.86 -23.46 35.04
CA ILE K 359 10.38 -24.25 36.17
C ILE K 359 8.93 -24.69 36.09
N HIS K 360 8.09 -23.79 35.68
CA HIS K 360 6.66 -24.13 35.59
C HIS K 360 6.42 -25.08 34.42
N CYS K 361 7.02 -24.74 33.31
CA CYS K 361 6.88 -25.49 32.05
C CYS K 361 7.43 -26.94 32.18
N ILE K 362 8.14 -27.22 33.27
CA ILE K 362 8.75 -28.57 33.43
C ILE K 362 8.22 -29.35 34.66
N THR K 363 7.17 -28.83 35.27
CA THR K 363 6.56 -29.52 36.43
C THR K 363 5.05 -29.66 36.22
N GLN K 364 4.48 -30.43 37.11
CA GLN K 364 3.05 -30.72 37.12
C GLN K 364 2.70 -31.31 38.47
N GLN K 365 1.93 -30.57 39.23
CA GLN K 365 1.57 -30.99 40.58
C GLN K 365 0.22 -31.72 40.59
N GLN K 366 0.16 -32.65 41.53
CA GLN K 366 -1.01 -33.50 41.77
C GLN K 366 -1.66 -33.09 43.10
N PRO K 367 -2.92 -32.59 43.09
CA PRO K 367 -3.61 -32.18 44.32
C PRO K 367 -3.88 -33.34 45.24
N ALA K 368 -3.51 -33.19 46.51
CA ALA K 368 -3.72 -34.24 47.54
C ALA K 368 -5.21 -34.53 47.69
N THR K 369 -5.56 -35.57 48.46
CA THR K 369 -6.97 -35.94 48.59
C THR K 369 -7.45 -36.35 50.00
N LEU K 370 -7.16 -37.57 50.38
CA LEU K 370 -7.74 -38.20 51.58
C LEU K 370 -8.92 -38.99 51.03
N ALA L 2 27.91 -62.82 1.77
CA ALA L 2 28.41 -62.46 3.14
C ALA L 2 28.20 -63.63 4.09
N LYS L 3 28.84 -64.75 3.78
CA LYS L 3 28.74 -65.96 4.60
C LYS L 3 29.87 -66.12 5.60
N ARG L 4 29.93 -67.29 6.23
CA ARG L 4 30.94 -67.58 7.25
C ARG L 4 31.66 -68.90 7.01
N ILE L 5 32.94 -68.82 6.64
CA ILE L 5 33.73 -70.03 6.45
C ILE L 5 33.95 -70.60 7.83
N LYS L 6 33.72 -71.90 7.99
CA LYS L 6 33.88 -72.46 9.33
C LYS L 6 34.69 -73.74 9.51
N ASN L 7 35.08 -74.40 8.43
CA ASN L 7 35.83 -75.62 8.61
C ASN L 7 37.33 -75.55 8.33
N THR L 8 37.81 -74.35 8.03
CA THR L 8 39.22 -74.16 7.74
C THR L 8 39.68 -72.83 8.28
N THR L 9 41.00 -72.65 8.34
CA THR L 9 41.57 -71.41 8.86
C THR L 9 42.28 -70.62 7.76
N PRO L 10 42.34 -69.29 7.91
CA PRO L 10 43.00 -68.42 6.92
C PRO L 10 44.35 -68.95 6.42
N LYS L 11 45.12 -69.58 7.31
CA LYS L 11 46.42 -70.12 6.93
C LYS L 11 46.25 -71.15 5.82
N GLN L 12 45.29 -72.05 6.00
CA GLN L 12 45.04 -73.08 5.01
C GLN L 12 44.38 -72.49 3.78
N ASP L 13 43.44 -71.57 4.02
CA ASP L 13 42.70 -70.92 2.93
C ASP L 13 43.54 -69.95 2.11
N GLY L 14 44.76 -69.69 2.56
CA GLY L 14 45.64 -68.79 1.84
C GLY L 14 45.30 -67.32 1.99
N PHE L 15 45.09 -66.87 3.22
CA PHE L 15 44.79 -65.46 3.48
C PHE L 15 45.74 -64.98 4.56
N ARG L 16 45.91 -63.66 4.65
CA ARG L 16 46.81 -63.07 5.63
C ARG L 16 46.52 -61.60 5.88
N MSE L 17 46.49 -61.22 7.16
CA MSE L 17 46.26 -59.83 7.50
C MSE L 17 47.44 -59.06 6.93
O MSE L 17 48.58 -59.24 7.38
CB MSE L 17 46.21 -59.65 9.02
CG MSE L 17 46.16 -58.18 9.46
SE MSE L 17 46.12 -57.90 11.40
CE MSE L 17 45.28 -56.14 11.46
N PRO L 18 47.19 -58.21 5.93
CA PRO L 18 48.19 -57.39 5.26
C PRO L 18 48.60 -56.24 6.15
N GLY L 19 49.81 -55.74 5.98
CA GLY L 19 50.30 -54.64 6.79
C GLY L 19 49.41 -53.42 6.75
N GLU L 20 49.24 -52.80 7.91
CA GLU L 20 48.41 -51.60 8.03
C GLU L 20 48.75 -50.56 6.98
N PHE L 21 50.03 -50.50 6.63
CA PHE L 21 50.55 -49.55 5.64
C PHE L 21 50.17 -49.87 4.20
N GLU L 22 49.96 -51.15 3.90
CA GLU L 22 49.59 -51.55 2.54
C GLU L 22 48.41 -50.74 2.02
N LYS L 23 48.17 -50.83 0.71
CA LYS L 23 47.07 -50.10 0.09
C LYS L 23 45.72 -50.53 0.65
N GLN L 24 44.87 -49.53 0.87
CA GLN L 24 43.57 -49.78 1.46
C GLN L 24 42.44 -48.99 0.81
N LYS L 25 41.28 -49.63 0.70
CA LYS L 25 40.09 -49.02 0.10
C LYS L 25 39.44 -47.91 0.90
N GLN L 26 39.37 -48.05 2.22
CA GLN L 26 38.74 -47.03 3.07
C GLN L 26 38.98 -47.29 4.53
N ILE L 27 38.34 -46.49 5.37
CA ILE L 27 38.46 -46.64 6.80
C ILE L 27 37.12 -46.62 7.50
N TRP L 28 36.97 -47.53 8.46
CA TRP L 28 35.76 -47.64 9.25
C TRP L 28 35.95 -47.05 10.63
N MSE L 29 34.93 -46.34 11.12
CA MSE L 29 34.93 -45.78 12.46
C MSE L 29 33.52 -45.55 13.01
O MSE L 29 32.60 -45.17 12.27
CB MSE L 29 35.77 -44.48 12.51
CG MSE L 29 35.40 -43.36 11.52
SE MSE L 29 36.58 -41.75 11.70
CE MSE L 29 35.78 -40.95 13.30
N LEU L 30 33.35 -45.82 14.30
CA LEU L 30 32.06 -45.69 14.98
C LEU L 30 31.71 -44.26 15.42
N TRP L 31 30.83 -44.14 16.40
CA TRP L 31 30.41 -42.81 16.87
C TRP L 31 30.12 -42.80 18.36
N PRO L 32 30.88 -42.01 19.12
CA PRO L 32 30.71 -41.90 20.57
C PRO L 32 29.38 -41.32 20.98
N TRP L 33 28.78 -41.89 22.02
CA TRP L 33 27.49 -41.40 22.50
C TRP L 33 27.22 -41.53 24.00
N ARG L 34 27.61 -42.65 24.61
CA ARG L 34 27.31 -42.85 26.02
C ARG L 34 27.92 -41.87 27.04
N ASN L 35 27.07 -41.34 27.91
CA ASN L 35 27.51 -40.39 28.94
C ASN L 35 28.28 -41.08 30.08
N ASP L 36 28.27 -42.40 30.09
CA ASP L 36 28.96 -43.21 31.09
C ASP L 36 30.45 -43.01 30.91
N ASN L 37 30.87 -42.73 29.67
CA ASN L 37 32.29 -42.56 29.40
C ASN L 37 32.72 -41.20 28.83
N TRP L 38 31.89 -40.60 27.98
CA TRP L 38 32.24 -39.32 27.39
C TRP L 38 31.56 -38.14 28.07
N ARG L 39 32.35 -37.14 28.43
CA ARG L 39 31.83 -35.97 29.11
C ARG L 39 30.99 -35.10 28.22
N LEU L 40 30.16 -34.28 28.85
CA LEU L 40 29.29 -33.35 28.14
C LEU L 40 28.47 -34.02 27.03
N GLY L 41 27.71 -35.03 27.39
CA GLY L 41 26.88 -35.72 26.41
C GLY L 41 27.64 -36.27 25.22
N ALA L 42 28.97 -36.25 25.29
CA ALA L 42 29.83 -36.76 24.23
C ALA L 42 29.96 -35.79 23.05
N LYS L 43 29.30 -34.65 23.17
CA LYS L 43 29.34 -33.65 22.11
C LYS L 43 30.78 -33.32 21.69
N PRO L 44 31.68 -33.08 22.67
CA PRO L 44 33.07 -32.75 22.37
C PRO L 44 33.72 -33.89 21.62
N ALA L 45 33.64 -35.09 22.20
CA ALA L 45 34.26 -36.25 21.58
C ALA L 45 33.76 -36.43 20.16
N GLN L 46 32.48 -36.13 19.95
CA GLN L 46 31.90 -36.27 18.62
C GLN L 46 32.62 -35.37 17.62
N LYS L 47 32.78 -34.10 17.99
CA LYS L 47 33.46 -33.15 17.14
C LYS L 47 34.89 -33.64 16.91
N ALA L 48 35.48 -34.24 17.93
CA ALA L 48 36.82 -34.76 17.83
C ALA L 48 36.83 -35.91 16.84
N PHE L 49 35.73 -36.66 16.80
CA PHE L 49 35.63 -37.78 15.86
C PHE L 49 35.38 -37.23 14.46
N LEU L 50 34.56 -36.19 14.38
CA LEU L 50 34.24 -35.54 13.11
C LEU L 50 35.52 -35.13 12.39
N GLU L 51 36.43 -34.48 13.11
CA GLU L 51 37.70 -34.04 12.54
C GLU L 51 38.50 -35.24 12.09
N VAL L 52 38.87 -36.10 13.04
CA VAL L 52 39.67 -37.28 12.70
C VAL L 52 39.11 -37.99 11.48
N ALA L 53 37.82 -37.78 11.22
CA ALA L 53 37.15 -38.38 10.08
C ALA L 53 37.46 -37.52 8.87
N GLU L 54 37.14 -36.24 8.98
CA GLU L 54 37.39 -35.31 7.89
C GLU L 54 38.85 -35.40 7.44
N ALA L 55 39.73 -35.80 8.34
CA ALA L 55 41.15 -35.90 8.04
C ALA L 55 41.44 -37.04 7.04
N ILE L 56 40.85 -38.20 7.27
CA ILE L 56 41.07 -39.34 6.40
C ILE L 56 40.55 -38.98 5.01
N SER L 57 39.55 -38.09 4.97
CA SER L 57 38.90 -37.63 3.74
C SER L 57 39.82 -37.41 2.56
N GLU L 58 40.87 -36.63 2.77
CA GLU L 58 41.79 -36.34 1.69
C GLU L 58 42.69 -37.50 1.25
N PHE L 59 42.57 -38.66 1.88
CA PHE L 59 43.43 -39.77 1.49
C PHE L 59 42.65 -40.95 0.91
N GLU L 60 41.47 -41.17 1.45
CA GLU L 60 40.58 -42.26 1.04
C GLU L 60 39.21 -42.02 1.65
N PRO L 61 38.23 -42.84 1.28
CA PRO L 61 36.88 -42.69 1.82
C PRO L 61 36.74 -43.22 3.26
N VAL L 62 35.79 -42.63 3.96
CA VAL L 62 35.49 -43.00 5.34
C VAL L 62 34.08 -43.53 5.46
N SER L 63 33.94 -44.60 6.25
CA SER L 63 32.66 -45.27 6.53
C SER L 63 32.34 -45.04 8.00
N LEU L 64 31.63 -43.95 8.25
CA LEU L 64 31.23 -43.54 9.59
C LEU L 64 29.93 -44.25 10.01
N CYS L 65 30.01 -45.17 10.96
CA CYS L 65 28.81 -45.90 11.41
C CYS L 65 28.22 -45.35 12.69
N VAL L 66 27.06 -44.72 12.63
CA VAL L 66 26.51 -44.19 13.87
C VAL L 66 25.17 -44.78 14.30
N PRO L 67 24.97 -44.92 15.61
CA PRO L 67 23.73 -45.47 16.15
C PRO L 67 22.61 -44.64 15.58
N PRO L 68 21.44 -45.25 15.40
CA PRO L 68 20.19 -44.68 14.86
C PRO L 68 19.74 -43.39 15.52
N LEU L 69 20.10 -43.21 16.79
CA LEU L 69 19.71 -42.03 17.56
C LEU L 69 20.51 -40.76 17.27
N GLN L 70 21.74 -40.92 16.81
CA GLN L 70 22.60 -39.80 16.47
C GLN L 70 22.95 -39.86 15.00
N TYR L 71 22.03 -40.36 14.18
CA TYR L 71 22.29 -40.48 12.74
C TYR L 71 22.07 -39.15 12.04
N GLU L 72 20.83 -38.66 12.07
CA GLU L 72 20.50 -37.40 11.45
C GLU L 72 21.56 -36.36 11.77
N ASN L 73 22.01 -36.37 13.02
CA ASN L 73 23.03 -35.43 13.47
C ASN L 73 24.35 -35.58 12.72
N ALA L 74 24.94 -36.77 12.77
CA ALA L 74 26.21 -37.01 12.10
C ALA L 74 26.19 -36.68 10.62
N LEU L 75 25.05 -36.90 9.97
CA LEU L 75 24.91 -36.63 8.55
C LEU L 75 24.81 -35.13 8.28
N ALA L 76 24.23 -34.39 9.23
CA ALA L 76 24.09 -32.96 9.08
C ALA L 76 25.44 -32.29 9.31
N ARG L 77 26.32 -32.94 10.08
CA ARG L 77 27.64 -32.38 10.34
C ARG L 77 28.65 -32.77 9.27
N VAL L 78 28.47 -33.93 8.64
CA VAL L 78 29.41 -34.37 7.61
C VAL L 78 29.12 -33.69 6.27
N SER L 79 27.89 -33.21 6.11
CA SER L 79 27.53 -32.51 4.88
C SER L 79 27.93 -31.05 5.09
N GLU L 80 27.95 -30.67 6.36
CA GLU L 80 28.33 -29.33 6.78
C GLU L 80 29.82 -29.10 6.52
N LEU L 81 30.54 -30.20 6.29
CA LEU L 81 31.98 -30.12 6.03
C LEU L 81 32.27 -30.37 4.55
N GLY L 82 31.32 -29.96 3.70
CA GLY L 82 31.48 -30.15 2.27
C GLY L 82 30.91 -31.48 1.82
N SER L 83 31.12 -32.52 2.63
CA SER L 83 30.64 -33.87 2.36
C SER L 83 31.32 -34.37 1.08
N HIS L 84 32.48 -34.99 1.24
CA HIS L 84 33.21 -35.49 0.08
C HIS L 84 33.03 -37.00 -0.14
N ASN L 85 33.92 -37.78 0.46
CA ASN L 85 33.86 -39.24 0.31
C ASN L 85 33.59 -39.96 1.63
N ILE L 86 32.82 -39.30 2.49
CA ILE L 86 32.45 -39.85 3.79
C ILE L 86 30.98 -40.28 3.75
N ARG L 87 30.72 -41.57 4.02
CA ARG L 87 29.35 -42.08 4.05
C ARG L 87 28.94 -42.47 5.46
N ILE L 88 27.72 -42.08 5.83
CA ILE L 88 27.20 -42.39 7.14
C ILE L 88 26.27 -43.59 7.08
N ILE L 89 26.70 -44.74 7.61
CA ILE L 89 25.85 -45.94 7.61
C ILE L 89 25.31 -46.14 9.02
N GLU L 90 24.05 -46.55 9.13
CA GLU L 90 23.44 -46.77 10.43
C GLU L 90 23.98 -48.03 11.10
N MSE L 91 24.49 -47.88 12.32
CA MSE L 91 25.00 -49.03 13.05
C MSE L 91 25.02 -48.79 14.55
O MSE L 91 25.56 -47.79 15.00
CB MSE L 91 26.40 -49.39 12.58
CG MSE L 91 26.87 -50.73 13.05
SE MSE L 91 28.53 -51.33 12.23
CE MSE L 91 28.12 -51.02 10.36
N THR L 92 24.45 -49.71 15.33
CA THR L 92 24.41 -49.60 16.80
C THR L 92 25.71 -50.11 17.43
N ASN L 93 26.08 -49.52 18.57
CA ASN L 93 27.29 -49.93 19.29
C ASN L 93 27.20 -49.43 20.71
N ASP L 94 27.81 -50.15 21.63
CA ASP L 94 27.79 -49.75 23.03
C ASP L 94 28.82 -48.66 23.29
N ASP L 95 29.84 -48.64 22.44
CA ASP L 95 30.91 -47.65 22.51
C ASP L 95 31.68 -47.65 21.21
N ALA L 96 32.23 -46.50 20.85
CA ALA L 96 32.98 -46.32 19.60
C ALA L 96 34.42 -46.78 19.62
N TRP L 97 34.67 -48.06 19.33
CA TRP L 97 36.04 -48.58 19.30
C TRP L 97 36.23 -49.63 18.19
N ILE L 98 35.78 -49.26 17.00
CA ILE L 98 35.85 -50.11 15.82
C ILE L 98 37.17 -50.87 15.72
N ARG L 99 38.22 -50.34 16.31
CA ARG L 99 39.54 -50.97 16.26
C ARG L 99 39.53 -52.33 16.92
N ASP L 100 38.78 -52.44 18.01
CA ASP L 100 38.74 -53.69 18.75
C ASP L 100 37.63 -54.63 18.33
N CYS L 101 36.39 -54.22 18.56
CA CYS L 101 35.26 -55.04 18.20
C CYS L 101 35.18 -55.28 16.70
N GLY L 102 35.58 -54.29 15.91
CA GLY L 102 35.55 -54.41 14.45
C GLY L 102 36.17 -55.64 13.80
N PRO L 103 35.99 -55.83 12.49
CA PRO L 103 36.54 -56.99 11.78
C PRO L 103 38.00 -56.76 11.42
N THR L 104 38.78 -57.84 11.41
CA THR L 104 40.19 -57.79 11.09
C THR L 104 40.28 -58.47 9.74
N PHE L 105 40.18 -57.67 8.68
CA PHE L 105 40.22 -58.20 7.31
C PHE L 105 41.41 -59.07 6.91
N LEU L 106 41.27 -59.78 5.81
CA LEU L 106 42.31 -60.66 5.32
C LEU L 106 42.36 -60.52 3.81
N VAL L 107 43.33 -61.17 3.18
CA VAL L 107 43.45 -61.11 1.74
C VAL L 107 44.25 -62.32 1.27
N ASN L 108 43.92 -62.80 0.08
CA ASN L 108 44.58 -63.96 -0.50
C ASN L 108 45.57 -63.54 -1.58
N ASP L 109 45.70 -62.23 -1.75
CA ASP L 109 46.61 -61.65 -2.74
C ASP L 109 46.22 -62.04 -4.15
N LYS L 110 44.93 -62.30 -4.34
CA LYS L 110 44.41 -62.72 -5.63
C LYS L 110 43.12 -61.97 -5.93
N GLY L 111 42.83 -60.98 -5.08
CA GLY L 111 41.64 -60.18 -5.23
C GLY L 111 40.57 -60.37 -4.16
N ASP L 112 40.39 -61.62 -3.72
CA ASP L 112 39.41 -61.96 -2.70
C ASP L 112 39.68 -61.25 -1.36
N LEU L 113 38.61 -60.86 -0.65
CA LEU L 113 38.73 -60.20 0.64
C LEU L 113 37.92 -60.97 1.68
N ARG L 114 38.62 -61.52 2.66
CA ARG L 114 38.00 -62.29 3.73
C ARG L 114 38.11 -61.48 5.03
N ALA L 115 37.98 -62.15 6.18
CA ALA L 115 38.08 -61.48 7.49
C ALA L 115 38.03 -62.45 8.67
N VAL L 116 38.52 -62.00 9.81
CA VAL L 116 38.49 -62.84 11.00
C VAL L 116 37.77 -62.09 12.10
N ASP L 117 36.62 -62.62 12.52
CA ASP L 117 35.85 -61.98 13.57
C ASP L 117 36.18 -62.65 14.90
N TRP L 118 36.76 -61.88 15.82
CA TRP L 118 37.13 -62.39 17.14
C TRP L 118 35.98 -62.21 18.11
N GLU L 119 36.15 -62.73 19.31
CA GLU L 119 35.13 -62.60 20.34
C GLU L 119 35.47 -61.34 21.11
N PHE L 120 34.48 -60.52 21.39
CA PHE L 120 34.70 -59.28 22.12
C PHE L 120 33.98 -59.31 23.47
N ASN L 121 34.67 -59.00 24.56
CA ASN L 121 34.01 -59.02 25.86
C ASN L 121 34.25 -57.73 26.63
N ALA L 122 34.45 -56.64 25.91
CA ALA L 122 34.68 -55.32 26.50
C ALA L 122 36.00 -55.24 27.28
N TRP L 123 37.04 -55.85 26.72
CA TRP L 123 38.36 -55.83 27.35
C TRP L 123 38.31 -56.46 28.74
N GLY L 124 38.04 -57.76 28.79
CA GLY L 124 37.98 -58.43 30.09
C GLY L 124 36.70 -59.20 30.31
N GLY L 125 35.57 -58.53 30.16
CA GLY L 125 34.29 -59.19 30.35
C GLY L 125 33.68 -58.91 31.70
N LEU L 126 33.06 -59.95 32.26
CA LEU L 126 32.44 -59.84 33.56
C LEU L 126 33.53 -59.87 34.63
N VAL L 127 34.74 -60.15 34.18
CA VAL L 127 35.86 -60.21 35.10
C VAL L 127 36.57 -58.88 35.21
N ASP L 128 36.78 -58.20 34.09
CA ASP L 128 37.47 -56.92 34.15
C ASP L 128 37.08 -55.98 33.03
N GLY L 129 35.93 -56.24 32.40
CA GLY L 129 35.48 -55.39 31.32
C GLY L 129 35.23 -53.96 31.77
N LEU L 130 35.33 -53.03 30.82
CA LEU L 130 35.11 -51.62 31.07
C LEU L 130 33.63 -51.32 31.35
N TYR L 131 32.74 -51.87 30.54
CA TYR L 131 31.30 -51.70 30.74
C TYR L 131 30.62 -53.07 30.61
N PHE L 132 29.33 -53.18 30.96
CA PHE L 132 28.69 -54.48 30.89
C PHE L 132 28.03 -54.92 29.59
N PRO L 133 26.91 -54.30 29.21
CA PRO L 133 26.29 -54.75 27.94
C PRO L 133 27.23 -54.49 26.76
N TRP L 134 27.85 -55.54 26.23
CA TRP L 134 28.80 -55.44 25.09
C TRP L 134 28.34 -56.29 23.92
N ASP L 135 27.07 -56.65 23.93
CA ASP L 135 26.47 -57.49 22.91
C ASP L 135 26.29 -56.78 21.58
N GLN L 136 26.01 -55.48 21.62
CA GLN L 136 25.83 -54.73 20.38
C GLN L 136 27.18 -54.54 19.66
N ASP L 137 28.26 -54.45 20.43
CA ASP L 137 29.60 -54.28 19.87
C ASP L 137 30.01 -55.61 19.25
N ALA L 138 29.68 -56.72 19.89
CA ALA L 138 30.04 -58.01 19.33
C ALA L 138 29.28 -58.23 18.01
N LEU L 139 28.40 -57.30 17.65
CA LEU L 139 27.67 -57.43 16.41
C LEU L 139 28.34 -56.61 15.31
N VAL L 140 28.93 -55.50 15.70
CA VAL L 140 29.61 -54.60 14.78
C VAL L 140 30.47 -55.31 13.74
N ALA L 141 31.34 -56.24 14.17
CA ALA L 141 32.21 -56.94 13.21
C ALA L 141 31.43 -57.71 12.14
N ARG L 142 30.43 -58.49 12.57
CA ARG L 142 29.62 -59.26 11.64
C ARG L 142 28.83 -58.32 10.73
N LYS L 143 28.22 -57.30 11.32
CA LYS L 143 27.43 -56.32 10.57
C LYS L 143 28.22 -55.63 9.45
N VAL L 144 29.43 -55.18 9.77
CA VAL L 144 30.24 -54.50 8.79
C VAL L 144 30.71 -55.46 7.67
N CYS L 145 30.87 -56.74 7.98
CA CYS L 145 31.28 -57.66 6.93
C CYS L 145 30.08 -57.92 6.03
N GLU L 146 28.87 -57.64 6.51
CA GLU L 146 27.69 -57.91 5.71
C GLU L 146 27.46 -56.91 4.61
N ILE L 147 27.62 -55.64 4.95
CA ILE L 147 27.39 -54.57 3.99
C ILE L 147 28.60 -54.37 3.11
N GLU L 148 29.54 -55.31 3.16
CA GLU L 148 30.73 -55.18 2.34
C GLU L 148 30.91 -56.39 1.44
N GLY L 149 30.10 -57.41 1.67
CA GLY L 149 30.17 -58.63 0.87
C GLY L 149 31.48 -59.35 1.06
N VAL L 150 31.79 -59.67 2.31
CA VAL L 150 33.03 -60.35 2.64
C VAL L 150 32.81 -61.40 3.72
N ASP L 151 33.14 -62.64 3.38
CA ASP L 151 32.99 -63.77 4.30
C ASP L 151 33.85 -63.56 5.55
N SER L 152 33.69 -64.40 6.56
CA SER L 152 34.49 -64.22 7.76
C SER L 152 34.71 -65.51 8.50
N TYR L 153 35.75 -65.51 9.33
CA TYR L 153 36.12 -66.66 10.15
C TYR L 153 35.77 -66.25 11.57
N LYS L 154 35.14 -67.16 12.31
CA LYS L 154 34.76 -66.89 13.72
C LYS L 154 35.60 -67.71 14.70
N THR L 155 36.42 -67.00 15.47
CA THR L 155 37.27 -67.62 16.47
C THR L 155 36.43 -67.87 17.73
N LYS L 156 35.71 -68.99 17.74
CA LYS L 156 34.85 -69.30 18.88
C LYS L 156 35.63 -69.49 20.16
N ASP L 157 35.15 -68.81 21.20
CA ASP L 157 35.72 -68.84 22.55
C ASP L 157 37.08 -68.17 22.67
N PHE L 158 37.53 -67.54 21.59
CA PHE L 158 38.81 -66.84 21.59
C PHE L 158 38.55 -65.33 21.56
N VAL L 159 38.66 -64.67 22.70
CA VAL L 159 38.43 -63.24 22.80
C VAL L 159 39.68 -62.38 22.57
N LEU L 160 39.73 -61.71 21.42
CA LEU L 160 40.85 -60.85 21.08
C LEU L 160 40.33 -59.54 20.49
N GLU L 161 41.01 -58.44 20.74
CA GLU L 161 40.59 -57.15 20.20
C GLU L 161 41.63 -56.66 19.19
N GLY L 162 41.14 -56.06 18.11
CA GLY L 162 42.01 -55.56 17.06
C GLY L 162 43.27 -54.81 17.52
N GLY L 163 43.10 -53.73 18.28
CA GLY L 163 44.24 -52.97 18.73
C GLY L 163 45.11 -53.61 19.80
N SER L 164 45.30 -54.92 19.75
CA SER L 164 46.15 -55.60 20.73
C SER L 164 47.18 -56.40 19.95
N ILE L 165 47.17 -56.20 18.64
CA ILE L 165 48.10 -56.89 17.79
C ILE L 165 48.47 -56.07 16.55
N HIS L 166 49.75 -56.05 16.24
CA HIS L 166 50.27 -55.32 15.09
C HIS L 166 51.02 -56.31 14.21
N VAL L 167 50.76 -56.22 12.91
CA VAL L 167 51.35 -57.14 11.96
C VAL L 167 52.12 -56.51 10.80
N ASP L 168 53.08 -57.26 10.28
CA ASP L 168 53.88 -56.82 9.15
C ASP L 168 53.57 -57.83 8.03
N GLY L 169 53.55 -57.35 6.79
CA GLY L 169 53.26 -58.22 5.66
C GLY L 169 53.52 -59.71 5.86
N GLU L 170 54.75 -60.07 6.24
CA GLU L 170 55.10 -61.49 6.43
C GLU L 170 55.02 -62.07 7.84
N GLY L 171 54.67 -63.35 7.88
CA GLY L 171 54.51 -64.12 9.11
C GLY L 171 55.01 -63.63 10.46
N THR L 172 54.62 -62.42 10.86
CA THR L 172 55.06 -61.92 12.15
C THR L 172 54.05 -60.95 12.72
N VAL L 173 53.81 -61.03 14.02
CA VAL L 173 52.86 -60.14 14.66
C VAL L 173 53.43 -59.67 15.98
N LEU L 174 52.97 -58.51 16.44
CA LEU L 174 53.43 -57.93 17.70
C LEU L 174 52.33 -57.91 18.78
N VAL L 175 52.35 -58.90 19.66
CA VAL L 175 51.36 -58.96 20.75
C VAL L 175 52.00 -58.54 22.08
N THR L 176 51.16 -58.23 23.07
CA THR L 176 51.62 -57.80 24.38
C THR L 176 51.13 -58.79 25.46
N GLU L 177 51.99 -59.72 25.90
CA GLU L 177 51.58 -60.73 26.88
C GLU L 177 50.85 -60.24 28.13
N MSE L 178 51.13 -59.01 28.55
CA MSE L 178 50.46 -58.48 29.73
C MSE L 178 48.94 -58.34 29.49
O MSE L 178 48.17 -58.06 30.41
CB MSE L 178 51.05 -57.12 30.11
CG MSE L 178 50.49 -56.54 31.41
SE MSE L 178 49.63 -54.80 31.17
CE MSE L 178 50.78 -53.72 32.31
N CYS L 179 48.53 -58.53 28.24
CA CYS L 179 47.13 -58.44 27.85
C CYS L 179 46.58 -59.76 27.34
N LEU L 180 47.16 -60.28 26.27
CA LEU L 180 46.68 -61.55 25.71
C LEU L 180 46.68 -62.69 26.71
N LEU L 181 47.47 -62.57 27.77
CA LEU L 181 47.57 -63.62 28.80
C LEU L 181 46.75 -63.28 30.04
N HIS L 182 46.31 -62.02 30.13
CA HIS L 182 45.52 -61.55 31.24
C HIS L 182 44.45 -62.62 31.55
N PRO L 183 44.14 -62.85 32.83
CA PRO L 183 43.13 -63.85 33.16
C PRO L 183 41.73 -63.56 32.59
N SER L 184 41.44 -62.29 32.30
CA SER L 184 40.13 -61.92 31.75
C SER L 184 40.15 -61.97 30.23
N ARG L 185 40.93 -62.89 29.69
CA ARG L 185 41.06 -63.01 28.25
C ARG L 185 41.69 -64.36 27.91
N ASN L 186 40.88 -65.39 27.74
CA ASN L 186 41.39 -66.73 27.39
C ASN L 186 42.20 -67.44 28.46
N PRO L 187 41.66 -67.54 29.68
CA PRO L 187 42.38 -68.23 30.76
C PRO L 187 42.23 -69.75 30.67
N HIS L 188 41.85 -70.24 29.49
CA HIS L 188 41.67 -71.67 29.31
C HIS L 188 42.64 -72.09 28.21
N LEU L 189 43.31 -71.08 27.68
CA LEU L 189 44.27 -71.25 26.60
C LEU L 189 45.67 -70.94 27.15
N THR L 190 46.65 -71.75 26.75
CA THR L 190 48.04 -71.56 27.18
C THR L 190 48.71 -70.59 26.23
N LYS L 191 49.86 -70.05 26.64
CA LYS L 191 50.60 -69.10 25.80
C LYS L 191 50.97 -69.82 24.49
N GLU L 192 50.95 -71.14 24.53
CA GLU L 192 51.29 -71.95 23.36
C GLU L 192 50.09 -71.96 22.41
N ASP L 193 48.93 -72.27 22.98
CA ASP L 193 47.66 -72.32 22.25
C ASP L 193 47.39 -70.99 21.55
N ILE L 194 47.47 -69.91 22.33
CA ILE L 194 47.25 -68.56 21.83
C ILE L 194 48.12 -68.21 20.64
N GLU L 195 49.38 -68.61 20.68
CA GLU L 195 50.27 -68.32 19.57
C GLU L 195 49.75 -69.04 18.34
N ASP L 196 49.36 -70.30 18.49
CA ASP L 196 48.86 -71.07 17.37
C ASP L 196 47.69 -70.38 16.69
N LYS L 197 46.73 -69.89 17.49
CA LYS L 197 45.58 -69.20 16.94
C LYS L 197 46.08 -68.01 16.10
N LEU L 198 46.86 -67.12 16.72
CA LEU L 198 47.42 -65.95 16.06
C LEU L 198 48.14 -66.34 14.78
N LYS L 199 48.64 -67.56 14.76
CA LYS L 199 49.34 -68.02 13.57
C LYS L 199 48.36 -68.52 12.52
N ASP L 200 47.21 -69.01 12.95
CA ASP L 200 46.25 -69.53 11.99
C ASP L 200 45.30 -68.50 11.38
N TYR L 201 44.99 -67.47 12.14
CA TYR L 201 44.07 -66.45 11.66
C TYR L 201 44.76 -65.17 11.15
N LEU L 202 46.07 -65.11 11.30
CA LEU L 202 46.85 -63.97 10.83
C LEU L 202 47.89 -64.43 9.81
N ASN L 203 48.26 -65.70 9.91
CA ASN L 203 49.24 -66.30 9.03
C ASN L 203 50.63 -65.78 9.39
N CYS L 204 50.89 -65.69 10.70
CA CYS L 204 52.15 -65.23 11.23
C CYS L 204 52.95 -66.41 11.76
N VAL L 205 54.02 -66.78 11.07
CA VAL L 205 54.85 -67.90 11.51
C VAL L 205 55.67 -67.58 12.77
N LYS L 206 55.59 -66.34 13.25
CA LYS L 206 56.31 -65.95 14.46
C LYS L 206 55.62 -64.84 15.25
N VAL L 207 55.63 -65.00 16.62
CA VAL L 207 54.94 -63.99 17.45
C VAL L 207 55.92 -63.40 18.47
N LEU L 208 56.12 -62.09 18.35
CA LEU L 208 57.01 -61.30 19.23
C LEU L 208 56.23 -60.85 20.46
N TRP L 209 56.72 -61.24 21.62
CA TRP L 209 56.02 -60.96 22.89
C TRP L 209 56.66 -59.85 23.71
N VAL L 210 56.18 -58.63 23.44
CA VAL L 210 56.57 -57.47 24.24
C VAL L 210 56.02 -57.74 25.58
N LYS L 211 56.52 -57.10 26.55
CA LYS L 211 56.13 -57.64 27.79
C LYS L 211 55.54 -56.79 28.89
N ASP L 212 55.05 -55.65 28.68
CA ASP L 212 54.33 -54.86 29.73
C ASP L 212 53.75 -53.78 28.90
N GLY L 213 52.73 -53.15 29.33
CA GLY L 213 52.13 -52.10 28.51
C GLY L 213 51.89 -50.86 29.35
N ILE L 214 51.52 -49.81 28.68
CA ILE L 214 51.24 -48.55 29.36
C ILE L 214 49.75 -48.40 29.62
N ASP L 215 49.06 -49.52 29.60
CA ASP L 215 47.60 -49.57 29.86
C ASP L 215 47.31 -50.54 31.00
N PRO L 216 47.94 -50.32 32.19
CA PRO L 216 47.83 -51.17 33.39
C PRO L 216 46.51 -51.88 33.67
N TYR L 217 45.43 -51.10 33.80
CA TYR L 217 44.14 -51.70 34.12
C TYR L 217 42.92 -51.38 33.23
N GLU L 218 43.13 -50.75 32.08
CA GLU L 218 42.00 -50.45 31.19
C GLU L 218 41.96 -51.48 30.06
N THR L 219 42.73 -51.22 29.01
CA THR L 219 42.78 -52.12 27.86
C THR L 219 43.62 -53.33 28.25
N ASN L 220 44.26 -53.23 29.43
CA ASN L 220 45.11 -54.29 29.96
C ASN L 220 46.42 -54.40 29.20
N GLY L 221 46.95 -53.24 28.83
CA GLY L 221 48.22 -53.20 28.13
C GLY L 221 48.24 -53.59 26.67
N HIS L 222 47.45 -52.92 25.84
CA HIS L 222 47.44 -53.20 24.42
C HIS L 222 48.78 -52.76 23.83
N ILE L 223 49.17 -53.36 22.72
CA ILE L 223 50.44 -53.03 22.07
C ILE L 223 50.33 -51.83 21.12
N ASP L 224 49.11 -51.50 20.70
CA ASP L 224 48.88 -50.39 19.78
C ASP L 224 49.03 -49.05 20.50
N ASP L 225 49.75 -49.08 21.61
CA ASP L 225 50.00 -47.87 22.39
C ASP L 225 51.51 -47.68 22.56
N VAL L 226 52.25 -48.78 22.54
CA VAL L 226 53.69 -48.73 22.74
C VAL L 226 54.51 -48.83 21.46
N ALA L 227 54.07 -49.64 20.50
CA ALA L 227 54.83 -49.82 19.27
C ALA L 227 53.98 -50.36 18.11
N CYS L 228 54.63 -50.54 16.96
CA CYS L 228 53.97 -51.07 15.76
C CYS L 228 54.95 -51.22 14.61
N PHE L 229 54.46 -51.76 13.50
CA PHE L 229 55.28 -51.97 12.31
C PHE L 229 55.12 -50.82 11.31
N ILE L 230 56.18 -50.04 11.11
CA ILE L 230 56.11 -48.93 10.16
C ILE L 230 56.47 -49.38 8.76
N ARG L 231 57.01 -50.59 8.66
CA ARG L 231 57.41 -51.17 7.38
C ARG L 231 57.89 -52.57 7.73
N PRO L 232 57.72 -53.54 6.81
CA PRO L 232 58.16 -54.91 7.11
C PRO L 232 59.63 -54.97 7.52
N GLY L 233 59.87 -55.00 8.82
CA GLY L 233 61.24 -55.03 9.31
C GLY L 233 61.48 -53.84 10.24
N GLU L 234 61.05 -52.66 9.81
CA GLU L 234 61.23 -51.45 10.62
C GLU L 234 59.97 -51.25 11.47
N VAL L 235 60.15 -50.80 12.71
CA VAL L 235 59.04 -50.60 13.62
C VAL L 235 59.09 -49.27 14.33
N ALA L 236 58.05 -48.97 15.10
CA ALA L 236 58.04 -47.73 15.85
C ALA L 236 58.06 -48.12 17.31
N CYS L 237 58.25 -47.14 18.18
CA CYS L 237 58.29 -47.42 19.60
C CYS L 237 58.50 -46.14 20.41
N ILE L 238 57.70 -45.98 21.46
CA ILE L 238 57.84 -44.80 22.31
C ILE L 238 59.14 -44.91 23.08
N TYR L 239 59.79 -43.78 23.32
CA TYR L 239 61.05 -43.77 24.08
C TYR L 239 61.36 -42.40 24.70
N THR L 240 61.53 -42.40 26.02
CA THR L 240 61.85 -41.19 26.78
C THR L 240 63.00 -41.51 27.72
N ASP L 241 63.75 -40.50 28.12
CA ASP L 241 64.87 -40.73 29.03
C ASP L 241 64.53 -40.26 30.43
N ASP L 242 63.42 -39.55 30.54
CA ASP L 242 62.96 -39.05 31.82
C ASP L 242 62.67 -40.21 32.74
N LYS L 243 63.57 -40.45 33.69
CA LYS L 243 63.42 -41.56 34.61
C LYS L 243 62.31 -41.36 35.64
N GLU L 244 61.55 -40.28 35.48
CA GLU L 244 60.43 -39.97 36.38
C GLU L 244 59.12 -39.87 35.60
N HIS L 245 59.17 -40.30 34.34
CA HIS L 245 57.99 -40.30 33.47
C HIS L 245 57.26 -41.63 33.66
N PRO L 246 55.94 -41.59 33.88
CA PRO L 246 55.11 -42.78 34.07
C PRO L 246 55.27 -43.93 33.07
N PHE L 247 55.70 -43.63 31.84
CA PHE L 247 55.88 -44.66 30.81
C PHE L 247 57.36 -45.03 30.61
N TYR L 248 58.25 -44.38 31.35
CA TYR L 248 59.69 -44.63 31.23
C TYR L 248 60.09 -46.10 31.09
N GLN L 249 60.07 -46.84 32.20
CA GLN L 249 60.47 -48.24 32.19
C GLN L 249 59.79 -49.16 31.20
N GLU L 250 58.46 -49.06 31.10
CA GLU L 250 57.75 -49.93 30.15
C GLU L 250 58.24 -49.65 28.74
N ALA L 251 58.42 -48.37 28.43
CA ALA L 251 58.89 -47.96 27.11
C ALA L 251 60.30 -48.45 26.82
N LYS L 252 61.19 -48.23 27.77
CA LYS L 252 62.57 -48.67 27.59
C LYS L 252 62.61 -50.20 27.53
N ALA L 253 61.90 -50.85 28.46
CA ALA L 253 61.83 -52.31 28.53
C ALA L 253 61.39 -52.87 27.19
N ALA L 254 60.54 -52.10 26.51
CA ALA L 254 60.02 -52.47 25.20
C ALA L 254 61.07 -52.27 24.14
N TYR L 255 61.73 -51.12 24.21
CA TYR L 255 62.76 -50.75 23.24
C TYR L 255 63.90 -51.77 23.26
N ASP L 256 64.31 -52.18 24.44
CA ASP L 256 65.37 -53.16 24.57
C ASP L 256 64.93 -54.49 23.97
N PHE L 257 63.67 -54.84 24.19
CA PHE L 257 63.13 -56.08 23.64
C PHE L 257 63.05 -56.04 22.13
N LEU L 258 62.52 -54.94 21.62
CA LEU L 258 62.35 -54.73 20.18
C LEU L 258 63.67 -54.82 19.43
N SER L 259 64.58 -53.92 19.80
CA SER L 259 65.91 -53.83 19.19
C SER L 259 66.69 -55.16 19.19
N GLN L 260 66.44 -56.01 20.19
CA GLN L 260 67.10 -57.31 20.31
C GLN L 260 66.28 -58.39 19.61
N GLN L 261 65.21 -57.99 18.93
CA GLN L 261 64.35 -58.96 18.27
C GLN L 261 64.33 -58.92 16.75
N THR L 262 64.28 -60.12 16.16
CA THR L 262 64.24 -60.29 14.71
C THR L 262 62.86 -60.85 14.30
N ASP L 263 62.49 -60.67 13.04
CA ASP L 263 61.21 -61.17 12.56
C ASP L 263 61.28 -62.55 11.93
N ALA L 264 60.26 -62.88 11.14
CA ALA L 264 60.18 -64.17 10.49
C ALA L 264 61.21 -64.33 9.39
N LYS L 265 61.16 -63.45 8.39
CA LYS L 265 62.09 -63.54 7.27
C LYS L 265 63.55 -63.44 7.69
N GLY L 266 63.80 -63.00 8.92
CA GLY L 266 65.17 -62.92 9.41
C GLY L 266 65.79 -61.56 9.67
N ARG L 267 65.39 -60.54 8.90
CA ARG L 267 65.96 -59.21 9.09
C ARG L 267 65.79 -58.69 10.50
N PRO L 268 66.76 -57.88 10.97
CA PRO L 268 66.70 -57.31 12.32
C PRO L 268 65.66 -56.19 12.31
N LEU L 269 65.14 -55.84 13.48
CA LEU L 269 64.14 -54.79 13.54
C LEU L 269 64.73 -53.40 13.73
N LYS L 270 64.74 -52.63 12.65
CA LYS L 270 65.25 -51.26 12.70
C LYS L 270 64.30 -50.44 13.55
N VAL L 271 64.44 -50.53 14.87
CA VAL L 271 63.59 -49.80 15.81
C VAL L 271 63.66 -48.27 15.68
N HIS L 272 62.52 -47.59 15.70
CA HIS L 272 62.53 -46.14 15.63
C HIS L 272 62.21 -45.54 16.97
N LYS L 273 62.09 -44.21 17.01
CA LYS L 273 61.80 -43.57 18.27
C LYS L 273 60.70 -42.52 18.19
N MSE L 274 59.65 -42.73 18.96
CA MSE L 274 58.53 -41.80 19.04
C MSE L 274 58.70 -41.12 20.39
O MSE L 274 59.40 -41.64 21.25
CB MSE L 274 57.21 -42.58 18.99
CG MSE L 274 55.93 -41.72 18.93
SE MSE L 274 55.73 -40.71 17.25
CE MSE L 274 55.49 -42.23 16.04
N CYS L 275 58.09 -39.97 20.58
CA CYS L 275 58.19 -39.28 21.86
C CYS L 275 56.90 -39.43 22.63
N VAL L 276 56.97 -39.10 23.92
CA VAL L 276 55.83 -39.15 24.81
C VAL L 276 55.54 -37.74 25.32
N THR L 277 54.29 -37.46 25.67
CA THR L 277 53.95 -36.15 26.19
C THR L 277 54.82 -35.82 27.40
N LYS L 278 54.94 -34.53 27.71
CA LYS L 278 55.73 -34.09 28.87
C LYS L 278 54.73 -33.68 29.94
N GLU L 279 53.46 -33.62 29.56
CA GLU L 279 52.36 -33.26 30.45
C GLU L 279 51.14 -34.12 30.13
N PRO L 280 50.73 -34.98 31.08
CA PRO L 280 49.57 -35.85 30.89
C PRO L 280 48.25 -35.07 30.77
N CYS L 281 47.32 -35.58 29.96
CA CYS L 281 46.04 -34.91 29.79
C CYS L 281 45.24 -34.86 31.10
N TYR L 282 44.98 -33.65 31.59
CA TYR L 282 44.20 -33.51 32.83
C TYR L 282 42.71 -33.43 32.54
N LEU L 283 42.01 -34.51 32.86
CA LEU L 283 40.57 -34.62 32.65
C LEU L 283 39.85 -33.48 33.35
N GLN L 284 39.03 -32.76 32.59
CA GLN L 284 38.26 -31.66 33.16
C GLN L 284 36.77 -31.90 33.01
N GLU L 285 35.97 -31.17 33.77
CA GLU L 285 34.52 -31.29 33.73
C GLU L 285 34.07 -32.75 33.90
N ALA L 286 34.74 -33.49 34.77
CA ALA L 286 34.43 -34.90 35.04
C ALA L 286 33.02 -35.15 35.62
N ALA L 287 32.39 -34.09 36.13
CA ALA L 287 31.06 -34.18 36.72
C ALA L 287 29.97 -34.56 35.72
N THR L 288 30.11 -34.13 34.47
CA THR L 288 29.11 -34.42 33.45
C THR L 288 29.22 -35.87 32.97
N ILE L 289 30.02 -36.68 33.67
CA ILE L 289 30.20 -38.09 33.32
C ILE L 289 29.42 -38.99 34.28
N ASP L 290 28.17 -39.29 33.95
CA ASP L 290 27.31 -40.13 34.79
C ASP L 290 28.04 -41.35 35.32
N TYR L 291 27.66 -41.77 36.53
CA TYR L 291 28.24 -42.95 37.17
C TYR L 291 27.16 -43.99 37.48
N VAL L 292 27.50 -45.24 37.19
CA VAL L 292 26.59 -46.37 37.41
C VAL L 292 26.31 -46.53 38.90
N GLU L 300 37.96 -35.81 39.40
CA GLU L 300 38.28 -34.92 38.29
C GLU L 300 39.76 -34.53 38.32
N GLY L 301 40.30 -34.17 37.15
CA GLY L 301 41.69 -33.78 37.07
C GLY L 301 42.62 -34.99 37.01
N GLU L 302 42.02 -36.18 36.99
CA GLU L 302 42.80 -37.42 36.95
C GLU L 302 43.47 -37.56 35.58
N MSE L 303 44.68 -38.11 35.58
CA MSE L 303 45.43 -38.28 34.34
C MSE L 303 44.84 -39.34 33.43
O MSE L 303 44.26 -40.33 33.88
CB MSE L 303 46.88 -38.64 34.65
CG MSE L 303 47.58 -37.65 35.58
SE MSE L 303 48.51 -38.53 37.10
CE MSE L 303 47.06 -38.47 38.46
N ALA L 304 45.00 -39.11 32.12
CA ALA L 304 44.52 -40.01 31.08
C ALA L 304 45.63 -40.23 30.07
N ILE L 305 45.78 -41.47 29.61
CA ILE L 305 46.81 -41.80 28.62
C ILE L 305 46.75 -40.86 27.40
N ALA L 306 47.92 -40.57 26.84
CA ALA L 306 48.03 -39.72 25.64
C ALA L 306 49.33 -40.14 24.92
N SER L 307 49.22 -41.14 24.06
CA SER L 307 50.36 -41.67 23.32
C SER L 307 50.34 -41.27 21.84
N TYR L 308 51.51 -40.88 21.32
CA TYR L 308 51.61 -40.47 19.91
C TYR L 308 51.70 -41.69 19.00
N LEU L 309 51.92 -42.86 19.60
CA LEU L 309 52.03 -44.09 18.85
C LEU L 309 50.64 -44.50 18.33
N ASN L 310 49.61 -43.81 18.83
CA ASN L 310 48.24 -44.05 18.42
C ASN L 310 47.92 -43.31 17.14
N PHE L 311 48.58 -43.69 16.06
CA PHE L 311 48.36 -43.04 14.77
C PHE L 311 47.85 -44.07 13.74
N LEU L 312 47.07 -43.58 12.77
CA LEU L 312 46.54 -44.46 11.75
C LEU L 312 47.38 -44.32 10.49
N ILE L 313 47.67 -45.44 9.85
CA ILE L 313 48.47 -45.48 8.64
C ILE L 313 47.62 -45.70 7.38
N VAL L 314 47.06 -44.64 6.83
CA VAL L 314 46.27 -44.78 5.61
C VAL L 314 47.30 -44.82 4.47
N ASN L 315 46.83 -44.93 3.22
CA ASN L 315 47.75 -44.93 2.10
C ASN L 315 47.99 -43.48 1.68
N GLY L 316 49.27 -43.11 1.60
CA GLY L 316 49.65 -41.75 1.23
C GLY L 316 49.31 -40.70 2.28
N GLY L 317 49.25 -41.11 3.55
CA GLY L 317 48.93 -40.16 4.60
C GLY L 317 48.99 -40.74 6.01
N ILE L 318 49.14 -39.86 7.00
CA ILE L 318 49.19 -40.28 8.39
C ILE L 318 48.31 -39.37 9.21
N ILE L 319 47.54 -39.96 10.11
CA ILE L 319 46.67 -39.19 10.98
C ILE L 319 47.26 -39.35 12.36
N LEU L 320 47.86 -38.29 12.87
CA LEU L 320 48.51 -38.31 14.18
C LEU L 320 47.83 -37.43 15.22
N PRO L 321 47.81 -37.90 16.49
CA PRO L 321 47.20 -37.16 17.58
C PRO L 321 48.02 -35.95 18.03
N GLN L 322 47.31 -34.86 18.35
CA GLN L 322 47.95 -33.63 18.81
C GLN L 322 47.23 -33.15 20.06
N TYR L 323 47.72 -33.59 21.22
CA TYR L 323 47.11 -33.23 22.51
C TYR L 323 47.37 -31.79 22.97
N GLY L 324 48.35 -31.13 22.35
CA GLY L 324 48.68 -29.78 22.76
C GLY L 324 49.72 -29.88 23.86
N ASP L 325 50.65 -30.81 23.66
CA ASP L 325 51.73 -31.07 24.58
C ASP L 325 52.98 -30.34 24.12
N GLU L 326 54.01 -30.37 24.97
CA GLU L 326 55.29 -29.72 24.69
C GLU L 326 56.01 -30.49 23.58
N ASN L 327 56.10 -31.81 23.74
CA ASN L 327 56.75 -32.65 22.75
C ASN L 327 55.77 -33.04 21.64
N ASP L 328 54.89 -32.09 21.29
CA ASP L 328 53.87 -32.32 20.27
C ASP L 328 54.43 -32.16 18.84
N GLN L 329 54.93 -30.98 18.53
CA GLN L 329 55.47 -30.71 17.20
C GLN L 329 56.60 -31.68 16.87
N LEU L 330 57.24 -32.19 17.92
CA LEU L 330 58.33 -33.16 17.75
C LEU L 330 57.79 -34.48 17.21
N ALA L 331 56.60 -34.85 17.69
CA ALA L 331 55.95 -36.08 17.27
C ALA L 331 55.68 -36.05 15.77
N LYS L 332 55.15 -34.93 15.30
CA LYS L 332 54.86 -34.76 13.88
C LYS L 332 56.13 -34.83 13.04
N GLN L 333 57.24 -34.38 13.63
CA GLN L 333 58.55 -34.41 12.97
C GLN L 333 59.04 -35.85 12.91
N GLN L 334 59.00 -36.52 14.05
CA GLN L 334 59.45 -37.90 14.13
C GLN L 334 58.73 -38.80 13.14
N VAL L 335 57.40 -38.76 13.16
CA VAL L 335 56.57 -39.58 12.28
C VAL L 335 56.87 -39.27 10.82
N GLN L 336 57.22 -38.02 10.57
CA GLN L 336 57.56 -37.53 9.24
C GLN L 336 58.77 -38.30 8.71
N GLU L 337 59.77 -38.50 9.58
CA GLU L 337 61.00 -39.22 9.25
C GLU L 337 60.65 -40.62 8.77
N MSE L 338 59.90 -41.33 9.61
CA MSE L 338 59.48 -42.71 9.33
C MSE L 338 58.79 -42.83 7.97
O MSE L 338 59.17 -43.65 7.13
CB MSE L 338 58.52 -43.17 10.42
CG MSE L 338 59.03 -42.91 11.82
SE MSE L 338 57.65 -43.08 13.18
CE MSE L 338 58.67 -43.95 14.61
N PHE L 339 57.76 -42.02 7.76
CA PHE L 339 57.04 -42.07 6.51
C PHE L 339 57.27 -40.77 5.74
N PRO L 340 58.42 -40.66 5.07
CA PRO L 340 58.77 -39.48 4.29
C PRO L 340 57.81 -39.23 3.13
N ASP L 341 57.54 -40.29 2.38
CA ASP L 341 56.65 -40.21 1.23
C ASP L 341 55.18 -40.38 1.67
N ARG L 342 54.80 -39.67 2.73
CA ARG L 342 53.43 -39.73 3.24
C ARG L 342 53.08 -38.43 3.93
N LYS L 343 52.05 -37.74 3.44
CA LYS L 343 51.65 -36.49 4.08
C LYS L 343 51.14 -36.76 5.48
N VAL L 344 51.69 -36.07 6.46
CA VAL L 344 51.25 -36.27 7.83
C VAL L 344 50.30 -35.17 8.25
N VAL L 345 49.15 -35.55 8.83
CA VAL L 345 48.15 -34.60 9.32
C VAL L 345 47.93 -34.86 10.80
N GLY L 346 47.68 -33.81 11.56
CA GLY L 346 47.45 -33.98 12.99
C GLY L 346 46.18 -33.33 13.46
N VAL L 347 45.46 -34.01 14.37
CA VAL L 347 44.19 -33.48 14.89
C VAL L 347 44.12 -33.52 16.44
N ARG L 348 43.38 -32.57 17.01
CA ARG L 348 43.23 -32.50 18.46
C ARG L 348 42.38 -33.66 18.98
N THR L 349 42.94 -34.87 18.92
CA THR L 349 42.24 -36.07 19.38
C THR L 349 42.47 -36.29 20.88
N GLU L 350 42.70 -35.18 21.57
CA GLU L 350 42.92 -35.18 23.00
C GLU L 350 41.59 -35.43 23.71
N GLU L 351 40.51 -34.89 23.14
CA GLU L 351 39.18 -35.03 23.71
C GLU L 351 38.70 -36.49 23.76
N ILE L 352 39.25 -37.33 22.90
CA ILE L 352 38.87 -38.74 22.88
C ILE L 352 39.85 -39.53 23.75
N ALA L 353 40.99 -38.91 24.05
CA ALA L 353 41.99 -39.55 24.89
C ALA L 353 41.45 -39.57 26.32
N TYR L 354 40.40 -38.80 26.56
CA TYR L 354 39.78 -38.77 27.87
C TYR L 354 38.85 -39.98 28.01
N GLY L 355 38.70 -40.73 26.93
CA GLY L 355 37.85 -41.90 26.93
C GLY L 355 38.64 -43.18 27.01
N GLY L 356 39.96 -43.06 26.98
CA GLY L 356 40.82 -44.22 27.05
C GLY L 356 41.06 -44.84 25.69
N GLY L 357 41.91 -44.19 24.89
CA GLY L 357 42.23 -44.69 23.56
C GLY L 357 42.27 -43.53 22.58
N ASN L 358 43.05 -43.66 21.51
CA ASN L 358 43.15 -42.60 20.51
C ASN L 358 42.88 -43.01 19.07
N ILE L 359 43.13 -42.07 18.16
CA ILE L 359 42.89 -42.23 16.72
C ILE L 359 42.94 -43.65 16.20
N HIS L 360 43.90 -44.40 16.66
CA HIS L 360 44.03 -45.79 16.19
C HIS L 360 42.90 -46.64 16.78
N CYS L 361 42.69 -46.46 18.06
CA CYS L 361 41.68 -47.23 18.82
C CYS L 361 40.25 -46.97 18.31
N ILE L 362 40.07 -45.96 17.45
CA ILE L 362 38.73 -45.60 16.96
C ILE L 362 38.56 -45.76 15.44
N THR L 363 39.52 -46.36 14.79
CA THR L 363 39.44 -46.60 13.34
C THR L 363 39.74 -48.07 13.02
N GLN L 364 39.50 -48.39 11.78
CA GLN L 364 39.71 -49.73 11.24
C GLN L 364 39.68 -49.64 9.72
N GLN L 365 40.82 -49.89 9.14
CA GLN L 365 40.95 -49.78 7.68
C GLN L 365 40.73 -51.14 6.99
N GLN L 366 40.20 -51.01 5.80
CA GLN L 366 39.87 -52.14 4.92
C GLN L 366 40.85 -52.13 3.73
N PRO L 367 41.69 -53.17 3.56
CA PRO L 367 42.65 -53.24 2.45
C PRO L 367 41.94 -53.34 1.11
N ALA L 368 42.34 -52.49 0.17
CA ALA L 368 41.77 -52.48 -1.20
C ALA L 368 42.03 -53.84 -1.88
N THR L 369 41.44 -54.04 -3.07
CA THR L 369 41.59 -55.34 -3.73
C THR L 369 41.80 -55.31 -5.26
N LEU L 370 40.71 -55.12 -5.98
CA LEU L 370 40.67 -55.33 -7.45
C LEU L 370 40.18 -56.75 -7.62
#